data_2GWC
#
_entry.id   2GWC
#
_cell.length_a   88.040
_cell.length_b   198.920
_cell.length_c   114.970
_cell.angle_alpha   90.00
_cell.angle_beta   99.66
_cell.angle_gamma   90.00
#
_symmetry.space_group_name_H-M   'P 1 21 1'
#
loop_
_entity.id
_entity.type
_entity.pdbx_description
1 polymer 'Glutamate cysteine ligase'
2 non-polymer 'MAGNESIUM ION'
3 non-polymer '(2S)-2-amino-4-(S-butylsulfonimidoyl)butanoic acid'
4 water water
#
_entity_poly.entity_id   1
_entity_poly.type   'polypeptide(L)'
_entity_poly.pdbx_seq_one_letter_code
;AASPPTEEAVVATEPLTREDLIAYLASGCKSKEKWRIGTEHEKFGFEVNTLRP(MSE)KYDQIAELLNSIAERFEWEKV
(MSE)EGDKIIGLKQGKQSISLEPGGQFELSGAPLETLHQTCAEVNSHLYQVKAVAEE(MSE)GIGFLG(MSE)GFQPKW
RREDIPT(MSE)PKGRYDI(MSE)RNY(MSE)PKVGSLGLD(MSE)(MSE)LRTCTVQVNLDFSSEAD(MSE)IRKFRAG
LALQPIATALFANSPFTEGKPNGFLS(MSE)RSHIWTDTDKDRTG(MSE)LPFVFDDSFGFEQYVDYALDVP(MSE)YFA
YRNGKYVDCTG(MSE)TFRQFLAGKLPCLPGELPTYNDWENHLTTIFPEVRLKRY(MSE)E(MSE)RGADGGPWRRLCAL
PAFWVGLLYDEDVLQSVLDLTADWTPAERE(MSE)LRNKVPVTGLKTPFRDGLLKHVAEDVLKLAKDGLERRGYKEVGFL
NAVTEVVRTGVTPAENLLE(MSE)YNGEWGQSVDPVFQELLY
;
_entity_poly.pdbx_strand_id   A,B,C,D,E,F,G,H
#
loop_
_chem_comp.id
_chem_comp.type
_chem_comp.name
_chem_comp.formula
BSC non-polymer '(2S)-2-amino-4-(S-butylsulfonimidoyl)butanoic acid' 'C8 H18 N2 O3 S'
MG non-polymer 'MAGNESIUM ION' 'Mg 2'
#
# COMPACT_ATOMS: atom_id res chain seq x y z
N ALA A 12 27.64 -39.54 36.73
CA ALA A 12 28.48 -40.65 36.17
C ALA A 12 29.54 -40.07 35.23
N THR A 13 30.74 -40.66 35.28
CA THR A 13 31.87 -40.20 34.48
C THR A 13 31.98 -40.92 33.14
N GLU A 14 31.78 -40.18 32.07
CA GLU A 14 31.81 -40.76 30.75
C GLU A 14 32.33 -39.64 29.89
N PRO A 15 33.64 -39.67 29.54
CA PRO A 15 34.19 -38.51 28.82
C PRO A 15 33.67 -38.27 27.38
N LEU A 16 33.47 -37.00 27.04
CA LEU A 16 33.16 -36.61 25.69
C LEU A 16 34.39 -36.69 24.81
N THR A 17 34.14 -37.05 23.56
CA THR A 17 35.16 -37.14 22.51
C THR A 17 34.77 -36.11 21.45
N ARG A 18 35.69 -35.86 20.53
CA ARG A 18 35.44 -35.03 19.35
C ARG A 18 34.22 -35.53 18.57
N GLU A 19 34.10 -36.85 18.45
CA GLU A 19 32.98 -37.46 17.74
C GLU A 19 31.64 -37.07 18.40
N ASP A 20 31.62 -36.99 19.72
CA ASP A 20 30.45 -36.52 20.45
C ASP A 20 30.12 -35.07 20.15
N LEU A 21 31.16 -34.24 20.03
CA LEU A 21 30.99 -32.82 19.72
C LEU A 21 30.40 -32.63 18.32
N ILE A 22 30.83 -33.45 17.37
CA ILE A 22 30.29 -33.44 16.00
C ILE A 22 28.79 -33.83 16.05
N ALA A 23 28.49 -34.92 16.75
CA ALA A 23 27.13 -35.40 16.87
C ALA A 23 26.24 -34.38 17.59
N TYR A 24 26.81 -33.62 18.51
CA TYR A 24 26.02 -32.56 19.15
C TYR A 24 25.47 -31.54 18.12
N LEU A 25 26.32 -31.07 17.21
CA LEU A 25 25.88 -30.16 16.16
C LEU A 25 24.83 -30.83 15.29
N ALA A 26 25.14 -32.06 14.84
CA ALA A 26 24.31 -32.79 13.92
C ALA A 26 22.95 -33.05 14.53
N SER A 27 22.89 -33.12 15.87
CA SER A 27 21.65 -33.35 16.59
C SER A 27 20.63 -32.24 16.34
N GLY A 28 21.06 -31.10 15.82
CA GLY A 28 20.15 -30.01 15.41
C GLY A 28 19.30 -30.29 14.17
N CYS A 29 19.64 -31.34 13.43
CA CYS A 29 18.90 -31.60 12.22
C CYS A 29 17.44 -31.81 12.54
N LYS A 30 16.60 -31.13 11.78
CA LYS A 30 15.18 -31.40 11.85
C LYS A 30 14.46 -31.25 10.51
N SER A 31 13.39 -32.02 10.35
CA SER A 31 12.62 -32.03 9.13
C SER A 31 12.00 -30.67 8.86
N LYS A 32 11.69 -30.42 7.58
CA LYS A 32 11.25 -29.12 7.13
C LYS A 32 10.02 -28.61 7.88
N GLU A 33 9.09 -29.50 8.20
CA GLU A 33 7.87 -29.10 8.90
C GLU A 33 8.14 -28.63 10.34
N LYS A 34 9.32 -28.94 10.89
CA LYS A 34 9.70 -28.49 12.24
C LYS A 34 10.66 -27.30 12.24
N TRP A 35 10.93 -26.75 11.06
CA TRP A 35 11.80 -25.59 10.96
C TRP A 35 11.12 -24.38 11.56
N ARG A 36 11.84 -23.65 12.41
CA ARG A 36 11.31 -22.47 13.06
C ARG A 36 12.20 -21.27 12.83
N ILE A 37 11.70 -20.13 13.26
CA ILE A 37 12.37 -18.85 13.10
C ILE A 37 12.61 -18.23 14.48
N GLY A 38 13.86 -18.05 14.86
CA GLY A 38 14.21 -17.43 16.12
C GLY A 38 14.82 -16.07 15.83
N THR A 39 14.34 -15.02 16.50
CA THR A 39 14.81 -13.66 16.27
C THR A 39 15.36 -13.07 17.55
N GLU A 40 16.58 -12.50 17.48
CA GLU A 40 17.17 -11.76 18.61
C GLU A 40 17.47 -10.32 18.15
N HIS A 41 17.26 -9.35 19.03
CA HIS A 41 17.69 -7.97 18.76
C HIS A 41 18.12 -7.29 20.04
N GLU A 42 18.99 -6.29 19.89
CA GLU A 42 19.51 -5.50 20.97
C GLU A 42 19.16 -4.01 20.74
N LYS A 43 18.91 -3.28 21.82
CA LYS A 43 18.51 -1.87 21.79
C LYS A 43 19.33 -1.10 22.81
N PHE A 44 19.61 0.17 22.50
CA PHE A 44 20.25 1.12 23.43
C PHE A 44 19.18 1.87 24.25
N GLY A 45 19.21 1.73 25.56
CA GLY A 45 18.38 2.53 26.43
C GLY A 45 19.06 3.87 26.80
N PHE A 46 18.27 4.92 26.90
CA PHE A 46 18.80 6.24 27.25
C PHE A 46 17.80 7.06 28.05
N GLU A 47 18.30 8.02 28.84
CA GLU A 47 17.42 8.97 29.52
C GLU A 47 16.96 9.97 28.49
N VAL A 48 15.65 10.13 28.37
CA VAL A 48 15.00 10.96 27.35
C VAL A 48 15.45 12.44 27.41
N ASN A 49 15.72 12.95 28.60
CA ASN A 49 16.06 14.36 28.73
C ASN A 49 17.55 14.69 28.56
N THR A 50 18.44 13.80 28.98
CA THR A 50 19.89 14.03 28.88
C THR A 50 20.52 13.27 27.70
N LEU A 51 19.78 12.28 27.19
CA LEU A 51 20.25 11.33 26.16
C LEU A 51 21.38 10.44 26.68
N ARG A 52 21.61 10.48 28.00
CA ARG A 52 22.60 9.63 28.64
C ARG A 52 22.30 8.14 28.56
N PRO A 53 23.34 7.32 28.40
CA PRO A 53 23.07 5.89 28.43
C PRO A 53 22.48 5.41 29.77
N MSE A 54 21.53 4.51 29.66
CA MSE A 54 20.89 3.87 30.76
C MSE A 54 21.91 3.09 31.62
O MSE A 54 22.66 2.25 31.12
CB MSE A 54 19.85 2.93 30.15
CG MSE A 54 19.07 2.16 31.13
SE MSE A 54 17.69 1.09 30.23
CE MSE A 54 18.75 -0.35 29.21
N LYS A 55 21.93 3.39 32.92
CA LYS A 55 22.85 2.75 33.88
C LYS A 55 22.27 1.45 34.43
N TYR A 56 23.09 0.67 35.12
CA TYR A 56 22.64 -0.61 35.64
C TYR A 56 21.49 -0.46 36.68
N ASP A 57 21.54 0.54 37.53
CA ASP A 57 20.46 0.72 38.51
C ASP A 57 19.09 0.91 37.86
N GLN A 58 19.06 1.63 36.74
CA GLN A 58 17.84 1.83 35.95
C GLN A 58 17.43 0.55 35.19
N ILE A 59 18.44 -0.21 34.76
CA ILE A 59 18.23 -1.48 34.10
C ILE A 59 17.60 -2.50 35.06
N ALA A 60 18.09 -2.53 36.30
CA ALA A 60 17.58 -3.46 37.30
C ALA A 60 16.11 -3.14 37.69
N GLU A 61 15.78 -1.85 37.84
CA GLU A 61 14.39 -1.45 38.05
C GLU A 61 13.50 -1.88 36.87
N LEU A 62 13.96 -1.59 35.65
CA LEU A 62 13.22 -1.95 34.45
C LEU A 62 12.93 -3.46 34.42
N LEU A 63 13.96 -4.27 34.63
CA LEU A 63 13.81 -5.74 34.64
C LEU A 63 12.87 -6.26 35.74
N ASN A 64 13.06 -5.76 36.95
CA ASN A 64 12.15 -6.11 38.04
C ASN A 64 10.69 -5.71 37.76
N SER A 65 10.47 -4.52 37.20
CA SER A 65 9.10 -4.10 36.90
C SER A 65 8.48 -4.95 35.79
N ILE A 66 9.25 -5.25 34.75
CA ILE A 66 8.76 -6.11 33.67
C ILE A 66 8.33 -7.49 34.22
N ALA A 67 9.15 -8.03 35.12
CA ALA A 67 8.95 -9.38 35.65
C ALA A 67 7.67 -9.45 36.44
N GLU A 68 7.43 -8.40 37.22
CA GLU A 68 6.33 -8.29 38.14
C GLU A 68 5.00 -8.05 37.43
N ARG A 69 5.02 -7.15 36.44
CA ARG A 69 3.85 -6.79 35.66
C ARG A 69 3.43 -7.83 34.64
N PHE A 70 4.43 -8.41 33.97
CA PHE A 70 4.20 -9.21 32.80
C PHE A 70 4.60 -10.69 33.00
N GLU A 71 4.90 -11.06 34.24
CA GLU A 71 5.12 -12.45 34.61
C GLU A 71 6.32 -13.10 33.92
N TRP A 72 7.50 -12.58 34.25
CA TRP A 72 8.75 -13.12 33.78
C TRP A 72 9.50 -13.63 35.00
N GLU A 73 10.23 -14.71 34.81
CA GLU A 73 11.12 -15.24 35.81
C GLU A 73 12.44 -14.43 35.82
N LYS A 74 12.93 -14.07 37.01
CA LYS A 74 14.18 -13.29 37.15
C LYS A 74 15.43 -14.15 36.98
N VAL A 75 16.36 -13.70 36.16
CA VAL A 75 17.66 -14.37 35.97
C VAL A 75 18.70 -13.55 36.70
N MSE A 76 19.38 -14.19 37.63
CA MSE A 76 20.31 -13.56 38.57
C MSE A 76 21.74 -13.96 38.28
O MSE A 76 22.00 -15.08 37.90
CB MSE A 76 19.99 -14.06 39.98
CG MSE A 76 18.58 -13.79 40.40
SE MSE A 76 18.18 -11.86 40.33
CE MSE A 76 19.40 -11.24 41.85
N GLU A 77 22.68 -13.05 38.52
CA GLU A 77 24.07 -13.42 38.71
C GLU A 77 24.53 -12.88 40.07
N GLY A 78 24.63 -13.78 41.04
CA GLY A 78 24.78 -13.39 42.44
C GLY A 78 23.49 -12.72 42.87
N ASP A 79 23.66 -11.52 43.45
CA ASP A 79 22.61 -10.70 43.95
C ASP A 79 22.17 -9.65 42.94
N LYS A 80 22.61 -9.82 41.70
CA LYS A 80 22.30 -8.89 40.61
C LYS A 80 21.35 -9.50 39.60
N ILE A 81 20.19 -8.88 39.39
CA ILE A 81 19.34 -9.25 38.28
C ILE A 81 20.05 -8.86 36.95
N ILE A 82 20.17 -9.81 36.04
CA ILE A 82 20.80 -9.55 34.74
C ILE A 82 19.92 -9.90 33.56
N GLY A 83 18.73 -10.43 33.80
CA GLY A 83 17.88 -10.85 32.70
C GLY A 83 16.57 -11.39 33.17
N LEU A 84 15.75 -11.81 32.22
CA LEU A 84 14.43 -12.39 32.47
C LEU A 84 14.19 -13.59 31.56
N LYS A 85 13.26 -14.45 31.98
CA LYS A 85 12.94 -15.66 31.21
C LYS A 85 11.44 -15.88 31.28
N GLN A 86 10.85 -16.20 30.14
CA GLN A 86 9.43 -16.55 30.08
C GLN A 86 9.21 -17.50 28.91
N GLY A 87 8.92 -18.75 29.22
CA GLY A 87 8.87 -19.82 28.21
C GLY A 87 10.18 -19.95 27.47
N LYS A 88 10.11 -19.91 26.15
CA LYS A 88 11.30 -19.97 25.33
C LYS A 88 11.86 -18.57 24.96
N GLN A 89 11.39 -17.50 25.61
CA GLN A 89 11.92 -16.15 25.43
C GLN A 89 12.82 -15.77 26.58
N SER A 90 13.83 -14.96 26.28
CA SER A 90 14.73 -14.39 27.29
C SER A 90 14.96 -12.92 27.00
N ILE A 91 15.12 -12.16 28.08
CA ILE A 91 15.61 -10.81 27.99
C ILE A 91 16.96 -10.83 28.69
N SER A 92 17.97 -10.30 28.03
CA SER A 92 19.32 -10.27 28.57
C SER A 92 20.00 -8.92 28.35
N LEU A 93 21.19 -8.76 28.93
CA LEU A 93 22.00 -7.54 28.82
C LEU A 93 23.32 -7.81 28.10
N GLU A 94 23.65 -6.94 27.16
CA GLU A 94 24.98 -6.94 26.56
C GLU A 94 25.93 -6.15 27.48
N PRO A 95 27.24 -6.18 27.18
CA PRO A 95 28.22 -5.55 28.08
C PRO A 95 28.00 -4.08 28.41
N GLY A 96 27.44 -3.32 27.47
CA GLY A 96 27.18 -1.90 27.69
C GLY A 96 25.76 -1.56 28.11
N GLY A 97 24.99 -2.57 28.50
CA GLY A 97 23.61 -2.40 28.94
C GLY A 97 22.61 -2.48 27.81
N GLN A 98 23.06 -2.83 26.62
CA GLN A 98 22.13 -3.01 25.50
C GLN A 98 21.11 -4.09 25.89
N PHE A 99 19.85 -3.79 25.61
CA PHE A 99 18.73 -4.50 26.15
C PHE A 99 18.24 -5.45 25.05
N GLU A 100 18.40 -6.75 25.31
CA GLU A 100 18.24 -7.79 24.30
C GLU A 100 17.02 -8.71 24.52
N LEU A 101 16.24 -8.94 23.46
CA LEU A 101 15.23 -10.01 23.45
C LEU A 101 15.74 -11.13 22.55
N SER A 102 15.78 -12.34 23.09
CA SER A 102 15.89 -13.57 22.30
C SER A 102 14.51 -14.20 22.30
N GLY A 103 13.86 -14.18 21.15
CA GLY A 103 12.50 -14.65 21.03
C GLY A 103 12.42 -16.16 20.92
N ALA A 104 11.21 -16.68 20.99
CA ALA A 104 10.95 -18.13 20.93
C ALA A 104 11.07 -18.62 19.47
N PRO A 105 11.21 -19.95 19.28
CA PRO A 105 11.22 -20.47 17.91
C PRO A 105 9.79 -20.43 17.36
N LEU A 106 9.57 -19.66 16.31
CA LEU A 106 8.21 -19.41 15.83
C LEU A 106 8.08 -19.92 14.41
N GLU A 107 6.84 -20.22 14.02
CA GLU A 107 6.54 -20.81 12.74
C GLU A 107 6.43 -19.79 11.63
N THR A 108 5.83 -18.63 11.91
CA THR A 108 5.68 -17.60 10.88
C THR A 108 6.18 -16.25 11.33
N LEU A 109 6.43 -15.38 10.36
CA LEU A 109 6.93 -14.05 10.60
C LEU A 109 5.85 -13.11 11.13
N HIS A 110 4.57 -13.49 10.96
CA HIS A 110 3.47 -12.79 11.59
C HIS A 110 3.58 -12.94 13.12
N GLN A 111 3.94 -14.13 13.56
CA GLN A 111 4.19 -14.41 14.98
C GLN A 111 5.48 -13.68 15.46
N THR A 112 6.52 -13.68 14.62
CA THR A 112 7.75 -12.98 14.94
C THR A 112 7.49 -11.49 15.23
N CYS A 113 6.75 -10.83 14.35
CA CYS A 113 6.55 -9.41 14.48
C CYS A 113 5.62 -9.04 15.63
N ALA A 114 4.68 -9.94 15.94
CA ALA A 114 3.82 -9.76 17.12
C ALA A 114 4.64 -9.93 18.39
N GLU A 115 5.61 -10.84 18.36
CA GLU A 115 6.53 -11.04 19.50
C GLU A 115 7.40 -9.80 19.77
N VAL A 116 7.96 -9.24 18.70
CA VAL A 116 8.66 -7.96 18.77
C VAL A 116 7.77 -6.86 19.34
N ASN A 117 6.56 -6.71 18.80
CA ASN A 117 5.63 -5.70 19.29
C ASN A 117 5.28 -5.91 20.77
N SER A 118 5.02 -7.15 21.18
CA SER A 118 4.71 -7.42 22.58
C SER A 118 5.86 -6.94 23.51
N HIS A 119 7.08 -7.21 23.10
CA HIS A 119 8.26 -6.84 23.86
C HIS A 119 8.40 -5.32 23.99
N LEU A 120 8.29 -4.63 22.85
CA LEU A 120 8.41 -3.19 22.78
C LEU A 120 7.33 -2.52 23.61
N TYR A 121 6.11 -3.09 23.60
CA TYR A 121 5.03 -2.58 24.44
C TYR A 121 5.39 -2.73 25.94
N GLN A 122 5.87 -3.90 26.34
CA GLN A 122 6.17 -4.14 27.76
C GLN A 122 7.30 -3.24 28.29
N VAL A 123 8.34 -3.09 27.49
CA VAL A 123 9.49 -2.26 27.78
C VAL A 123 9.06 -0.79 27.93
N LYS A 124 8.33 -0.27 26.94
CA LYS A 124 7.90 1.13 26.96
C LYS A 124 6.88 1.41 28.04
N ALA A 125 6.05 0.42 28.36
CA ALA A 125 5.06 0.51 29.43
C ALA A 125 5.70 0.77 30.80
N VAL A 126 6.90 0.25 30.99
CA VAL A 126 7.66 0.47 32.22
C VAL A 126 8.58 1.68 32.10
N ALA A 127 9.28 1.76 30.99
CA ALA A 127 10.33 2.75 30.75
C ALA A 127 9.84 4.19 30.63
N GLU A 128 8.60 4.39 30.16
CA GLU A 128 8.04 5.73 30.06
C GLU A 128 7.91 6.43 31.39
N GLU A 129 7.45 5.72 32.41
CA GLU A 129 7.35 6.30 33.75
C GLU A 129 8.74 6.61 34.30
N MSE A 130 9.77 5.90 33.84
CA MSE A 130 11.13 6.10 34.31
C MSE A 130 11.93 7.17 33.56
O MSE A 130 13.04 7.43 33.93
CB MSE A 130 11.89 4.79 34.19
CG MSE A 130 11.29 3.60 34.90
SE MSE A 130 12.40 1.98 34.56
CE MSE A 130 14.23 2.82 35.24
N GLY A 131 11.34 7.78 32.54
CA GLY A 131 12.03 8.75 31.68
C GLY A 131 13.05 8.13 30.75
N ILE A 132 12.83 6.87 30.39
CA ILE A 132 13.78 6.09 29.59
C ILE A 132 13.20 5.84 28.20
N GLY A 133 14.04 6.02 27.18
CA GLY A 133 13.71 5.62 25.81
C GLY A 133 14.68 4.60 25.26
N PHE A 134 14.31 3.98 24.15
CA PHE A 134 15.15 3.02 23.47
C PHE A 134 15.42 3.40 22.02
N LEU A 135 16.66 3.20 21.60
CA LEU A 135 17.16 3.62 20.31
C LEU A 135 17.54 2.37 19.49
N GLY A 136 17.05 2.34 18.25
CA GLY A 136 17.32 1.26 17.30
C GLY A 136 18.32 1.69 16.26
N MSE A 137 19.61 1.48 16.58
CA MSE A 137 20.72 1.76 15.68
C MSE A 137 21.79 0.72 15.86
O MSE A 137 21.78 0.02 16.84
CB MSE A 137 21.38 3.10 15.98
CG MSE A 137 20.66 4.22 15.50
SE MSE A 137 21.76 5.78 15.69
CE MSE A 137 22.75 5.71 13.97
N GLY A 138 22.76 0.69 14.96
CA GLY A 138 23.84 -0.29 15.01
C GLY A 138 25.02 0.08 15.89
N PHE A 139 25.21 1.39 16.09
CA PHE A 139 26.32 1.90 16.86
C PHE A 139 25.84 3.12 17.62
N GLN A 140 26.23 3.18 18.89
CA GLN A 140 25.89 4.30 19.77
C GLN A 140 26.44 5.62 19.15
N PRO A 141 25.53 6.54 18.78
CA PRO A 141 25.93 7.69 17.96
C PRO A 141 26.51 8.91 18.66
N LYS A 142 26.40 8.96 20.00
CA LYS A 142 26.71 10.17 20.78
C LYS A 142 27.89 10.04 21.75
N TRP A 143 27.94 8.92 22.47
CA TRP A 143 28.78 8.81 23.64
C TRP A 143 30.07 8.01 23.33
N ARG A 144 31.12 8.36 24.08
CA ARG A 144 32.41 7.68 24.00
C ARG A 144 32.37 6.35 24.73
N ARG A 145 33.37 5.53 24.47
CA ARG A 145 33.50 4.22 25.09
C ARG A 145 33.50 4.32 26.64
N GLU A 146 34.23 5.28 27.17
CA GLU A 146 34.34 5.41 28.62
C GLU A 146 33.09 6.07 29.24
N ASP A 147 32.13 6.49 28.42
CA ASP A 147 30.82 6.98 28.91
C ASP A 147 29.79 5.88 29.10
N ILE A 148 30.08 4.69 28.59
CA ILE A 148 29.13 3.58 28.63
C ILE A 148 29.22 2.83 29.96
N PRO A 149 28.08 2.68 30.67
CA PRO A 149 28.10 1.84 31.89
C PRO A 149 28.46 0.39 31.56
N THR A 150 29.15 -0.27 32.46
CA THR A 150 29.42 -1.70 32.27
C THR A 150 28.54 -2.56 33.22
N MSE A 151 28.13 -3.71 32.71
CA MSE A 151 27.22 -4.61 33.39
C MSE A 151 27.97 -5.49 34.38
O MSE A 151 29.07 -5.93 34.10
CB MSE A 151 26.54 -5.47 32.35
CG MSE A 151 25.66 -4.68 31.37
SE MSE A 151 24.37 -3.54 32.34
CE MSE A 151 25.09 -1.69 32.12
N PRO A 152 27.34 -5.80 35.53
CA PRO A 152 28.03 -6.52 36.57
C PRO A 152 27.97 -8.02 36.25
N LYS A 153 28.61 -8.39 35.14
CA LYS A 153 28.63 -9.78 34.66
C LYS A 153 30.09 -10.29 34.50
N GLY A 154 30.41 -11.29 35.31
CA GLY A 154 31.72 -11.91 35.33
C GLY A 154 32.25 -12.30 33.96
N ARG A 155 31.40 -12.84 33.08
CA ARG A 155 31.89 -13.27 31.78
C ARG A 155 32.39 -12.10 30.92
N TYR A 156 31.71 -10.96 31.04
CA TYR A 156 32.12 -9.74 30.34
C TYR A 156 33.37 -9.12 30.91
N ASP A 157 33.62 -9.28 32.21
CA ASP A 157 34.86 -8.81 32.80
C ASP A 157 36.09 -9.51 32.20
N ILE A 158 35.96 -10.82 32.03
CA ILE A 158 36.98 -11.63 31.39
C ILE A 158 37.22 -11.18 29.93
N MSE A 159 36.13 -10.99 29.22
CA MSE A 159 36.19 -10.57 27.84
C MSE A 159 36.78 -9.19 27.66
O MSE A 159 37.56 -8.98 26.74
CB MSE A 159 34.82 -10.64 27.18
CG MSE A 159 34.32 -12.01 27.00
SE MSE A 159 32.52 -11.93 26.17
CE MSE A 159 32.99 -10.95 24.40
N ARG A 160 36.39 -8.25 28.53
CA ARG A 160 36.93 -6.89 28.47
C ARG A 160 38.44 -6.87 28.65
N ASN A 161 38.93 -7.69 29.56
CA ASN A 161 40.38 -7.76 29.82
C ASN A 161 41.14 -8.39 28.66
N TYR A 162 40.49 -9.30 27.93
CA TYR A 162 41.11 -10.00 26.80
C TYR A 162 41.09 -9.19 25.49
N MSE A 163 40.02 -8.44 25.24
CA MSE A 163 39.84 -7.77 23.94
C MSE A 163 41.03 -6.95 23.44
O MSE A 163 41.36 -7.02 22.24
CB MSE A 163 38.61 -6.88 23.97
CG MSE A 163 37.35 -7.63 23.79
SE MSE A 163 37.17 -8.71 22.14
CE MSE A 163 35.42 -9.62 22.59
N PRO A 164 41.68 -6.14 24.32
CA PRO A 164 42.84 -5.34 23.88
C PRO A 164 44.02 -6.16 23.42
N LYS A 165 44.08 -7.44 23.82
CA LYS A 165 45.15 -8.35 23.39
C LYS A 165 44.99 -8.83 21.95
N VAL A 166 43.78 -8.75 21.39
CA VAL A 166 43.48 -9.35 20.08
C VAL A 166 42.89 -8.40 19.04
N GLY A 167 42.73 -7.13 19.39
CA GLY A 167 42.24 -6.14 18.46
C GLY A 167 42.09 -4.79 19.15
N SER A 168 41.82 -3.75 18.36
CA SER A 168 41.64 -2.44 18.91
C SER A 168 40.18 -2.00 18.96
N LEU A 169 39.24 -2.77 18.41
CA LEU A 169 37.82 -2.38 18.37
C LEU A 169 36.86 -3.33 19.11
N GLY A 170 37.38 -4.40 19.71
CA GLY A 170 36.52 -5.38 20.36
C GLY A 170 35.73 -4.85 21.54
N LEU A 171 36.30 -3.89 22.28
CA LEU A 171 35.61 -3.22 23.37
C LEU A 171 34.44 -2.37 22.86
N ASP A 172 34.58 -1.79 21.67
CA ASP A 172 33.46 -1.08 21.01
C ASP A 172 32.37 -2.03 20.53
N MSE A 173 32.76 -3.18 20.02
CA MSE A 173 31.79 -4.25 19.76
C MSE A 173 30.95 -4.53 21.03
O MSE A 173 29.73 -4.54 20.99
CB MSE A 173 32.51 -5.52 19.27
CG MSE A 173 31.61 -6.69 18.92
SE MSE A 173 30.98 -7.74 20.53
CE MSE A 173 32.73 -8.71 20.95
N MSE A 174 31.63 -4.73 22.15
CA MSE A 174 30.97 -5.09 23.41
C MSE A 174 30.04 -4.00 23.97
O MSE A 174 28.90 -4.28 24.37
CB MSE A 174 32.02 -5.45 24.47
CG MSE A 174 32.76 -6.75 24.17
SE MSE A 174 34.13 -7.11 25.53
CE MSE A 174 32.91 -7.67 27.02
N LEU A 175 30.54 -2.79 23.95
CA LEU A 175 29.92 -1.64 24.64
C LEU A 175 29.00 -0.77 23.81
N ARG A 176 29.22 -0.69 22.51
CA ARG A 176 28.60 0.33 21.67
C ARG A 176 27.88 -0.15 20.40
N THR A 177 27.71 -1.45 20.23
CA THR A 177 27.03 -1.97 19.03
C THR A 177 25.72 -2.67 19.36
N CYS A 178 24.77 -2.65 18.42
CA CYS A 178 23.51 -3.39 18.51
C CYS A 178 23.18 -4.07 17.19
N THR A 179 22.73 -5.32 17.28
CA THR A 179 22.43 -6.14 16.12
C THR A 179 20.95 -6.60 16.14
N VAL A 180 20.44 -6.96 14.96
CA VAL A 180 19.28 -7.84 14.84
C VAL A 180 19.73 -9.11 14.14
N GLN A 181 19.46 -10.25 14.75
CA GLN A 181 19.82 -11.53 14.12
C GLN A 181 18.68 -12.54 14.03
N VAL A 182 18.86 -13.55 13.17
CA VAL A 182 17.88 -14.60 12.99
C VAL A 182 18.57 -15.96 13.10
N ASN A 183 17.89 -16.89 13.77
CA ASN A 183 18.33 -18.25 13.93
C ASN A 183 17.41 -19.17 13.12
N LEU A 184 18.03 -20.06 12.36
CA LEU A 184 17.29 -20.91 11.41
C LEU A 184 17.82 -22.33 11.48
N ASP A 185 16.97 -23.25 11.04
CA ASP A 185 17.20 -24.67 11.18
C ASP A 185 17.66 -25.29 9.84
N PHE A 186 18.29 -26.45 9.95
CA PHE A 186 18.74 -27.28 8.81
C PHE A 186 18.20 -28.70 9.03
N SER A 187 18.12 -29.47 7.94
CA SER A 187 17.53 -30.82 7.97
C SER A 187 18.53 -31.94 7.79
N SER A 188 19.74 -31.61 7.35
CA SER A 188 20.79 -32.58 7.13
C SER A 188 22.11 -31.83 7.03
N GLU A 189 23.22 -32.58 6.98
CA GLU A 189 24.53 -31.98 6.76
C GLU A 189 24.62 -31.29 5.39
N ALA A 190 24.08 -31.93 4.36
CA ALA A 190 24.03 -31.31 3.02
C ALA A 190 23.28 -29.97 3.02
N ASP A 191 22.14 -29.94 3.71
CA ASP A 191 21.31 -28.76 3.82
C ASP A 191 22.01 -27.67 4.61
N MSE A 192 22.64 -28.08 5.70
CA MSE A 192 23.42 -27.16 6.52
C MSE A 192 24.51 -26.50 5.68
O MSE A 192 24.60 -25.28 5.63
CB MSE A 192 24.01 -27.94 7.70
CG MSE A 192 24.80 -27.11 8.69
SE MSE A 192 26.66 -26.79 8.12
CE MSE A 192 27.31 -28.63 8.13
N ILE A 193 25.28 -27.30 4.97
CA ILE A 193 26.39 -26.79 4.14
C ILE A 193 25.92 -25.74 3.13
N ARG A 194 24.81 -26.05 2.45
CA ARG A 194 24.21 -25.15 1.46
C ARG A 194 23.74 -23.85 2.06
N LYS A 195 23.05 -23.94 3.20
CA LYS A 195 22.58 -22.76 3.95
C LYS A 195 23.74 -21.90 4.44
N PHE A 196 24.78 -22.54 4.96
CA PHE A 196 25.97 -21.87 5.47
C PHE A 196 26.64 -21.05 4.33
N ARG A 197 26.80 -21.69 3.17
CA ARG A 197 27.42 -21.05 2.01
C ARG A 197 26.60 -19.90 1.42
N ALA A 198 25.29 -20.08 1.32
CA ALA A 198 24.36 -19.01 0.95
C ALA A 198 24.37 -17.86 1.94
N GLY A 199 24.32 -18.18 3.24
CA GLY A 199 24.33 -17.19 4.30
C GLY A 199 25.60 -16.37 4.35
N LEU A 200 26.77 -17.02 4.24
CA LEU A 200 28.06 -16.30 4.22
C LEU A 200 28.18 -15.40 2.98
N ALA A 201 27.94 -15.98 1.81
CA ALA A 201 28.04 -15.23 0.56
C ALA A 201 27.16 -13.97 0.51
N LEU A 202 25.94 -14.10 1.01
CA LEU A 202 24.97 -13.01 0.99
C LEU A 202 25.01 -12.09 2.21
N GLN A 203 25.81 -12.43 3.22
CA GLN A 203 25.85 -11.62 4.44
C GLN A 203 26.20 -10.14 4.21
N PRO A 204 27.23 -9.84 3.37
CA PRO A 204 27.49 -8.44 3.04
C PRO A 204 26.29 -7.69 2.47
N ILE A 205 25.43 -8.37 1.73
CA ILE A 205 24.19 -7.79 1.22
C ILE A 205 23.20 -7.43 2.33
N ALA A 206 22.97 -8.35 3.27
CA ALA A 206 22.22 -8.03 4.49
C ALA A 206 22.82 -6.84 5.19
N THR A 207 24.13 -6.84 5.39
CA THR A 207 24.81 -5.75 6.07
C THR A 207 24.55 -4.41 5.40
N ALA A 208 24.63 -4.37 4.06
CA ALA A 208 24.35 -3.16 3.29
C ALA A 208 22.90 -2.68 3.43
N LEU A 209 21.94 -3.59 3.29
CA LEU A 209 20.53 -3.25 3.37
C LEU A 209 20.12 -2.69 4.74
N PHE A 210 20.76 -3.19 5.80
CA PHE A 210 20.42 -2.82 7.17
C PHE A 210 21.42 -1.83 7.80
N ALA A 211 22.39 -1.37 7.01
CA ALA A 211 23.42 -0.42 7.47
C ALA A 211 22.81 0.81 8.15
N ASN A 212 23.17 0.98 9.41
CA ASN A 212 22.50 1.93 10.28
C ASN A 212 23.42 2.43 11.42
N SER A 213 24.69 2.70 11.10
CA SER A 213 25.65 3.18 12.10
C SER A 213 26.69 4.15 11.56
N PRO A 214 26.23 5.32 11.09
CA PRO A 214 27.10 6.30 10.44
C PRO A 214 27.64 7.37 11.38
N PHE A 215 27.27 7.33 12.67
CA PHE A 215 27.73 8.34 13.64
C PHE A 215 28.62 7.77 14.73
N THR A 216 29.64 8.52 15.09
CA THR A 216 30.43 8.26 16.27
C THR A 216 30.66 9.58 16.98
N GLU A 217 30.40 9.59 18.29
CA GLU A 217 30.68 10.74 19.13
C GLU A 217 30.16 12.04 18.51
N GLY A 218 28.91 11.99 18.05
CA GLY A 218 28.15 13.15 17.62
C GLY A 218 28.42 13.63 16.21
N LYS A 219 29.18 12.84 15.46
CA LYS A 219 29.65 13.24 14.11
C LYS A 219 29.68 12.04 13.18
N PRO A 220 29.66 12.31 11.85
CA PRO A 220 29.79 11.23 10.92
C PRO A 220 31.14 10.56 11.09
N ASN A 221 31.15 9.24 11.13
CA ASN A 221 32.39 8.45 11.27
C ASN A 221 33.04 8.02 9.93
N GLY A 222 32.42 8.36 8.81
CA GLY A 222 32.93 7.97 7.49
C GLY A 222 32.47 6.59 7.04
N PHE A 223 31.67 5.91 7.86
CA PHE A 223 31.14 4.60 7.49
C PHE A 223 29.63 4.67 7.38
N LEU A 224 29.03 3.67 6.75
CA LEU A 224 27.58 3.47 6.80
C LEU A 224 27.24 2.46 7.88
N SER A 225 28.04 1.42 7.99
CA SER A 225 27.97 0.50 9.15
C SER A 225 29.33 0.44 9.85
N MSE A 226 29.52 1.37 10.76
CA MSE A 226 30.65 1.34 11.68
C MSE A 226 30.64 0.01 12.48
O MSE A 226 31.68 -0.58 12.74
CB MSE A 226 30.54 2.54 12.64
CG MSE A 226 31.63 2.57 13.72
SE MSE A 226 33.41 2.35 12.92
CE MSE A 226 33.78 4.23 12.43
N ARG A 227 29.47 -0.45 12.87
CA ARG A 227 29.33 -1.71 13.59
C ARG A 227 29.96 -2.89 12.84
N SER A 228 29.65 -3.04 11.54
CA SER A 228 30.26 -4.09 10.72
C SER A 228 31.79 -3.94 10.60
N HIS A 229 32.28 -2.71 10.40
CA HIS A 229 33.70 -2.46 10.42
C HIS A 229 34.37 -2.90 11.76
N ILE A 230 33.70 -2.58 12.86
CA ILE A 230 34.18 -2.96 14.20
C ILE A 230 34.49 -4.45 14.29
N TRP A 231 33.62 -5.26 13.71
CA TRP A 231 33.81 -6.71 13.68
C TRP A 231 35.01 -7.20 12.88
N THR A 232 35.67 -6.32 12.11
CA THR A 232 36.91 -6.67 11.39
C THR A 232 38.16 -6.38 12.20
N ASP A 233 38.02 -5.75 13.37
CA ASP A 233 39.18 -5.52 14.25
C ASP A 233 38.84 -5.80 15.71
N THR A 234 38.16 -6.92 15.89
CA THR A 234 37.74 -7.42 17.18
C THR A 234 38.67 -8.58 17.61
N ASP A 235 38.67 -9.64 16.82
CA ASP A 235 39.45 -10.85 17.12
C ASP A 235 39.49 -11.72 15.87
N LYS A 236 40.64 -11.76 15.21
CA LYS A 236 40.75 -12.50 13.93
C LYS A 236 40.51 -14.00 14.14
N ASP A 237 40.72 -14.52 15.35
CA ASP A 237 40.56 -15.95 15.64
C ASP A 237 39.15 -16.46 15.62
N ARG A 238 38.17 -15.57 15.73
CA ARG A 238 36.76 -16.00 15.88
C ARG A 238 35.76 -15.20 15.09
N THR A 239 36.20 -14.53 14.03
CA THR A 239 35.35 -13.65 13.24
C THR A 239 35.50 -13.97 11.79
N GLY A 240 34.64 -13.36 10.97
CA GLY A 240 34.89 -13.31 9.51
C GLY A 240 34.01 -14.19 8.64
N MSE A 241 34.48 -14.37 7.40
CA MSE A 241 33.71 -14.97 6.31
C MSE A 241 33.98 -16.46 6.13
O MSE A 241 33.49 -17.07 5.19
CB MSE A 241 34.02 -14.17 5.03
CG MSE A 241 33.45 -12.76 5.07
SE MSE A 241 31.47 -12.87 4.92
CE MSE A 241 31.33 -13.10 2.92
N LEU A 242 34.75 -17.05 7.03
CA LEU A 242 34.98 -18.51 7.07
C LEU A 242 35.16 -19.18 5.72
N PRO A 243 36.29 -18.88 5.03
CA PRO A 243 36.53 -19.40 3.70
C PRO A 243 36.54 -20.95 3.60
N PHE A 244 36.88 -21.62 4.70
CA PHE A 244 36.95 -23.08 4.72
C PHE A 244 35.57 -23.72 4.58
N VAL A 245 34.52 -22.96 4.84
CA VAL A 245 33.15 -23.40 4.64
C VAL A 245 32.89 -23.70 3.15
N PHE A 246 33.61 -23.03 2.26
CA PHE A 246 33.42 -23.25 0.81
C PHE A 246 34.35 -24.34 0.27
N ASP A 247 35.20 -24.93 1.13
CA ASP A 247 36.02 -26.09 0.76
C ASP A 247 35.16 -27.34 0.56
N ASP A 248 35.56 -28.19 -0.38
CA ASP A 248 34.89 -29.49 -0.64
C ASP A 248 34.81 -30.33 0.63
N SER A 249 35.82 -30.22 1.48
CA SER A 249 35.90 -31.00 2.72
C SER A 249 34.86 -30.61 3.77
N PHE A 250 34.27 -29.43 3.63
CA PHE A 250 33.41 -28.90 4.68
C PHE A 250 32.19 -29.74 5.09
N GLY A 251 31.97 -29.78 6.40
CA GLY A 251 30.87 -30.48 7.03
C GLY A 251 30.92 -30.20 8.53
N PHE A 252 30.09 -30.88 9.31
CA PHE A 252 30.07 -30.70 10.77
C PHE A 252 31.45 -30.93 11.39
N GLU A 253 32.20 -31.93 10.91
CA GLU A 253 33.51 -32.26 11.45
C GLU A 253 34.53 -31.13 11.25
N GLN A 254 34.60 -30.55 10.05
CA GLN A 254 35.49 -29.44 9.81
C GLN A 254 35.12 -28.21 10.72
N TYR A 255 33.83 -27.96 10.93
CA TYR A 255 33.44 -26.86 11.85
C TYR A 255 33.86 -27.11 13.30
N VAL A 256 33.73 -28.36 13.74
CA VAL A 256 34.17 -28.74 15.07
C VAL A 256 35.67 -28.55 15.27
N ASP A 257 36.49 -28.87 14.26
CA ASP A 257 37.96 -28.68 14.36
C ASP A 257 38.29 -27.20 14.47
N TYR A 258 37.64 -26.39 13.64
CA TYR A 258 37.74 -24.92 13.73
C TYR A 258 37.47 -24.45 15.15
N ALA A 259 36.30 -24.82 15.64
CA ALA A 259 35.83 -24.41 16.96
C ALA A 259 36.70 -24.94 18.09
N LEU A 260 37.23 -26.15 17.95
CA LEU A 260 38.16 -26.71 18.94
C LEU A 260 39.45 -25.93 19.09
N ASP A 261 39.90 -25.26 18.02
CA ASP A 261 41.11 -24.45 18.03
C ASP A 261 40.89 -22.93 18.18
N VAL A 262 39.65 -22.49 18.25
CA VAL A 262 39.33 -21.12 18.67
C VAL A 262 39.61 -21.02 20.17
N PRO A 263 40.45 -20.06 20.60
CA PRO A 263 40.74 -20.02 22.04
C PRO A 263 39.50 -19.74 22.90
N MSE A 264 39.49 -20.28 24.11
CA MSE A 264 38.35 -20.10 24.99
C MSE A 264 38.34 -18.74 25.66
O MSE A 264 39.35 -18.02 25.68
CB MSE A 264 38.33 -21.14 26.07
CG MSE A 264 38.21 -22.56 25.55
SE MSE A 264 38.16 -23.76 27.09
CE MSE A 264 39.86 -23.40 27.58
N TYR A 265 37.17 -18.39 26.20
CA TYR A 265 37.06 -17.24 27.10
C TYR A 265 36.99 -17.67 28.57
N PHE A 266 36.12 -18.62 28.85
CA PHE A 266 35.84 -19.02 30.23
C PHE A 266 35.22 -20.41 30.30
N ALA A 267 35.15 -20.92 31.52
CA ALA A 267 34.41 -22.12 31.84
C ALA A 267 33.59 -21.79 33.09
N TYR A 268 32.34 -22.23 33.10
CA TYR A 268 31.44 -21.96 34.23
C TYR A 268 31.48 -23.09 35.23
N ARG A 269 31.99 -22.82 36.42
CA ARG A 269 32.03 -23.82 37.51
C ARG A 269 31.71 -23.18 38.84
N ASN A 270 30.89 -23.86 39.65
CA ASN A 270 30.60 -23.44 41.02
C ASN A 270 30.03 -22.03 41.10
N GLY A 271 29.10 -21.73 40.21
CA GLY A 271 28.42 -20.43 40.22
C GLY A 271 29.25 -19.29 39.66
N LYS A 272 30.43 -19.59 39.12
CA LYS A 272 31.27 -18.55 38.52
C LYS A 272 32.07 -18.88 37.25
N TYR A 273 32.47 -17.79 36.59
CA TYR A 273 33.18 -17.84 35.35
C TYR A 273 34.66 -17.87 35.64
N VAL A 274 35.32 -18.91 35.17
CA VAL A 274 36.76 -19.05 35.32
C VAL A 274 37.43 -18.57 34.04
N ASP A 275 38.43 -17.70 34.17
CA ASP A 275 39.15 -17.14 33.01
C ASP A 275 40.01 -18.24 32.39
N CYS A 276 39.65 -18.63 31.16
CA CYS A 276 40.39 -19.64 30.42
C CYS A 276 40.93 -19.06 29.09
N THR A 277 41.18 -17.77 29.04
CA THR A 277 41.69 -17.13 27.85
C THR A 277 43.08 -17.69 27.54
N GLY A 278 43.40 -17.75 26.25
CA GLY A 278 44.65 -18.36 25.80
C GLY A 278 44.66 -19.88 25.77
N MSE A 279 43.53 -20.50 26.06
CA MSE A 279 43.51 -21.96 26.16
C MSE A 279 42.49 -22.46 25.17
O MSE A 279 41.64 -21.71 24.72
CB MSE A 279 43.20 -22.36 27.58
CG MSE A 279 44.34 -22.00 28.53
SE MSE A 279 43.64 -21.66 30.36
CE MSE A 279 45.30 -21.02 31.20
N THR A 280 42.58 -23.72 24.80
CA THR A 280 41.62 -24.23 23.80
C THR A 280 40.69 -25.28 24.38
N PHE A 281 39.58 -25.47 23.67
CA PHE A 281 38.63 -26.51 24.05
C PHE A 281 39.20 -27.93 23.84
N ARG A 282 40.15 -28.06 22.92
CA ARG A 282 40.97 -29.26 22.82
C ARG A 282 41.59 -29.61 24.17
N GLN A 283 42.35 -28.67 24.74
CA GLN A 283 42.97 -28.88 26.05
C GLN A 283 41.97 -29.32 27.08
N PHE A 284 40.81 -28.65 27.08
CA PHE A 284 39.65 -28.98 27.92
C PHE A 284 39.22 -30.44 27.80
N LEU A 285 39.05 -30.91 26.56
CA LEU A 285 38.65 -32.32 26.30
C LEU A 285 39.60 -33.34 26.87
N ALA A 286 40.89 -33.00 26.91
CA ALA A 286 41.94 -33.88 27.45
C ALA A 286 42.23 -33.63 28.94
N GLY A 287 41.45 -32.73 29.58
CA GLY A 287 41.58 -32.47 31.03
C GLY A 287 42.84 -31.67 31.37
N LYS A 288 43.28 -30.90 30.41
CA LYS A 288 44.55 -30.24 30.49
C LYS A 288 44.45 -28.72 30.53
N LEU A 289 43.29 -28.19 30.90
CA LEU A 289 43.13 -26.75 31.06
C LEU A 289 43.81 -26.27 32.30
N PRO A 290 44.82 -25.39 32.16
CA PRO A 290 45.35 -24.84 33.41
C PRO A 290 44.35 -24.04 34.29
N CYS A 291 43.27 -23.51 33.73
CA CYS A 291 42.24 -22.86 34.54
C CYS A 291 41.40 -23.84 35.37
N LEU A 292 41.23 -25.08 34.89
CA LEU A 292 40.42 -26.12 35.54
C LEU A 292 41.14 -27.48 35.37
N PRO A 293 42.31 -27.62 36.00
CA PRO A 293 43.12 -28.81 35.74
C PRO A 293 42.50 -30.14 36.13
N GLY A 294 42.52 -31.07 35.19
CA GLY A 294 41.92 -32.39 35.36
C GLY A 294 40.44 -32.46 35.04
N GLU A 295 39.82 -31.31 34.84
CA GLU A 295 38.36 -31.21 34.60
C GLU A 295 38.00 -31.49 33.15
N LEU A 296 36.97 -32.29 32.97
CA LEU A 296 36.53 -32.70 31.65
C LEU A 296 35.22 -31.97 31.32
N PRO A 297 35.03 -31.60 30.03
CA PRO A 297 33.87 -30.80 29.67
C PRO A 297 32.56 -31.57 29.53
N THR A 298 31.47 -30.83 29.73
CA THR A 298 30.08 -31.27 29.44
C THR A 298 29.60 -30.65 28.12
N TYR A 299 28.47 -31.15 27.61
CA TYR A 299 27.81 -30.55 26.46
C TYR A 299 27.48 -29.07 26.67
N ASN A 300 27.22 -28.69 27.92
CA ASN A 300 26.96 -27.28 28.22
C ASN A 300 28.21 -26.41 28.09
N ASP A 301 29.37 -26.96 28.46
CA ASP A 301 30.64 -26.30 28.23
C ASP A 301 30.86 -26.08 26.71
N TRP A 302 30.57 -27.11 25.93
CA TRP A 302 30.70 -27.05 24.47
C TRP A 302 29.77 -25.97 23.87
N GLU A 303 28.50 -25.99 24.27
CA GLU A 303 27.53 -24.96 23.92
C GLU A 303 28.00 -23.54 24.30
N ASN A 304 28.49 -23.36 25.52
CA ASN A 304 29.10 -22.08 25.94
C ASN A 304 30.20 -21.64 25.02
N HIS A 305 31.11 -22.57 24.69
CA HIS A 305 32.25 -22.27 23.85
C HIS A 305 31.84 -21.86 22.43
N LEU A 306 30.87 -22.59 21.90
CA LEU A 306 30.28 -22.32 20.61
C LEU A 306 29.69 -20.94 20.50
N THR A 307 29.22 -20.45 21.63
CA THR A 307 28.61 -19.12 21.75
C THR A 307 29.64 -17.99 21.90
N THR A 308 30.92 -18.33 21.96
CA THR A 308 31.99 -17.33 21.99
C THR A 308 32.66 -17.16 20.64
N ILE A 309 32.12 -17.80 19.61
CA ILE A 309 32.65 -17.71 18.24
C ILE A 309 31.74 -16.74 17.48
N PHE A 310 32.32 -15.79 16.74
CA PHE A 310 31.57 -14.64 16.16
C PHE A 310 31.75 -14.42 14.65
N PRO A 311 31.56 -15.45 13.84
CA PRO A 311 31.68 -15.20 12.42
C PRO A 311 30.43 -14.57 11.86
N GLU A 312 30.47 -14.18 10.58
CA GLU A 312 29.36 -13.48 9.95
C GLU A 312 28.11 -14.37 9.90
N VAL A 313 28.33 -15.68 9.84
CA VAL A 313 27.30 -16.68 10.07
C VAL A 313 27.93 -17.67 11.02
N ARG A 314 27.15 -18.08 12.01
CA ARG A 314 27.60 -19.02 13.04
C ARG A 314 26.80 -20.32 13.00
N LEU A 315 27.48 -21.43 13.34
CA LEU A 315 26.85 -22.73 13.46
C LEU A 315 26.87 -23.22 14.90
N LYS A 316 25.69 -23.56 15.40
CA LYS A 316 25.51 -24.44 16.57
C LYS A 316 24.59 -25.60 16.18
N ARG A 317 23.55 -25.89 16.96
CA ARG A 317 22.51 -26.84 16.53
C ARG A 317 21.44 -26.18 15.63
N TYR A 318 21.63 -24.89 15.40
CA TYR A 318 20.95 -24.14 14.36
C TYR A 318 21.96 -23.15 13.75
N MSE A 319 21.53 -22.41 12.74
CA MSE A 319 22.38 -21.43 12.10
C MSE A 319 21.97 -20.01 12.42
O MSE A 319 20.77 -19.73 12.48
CB MSE A 319 22.31 -21.63 10.62
CG MSE A 319 23.58 -21.21 9.92
SE MSE A 319 23.76 -22.30 8.33
CE MSE A 319 24.19 -23.93 9.14
N GLU A 320 22.97 -19.12 12.58
CA GLU A 320 22.74 -17.72 13.00
C GLU A 320 23.29 -16.70 12.00
N MSE A 321 22.42 -15.84 11.49
CA MSE A 321 22.81 -14.76 10.58
C MSE A 321 23.15 -13.54 11.42
O MSE A 321 22.27 -13.00 12.14
CB MSE A 321 21.67 -14.35 9.67
CG MSE A 321 21.01 -15.44 8.90
SE MSE A 321 22.11 -16.42 7.62
CE MSE A 321 22.28 -18.10 8.61
N ARG A 322 24.41 -13.10 11.39
CA ARG A 322 24.87 -12.10 12.37
C ARG A 322 25.30 -10.74 11.79
N GLY A 323 25.06 -10.48 10.51
CA GLY A 323 25.62 -9.31 9.86
C GLY A 323 24.89 -7.97 9.94
N ALA A 324 23.64 -7.96 10.41
CA ALA A 324 22.78 -6.76 10.32
C ALA A 324 22.73 -5.89 11.58
N ASP A 325 22.79 -4.57 11.35
CA ASP A 325 22.69 -3.54 12.41
C ASP A 325 21.30 -3.53 12.97
N GLY A 326 21.19 -3.24 14.25
CA GLY A 326 19.91 -2.95 14.86
C GLY A 326 19.19 -1.80 14.19
N GLY A 327 17.90 -1.75 14.38
CA GLY A 327 17.10 -0.78 13.69
C GLY A 327 15.68 -0.68 14.22
N PRO A 328 14.87 0.21 13.63
CA PRO A 328 13.53 0.40 14.08
C PRO A 328 12.67 -0.85 13.81
N TRP A 329 11.46 -0.87 14.33
CA TRP A 329 10.68 -2.12 14.46
C TRP A 329 10.36 -2.77 13.12
N ARG A 330 10.08 -2.00 12.08
CA ARG A 330 9.77 -2.62 10.80
C ARG A 330 11.00 -3.35 10.21
N ARG A 331 12.20 -2.88 10.52
CA ARG A 331 13.41 -3.58 10.13
C ARG A 331 13.78 -4.75 11.00
N LEU A 332 13.34 -4.75 12.26
CA LEU A 332 13.44 -5.94 13.08
C LEU A 332 12.63 -7.11 12.53
N CYS A 333 11.50 -6.82 11.87
CA CYS A 333 10.65 -7.84 11.26
C CYS A 333 11.13 -8.19 9.85
N ALA A 334 11.81 -7.25 9.19
CA ALA A 334 12.36 -7.48 7.85
C ALA A 334 13.55 -8.43 7.83
N LEU A 335 14.40 -8.38 8.86
CA LEU A 335 15.63 -9.13 8.82
C LEU A 335 15.35 -10.64 8.78
N PRO A 336 14.53 -11.18 9.72
CA PRO A 336 14.20 -12.60 9.61
C PRO A 336 13.47 -12.95 8.31
N ALA A 337 12.65 -12.04 7.79
CA ALA A 337 11.90 -12.27 6.56
C ALA A 337 12.83 -12.47 5.37
N PHE A 338 13.87 -11.65 5.34
CA PHE A 338 14.90 -11.68 4.33
C PHE A 338 15.54 -13.09 4.24
N TRP A 339 15.99 -13.60 5.37
CA TRP A 339 16.63 -14.90 5.39
C TRP A 339 15.67 -16.10 5.25
N VAL A 340 14.46 -16.01 5.80
CA VAL A 340 13.47 -17.06 5.64
C VAL A 340 13.13 -17.22 4.13
N GLY A 341 12.93 -16.10 3.44
CA GLY A 341 12.67 -16.12 2.00
C GLY A 341 13.76 -16.78 1.20
N LEU A 342 15.01 -16.58 1.62
CA LEU A 342 16.16 -17.06 0.85
C LEU A 342 16.56 -18.50 1.17
N LEU A 343 16.44 -18.90 2.44
CA LEU A 343 17.01 -20.16 2.91
C LEU A 343 15.95 -21.27 3.10
N TYR A 344 14.69 -20.89 3.30
CA TYR A 344 13.62 -21.84 3.62
C TYR A 344 12.80 -22.28 2.40
N ASP A 345 13.13 -21.75 1.21
CA ASP A 345 12.60 -22.25 -0.05
C ASP A 345 13.74 -22.93 -0.80
N GLU A 346 13.54 -24.20 -1.15
CA GLU A 346 14.61 -24.99 -1.77
C GLU A 346 15.05 -24.43 -3.14
N ASP A 347 14.11 -23.94 -3.92
CA ASP A 347 14.43 -23.43 -5.26
C ASP A 347 15.12 -22.09 -5.16
N VAL A 348 14.70 -21.25 -4.21
CA VAL A 348 15.39 -19.97 -3.98
C VAL A 348 16.80 -20.21 -3.45
N LEU A 349 16.95 -21.16 -2.53
CA LEU A 349 18.27 -21.51 -2.02
C LEU A 349 19.21 -21.96 -3.13
N GLN A 350 18.71 -22.80 -4.04
CA GLN A 350 19.49 -23.19 -5.20
C GLN A 350 19.82 -22.00 -6.11
N SER A 351 18.86 -21.10 -6.30
CA SER A 351 19.10 -19.89 -7.11
C SER A 351 20.20 -19.05 -6.51
N VAL A 352 20.20 -18.91 -5.20
CA VAL A 352 21.23 -18.14 -4.48
C VAL A 352 22.60 -18.78 -4.64
N LEU A 353 22.65 -20.10 -4.49
CA LEU A 353 23.92 -20.84 -4.70
C LEU A 353 24.42 -20.69 -6.13
N ASP A 354 23.50 -20.70 -7.10
CA ASP A 354 23.84 -20.49 -8.50
C ASP A 354 24.43 -19.10 -8.69
N LEU A 355 23.75 -18.11 -8.16
CA LEU A 355 24.16 -16.73 -8.32
C LEU A 355 25.57 -16.47 -7.75
N THR A 356 25.87 -17.11 -6.63
CA THR A 356 27.11 -16.86 -5.90
C THR A 356 28.20 -17.91 -6.17
N ALA A 357 27.88 -18.92 -6.95
CA ALA A 357 28.76 -20.06 -7.26
C ALA A 357 30.19 -19.71 -7.62
N ASP A 358 30.35 -18.74 -8.52
CA ASP A 358 31.67 -18.35 -9.00
C ASP A 358 32.33 -17.19 -8.24
N TRP A 359 31.76 -16.77 -7.11
CA TRP A 359 32.39 -15.70 -6.32
C TRP A 359 33.63 -16.27 -5.66
N THR A 360 34.76 -15.59 -5.79
CA THR A 360 36.01 -16.09 -5.18
C THR A 360 36.07 -15.74 -3.70
N PRO A 361 36.89 -16.47 -2.92
CA PRO A 361 37.16 -16.06 -1.56
C PRO A 361 37.63 -14.61 -1.42
N ALA A 362 38.46 -14.13 -2.34
CA ALA A 362 38.93 -12.73 -2.28
C ALA A 362 37.79 -11.74 -2.56
N GLU A 363 36.89 -12.07 -3.47
CA GLU A 363 35.69 -11.27 -3.73
C GLU A 363 34.78 -11.17 -2.54
N ARG A 364 34.48 -12.31 -1.92
CA ARG A 364 33.63 -12.33 -0.71
C ARG A 364 34.21 -11.50 0.42
N GLU A 365 35.53 -11.65 0.61
CA GLU A 365 36.27 -10.90 1.60
C GLU A 365 36.30 -9.40 1.28
N MSE A 366 36.43 -9.05 0.00
CA MSE A 366 36.42 -7.68 -0.44
C MSE A 366 35.09 -7.02 -0.11
O MSE A 366 35.05 -5.91 0.44
CB MSE A 366 36.76 -7.63 -1.95
CG MSE A 366 36.68 -6.26 -2.65
SE MSE A 366 34.83 -5.96 -3.48
CE MSE A 366 33.99 -4.81 -2.25
N LEU A 367 33.97 -7.70 -0.43
CA LEU A 367 32.62 -7.19 -0.14
C LEU A 367 32.41 -6.96 1.34
N ARG A 368 32.85 -7.92 2.14
CA ARG A 368 32.73 -7.84 3.58
C ARG A 368 33.42 -6.59 4.11
N ASN A 369 34.61 -6.30 3.59
CA ASN A 369 35.39 -5.17 4.05
C ASN A 369 34.96 -3.82 3.48
N LYS A 370 34.44 -3.80 2.25
CA LYS A 370 34.08 -2.54 1.60
C LYS A 370 32.65 -2.11 1.88
N VAL A 371 31.74 -3.05 2.06
CA VAL A 371 30.33 -2.73 2.31
C VAL A 371 30.09 -1.77 3.48
N PRO A 372 30.75 -1.99 4.65
CA PRO A 372 30.76 -1.01 5.74
C PRO A 372 30.95 0.46 5.36
N VAL A 373 31.67 0.74 4.27
CA VAL A 373 31.94 2.10 3.82
C VAL A 373 30.94 2.54 2.75
N THR A 374 30.77 1.72 1.71
CA THR A 374 30.03 2.14 0.51
C THR A 374 28.65 1.52 0.34
N GLY A 375 28.30 0.53 1.16
CA GLY A 375 26.96 -0.08 1.12
C GLY A 375 26.62 -0.73 -0.23
N LEU A 376 25.45 -0.39 -0.77
CA LEU A 376 24.98 -0.89 -2.07
C LEU A 376 25.63 -0.20 -3.29
N LYS A 377 26.37 0.87 -3.02
CA LYS A 377 27.21 1.51 -4.03
C LYS A 377 28.62 0.91 -4.08
N THR A 378 28.86 -0.18 -3.35
CA THR A 378 30.10 -0.90 -3.40
C THR A 378 30.22 -1.50 -4.81
N PRO A 379 31.34 -1.19 -5.51
CA PRO A 379 31.58 -1.81 -6.82
C PRO A 379 31.73 -3.31 -6.68
N PHE A 380 31.10 -4.05 -7.58
CA PHE A 380 31.25 -5.48 -7.59
C PHE A 380 31.19 -5.91 -9.05
N ARG A 381 32.33 -6.40 -9.53
CA ARG A 381 32.47 -6.81 -10.87
C ARG A 381 32.11 -5.63 -11.74
N ASP A 382 31.15 -5.81 -12.66
CA ASP A 382 30.94 -4.87 -13.75
C ASP A 382 29.80 -3.91 -13.44
N GLY A 383 29.40 -3.83 -12.20
CA GLY A 383 28.36 -2.94 -11.69
C GLY A 383 28.49 -2.65 -10.20
N LEU A 384 27.35 -2.59 -9.52
CA LEU A 384 27.29 -2.26 -8.09
C LEU A 384 26.59 -3.35 -7.31
N LEU A 385 26.93 -3.48 -6.03
CA LEU A 385 26.30 -4.47 -5.19
C LEU A 385 24.78 -4.34 -5.23
N LYS A 386 24.31 -3.11 -5.40
CA LYS A 386 22.88 -2.82 -5.60
C LYS A 386 22.19 -3.75 -6.62
N HIS A 387 22.86 -4.02 -7.73
CA HIS A 387 22.31 -4.88 -8.78
C HIS A 387 22.17 -6.35 -8.33
N VAL A 388 23.12 -6.83 -7.54
CA VAL A 388 23.02 -8.14 -6.90
C VAL A 388 21.88 -8.13 -5.89
N ALA A 389 21.78 -7.06 -5.09
CA ALA A 389 20.71 -6.94 -4.09
C ALA A 389 19.30 -6.92 -4.68
N GLU A 390 19.16 -6.31 -5.87
CA GLU A 390 17.94 -6.38 -6.65
C GLU A 390 17.52 -7.84 -6.89
N ASP A 391 18.44 -8.64 -7.41
CA ASP A 391 18.18 -10.06 -7.68
C ASP A 391 17.86 -10.84 -6.42
N VAL A 392 18.63 -10.57 -5.39
CA VAL A 392 18.46 -11.23 -4.09
C VAL A 392 17.13 -10.89 -3.41
N LEU A 393 16.70 -9.64 -3.52
CA LEU A 393 15.45 -9.23 -2.91
C LEU A 393 14.27 -9.87 -3.63
N LYS A 394 14.29 -9.94 -4.96
CA LYS A 394 13.20 -10.57 -5.71
CA LYS A 394 13.20 -10.57 -5.70
C LYS A 394 13.11 -12.06 -5.34
N LEU A 395 14.26 -12.72 -5.20
CA LEU A 395 14.31 -14.13 -4.83
C LEU A 395 13.73 -14.36 -3.42
N ALA A 396 14.07 -13.48 -2.49
CA ALA A 396 13.56 -13.53 -1.13
C ALA A 396 12.05 -13.35 -1.06
N LYS A 397 11.50 -12.44 -1.87
CA LYS A 397 10.06 -12.29 -2.01
C LYS A 397 9.38 -13.50 -2.67
N ASP A 398 10.04 -14.14 -3.63
CA ASP A 398 9.55 -15.41 -4.20
C ASP A 398 9.41 -16.50 -3.15
N GLY A 399 10.43 -16.63 -2.31
CA GLY A 399 10.44 -17.59 -1.22
C GLY A 399 9.30 -17.37 -0.24
N LEU A 400 9.04 -16.12 0.12
CA LEU A 400 7.96 -15.82 1.04
C LEU A 400 6.56 -16.01 0.43
N GLU A 401 6.43 -15.69 -0.86
CA GLU A 401 5.18 -15.95 -1.58
C GLU A 401 4.85 -17.43 -1.55
N ARG A 402 5.83 -18.26 -1.84
CA ARG A 402 5.64 -19.70 -1.88
C ARG A 402 5.43 -20.35 -0.52
N ARG A 403 5.86 -19.73 0.56
CA ARG A 403 5.58 -20.28 1.88
C ARG A 403 4.07 -20.36 2.15
N GLY A 404 3.29 -19.45 1.53
CA GLY A 404 1.85 -19.51 1.62
C GLY A 404 1.25 -18.78 2.81
N TYR A 405 2.08 -18.11 3.62
CA TYR A 405 1.61 -17.50 4.86
C TYR A 405 1.34 -16.02 4.70
N LYS A 406 1.47 -15.47 3.48
CA LYS A 406 1.27 -14.04 3.20
C LYS A 406 2.27 -13.13 3.95
N GLU A 407 3.54 -13.52 3.99
CA GLU A 407 4.56 -12.82 4.77
C GLU A 407 5.39 -11.83 3.94
N VAL A 408 5.15 -11.77 2.64
CA VAL A 408 5.99 -10.97 1.74
C VAL A 408 6.07 -9.49 2.09
N GLY A 409 5.01 -8.95 2.69
CA GLY A 409 4.95 -7.55 3.10
C GLY A 409 6.00 -7.13 4.11
N PHE A 410 6.54 -8.09 4.86
CA PHE A 410 7.64 -7.83 5.78
C PHE A 410 8.96 -7.37 5.13
N LEU A 411 9.02 -7.48 3.81
CA LEU A 411 10.16 -7.01 3.06
C LEU A 411 9.96 -5.61 2.44
N ASN A 412 8.79 -5.04 2.68
CA ASN A 412 8.51 -3.69 2.24
C ASN A 412 9.53 -2.72 2.83
N ALA A 413 9.95 -2.98 4.06
CA ALA A 413 10.91 -2.09 4.76
C ALA A 413 12.29 -1.98 4.14
N VAL A 414 12.65 -2.90 3.23
CA VAL A 414 13.93 -2.84 2.53
C VAL A 414 13.81 -2.66 1.03
N THR A 415 12.58 -2.57 0.54
CA THR A 415 12.33 -2.49 -0.89
C THR A 415 12.85 -1.18 -1.46
N GLU A 416 12.62 -0.08 -0.75
CA GLU A 416 13.07 1.23 -1.19
C GLU A 416 14.58 1.42 -1.07
N VAL A 417 15.20 0.76 -0.09
CA VAL A 417 16.67 0.74 0.02
C VAL A 417 17.26 0.15 -1.25
N VAL A 418 16.75 -1.02 -1.64
CA VAL A 418 17.27 -1.74 -2.81
C VAL A 418 17.00 -0.93 -4.07
N ARG A 419 15.80 -0.38 -4.13
CA ARG A 419 15.34 0.34 -5.27
C ARG A 419 16.17 1.61 -5.55
N THR A 420 16.42 2.36 -4.49
CA THR A 420 17.19 3.61 -4.58
C THR A 420 18.70 3.39 -4.44
N GLY A 421 19.10 2.25 -3.88
CA GLY A 421 20.51 2.03 -3.56
C GLY A 421 21.03 2.85 -2.38
N VAL A 422 20.11 3.43 -1.60
CA VAL A 422 20.43 4.32 -0.49
C VAL A 422 20.10 3.63 0.85
N THR A 423 21.13 3.40 1.65
CA THR A 423 21.01 2.70 2.93
C THR A 423 20.29 3.54 3.97
N PRO A 424 19.74 2.89 5.01
CA PRO A 424 19.19 3.65 6.15
C PRO A 424 20.18 4.66 6.75
N ALA A 425 21.45 4.26 6.81
CA ALA A 425 22.51 5.10 7.34
C ALA A 425 22.72 6.37 6.50
N GLU A 426 22.61 6.25 5.17
CA GLU A 426 22.70 7.42 4.27
C GLU A 426 21.48 8.35 4.44
N ASN A 427 20.31 7.79 4.74
CA ASN A 427 19.15 8.65 5.06
C ASN A 427 19.36 9.48 6.34
N LEU A 428 20.00 8.88 7.35
CA LEU A 428 20.35 9.60 8.57
C LEU A 428 21.38 10.72 8.34
N LEU A 429 22.38 10.40 7.52
CA LEU A 429 23.39 11.34 7.11
C LEU A 429 22.81 12.55 6.41
N GLU A 430 21.81 12.31 5.57
CA GLU A 430 21.10 13.34 4.85
C GLU A 430 20.34 14.26 5.81
N MSE A 431 19.72 13.69 6.83
CA MSE A 431 19.09 14.48 7.90
C MSE A 431 20.10 15.26 8.74
O MSE A 431 19.91 16.43 9.00
CB MSE A 431 18.24 13.60 8.78
CG MSE A 431 17.03 13.08 8.06
SE MSE A 431 16.02 11.79 9.14
CE MSE A 431 16.24 10.06 8.18
N TYR A 432 21.17 14.59 9.17
CA TYR A 432 22.28 15.22 9.87
C TYR A 432 22.76 16.49 9.13
N ASN A 433 22.99 16.34 7.83
CA ASN A 433 23.52 17.43 7.02
C ASN A 433 22.46 18.43 6.60
N GLY A 434 21.20 18.16 6.88
CA GLY A 434 20.11 19.07 6.56
C GLY A 434 19.32 19.44 7.81
N GLU A 435 18.11 18.94 7.90
CA GLU A 435 17.14 19.30 8.93
C GLU A 435 17.66 19.25 10.39
N TRP A 436 18.58 18.32 10.69
CA TRP A 436 19.11 18.18 12.06
C TRP A 436 20.13 19.23 12.46
N GLY A 437 20.59 20.03 11.50
CA GLY A 437 21.56 21.07 11.77
C GLY A 437 22.88 20.53 12.29
N GLN A 438 23.28 19.35 11.81
CA GLN A 438 24.54 18.69 12.18
C GLN A 438 24.71 18.42 13.68
N SER A 439 23.62 17.92 14.23
CA SER A 439 23.61 17.38 15.58
C SER A 439 23.00 16.00 15.42
N VAL A 440 23.50 15.02 16.18
CA VAL A 440 22.88 13.67 16.20
C VAL A 440 21.71 13.57 17.16
N ASP A 441 21.51 14.59 18.00
CA ASP A 441 20.47 14.52 19.04
C ASP A 441 19.08 14.20 18.53
N PRO A 442 18.70 14.73 17.33
CA PRO A 442 17.42 14.32 16.80
C PRO A 442 17.27 12.84 16.44
N VAL A 443 18.37 12.10 16.31
CA VAL A 443 18.23 10.64 16.05
C VAL A 443 17.56 9.89 17.21
N PHE A 444 17.66 10.44 18.41
CA PHE A 444 17.03 9.88 19.60
C PHE A 444 15.48 10.08 19.62
N GLN A 445 14.96 10.87 18.69
CA GLN A 445 13.53 10.93 18.43
C GLN A 445 13.22 10.17 17.14
N GLU A 446 14.02 10.38 16.10
CA GLU A 446 13.87 9.68 14.81
C GLU A 446 13.81 8.16 14.93
N LEU A 447 14.75 7.60 15.69
CA LEU A 447 14.84 6.13 15.83
C LEU A 447 14.46 5.65 17.22
N LEU A 448 13.64 6.45 17.89
CA LEU A 448 13.01 6.07 19.13
C LEU A 448 12.01 4.92 18.93
N TYR A 449 12.15 3.85 19.70
CA TYR A 449 11.09 2.85 19.77
C TYR A 449 9.94 3.48 20.57
N GLU B 14 -37.11 -29.98 35.81
CA GLU B 14 -37.99 -28.91 36.39
C GLU B 14 -37.89 -27.58 35.62
N PRO B 15 -39.03 -27.09 35.05
CA PRO B 15 -39.10 -25.71 34.51
C PRO B 15 -38.40 -24.67 35.39
N LEU B 16 -37.76 -23.67 34.78
CA LEU B 16 -37.21 -22.58 35.59
C LEU B 16 -38.32 -21.77 36.22
N THR B 17 -38.08 -21.33 37.45
CA THR B 17 -38.97 -20.39 38.15
C THR B 17 -38.23 -19.09 38.33
N ARG B 18 -38.96 -18.09 38.81
CA ARG B 18 -38.39 -16.78 39.17
C ARG B 18 -37.27 -16.89 40.20
N GLU B 19 -37.44 -17.80 41.15
CA GLU B 19 -36.45 -18.07 42.20
C GLU B 19 -35.15 -18.60 41.59
N ASP B 20 -35.24 -19.40 40.51
CA ASP B 20 -34.07 -19.83 39.75
C ASP B 20 -33.37 -18.68 39.04
N LEU B 21 -34.15 -17.73 38.53
CA LEU B 21 -33.60 -16.53 37.88
C LEU B 21 -32.83 -15.62 38.83
N ILE B 22 -33.35 -15.53 40.05
CA ILE B 22 -32.67 -14.80 41.13
C ILE B 22 -31.35 -15.47 41.53
N ALA B 23 -31.38 -16.80 41.66
CA ALA B 23 -30.21 -17.58 41.99
C ALA B 23 -29.16 -17.55 40.86
N TYR B 24 -29.61 -17.46 39.61
CA TYR B 24 -28.69 -17.29 38.48
C TYR B 24 -27.78 -16.08 38.67
N LEU B 25 -28.39 -14.94 38.99
CA LEU B 25 -27.64 -13.71 39.23
C LEU B 25 -26.72 -13.82 40.43
N ALA B 26 -27.26 -14.37 41.51
CA ALA B 26 -26.52 -14.55 42.73
C ALA B 26 -25.35 -15.53 42.59
N SER B 27 -25.43 -16.41 41.59
CA SER B 27 -24.34 -17.37 41.33
C SER B 27 -23.06 -16.68 40.85
N GLY B 28 -23.14 -15.40 40.50
CA GLY B 28 -21.95 -14.63 40.16
C GLY B 28 -21.09 -14.19 41.34
N CYS B 29 -21.61 -14.33 42.54
CA CYS B 29 -20.86 -13.96 43.73
C CYS B 29 -19.55 -14.71 43.80
N LYS B 30 -18.45 -13.97 43.96
CA LYS B 30 -17.16 -14.60 44.19
C LYS B 30 -16.31 -13.79 45.18
N SER B 31 -15.47 -14.51 45.91
CA SER B 31 -14.61 -13.91 46.94
C SER B 31 -13.60 -13.00 46.28
N LYS B 32 -13.13 -12.04 47.06
CA LYS B 32 -12.34 -10.92 46.54
C LYS B 32 -11.09 -11.38 45.81
N GLU B 33 -10.46 -12.46 46.26
CA GLU B 33 -9.25 -12.96 45.57
C GLU B 33 -9.54 -13.47 44.15
N LYS B 34 -10.80 -13.76 43.85
CA LYS B 34 -11.19 -14.24 42.53
C LYS B 34 -11.75 -13.12 41.63
N TRP B 35 -11.78 -11.88 42.13
CA TRP B 35 -12.36 -10.80 41.34
C TRP B 35 -11.44 -10.53 40.19
N ARG B 36 -12.05 -10.30 39.02
CA ARG B 36 -11.32 -10.02 37.79
C ARG B 36 -11.87 -8.77 37.12
N ILE B 37 -11.14 -8.35 36.10
CA ILE B 37 -11.46 -7.18 35.33
C ILE B 37 -11.64 -7.60 33.90
N GLY B 38 -12.82 -7.31 33.34
CA GLY B 38 -13.12 -7.60 31.95
C GLY B 38 -13.38 -6.30 31.22
N THR B 39 -12.71 -6.08 30.10
CA THR B 39 -12.78 -4.80 29.39
C THR B 39 -13.27 -5.04 27.96
N GLU B 40 -14.28 -4.26 27.52
CA GLU B 40 -14.76 -4.31 26.15
C GLU B 40 -14.65 -2.92 25.54
N HIS B 41 -14.32 -2.86 24.26
CA HIS B 41 -14.36 -1.59 23.55
C HIS B 41 -14.73 -1.84 22.10
N GLU B 42 -15.30 -0.80 21.47
CA GLU B 42 -15.71 -0.78 20.08
C GLU B 42 -14.94 0.34 19.34
N LYS B 43 -14.62 0.12 18.05
CA LYS B 43 -13.91 1.08 17.20
C LYS B 43 -14.60 1.18 15.84
N PHE B 44 -14.53 2.35 15.22
CA PHE B 44 -15.00 2.58 13.87
C PHE B 44 -13.88 2.29 12.87
N GLY B 45 -14.15 1.39 11.93
CA GLY B 45 -13.23 1.14 10.85
C GLY B 45 -13.56 2.01 9.67
N PHE B 46 -12.54 2.50 8.99
CA PHE B 46 -12.74 3.36 7.84
C PHE B 46 -11.65 3.17 6.78
N GLU B 47 -11.98 3.53 5.53
CA GLU B 47 -11.00 3.59 4.47
C GLU B 47 -10.15 4.85 4.63
N VAL B 48 -8.85 4.66 4.72
CA VAL B 48 -7.94 5.74 5.04
C VAL B 48 -8.02 6.89 4.02
N ASN B 49 -8.24 6.55 2.76
CA ASN B 49 -8.20 7.54 1.71
C ASN B 49 -9.53 8.27 1.49
N THR B 50 -10.65 7.56 1.56
CA THR B 50 -11.96 8.18 1.38
C THR B 50 -12.64 8.57 2.71
N LEU B 51 -12.14 8.01 3.82
CA LEU B 51 -12.75 8.14 5.17
C LEU B 51 -14.08 7.41 5.31
N ARG B 52 -14.47 6.66 4.27
CA ARG B 52 -15.75 5.97 4.25
C ARG B 52 -15.80 4.85 5.28
N PRO B 53 -16.98 4.54 5.82
CA PRO B 53 -17.03 3.45 6.76
C PRO B 53 -16.73 2.11 6.11
N MSE B 54 -16.03 1.29 6.85
CA MSE B 54 -15.67 -0.05 6.41
C MSE B 54 -16.93 -0.91 6.21
O MSE B 54 -17.83 -0.95 7.06
CB MSE B 54 -14.75 -0.65 7.46
CG MSE B 54 -14.50 -2.07 7.38
SE MSE B 54 -13.31 -2.44 8.88
CE MSE B 54 -14.55 -2.30 10.49
N LYS B 55 -17.01 -1.55 5.05
CA LYS B 55 -18.16 -2.38 4.68
C LYS B 55 -17.96 -3.84 5.09
N TYR B 56 -19.04 -4.62 5.06
CA TYR B 56 -18.99 -5.99 5.55
C TYR B 56 -17.96 -6.85 4.79
N ASP B 57 -17.87 -6.67 3.47
CA ASP B 57 -16.91 -7.44 2.68
C ASP B 57 -15.47 -7.22 3.13
N GLN B 58 -15.16 -6.00 3.55
CA GLN B 58 -13.85 -5.65 4.10
C GLN B 58 -13.69 -6.19 5.54
N ILE B 59 -14.76 -6.13 6.32
CA ILE B 59 -14.76 -6.73 7.67
C ILE B 59 -14.51 -8.26 7.62
N ALA B 60 -15.16 -8.95 6.69
CA ALA B 60 -14.99 -10.41 6.54
C ALA B 60 -13.53 -10.78 6.19
N GLU B 61 -12.92 -10.02 5.28
CA GLU B 61 -11.50 -10.20 4.96
C GLU B 61 -10.59 -9.94 6.14
N LEU B 62 -10.86 -8.87 6.90
CA LEU B 62 -10.14 -8.55 8.13
C LEU B 62 -10.21 -9.69 9.15
N LEU B 63 -11.43 -10.12 9.49
CA LEU B 63 -11.64 -11.23 10.44
C LEU B 63 -10.98 -12.54 9.99
N ASN B 64 -11.16 -12.92 8.73
CA ASN B 64 -10.50 -14.11 8.19
C ASN B 64 -8.96 -14.06 8.27
N SER B 65 -8.39 -12.89 8.01
CA SER B 65 -6.95 -12.70 8.07
C SER B 65 -6.41 -12.75 9.48
N ILE B 66 -7.13 -12.14 10.41
CA ILE B 66 -6.79 -12.20 11.82
C ILE B 66 -6.82 -13.64 12.34
N ALA B 67 -7.85 -14.40 11.97
CA ALA B 67 -8.05 -15.77 12.40
C ALA B 67 -6.90 -16.67 12.01
N GLU B 68 -6.48 -16.47 10.78
CA GLU B 68 -5.47 -17.24 10.11
C GLU B 68 -4.04 -16.93 10.61
N ARG B 69 -3.75 -15.65 10.77
CA ARG B 69 -2.43 -15.22 11.21
C ARG B 69 -2.23 -15.48 12.70
N PHE B 70 -3.24 -15.13 13.49
CA PHE B 70 -3.08 -15.02 14.93
C PHE B 70 -3.86 -16.08 15.70
N GLU B 71 -4.33 -17.10 15.00
CA GLU B 71 -4.97 -18.30 15.61
C GLU B 71 -6.22 -18.01 16.42
N TRP B 72 -7.26 -17.54 15.74
CA TRP B 72 -8.56 -17.29 16.33
C TRP B 72 -9.53 -18.26 15.68
N GLU B 73 -10.50 -18.73 16.46
CA GLU B 73 -11.59 -19.55 15.93
C GLU B 73 -12.65 -18.60 15.31
N LYS B 74 -13.14 -18.97 14.13
CA LYS B 74 -14.17 -18.20 13.42
C LYS B 74 -15.57 -18.40 13.97
N VAL B 75 -16.26 -17.29 14.20
CA VAL B 75 -17.66 -17.34 14.62
C VAL B 75 -18.50 -16.98 13.40
N MSE B 76 -19.45 -17.87 13.06
CA MSE B 76 -20.26 -17.75 11.85
C MSE B 76 -21.74 -17.52 12.21
O MSE B 76 -22.24 -18.04 13.19
CB MSE B 76 -20.17 -18.99 10.96
CG MSE B 76 -18.76 -19.56 10.72
SE MSE B 76 -17.59 -18.39 9.65
CE MSE B 76 -18.54 -18.50 7.86
N GLU B 77 -22.41 -16.73 11.39
CA GLU B 77 -23.87 -16.72 11.36
C GLU B 77 -24.27 -17.16 9.97
N GLY B 78 -24.75 -18.39 9.84
CA GLY B 78 -24.95 -19.01 8.53
C GLY B 78 -23.59 -19.14 7.87
N ASP B 79 -23.50 -18.64 6.64
CA ASP B 79 -22.22 -18.68 5.89
C ASP B 79 -21.44 -17.38 5.99
N LYS B 80 -21.83 -16.52 6.94
CA LYS B 80 -21.16 -15.22 7.15
C LYS B 80 -20.33 -15.27 8.42
N ILE B 81 -19.02 -14.99 8.30
CA ILE B 81 -18.19 -14.75 9.47
C ILE B 81 -18.59 -13.41 10.07
N ILE B 82 -18.85 -13.42 11.37
CA ILE B 82 -19.28 -12.22 12.10
C ILE B 82 -18.45 -11.95 13.34
N GLY B 83 -17.49 -12.81 13.62
CA GLY B 83 -16.63 -12.63 14.78
C GLY B 83 -15.55 -13.68 14.89
N LEU B 84 -14.81 -13.59 16.00
CA LEU B 84 -13.73 -14.51 16.32
C LEU B 84 -13.71 -14.79 17.83
N LYS B 85 -13.09 -15.90 18.18
CA LYS B 85 -12.99 -16.37 19.56
C LYS B 85 -11.56 -16.90 19.76
N GLN B 86 -10.96 -16.58 20.90
CA GLN B 86 -9.67 -17.17 21.29
C GLN B 86 -9.60 -17.17 22.81
N GLY B 87 -9.66 -18.35 23.42
CA GLY B 87 -9.75 -18.47 24.87
C GLY B 87 -11.00 -17.77 25.38
N LYS B 88 -10.78 -16.84 26.30
CA LYS B 88 -11.84 -16.05 26.89
C LYS B 88 -12.00 -14.69 26.23
N GLN B 89 -11.35 -14.47 25.10
CA GLN B 89 -11.52 -13.23 24.32
C GLN B 89 -12.41 -13.48 23.13
N SER B 90 -13.16 -12.45 22.75
CA SER B 90 -13.98 -12.44 21.55
C SER B 90 -13.76 -11.18 20.76
N ILE B 91 -13.89 -11.29 19.44
CA ILE B 91 -14.02 -10.14 18.58
C ILE B 91 -15.38 -10.25 17.91
N SER B 92 -16.17 -9.18 18.00
CA SER B 92 -17.50 -9.17 17.41
C SER B 92 -17.80 -7.89 16.63
N LEU B 93 -18.98 -7.86 16.00
CA LEU B 93 -19.44 -6.70 15.27
C LEU B 93 -20.69 -6.09 15.85
N GLU B 94 -20.68 -4.77 15.94
CA GLU B 94 -21.88 -4.00 16.28
C GLU B 94 -22.70 -3.80 15.01
N PRO B 95 -23.94 -3.30 15.14
CA PRO B 95 -24.83 -3.20 13.98
C PRO B 95 -24.30 -2.38 12.78
N GLY B 96 -23.46 -1.38 13.05
CA GLY B 96 -22.87 -0.56 12.00
C GLY B 96 -21.49 -0.98 11.54
N GLY B 97 -21.04 -2.16 11.98
CA GLY B 97 -19.69 -2.61 11.66
C GLY B 97 -18.64 -2.23 12.68
N GLN B 98 -19.03 -1.62 13.79
CA GLN B 98 -18.06 -1.25 14.83
C GLN B 98 -17.39 -2.52 15.32
N PHE B 99 -16.08 -2.42 15.50
CA PHE B 99 -15.22 -3.59 15.66
C PHE B 99 -14.87 -3.75 17.12
N GLU B 100 -15.39 -4.80 17.74
CA GLU B 100 -15.39 -4.92 19.19
C GLU B 100 -14.46 -6.02 19.72
N LEU B 101 -13.69 -5.69 20.75
CA LEU B 101 -12.97 -6.65 21.53
C LEU B 101 -13.66 -6.79 22.88
N SER B 102 -14.03 -8.01 23.25
CA SER B 102 -14.39 -8.36 24.64
C SER B 102 -13.25 -9.17 25.16
N GLY B 103 -12.50 -8.61 26.10
CA GLY B 103 -11.31 -9.25 26.60
C GLY B 103 -11.61 -10.27 27.65
N ALA B 104 -10.56 -10.95 28.08
CA ALA B 104 -10.63 -11.99 29.12
C ALA B 104 -10.75 -11.37 30.50
N PRO B 105 -11.19 -12.19 31.49
CA PRO B 105 -11.13 -11.74 32.90
C PRO B 105 -9.69 -11.69 33.36
N LEU B 106 -9.21 -10.50 33.65
CA LEU B 106 -7.80 -10.33 33.96
C LEU B 106 -7.66 -9.83 35.38
N GLU B 107 -6.52 -10.13 35.98
CA GLU B 107 -6.24 -9.80 37.39
C GLU B 107 -5.75 -8.34 37.60
N THR B 108 -4.93 -7.84 36.69
CA THR B 108 -4.42 -6.46 36.80
C THR B 108 -4.66 -5.64 35.55
N LEU B 109 -4.60 -4.32 35.70
CA LEU B 109 -4.76 -3.41 34.57
C LEU B 109 -3.50 -3.37 33.69
N HIS B 110 -2.35 -3.84 34.19
CA HIS B 110 -1.20 -4.05 33.31
C HIS B 110 -1.54 -5.11 32.24
N GLN B 111 -2.16 -6.19 32.66
CA GLN B 111 -2.60 -7.22 31.75
C GLN B 111 -3.67 -6.69 30.80
N THR B 112 -4.59 -5.89 31.35
CA THR B 112 -5.65 -5.25 30.55
C THR B 112 -5.08 -4.46 29.37
N CYS B 113 -4.14 -3.58 29.67
CA CYS B 113 -3.61 -2.70 28.67
C CYS B 113 -2.74 -3.45 27.65
N ALA B 114 -2.06 -4.51 28.09
CA ALA B 114 -1.31 -5.34 27.18
C ALA B 114 -2.26 -6.11 26.26
N GLU B 115 -3.42 -6.49 26.80
CA GLU B 115 -4.46 -7.14 26.02
C GLU B 115 -4.95 -6.21 24.93
N VAL B 116 -5.24 -4.96 25.30
CA VAL B 116 -5.64 -3.92 24.35
C VAL B 116 -4.60 -3.75 23.26
N ASN B 117 -3.34 -3.58 23.68
CA ASN B 117 -2.26 -3.41 22.73
C ASN B 117 -2.10 -4.58 21.75
N SER B 118 -2.21 -5.81 22.25
CA SER B 118 -2.10 -6.98 21.41
C SER B 118 -3.18 -6.95 20.33
N HIS B 119 -4.40 -6.57 20.71
CA HIS B 119 -5.53 -6.49 19.76
C HIS B 119 -5.28 -5.44 18.68
N LEU B 120 -4.87 -4.24 19.12
CA LEU B 120 -4.64 -3.11 18.23
C LEU B 120 -3.54 -3.47 17.25
N TYR B 121 -2.51 -4.18 17.72
CA TYR B 121 -1.41 -4.60 16.85
C TYR B 121 -1.95 -5.57 15.78
N GLN B 122 -2.70 -6.57 16.20
CA GLN B 122 -3.21 -7.59 15.25
C GLN B 122 -4.12 -6.98 14.18
N VAL B 123 -5.00 -6.09 14.65
CA VAL B 123 -5.93 -5.45 13.75
C VAL B 123 -5.21 -4.58 12.74
N LYS B 124 -4.27 -3.77 13.22
CA LYS B 124 -3.49 -2.87 12.38
C LYS B 124 -2.55 -3.62 11.42
N ALA B 125 -2.00 -4.74 11.88
CA ALA B 125 -1.13 -5.59 11.08
C ALA B 125 -1.86 -6.10 9.82
N VAL B 126 -3.15 -6.35 9.92
CA VAL B 126 -3.96 -6.80 8.77
C VAL B 126 -4.55 -5.59 8.01
N ALA B 127 -5.11 -4.65 8.76
CA ALA B 127 -5.84 -3.52 8.18
C ALA B 127 -4.97 -2.53 7.38
N GLU B 128 -3.69 -2.38 7.75
CA GLU B 128 -2.77 -1.51 7.00
C GLU B 128 -2.62 -1.91 5.55
N GLU B 129 -2.50 -3.20 5.28
CA GLU B 129 -2.35 -3.70 3.91
C GLU B 129 -3.65 -3.49 3.11
N MSE B 130 -4.78 -3.40 3.82
CA MSE B 130 -6.09 -3.21 3.19
C MSE B 130 -6.49 -1.75 3.04
O MSE B 130 -7.57 -1.48 2.52
CB MSE B 130 -7.16 -3.88 4.02
CG MSE B 130 -6.95 -5.34 4.26
SE MSE B 130 -8.38 -5.96 5.49
CE MSE B 130 -9.90 -5.68 4.14
N GLY B 131 -5.65 -0.82 3.49
CA GLY B 131 -5.99 0.60 3.46
C GLY B 131 -7.08 0.98 4.45
N ILE B 132 -7.16 0.27 5.56
CA ILE B 132 -8.20 0.51 6.57
C ILE B 132 -7.53 1.08 7.82
N GLY B 133 -8.20 2.07 8.42
CA GLY B 133 -7.86 2.57 9.75
C GLY B 133 -9.00 2.44 10.73
N PHE B 134 -8.68 2.63 12.01
CA PHE B 134 -9.69 2.60 13.06
C PHE B 134 -9.66 3.86 13.87
N LEU B 135 -10.85 4.37 14.16
CA LEU B 135 -11.07 5.64 14.85
C LEU B 135 -11.67 5.37 16.24
N GLY B 136 -11.08 5.99 17.26
CA GLY B 136 -11.50 5.89 18.66
C GLY B 136 -12.26 7.12 19.12
N MSE B 137 -13.58 7.09 18.89
CA MSE B 137 -14.51 8.15 19.26
C MSE B 137 -15.83 7.55 19.71
O MSE B 137 -16.08 6.40 19.51
CB MSE B 137 -14.82 9.02 18.04
CG MSE B 137 -13.84 10.10 17.84
SE MSE B 137 -14.54 11.23 16.47
CE MSE B 137 -15.25 12.57 17.61
N GLY B 138 -16.69 8.37 20.29
CA GLY B 138 -17.97 7.89 20.80
C GLY B 138 -19.06 7.94 19.79
N PHE B 139 -18.93 8.81 18.79
CA PHE B 139 -19.96 8.97 17.77
C PHE B 139 -19.26 9.22 16.43
N GLN B 140 -19.76 8.54 15.40
CA GLN B 140 -19.26 8.69 14.04
C GLN B 140 -19.35 10.18 13.62
N PRO B 141 -18.21 10.83 13.40
CA PRO B 141 -18.21 12.30 13.25
C PRO B 141 -18.55 12.86 11.87
N LYS B 142 -18.58 12.02 10.84
CA LYS B 142 -18.69 12.49 9.43
C LYS B 142 -19.97 12.05 8.70
N TRP B 143 -20.36 10.79 8.88
CA TRP B 143 -21.32 10.15 7.99
C TRP B 143 -22.72 10.15 8.60
N ARG B 144 -23.72 10.16 7.72
CA ARG B 144 -25.12 10.04 8.10
C ARG B 144 -25.47 8.62 8.43
N ARG B 145 -26.62 8.45 9.06
CA ARG B 145 -27.12 7.14 9.44
C ARG B 145 -27.27 6.22 8.24
N GLU B 146 -27.77 6.78 7.13
CA GLU B 146 -27.96 5.96 5.92
C GLU B 146 -26.67 5.60 5.19
N ASP B 147 -25.57 6.24 5.58
CA ASP B 147 -24.27 5.96 5.00
C ASP B 147 -23.59 4.76 5.65
N ILE B 148 -24.11 4.30 6.78
CA ILE B 148 -23.46 3.27 7.57
C ILE B 148 -23.87 1.90 7.05
N PRO B 149 -22.88 1.04 6.70
CA PRO B 149 -23.25 -0.34 6.31
C PRO B 149 -23.87 -1.09 7.47
N THR B 150 -24.83 -1.97 7.17
CA THR B 150 -25.43 -2.82 8.21
C THR B 150 -24.88 -4.27 8.12
N MSE B 151 -24.73 -4.88 9.29
CA MSE B 151 -24.14 -6.19 9.41
C MSE B 151 -25.19 -7.27 9.15
O MSE B 151 -26.38 -7.11 9.51
CB MSE B 151 -23.54 -6.33 10.80
CG MSE B 151 -22.41 -5.34 11.04
SE MSE B 151 -21.05 -5.39 9.58
CE MSE B 151 -21.40 -3.73 8.47
N PRO B 152 -24.78 -8.39 8.54
CA PRO B 152 -25.71 -9.44 8.18
C PRO B 152 -26.04 -10.32 9.38
N LYS B 153 -26.66 -9.72 10.40
CA LYS B 153 -26.93 -10.38 11.68
C LYS B 153 -28.40 -10.25 12.05
N GLY B 154 -29.07 -11.40 12.09
CA GLY B 154 -30.50 -11.53 12.35
C GLY B 154 -31.01 -10.84 13.58
N ARG B 155 -30.24 -10.82 14.66
CA ARG B 155 -30.72 -10.17 15.89
C ARG B 155 -30.78 -8.65 15.70
N TYR B 156 -29.87 -8.10 14.92
CA TYR B 156 -29.85 -6.65 14.63
C TYR B 156 -30.95 -6.24 13.66
N ASP B 157 -31.36 -7.14 12.78
CA ASP B 157 -32.51 -6.87 11.92
C ASP B 157 -33.80 -6.67 12.76
N ILE B 158 -33.98 -7.54 13.74
CA ILE B 158 -35.12 -7.47 14.66
C ILE B 158 -35.11 -6.14 15.44
N MSE B 159 -33.93 -5.81 15.99
CA MSE B 159 -33.75 -4.56 16.74
C MSE B 159 -33.97 -3.31 15.89
O MSE B 159 -34.65 -2.37 16.33
CB MSE B 159 -32.35 -4.51 17.33
CG MSE B 159 -32.15 -5.43 18.48
SE MSE B 159 -30.30 -5.36 19.17
CE MSE B 159 -30.36 -3.50 19.94
N ARG B 160 -33.41 -3.30 14.68
CA ARG B 160 -33.57 -2.15 13.78
C ARG B 160 -35.04 -1.86 13.50
N ASN B 161 -35.83 -2.92 13.34
CA ASN B 161 -37.27 -2.78 13.07
C ASN B 161 -38.03 -2.26 14.29
N TYR B 162 -37.53 -2.58 15.48
CA TYR B 162 -38.19 -2.20 16.73
C TYR B 162 -37.87 -0.78 17.17
N MSE B 163 -36.62 -0.37 16.97
CA MSE B 163 -36.15 0.91 17.52
C MSE B 163 -37.04 2.12 17.25
O MSE B 163 -37.28 2.88 18.17
CB MSE B 163 -34.73 1.23 17.05
CG MSE B 163 -33.67 0.47 17.73
SE MSE B 163 -33.58 0.74 19.65
CE MSE B 163 -32.10 -0.68 20.02
N PRO B 164 -37.49 2.31 15.98
CA PRO B 164 -38.40 3.42 15.68
C PRO B 164 -39.70 3.44 16.49
N LYS B 165 -40.11 2.30 17.03
CA LYS B 165 -41.34 2.20 17.81
C LYS B 165 -41.19 2.76 19.23
N VAL B 166 -39.95 2.85 19.72
CA VAL B 166 -39.67 3.21 21.13
C VAL B 166 -38.76 4.43 21.34
N GLY B 167 -38.32 5.06 20.26
CA GLY B 167 -37.46 6.20 20.35
C GLY B 167 -37.01 6.69 18.99
N SER B 168 -36.40 7.86 18.94
CA SER B 168 -35.97 8.43 17.68
C SER B 168 -34.48 8.29 17.44
N LEU B 169 -33.71 7.90 18.47
CA LEU B 169 -32.26 7.82 18.37
C LEU B 169 -31.66 6.44 18.58
N GLY B 170 -32.48 5.41 18.72
CA GLY B 170 -31.96 4.06 18.96
C GLY B 170 -31.20 3.47 17.79
N LEU B 171 -31.60 3.83 16.58
CA LEU B 171 -30.85 3.41 15.38
C LEU B 171 -29.46 4.04 15.34
N ASP B 172 -29.33 5.26 15.85
CA ASP B 172 -28.01 5.91 15.97
C ASP B 172 -27.15 5.25 17.00
N MSE B 173 -27.77 4.86 18.13
CA MSE B 173 -27.08 4.02 19.10
C MSE B 173 -26.47 2.82 18.40
O MSE B 173 -25.26 2.57 18.56
CB MSE B 173 -28.02 3.58 20.22
CG MSE B 173 -27.36 2.79 21.34
SE MSE B 173 -27.30 0.85 20.95
CE MSE B 173 -29.25 0.44 21.16
N MSE B 174 -27.29 2.12 17.63
CA MSE B 174 -26.88 0.86 16.98
C MSE B 174 -25.79 1.04 15.92
O MSE B 174 -24.86 0.24 15.84
CB MSE B 174 -28.09 0.16 16.36
CG MSE B 174 -29.09 -0.38 17.38
SE MSE B 174 -30.57 -1.21 16.45
CE MSE B 174 -29.56 -2.90 15.75
N LEU B 175 -25.91 2.09 15.12
CA LEU B 175 -25.10 2.25 13.93
C LEU B 175 -23.93 3.22 14.07
N ARG B 176 -24.01 4.16 15.00
CA ARG B 176 -23.05 5.26 15.01
C ARG B 176 -22.35 5.59 16.35
N THR B 177 -22.50 4.72 17.34
CA THR B 177 -21.85 4.92 18.64
C THR B 177 -20.76 3.87 18.93
N CYS B 178 -19.74 4.26 19.69
CA CYS B 178 -18.76 3.34 20.24
C CYS B 178 -18.52 3.64 21.74
N THR B 179 -18.37 2.57 22.51
CA THR B 179 -18.19 2.63 23.94
C THR B 179 -16.91 1.92 24.34
N VAL B 180 -16.39 2.28 25.53
CA VAL B 180 -15.48 1.43 26.29
C VAL B 180 -16.15 1.11 27.63
N GLN B 181 -16.24 -0.17 27.96
CA GLN B 181 -16.87 -0.57 29.17
C GLN B 181 -16.01 -1.53 29.97
N VAL B 182 -16.34 -1.66 31.25
CA VAL B 182 -15.66 -2.58 32.14
C VAL B 182 -16.67 -3.45 32.91
N ASN B 183 -16.30 -4.71 33.07
CA ASN B 183 -17.08 -5.71 33.79
C ASN B 183 -16.33 -6.05 35.05
N LEU B 184 -17.03 -6.05 36.19
CA LEU B 184 -16.42 -6.26 37.51
C LEU B 184 -17.28 -7.17 38.35
N ASP B 185 -16.68 -7.77 39.37
CA ASP B 185 -17.37 -8.79 40.18
C ASP B 185 -17.82 -8.25 41.53
N PHE B 186 -18.73 -9.01 42.15
CA PHE B 186 -19.23 -8.75 43.52
C PHE B 186 -19.12 -10.04 44.35
N SER B 187 -19.07 -9.88 45.67
CA SER B 187 -18.84 -11.00 46.59
C SER B 187 -20.08 -11.45 47.34
N SER B 188 -21.10 -10.61 47.37
CA SER B 188 -22.34 -10.88 48.09
C SER B 188 -23.43 -9.96 47.56
N GLU B 189 -24.66 -10.17 48.01
CA GLU B 189 -25.75 -9.27 47.64
C GLU B 189 -25.48 -7.87 48.16
N ALA B 190 -25.03 -7.77 49.41
CA ALA B 190 -24.70 -6.47 50.01
C ALA B 190 -23.65 -5.71 49.20
N ASP B 191 -22.61 -6.43 48.79
CA ASP B 191 -21.51 -5.86 48.03
C ASP B 191 -21.99 -5.45 46.63
N MSE B 192 -22.82 -6.29 46.01
CA MSE B 192 -23.45 -5.96 44.74
C MSE B 192 -24.26 -4.66 44.83
O MSE B 192 -24.14 -3.78 43.98
CB MSE B 192 -24.30 -7.14 44.25
CG MSE B 192 -24.98 -6.90 42.92
SE MSE B 192 -26.62 -5.74 43.05
CE MSE B 192 -27.78 -7.03 44.00
N ILE B 193 -25.10 -4.55 45.86
CA ILE B 193 -25.94 -3.35 46.05
C ILE B 193 -25.12 -2.07 46.15
N ARG B 194 -24.08 -2.13 46.97
CA ARG B 194 -23.17 -1.00 47.18
C ARG B 194 -22.42 -0.61 45.91
N LYS B 195 -21.92 -1.59 45.17
CA LYS B 195 -21.24 -1.33 43.90
C LYS B 195 -22.19 -0.78 42.81
N PHE B 196 -23.42 -1.28 42.79
CA PHE B 196 -24.45 -0.80 41.85
C PHE B 196 -24.75 0.67 42.12
N ARG B 197 -24.92 1.03 43.38
CA ARG B 197 -25.22 2.40 43.78
C ARG B 197 -24.08 3.37 43.53
N ALA B 198 -22.86 2.93 43.83
CA ALA B 198 -21.68 3.72 43.56
C ALA B 198 -21.52 3.90 42.05
N GLY B 199 -21.73 2.81 41.30
CA GLY B 199 -21.65 2.83 39.85
C GLY B 199 -22.64 3.77 39.19
N LEU B 200 -23.90 3.66 39.59
CA LEU B 200 -24.94 4.50 39.02
C LEU B 200 -24.74 5.98 39.37
N ALA B 201 -24.55 6.29 40.64
CA ALA B 201 -24.30 7.66 41.07
C ALA B 201 -23.12 8.33 40.35
N LEU B 202 -22.02 7.60 40.19
CA LEU B 202 -20.82 8.18 39.58
C LEU B 202 -20.75 8.06 38.06
N GLN B 203 -21.73 7.39 37.44
CA GLN B 203 -21.67 7.17 35.98
C GLN B 203 -21.60 8.47 35.17
N PRO B 204 -22.39 9.50 35.56
CA PRO B 204 -22.27 10.78 34.83
C PRO B 204 -20.88 11.43 34.91
N ILE B 205 -20.14 11.17 35.98
CA ILE B 205 -18.75 11.62 36.08
C ILE B 205 -17.85 10.90 35.07
N ALA B 206 -17.98 9.57 34.99
CA ALA B 206 -17.28 8.80 33.97
C ALA B 206 -17.64 9.30 32.56
N THR B 207 -18.92 9.52 32.31
CA THR B 207 -19.36 10.06 31.02
C THR B 207 -18.69 11.39 30.70
N ALA B 208 -18.60 12.29 31.68
CA ALA B 208 -17.94 13.60 31.46
C ALA B 208 -16.42 13.42 31.22
N LEU B 209 -15.74 12.62 32.02
CA LEU B 209 -14.29 12.42 31.86
C LEU B 209 -13.88 11.86 30.48
N PHE B 210 -14.75 11.01 29.95
CA PHE B 210 -14.47 10.28 28.71
C PHE B 210 -15.23 10.82 27.50
N ALA B 211 -15.96 11.93 27.69
CA ALA B 211 -16.78 12.57 26.66
C ALA B 211 -15.95 12.87 25.42
N ASN B 212 -16.41 12.34 24.28
CA ASN B 212 -15.62 12.28 23.07
C ASN B 212 -16.48 12.10 21.82
N SER B 213 -17.59 12.84 21.75
CA SER B 213 -18.51 12.77 20.61
C SER B 213 -19.20 14.11 20.33
N PRO B 214 -18.41 15.14 19.95
CA PRO B 214 -18.90 16.46 19.69
C PRO B 214 -19.28 16.77 18.25
N PHE B 215 -19.10 15.81 17.34
CA PHE B 215 -19.34 16.02 15.91
C PHE B 215 -20.44 15.13 15.36
N THR B 216 -21.28 15.70 14.51
CA THR B 216 -22.24 14.95 13.72
C THR B 216 -22.20 15.49 12.30
N GLU B 217 -22.08 14.59 11.33
CA GLU B 217 -22.14 14.96 9.92
C GLU B 217 -21.23 16.14 9.61
N GLY B 218 -20.00 16.06 10.13
CA GLY B 218 -18.94 17.00 9.79
C GLY B 218 -18.99 18.36 10.48
N LYS B 219 -19.85 18.50 11.48
CA LYS B 219 -20.02 19.75 12.18
C LYS B 219 -20.22 19.48 13.67
N PRO B 220 -19.94 20.50 14.50
CA PRO B 220 -20.29 20.39 15.91
C PRO B 220 -21.81 20.17 16.09
N ASN B 221 -22.17 19.20 16.93
CA ASN B 221 -23.57 18.87 17.20
C ASN B 221 -24.14 19.53 18.48
N GLY B 222 -23.32 20.35 19.16
CA GLY B 222 -23.73 21.08 20.36
C GLY B 222 -23.58 20.29 21.64
N PHE B 223 -23.11 19.05 21.52
CA PHE B 223 -22.88 18.19 22.67
C PHE B 223 -21.40 17.95 22.86
N LEU B 224 -21.03 17.48 24.04
CA LEU B 224 -19.71 16.92 24.30
C LEU B 224 -19.76 15.38 24.17
N SER B 225 -20.80 14.75 24.69
CA SER B 225 -21.11 13.34 24.40
C SER B 225 -22.50 13.19 23.79
N MSE B 226 -22.59 13.34 22.49
CA MSE B 226 -23.77 13.01 21.73
C MSE B 226 -24.16 11.53 21.96
O MSE B 226 -25.33 11.19 22.02
CB MSE B 226 -23.49 13.24 20.24
CG MSE B 226 -24.64 12.89 19.34
SE MSE B 226 -26.28 13.80 19.89
CE MSE B 226 -26.30 15.43 18.77
N ARG B 227 -23.17 10.65 22.06
CA ARG B 227 -23.40 9.24 22.37
C ARG B 227 -24.23 9.06 23.63
N SER B 228 -23.85 9.76 24.71
CA SER B 228 -24.60 9.71 25.96
C SER B 228 -26.04 10.21 25.79
N HIS B 229 -26.19 11.30 25.06
CA HIS B 229 -27.50 11.87 24.77
C HIS B 229 -28.39 10.89 24.02
N ILE B 230 -27.80 10.21 23.05
CA ILE B 230 -28.50 9.21 22.25
C ILE B 230 -29.16 8.14 23.11
N TRP B 231 -28.47 7.74 24.15
CA TRP B 231 -29.00 6.76 25.09
C TRP B 231 -30.22 7.26 25.93
N THR B 232 -30.53 8.55 25.87
CA THR B 232 -31.73 9.11 26.51
C THR B 232 -32.97 9.08 25.61
N ASP B 233 -32.81 8.77 24.33
CA ASP B 233 -33.94 8.62 23.42
C ASP B 233 -33.79 7.35 22.54
N THR B 234 -33.46 6.24 23.19
CA THR B 234 -33.31 4.94 22.55
C THR B 234 -34.53 4.04 22.86
N ASP B 235 -34.77 3.84 24.15
CA ASP B 235 -35.86 3.04 24.66
C ASP B 235 -35.93 3.23 26.16
N LYS B 236 -36.98 3.89 26.62
CA LYS B 236 -37.14 4.23 28.05
C LYS B 236 -37.33 2.97 28.92
N ASP B 237 -37.83 1.88 28.33
CA ASP B 237 -38.08 0.61 29.05
C ASP B 237 -36.81 -0.08 29.54
N ARG B 238 -35.66 0.21 28.93
CA ARG B 238 -34.44 -0.55 29.23
C ARG B 238 -33.18 0.28 29.43
N THR B 239 -33.34 1.57 29.71
CA THR B 239 -32.20 2.47 29.87
C THR B 239 -32.29 3.26 31.18
N GLY B 240 -31.23 3.99 31.49
CA GLY B 240 -31.30 5.02 32.50
C GLY B 240 -30.56 4.75 33.80
N MSE B 241 -30.93 5.53 34.81
CA MSE B 241 -30.25 5.59 36.11
C MSE B 241 -30.87 4.73 37.19
O MSE B 241 -30.49 4.82 38.36
CB MSE B 241 -30.23 7.05 36.58
CG MSE B 241 -29.35 7.97 35.74
SE MSE B 241 -27.40 7.61 35.96
CE MSE B 241 -27.21 8.42 37.78
N LEU B 242 -31.87 3.91 36.81
CA LEU B 242 -32.47 2.91 37.69
C LEU B 242 -32.65 3.37 39.13
N PRO B 243 -33.60 4.29 39.38
CA PRO B 243 -33.76 4.83 40.73
C PRO B 243 -34.15 3.81 41.80
N PHE B 244 -34.82 2.71 41.39
CA PHE B 244 -35.25 1.66 42.32
C PHE B 244 -34.05 0.98 42.94
N VAL B 245 -32.88 1.08 42.30
CA VAL B 245 -31.66 0.51 42.84
C VAL B 245 -31.33 1.17 44.19
N PHE B 246 -31.74 2.42 44.36
CA PHE B 246 -31.50 3.16 45.60
C PHE B 246 -32.59 3.00 46.66
N ASP B 247 -33.67 2.26 46.35
CA ASP B 247 -34.69 1.91 47.34
C ASP B 247 -34.13 0.91 48.34
N ASP B 248 -34.63 0.97 49.57
CA ASP B 248 -34.27 0.00 50.64
C ASP B 248 -34.51 -1.45 50.25
N SER B 249 -35.56 -1.66 49.45
CA SER B 249 -36.00 -2.96 48.99
C SER B 249 -35.04 -3.65 48.04
N PHE B 250 -34.12 -2.89 47.47
CA PHE B 250 -33.31 -3.39 46.38
C PHE B 250 -32.38 -4.59 46.72
N GLY B 251 -32.31 -5.52 45.77
CA GLY B 251 -31.43 -6.69 45.85
C GLY B 251 -31.67 -7.46 44.56
N PHE B 252 -31.14 -8.69 44.48
CA PHE B 252 -31.24 -9.51 43.27
C PHE B 252 -32.72 -9.69 42.81
N GLU B 253 -33.59 -9.91 43.77
CA GLU B 253 -35.03 -10.13 43.53
C GLU B 253 -35.67 -8.96 42.80
N GLN B 254 -35.41 -7.74 43.29
CA GLN B 254 -35.97 -6.53 42.67
C GLN B 254 -35.47 -6.31 41.23
N TYR B 255 -34.20 -6.62 40.97
CA TYR B 255 -33.64 -6.50 39.64
C TYR B 255 -34.24 -7.53 38.69
N VAL B 256 -34.45 -8.75 39.19
CA VAL B 256 -35.10 -9.80 38.42
C VAL B 256 -36.50 -9.37 37.96
N ASP B 257 -37.29 -8.80 38.87
CA ASP B 257 -38.63 -8.31 38.55
C ASP B 257 -38.58 -7.23 37.45
N TYR B 258 -37.70 -6.27 37.64
CA TYR B 258 -37.41 -5.26 36.64
C TYR B 258 -37.14 -5.87 35.26
N ALA B 259 -36.18 -6.80 35.20
CA ALA B 259 -35.80 -7.47 33.96
C ALA B 259 -36.94 -8.32 33.36
N LEU B 260 -37.70 -9.02 34.20
CA LEU B 260 -38.87 -9.79 33.77
C LEU B 260 -39.95 -8.95 33.08
N ASP B 261 -40.03 -7.68 33.45
CA ASP B 261 -40.97 -6.74 32.86
C ASP B 261 -40.41 -5.90 31.69
N VAL B 262 -39.09 -5.95 31.46
CA VAL B 262 -38.53 -5.33 30.28
C VAL B 262 -38.93 -6.20 29.08
N PRO B 263 -39.61 -5.60 28.07
CA PRO B 263 -39.98 -6.38 26.89
C PRO B 263 -38.78 -7.08 26.18
N MSE B 264 -39.04 -8.24 25.61
CA MSE B 264 -38.01 -9.01 24.94
C MSE B 264 -37.73 -8.45 23.55
O MSE B 264 -38.54 -7.72 22.98
CB MSE B 264 -38.49 -10.45 24.84
CG MSE B 264 -38.61 -11.10 26.18
SE MSE B 264 -39.02 -12.99 26.01
CE MSE B 264 -40.64 -12.82 25.49
N TYR B 265 -36.56 -8.84 23.02
CA TYR B 265 -36.23 -8.59 21.64
C TYR B 265 -36.46 -9.85 20.79
N PHE B 266 -35.95 -10.98 21.28
CA PHE B 266 -35.90 -12.20 20.50
C PHE B 266 -35.64 -13.42 21.40
N ALA B 267 -35.73 -14.61 20.80
CA ALA B 267 -35.29 -15.83 21.41
C ALA B 267 -34.52 -16.60 20.33
N TYR B 268 -33.46 -17.28 20.74
CA TYR B 268 -32.62 -18.00 19.82
C TYR B 268 -32.99 -19.50 19.79
N ARG B 269 -33.48 -19.99 18.64
CA ARG B 269 -33.86 -21.40 18.46
C ARG B 269 -33.54 -21.84 17.05
N ASN B 270 -33.06 -23.07 16.91
CA ASN B 270 -32.83 -23.69 15.59
C ASN B 270 -31.93 -22.85 14.73
N GLY B 271 -30.87 -22.35 15.32
CA GLY B 271 -29.88 -21.59 14.61
C GLY B 271 -30.32 -20.21 14.19
N LYS B 272 -31.51 -19.74 14.64
CA LYS B 272 -31.91 -18.37 14.33
C LYS B 272 -32.62 -17.64 15.46
N TYR B 273 -32.74 -16.32 15.26
CA TYR B 273 -33.41 -15.41 16.19
C TYR B 273 -34.82 -15.25 15.78
N VAL B 274 -35.73 -15.53 16.71
CA VAL B 274 -37.16 -15.30 16.53
C VAL B 274 -37.46 -13.95 17.15
N ASP B 275 -38.28 -13.17 16.45
CA ASP B 275 -38.74 -11.85 16.89
C ASP B 275 -39.80 -12.00 17.97
N CYS B 276 -39.42 -11.60 19.18
CA CYS B 276 -40.30 -11.61 20.35
C CYS B 276 -40.58 -10.21 20.90
N THR B 277 -40.52 -9.21 20.03
CA THR B 277 -40.76 -7.84 20.47
C THR B 277 -42.21 -7.67 20.93
N GLY B 278 -42.39 -6.84 21.96
CA GLY B 278 -43.71 -6.66 22.55
C GLY B 278 -44.16 -7.81 23.44
N MSE B 279 -43.24 -8.72 23.78
CA MSE B 279 -43.54 -9.84 24.65
C MSE B 279 -42.60 -9.78 25.85
O MSE B 279 -41.60 -9.08 25.81
CB MSE B 279 -43.37 -11.16 23.85
CG MSE B 279 -44.18 -11.24 22.52
SE MSE B 279 -43.66 -12.71 21.21
CE MSE B 279 -44.82 -12.20 19.66
N THR B 280 -42.94 -10.49 26.93
CA THR B 280 -42.17 -10.45 28.17
C THR B 280 -41.63 -11.81 28.58
N PHE B 281 -40.51 -11.79 29.31
CA PHE B 281 -39.91 -13.02 29.78
C PHE B 281 -40.83 -13.78 30.73
N ARG B 282 -41.69 -13.03 31.41
CA ARG B 282 -42.75 -13.59 32.24
C ARG B 282 -43.68 -14.53 31.45
N GLN B 283 -44.08 -14.08 30.26
CA GLN B 283 -44.83 -14.94 29.35
C GLN B 283 -44.01 -16.19 28.99
N PHE B 284 -42.75 -16.00 28.65
CA PHE B 284 -41.84 -17.10 28.34
C PHE B 284 -41.80 -18.14 29.45
N LEU B 285 -41.62 -17.68 30.69
CA LEU B 285 -41.54 -18.60 31.85
C LEU B 285 -42.76 -19.51 31.95
N ALA B 286 -43.92 -18.96 31.62
CA ALA B 286 -45.19 -19.70 31.67
C ALA B 286 -45.47 -20.50 30.40
N GLY B 287 -44.59 -20.45 29.40
CA GLY B 287 -44.83 -21.16 28.15
C GLY B 287 -45.87 -20.50 27.25
N LYS B 288 -46.03 -19.19 27.37
CA LYS B 288 -47.10 -18.48 26.68
C LYS B 288 -46.55 -17.35 25.79
N LEU B 289 -45.32 -17.51 25.31
CA LEU B 289 -44.73 -16.61 24.33
C LEU B 289 -45.29 -16.85 22.94
N PRO B 290 -46.05 -15.89 22.40
CA PRO B 290 -46.57 -16.07 21.03
C PRO B 290 -45.50 -16.43 19.97
N CYS B 291 -44.27 -15.92 20.12
CA CYS B 291 -43.15 -16.21 19.19
C CYS B 291 -42.63 -17.66 19.30
N LEU B 292 -42.81 -18.27 20.47
CA LEU B 292 -42.40 -19.67 20.74
C LEU B 292 -43.40 -20.41 21.60
N PRO B 293 -44.59 -20.67 21.06
CA PRO B 293 -45.70 -21.07 21.90
C PRO B 293 -45.42 -22.42 22.59
N GLY B 294 -45.65 -22.47 23.89
CA GLY B 294 -45.47 -23.70 24.64
C GLY B 294 -44.04 -23.93 25.08
N GLU B 295 -43.10 -23.13 24.57
CA GLU B 295 -41.68 -23.34 24.91
C GLU B 295 -41.36 -22.70 26.26
N LEU B 296 -40.51 -23.41 27.01
CA LEU B 296 -40.03 -22.96 28.29
C LEU B 296 -38.57 -22.52 28.21
N PRO B 297 -38.18 -21.47 28.97
CA PRO B 297 -36.84 -20.89 28.87
C PRO B 297 -35.73 -21.68 29.56
N THR B 298 -34.52 -21.57 29.02
CA THR B 298 -33.29 -22.04 29.67
C THR B 298 -32.56 -20.88 30.34
N TYR B 299 -31.52 -21.18 31.08
CA TYR B 299 -30.64 -20.12 31.65
C TYR B 299 -29.96 -19.30 30.54
N ASN B 300 -29.67 -19.92 29.39
CA ASN B 300 -29.12 -19.19 28.26
C ASN B 300 -30.10 -18.12 27.69
N ASP B 301 -31.39 -18.48 27.64
CA ASP B 301 -32.45 -17.56 27.28
C ASP B 301 -32.53 -16.38 28.21
N TRP B 302 -32.38 -16.67 29.50
CA TRP B 302 -32.36 -15.63 30.54
C TRP B 302 -31.15 -14.71 30.44
N GLU B 303 -29.95 -15.28 30.25
CA GLU B 303 -28.74 -14.51 29.92
C GLU B 303 -28.96 -13.63 28.70
N ASN B 304 -29.44 -14.20 27.58
CA ASN B 304 -29.66 -13.41 26.36
C ASN B 304 -30.57 -12.25 26.61
N HIS B 305 -31.62 -12.48 27.42
CA HIS B 305 -32.57 -11.42 27.74
C HIS B 305 -31.92 -10.29 28.58
N LEU B 306 -31.14 -10.70 29.58
CA LEU B 306 -30.42 -9.77 30.43
C LEU B 306 -29.45 -8.91 29.64
N THR B 307 -28.98 -9.42 28.51
CA THR B 307 -28.06 -8.72 27.63
C THR B 307 -28.77 -7.73 26.69
N THR B 308 -30.09 -7.69 26.72
CA THR B 308 -30.86 -6.71 25.93
C THR B 308 -31.34 -5.54 26.79
N ILE B 309 -30.88 -5.47 28.03
CA ILE B 309 -31.21 -4.39 28.94
C ILE B 309 -29.99 -3.47 28.93
N PHE B 310 -30.20 -2.16 28.79
CA PHE B 310 -29.10 -1.19 28.55
C PHE B 310 -29.06 0.02 29.50
N PRO B 311 -29.07 -0.20 30.82
CA PRO B 311 -29.03 0.96 31.70
C PRO B 311 -27.60 1.47 31.85
N GLU B 312 -27.41 2.57 32.59
CA GLU B 312 -26.08 3.17 32.74
C GLU B 312 -25.08 2.24 33.41
N VAL B 313 -25.60 1.37 34.29
CA VAL B 313 -24.89 0.26 34.86
C VAL B 313 -25.86 -0.91 34.77
N ARG B 314 -25.33 -2.06 34.39
CA ARG B 314 -26.11 -3.26 34.18
C ARG B 314 -25.66 -4.35 35.15
N LEU B 315 -26.61 -5.21 35.52
CA LEU B 315 -26.33 -6.37 36.30
C LEU B 315 -26.66 -7.68 35.57
N LYS B 316 -25.67 -8.54 35.48
CA LYS B 316 -25.86 -9.97 35.19
C LYS B 316 -25.22 -10.76 36.34
N ARG B 317 -24.33 -11.72 36.07
CA ARG B 317 -23.58 -12.40 37.13
C ARG B 317 -22.33 -11.60 37.50
N TYR B 318 -22.15 -10.49 36.81
CA TYR B 318 -21.14 -9.50 37.09
C TYR B 318 -21.78 -8.15 36.79
N MSE B 319 -21.07 -7.07 37.09
CA MSE B 319 -21.57 -5.69 36.89
C MSE B 319 -20.88 -4.99 35.74
O MSE B 319 -19.66 -5.08 35.60
CB MSE B 319 -21.30 -4.86 38.12
CG MSE B 319 -22.21 -3.65 38.25
SE MSE B 319 -22.67 -3.40 40.16
CE MSE B 319 -23.25 -5.21 40.54
N GLU B 320 -21.64 -4.22 34.97
CA GLU B 320 -21.11 -3.56 33.76
C GLU B 320 -21.28 -2.05 33.76
N MSE B 321 -20.17 -1.33 33.66
CA MSE B 321 -20.13 0.13 33.64
C MSE B 321 -20.24 0.57 32.19
O MSE B 321 -19.32 0.29 31.40
CB MSE B 321 -18.79 0.65 34.21
CG MSE B 321 -18.42 0.08 35.53
SE MSE B 321 -19.57 0.79 36.96
CE MSE B 321 -20.09 -0.91 37.71
N ARG B 322 -21.34 1.23 31.83
CA ARG B 322 -21.66 1.45 30.42
C ARG B 322 -21.62 2.93 29.91
N GLY B 323 -21.21 3.87 30.76
CA GLY B 323 -21.38 5.30 30.48
C GLY B 323 -20.35 6.01 29.59
N ALA B 324 -19.22 5.36 29.31
CA ALA B 324 -18.07 6.05 28.69
C ALA B 324 -17.94 5.87 27.17
N ASP B 325 -17.65 6.98 26.49
CA ASP B 325 -17.39 7.01 25.02
C ASP B 325 -16.10 6.29 24.69
N GLY B 326 -16.07 5.65 23.53
CA GLY B 326 -14.82 5.11 22.99
C GLY B 326 -13.79 6.20 22.79
N GLY B 327 -12.52 5.81 22.79
CA GLY B 327 -11.44 6.76 22.81
C GLY B 327 -10.13 6.08 22.47
N PRO B 328 -9.07 6.90 22.36
CA PRO B 328 -7.76 6.41 22.02
C PRO B 328 -7.23 5.46 23.10
N TRP B 329 -6.14 4.78 22.79
CA TRP B 329 -5.72 3.65 23.60
C TRP B 329 -5.43 3.93 25.08
N ARG B 330 -4.87 5.09 25.38
CA ARG B 330 -4.56 5.38 26.78
C ARG B 330 -5.86 5.54 27.58
N ARG B 331 -6.94 5.97 26.94
CA ARG B 331 -8.25 6.02 27.58
C ARG B 331 -8.98 4.70 27.65
N LEU B 332 -8.67 3.79 26.73
CA LEU B 332 -9.15 2.42 26.85
C LEU B 332 -8.61 1.74 28.14
N CYS B 333 -7.40 2.08 28.53
CA CYS B 333 -6.76 1.55 29.72
C CYS B 333 -7.19 2.31 30.99
N ALA B 334 -7.53 3.59 30.84
CA ALA B 334 -7.98 4.42 31.95
C ALA B 334 -9.38 4.08 32.45
N LEU B 335 -10.29 3.72 31.54
CA LEU B 335 -11.68 3.49 31.93
C LEU B 335 -11.81 2.35 32.95
N PRO B 336 -11.25 1.16 32.67
CA PRO B 336 -11.25 0.11 33.70
C PRO B 336 -10.51 0.48 35.00
N ALA B 337 -9.42 1.25 34.90
CA ALA B 337 -8.64 1.69 36.07
C ALA B 337 -9.47 2.56 37.02
N PHE B 338 -10.26 3.44 36.40
CA PHE B 338 -11.13 4.36 37.13
C PHE B 338 -12.05 3.58 38.05
N TRP B 339 -12.74 2.59 37.47
CA TRP B 339 -13.73 1.81 38.24
C TRP B 339 -13.11 0.78 39.20
N VAL B 340 -11.98 0.20 38.81
CA VAL B 340 -11.20 -0.70 39.68
C VAL B 340 -10.73 0.08 40.93
N GLY B 341 -10.21 1.28 40.75
CA GLY B 341 -9.83 2.12 41.91
C GLY B 341 -10.97 2.44 42.88
N LEU B 342 -12.17 2.65 42.33
CA LEU B 342 -13.31 3.07 43.10
C LEU B 342 -14.08 1.92 43.76
N LEU B 343 -14.20 0.79 43.06
CA LEU B 343 -15.11 -0.28 43.48
C LEU B 343 -14.41 -1.48 44.13
N TYR B 344 -13.11 -1.65 43.85
CA TYR B 344 -12.35 -2.81 44.32
C TYR B 344 -11.52 -2.52 45.59
N ASP B 345 -11.65 -1.31 46.12
CA ASP B 345 -11.14 -0.99 47.44
C ASP B 345 -12.34 -0.66 48.35
N GLU B 346 -12.43 -1.39 49.48
CA GLU B 346 -13.61 -1.31 50.36
C GLU B 346 -13.74 0.05 51.06
N ASP B 347 -12.61 0.67 51.39
CA ASP B 347 -12.63 2.00 51.99
C ASP B 347 -12.98 3.09 50.97
N VAL B 348 -12.48 2.95 49.74
CA VAL B 348 -12.80 3.92 48.70
C VAL B 348 -14.27 3.79 48.36
N LEU B 349 -14.74 2.56 48.24
CA LEU B 349 -16.14 2.29 47.94
C LEU B 349 -17.05 2.95 48.98
N GLN B 350 -16.71 2.78 50.27
CA GLN B 350 -17.45 3.46 51.33
C GLN B 350 -17.39 5.00 51.18
N SER B 351 -16.19 5.53 50.94
CA SER B 351 -16.02 6.97 50.76
C SER B 351 -16.88 7.51 49.59
N VAL B 352 -17.00 6.73 48.52
CA VAL B 352 -17.89 7.10 47.38
C VAL B 352 -19.36 7.08 47.75
N LEU B 353 -19.78 6.07 48.51
CA LEU B 353 -21.16 5.98 49.00
C LEU B 353 -21.49 7.10 49.99
N ASP B 354 -20.50 7.49 50.80
CA ASP B 354 -20.60 8.63 51.70
C ASP B 354 -20.79 9.94 50.90
N LEU B 355 -19.94 10.13 49.90
CA LEU B 355 -19.97 11.34 49.06
C LEU B 355 -21.29 11.49 48.31
N THR B 356 -21.88 10.37 47.90
CA THR B 356 -23.10 10.37 47.09
C THR B 356 -24.38 10.09 47.88
N ALA B 357 -24.24 9.81 49.18
CA ALA B 357 -25.34 9.43 50.09
C ALA B 357 -26.59 10.29 49.99
N ASP B 358 -26.43 11.61 50.01
CA ASP B 358 -27.58 12.51 50.01
C ASP B 358 -27.98 13.04 48.63
N TRP B 359 -27.45 12.46 47.55
CA TRP B 359 -27.89 12.86 46.22
C TRP B 359 -29.31 12.37 46.01
N THR B 360 -30.17 13.23 45.50
CA THR B 360 -31.57 12.85 45.26
C THR B 360 -31.70 12.18 43.90
N PRO B 361 -32.75 11.37 43.74
CA PRO B 361 -33.07 10.83 42.41
C PRO B 361 -33.14 11.90 41.29
N ALA B 362 -33.69 13.06 41.63
CA ALA B 362 -33.80 14.18 40.71
C ALA B 362 -32.42 14.77 40.36
N GLU B 363 -31.53 14.85 41.35
CA GLU B 363 -30.15 15.30 41.12
C GLU B 363 -29.37 14.34 40.21
N ARG B 364 -29.49 13.04 40.49
CA ARG B 364 -28.78 12.03 39.71
C ARG B 364 -29.27 12.05 38.26
N GLU B 365 -30.59 12.18 38.10
CA GLU B 365 -31.22 12.25 36.79
C GLU B 365 -30.84 13.50 36.02
N MSE B 366 -30.74 14.62 36.72
CA MSE B 366 -30.33 15.86 36.10
C MSE B 366 -28.88 15.77 35.59
O MSE B 366 -28.61 16.13 34.45
CB MSE B 366 -30.54 17.01 37.07
CG MSE B 366 -30.11 18.37 36.59
SE MSE B 366 -28.43 18.82 37.46
CE MSE B 366 -27.19 18.52 36.14
N LEU B 367 -27.97 15.28 36.41
CA LEU B 367 -26.59 15.13 36.01
C LEU B 367 -26.47 14.23 34.78
N ARG B 368 -27.21 13.11 34.76
CA ARG B 368 -27.19 12.20 33.61
C ARG B 368 -27.63 12.91 32.32
N ASN B 369 -28.64 13.76 32.40
CA ASN B 369 -29.14 14.44 31.23
C ASN B 369 -28.36 15.70 30.83
N LYS B 370 -27.74 16.38 31.78
CA LYS B 370 -27.02 17.62 31.53
C LYS B 370 -25.55 17.38 31.13
N VAL B 371 -24.90 16.39 31.71
CA VAL B 371 -23.49 16.11 31.44
C VAL B 371 -23.13 15.97 29.94
N PRO B 372 -23.97 15.28 29.15
CA PRO B 372 -23.74 15.22 27.70
C PRO B 372 -23.55 16.59 27.01
N VAL B 373 -24.15 17.65 27.54
CA VAL B 373 -23.96 19.01 27.00
C VAL B 373 -22.80 19.75 27.70
N THR B 374 -22.83 19.78 29.03
CA THR B 374 -21.94 20.66 29.78
C THR B 374 -20.73 19.98 30.42
N GLY B 375 -20.69 18.65 30.44
CA GLY B 375 -19.56 17.89 30.99
C GLY B 375 -19.23 18.16 32.45
N LEU B 376 -17.95 18.43 32.73
CA LEU B 376 -17.49 18.78 34.08
C LEU B 376 -17.87 20.21 34.51
N LYS B 377 -18.29 21.05 33.57
CA LYS B 377 -18.80 22.37 33.88
C LYS B 377 -20.31 22.35 34.14
N THR B 378 -20.90 21.17 34.28
CA THR B 378 -22.30 21.01 34.71
C THR B 378 -22.47 21.52 36.12
N PRO B 379 -23.38 22.50 36.33
CA PRO B 379 -23.61 22.96 37.69
C PRO B 379 -24.15 21.84 38.58
N PHE B 380 -23.58 21.74 39.77
CA PHE B 380 -24.08 20.81 40.78
C PHE B 380 -24.02 21.48 42.12
N ARG B 381 -25.21 21.65 42.70
CA ARG B 381 -25.40 22.34 43.96
C ARG B 381 -24.69 23.69 43.92
N ASP B 382 -23.69 23.92 44.77
CA ASP B 382 -23.07 25.24 44.83
C ASP B 382 -21.72 25.33 44.13
N GLY B 383 -21.46 24.36 43.27
CA GLY B 383 -20.29 24.38 42.42
C GLY B 383 -20.56 23.63 41.13
N LEU B 384 -19.51 22.97 40.65
CA LEU B 384 -19.49 22.29 39.37
C LEU B 384 -19.26 20.82 39.58
N LEU B 385 -19.69 20.01 38.62
CA LEU B 385 -19.40 18.59 38.67
C LEU B 385 -17.88 18.33 38.73
N LYS B 386 -17.08 19.24 38.16
CA LYS B 386 -15.62 19.21 38.26
C LYS B 386 -15.11 19.00 39.67
N HIS B 387 -15.71 19.68 40.61
CA HIS B 387 -15.28 19.63 42.02
C HIS B 387 -15.54 18.25 42.64
N VAL B 388 -16.64 17.62 42.26
CA VAL B 388 -16.90 16.24 42.67
C VAL B 388 -15.93 15.28 41.99
N ALA B 389 -15.67 15.49 40.69
CA ALA B 389 -14.72 14.68 39.94
C ALA B 389 -13.29 14.74 40.51
N GLU B 390 -12.85 15.92 40.96
CA GLU B 390 -11.59 16.08 41.70
C GLU B 390 -11.52 15.10 42.90
N ASP B 391 -12.57 15.07 43.72
CA ASP B 391 -12.59 14.17 44.88
C ASP B 391 -12.60 12.72 44.46
N VAL B 392 -13.38 12.43 43.41
CA VAL B 392 -13.55 11.06 42.92
C VAL B 392 -12.27 10.51 42.31
N LEU B 393 -11.56 11.36 41.57
CA LEU B 393 -10.28 10.96 40.97
C LEU B 393 -9.24 10.66 42.03
N LYS B 394 -9.15 11.48 43.08
CA LYS B 394 -8.16 11.22 44.14
CA LYS B 394 -8.18 11.23 44.15
C LYS B 394 -8.48 9.90 44.85
N LEU B 395 -9.76 9.61 45.02
CA LEU B 395 -10.20 8.37 45.67
C LEU B 395 -9.89 7.16 44.80
N ALA B 396 -10.11 7.29 43.49
CA ALA B 396 -9.77 6.23 42.54
C ALA B 396 -8.28 5.91 42.51
N LYS B 397 -7.44 6.96 42.58
CA LYS B 397 -6.01 6.80 42.73
C LYS B 397 -5.60 6.15 44.05
N ASP B 398 -6.25 6.51 45.16
CA ASP B 398 -6.04 5.84 46.46
C ASP B 398 -6.26 4.34 46.34
N GLY B 399 -7.36 3.96 45.72
CA GLY B 399 -7.72 2.54 45.54
C GLY B 399 -6.73 1.74 44.73
N LEU B 400 -6.19 2.35 43.66
CA LEU B 400 -5.16 1.71 42.86
C LEU B 400 -3.83 1.64 43.60
N GLU B 401 -3.46 2.67 44.35
CA GLU B 401 -2.23 2.60 45.15
C GLU B 401 -2.33 1.41 46.13
N ARG B 402 -3.45 1.31 46.82
CA ARG B 402 -3.66 0.28 47.81
C ARG B 402 -3.73 -1.15 47.28
N ARG B 403 -4.07 -1.30 46.00
CA ARG B 403 -4.08 -2.62 45.38
C ARG B 403 -2.70 -3.24 45.36
N GLY B 404 -1.67 -2.40 45.31
CA GLY B 404 -0.27 -2.85 45.39
C GLY B 404 0.31 -3.35 44.09
N TYR B 405 -0.37 -3.12 42.96
CA TYR B 405 0.13 -3.57 41.67
C TYR B 405 0.72 -2.47 40.83
N LYS B 406 0.85 -1.25 41.37
CA LYS B 406 1.50 -0.14 40.68
C LYS B 406 0.71 0.25 39.41
N GLU B 407 -0.60 0.30 39.55
CA GLU B 407 -1.50 0.57 38.45
C GLU B 407 -1.93 2.04 38.34
N VAL B 408 -1.55 2.89 39.30
CA VAL B 408 -2.11 4.25 39.41
C VAL B 408 -1.83 5.12 38.18
N GLY B 409 -0.74 4.82 37.45
CA GLY B 409 -0.37 5.53 36.23
C GLY B 409 -1.39 5.47 35.12
N PHE B 410 -2.26 4.46 35.14
CA PHE B 410 -3.35 4.33 34.16
C PHE B 410 -4.40 5.41 34.25
N LEU B 411 -4.35 6.21 35.33
CA LEU B 411 -5.24 7.36 35.50
C LEU B 411 -4.64 8.69 35.07
N ASN B 412 -3.39 8.68 34.61
CA ASN B 412 -2.75 9.88 34.11
C ASN B 412 -3.50 10.45 32.90
N ALA B 413 -4.10 9.59 32.11
CA ALA B 413 -4.85 9.99 30.91
C ALA B 413 -6.13 10.80 31.19
N VAL B 414 -6.62 10.80 32.44
CA VAL B 414 -7.79 11.60 32.81
C VAL B 414 -7.49 12.70 33.85
N THR B 415 -6.23 12.78 34.26
CA THR B 415 -5.83 13.69 35.32
C THR B 415 -5.93 15.13 34.86
N GLU B 416 -5.54 15.40 33.63
CA GLU B 416 -5.60 16.77 33.10
C GLU B 416 -7.03 17.20 32.78
N VAL B 417 -7.88 16.26 32.38
CA VAL B 417 -9.30 16.52 32.16
C VAL B 417 -9.93 17.03 33.45
N VAL B 418 -9.68 16.31 34.53
CA VAL B 418 -10.21 16.65 35.85
C VAL B 418 -9.58 17.95 36.41
N ARG B 419 -8.28 18.13 36.20
CA ARG B 419 -7.58 19.35 36.61
C ARG B 419 -8.15 20.60 35.95
N THR B 420 -8.24 20.59 34.63
CA THR B 420 -8.64 21.76 33.85
C THR B 420 -10.17 21.83 33.71
N GLY B 421 -10.86 20.72 33.94
CA GLY B 421 -12.29 20.65 33.68
C GLY B 421 -12.68 20.62 32.21
N VAL B 422 -11.71 20.36 31.34
CA VAL B 422 -11.89 20.37 29.88
C VAL B 422 -11.90 18.95 29.36
N THR B 423 -13.02 18.51 28.78
CA THR B 423 -13.18 17.11 28.31
C THR B 423 -12.42 16.87 27.03
N PRO B 424 -12.11 15.59 26.71
CA PRO B 424 -11.50 15.35 25.39
C PRO B 424 -12.29 15.97 24.23
N ALA B 425 -13.64 15.95 24.32
CA ALA B 425 -14.51 16.48 23.28
C ALA B 425 -14.27 17.97 23.05
N GLU B 426 -14.06 18.71 24.13
CA GLU B 426 -13.76 20.13 24.05
C GLU B 426 -12.40 20.38 23.40
N ASN B 427 -11.46 19.51 23.64
CA ASN B 427 -10.17 19.61 22.96
C ASN B 427 -10.28 19.42 21.43
N LEU B 428 -11.12 18.49 21.00
CA LEU B 428 -11.41 18.29 19.57
C LEU B 428 -12.09 19.49 18.95
N LEU B 429 -13.05 20.06 19.66
CA LEU B 429 -13.76 21.27 19.26
C LEU B 429 -12.79 22.44 19.07
N GLU B 430 -11.83 22.57 19.98
CA GLU B 430 -10.78 23.59 19.88
C GLU B 430 -9.96 23.43 18.60
N MSE B 431 -9.61 22.20 18.28
CA MSE B 431 -8.90 21.91 17.05
C MSE B 431 -9.75 22.17 15.81
O MSE B 431 -9.29 22.78 14.84
CB MSE B 431 -8.42 20.45 17.09
CG MSE B 431 -7.29 20.21 18.09
SE MSE B 431 -6.65 18.31 18.20
CE MSE B 431 -7.33 17.76 20.06
N TYR B 432 -11.00 21.71 15.83
CA TYR B 432 -11.97 21.99 14.78
C TYR B 432 -12.05 23.50 14.48
N ASN B 433 -12.14 24.30 15.54
CA ASN B 433 -12.31 25.75 15.42
C ASN B 433 -11.01 26.50 15.17
N GLY B 434 -9.89 25.79 15.23
CA GLY B 434 -8.60 26.38 14.96
C GLY B 434 -7.86 25.64 13.85
N GLU B 435 -6.84 24.89 14.24
CA GLU B 435 -5.93 24.25 13.26
C GLU B 435 -6.61 23.41 12.16
N TRP B 436 -7.74 22.74 12.44
CA TRP B 436 -8.40 21.90 11.42
C TRP B 436 -9.17 22.70 10.37
N GLY B 437 -9.34 23.99 10.59
CA GLY B 437 -10.03 24.81 9.63
C GLY B 437 -11.48 24.44 9.43
N GLN B 438 -12.12 23.98 10.51
CA GLN B 438 -13.55 23.71 10.50
C GLN B 438 -13.92 22.51 9.61
N SER B 439 -13.05 21.51 9.62
CA SER B 439 -13.32 20.24 8.99
C SER B 439 -13.07 19.19 10.05
N VAL B 440 -13.85 18.12 10.05
CA VAL B 440 -13.61 16.98 10.95
C VAL B 440 -12.61 15.99 10.37
N ASP B 441 -12.29 16.11 9.09
CA ASP B 441 -11.44 15.10 8.42
C ASP B 441 -10.12 14.84 9.14
N PRO B 442 -9.48 15.89 9.68
CA PRO B 442 -8.29 15.66 10.52
C PRO B 442 -8.45 14.79 11.78
N VAL B 443 -9.67 14.56 12.25
CA VAL B 443 -9.89 13.68 13.41
C VAL B 443 -9.54 12.22 13.10
N PHE B 444 -9.63 11.86 11.82
CA PHE B 444 -9.30 10.52 11.38
C PHE B 444 -7.78 10.25 11.39
N GLN B 445 -6.97 11.30 11.56
CA GLN B 445 -5.55 11.18 11.87
C GLN B 445 -5.34 11.32 13.38
N GLU B 446 -5.93 12.37 13.98
CA GLU B 446 -5.82 12.67 15.41
C GLU B 446 -6.14 11.48 16.32
N LEU B 447 -7.26 10.79 16.04
CA LEU B 447 -7.72 9.66 16.85
C LEU B 447 -7.62 8.32 16.14
N LEU B 448 -6.72 8.24 15.18
CA LEU B 448 -6.35 7.00 14.53
C LEU B 448 -5.64 6.10 15.52
N TYR B 449 -6.09 4.86 15.61
CA TYR B 449 -5.36 3.83 16.32
C TYR B 449 -4.17 3.49 15.47
N GLU C 14 14.28 -25.89 36.32
CA GLU C 14 15.14 -26.70 37.24
C GLU C 14 15.07 -28.17 36.75
N PRO C 15 16.21 -28.79 36.36
CA PRO C 15 16.25 -30.19 35.87
C PRO C 15 15.48 -31.17 36.79
N LEU C 16 14.91 -32.21 36.20
CA LEU C 16 14.32 -33.29 37.01
C LEU C 16 15.41 -34.08 37.70
N THR C 17 15.08 -34.54 38.91
CA THR C 17 15.95 -35.42 39.67
C THR C 17 15.20 -36.72 39.87
N ARG C 18 15.92 -37.71 40.38
CA ARG C 18 15.34 -38.99 40.76
C ARG C 18 14.17 -38.84 41.74
N GLU C 19 14.31 -37.90 42.68
CA GLU C 19 13.23 -37.60 43.63
C GLU C 19 11.95 -37.14 42.92
N ASP C 20 12.11 -36.38 41.83
CA ASP C 20 10.96 -35.93 41.05
C ASP C 20 10.29 -37.08 40.33
N LEU C 21 11.09 -38.04 39.90
CA LEU C 21 10.56 -39.22 39.22
C LEU C 21 9.75 -40.10 40.18
N ILE C 22 10.22 -40.20 41.41
CA ILE C 22 9.49 -40.91 42.47
C ILE C 22 8.15 -40.20 42.77
N ALA C 23 8.21 -38.88 42.89
CA ALA C 23 7.02 -38.07 43.11
C ALA C 23 6.04 -38.18 41.99
N TYR C 24 6.53 -38.32 40.76
CA TYR C 24 5.65 -38.49 39.61
C TYR C 24 4.73 -39.69 39.79
N LEU C 25 5.30 -40.84 40.13
CA LEU C 25 4.51 -42.06 40.39
C LEU C 25 3.57 -41.88 41.55
N ALA C 26 4.09 -41.34 42.64
CA ALA C 26 3.30 -41.11 43.82
C ALA C 26 2.13 -40.15 43.59
N SER C 27 2.25 -39.29 42.57
CA SER C 27 1.21 -38.33 42.19
C SER C 27 -0.06 -39.03 41.73
N GLY C 28 0.03 -40.31 41.37
CA GLY C 28 -1.15 -41.09 41.01
C GLY C 28 -2.08 -41.49 42.15
N CYS C 29 -1.62 -41.33 43.38
CA CYS C 29 -2.43 -41.67 44.55
C CYS C 29 -3.76 -40.91 44.52
N LYS C 30 -4.85 -41.64 44.65
CA LYS C 30 -6.15 -41.01 44.86
C LYS C 30 -7.02 -41.76 45.84
N SER C 31 -7.92 -41.01 46.47
CA SER C 31 -8.80 -41.56 47.49
C SER C 31 -9.76 -42.52 46.82
N LYS C 32 -10.28 -43.46 47.59
CA LYS C 32 -11.08 -44.56 47.05
C LYS C 32 -12.27 -44.11 46.22
N GLU C 33 -12.90 -43.00 46.61
CA GLU C 33 -14.06 -42.53 45.83
C GLU C 33 -13.70 -42.11 44.41
N LYS C 34 -12.43 -41.84 44.20
CA LYS C 34 -11.89 -41.38 42.93
C LYS C 34 -11.36 -42.51 42.07
N TRP C 35 -11.37 -43.75 42.59
CA TRP C 35 -10.80 -44.89 41.87
C TRP C 35 -11.66 -45.18 40.66
N ARG C 36 -11.00 -45.44 39.53
CA ARG C 36 -11.68 -45.77 38.29
C ARG C 36 -11.12 -47.04 37.69
N ILE C 37 -11.78 -47.46 36.63
CA ILE C 37 -11.46 -48.67 35.89
C ILE C 37 -11.20 -48.23 34.46
N GLY C 38 -9.99 -48.51 33.97
CA GLY C 38 -9.63 -48.26 32.58
C GLY C 38 -9.36 -49.60 31.93
N THR C 39 -9.95 -49.83 30.76
CA THR C 39 -9.80 -51.11 30.06
C THR C 39 -9.25 -50.87 28.64
N GLU C 40 -8.28 -51.71 28.27
CA GLU C 40 -7.73 -51.71 26.90
C GLU C 40 -7.80 -53.11 26.37
N HIS C 41 -8.06 -53.23 25.08
CA HIS C 41 -7.96 -54.53 24.42
C HIS C 41 -7.53 -54.29 22.98
N GLU C 42 -6.93 -55.31 22.39
CA GLU C 42 -6.49 -55.34 21.00
C GLU C 42 -7.18 -56.49 20.24
N LYS C 43 -7.42 -56.31 18.94
CA LYS C 43 -8.13 -57.29 18.09
C LYS C 43 -7.39 -57.46 16.75
N PHE C 44 -7.45 -58.66 16.18
CA PHE C 44 -6.90 -58.93 14.86
C PHE C 44 -7.95 -58.66 13.79
N GLY C 45 -7.66 -57.77 12.85
CA GLY C 45 -8.56 -57.55 11.73
C GLY C 45 -8.16 -58.45 10.60
N PHE C 46 -9.15 -58.94 9.86
CA PHE C 46 -8.91 -59.83 8.74
C PHE C 46 -9.94 -59.64 7.61
N GLU C 47 -9.54 -60.01 6.38
CA GLU C 47 -10.47 -60.10 5.26
C GLU C 47 -11.35 -61.33 5.40
N VAL C 48 -12.66 -61.14 5.45
CA VAL C 48 -13.61 -62.24 5.70
C VAL C 48 -13.52 -63.41 4.70
N ASN C 49 -13.22 -63.08 3.44
CA ASN C 49 -13.16 -64.10 2.40
C ASN C 49 -11.83 -64.85 2.32
N THR C 50 -10.70 -64.18 2.51
CA THR C 50 -9.38 -64.83 2.39
C THR C 50 -8.76 -65.18 3.74
N LEU C 51 -9.32 -64.59 4.81
CA LEU C 51 -8.77 -64.64 6.19
C LEU C 51 -7.44 -63.91 6.35
N ARG C 52 -7.03 -63.18 5.32
CA ARG C 52 -5.71 -62.51 5.32
C ARG C 52 -5.75 -61.38 6.32
N PRO C 53 -4.59 -61.06 6.92
CA PRO C 53 -4.56 -59.95 7.86
C PRO C 53 -4.84 -58.63 7.16
N MSE C 54 -5.56 -57.79 7.87
CA MSE C 54 -5.86 -56.46 7.41
C MSE C 54 -4.57 -55.63 7.23
O MSE C 54 -3.70 -55.62 8.09
CB MSE C 54 -6.77 -55.81 8.44
CG MSE C 54 -7.26 -54.48 8.11
SE MSE C 54 -8.36 -53.91 9.61
CE MSE C 54 -7.09 -53.88 11.14
N LYS C 55 -4.46 -54.99 6.06
CA LYS C 55 -3.30 -54.17 5.70
C LYS C 55 -3.49 -52.70 6.11
N TYR C 56 -2.41 -51.94 6.13
CA TYR C 56 -2.48 -50.53 6.55
C TYR C 56 -3.45 -49.70 5.71
N ASP C 57 -3.50 -49.92 4.40
CA ASP C 57 -4.42 -49.13 3.56
C ASP C 57 -5.90 -49.33 3.96
N GLN C 58 -6.25 -50.55 4.35
CA GLN C 58 -7.59 -50.86 4.84
C GLN C 58 -7.81 -50.25 6.24
N ILE C 59 -6.78 -50.31 7.07
CA ILE C 59 -6.81 -49.72 8.41
C ILE C 59 -7.06 -48.20 8.31
N ALA C 60 -6.36 -47.52 7.41
CA ALA C 60 -6.51 -46.09 7.25
C ALA C 60 -7.95 -45.71 6.81
N GLU C 61 -8.54 -46.48 5.90
CA GLU C 61 -9.96 -46.30 5.51
C GLU C 61 -10.87 -46.51 6.71
N LEU C 62 -10.65 -47.59 7.45
CA LEU C 62 -11.44 -47.87 8.64
C LEU C 62 -11.40 -46.71 9.64
N LEU C 63 -10.20 -46.24 9.97
CA LEU C 63 -10.01 -45.11 10.89
C LEU C 63 -10.64 -43.80 10.44
N ASN C 64 -10.40 -43.45 9.18
CA ASN C 64 -11.03 -42.27 8.59
C ASN C 64 -12.56 -42.34 8.60
N SER C 65 -13.11 -43.51 8.30
CA SER C 65 -14.58 -43.70 8.31
C SER C 65 -15.19 -43.60 9.72
N ILE C 66 -14.51 -44.20 10.69
CA ILE C 66 -14.94 -44.09 12.11
C ILE C 66 -14.92 -42.63 12.58
N ALA C 67 -13.86 -41.92 12.26
CA ALA C 67 -13.69 -40.52 12.70
C ALA C 67 -14.81 -39.63 12.18
N GLU C 68 -15.15 -39.85 10.92
CA GLU C 68 -16.12 -39.07 10.20
C GLU C 68 -17.57 -39.38 10.65
N ARG C 69 -17.88 -40.68 10.79
CA ARG C 69 -19.21 -41.12 11.19
C ARG C 69 -19.54 -40.87 12.64
N PHE C 70 -18.55 -41.10 13.49
CA PHE C 70 -18.74 -41.17 14.93
C PHE C 70 -17.99 -40.10 15.71
N GLU C 71 -17.45 -39.11 15.01
CA GLU C 71 -16.86 -37.92 15.62
C GLU C 71 -15.64 -38.21 16.49
N TRP C 72 -14.59 -38.69 15.86
CA TRP C 72 -13.32 -38.91 16.53
C TRP C 72 -12.29 -37.98 15.91
N GLU C 73 -11.37 -37.50 16.74
CA GLU C 73 -10.24 -36.69 16.28
C GLU C 73 -9.20 -37.65 15.68
N LYS C 74 -8.64 -37.29 14.53
CA LYS C 74 -7.61 -38.11 13.86
C LYS C 74 -6.23 -37.91 14.49
N VAL C 75 -5.54 -39.02 14.74
CA VAL C 75 -4.17 -39.00 15.26
C VAL C 75 -3.23 -39.37 14.10
N MSE C 76 -2.30 -38.45 13.79
CA MSE C 76 -1.43 -38.57 12.61
C MSE C 76 0.01 -38.83 13.02
O MSE C 76 0.45 -38.35 14.04
CB MSE C 76 -1.41 -37.26 11.82
CG MSE C 76 -2.72 -36.65 11.46
SE MSE C 76 -3.86 -37.82 10.43
CE MSE C 76 -2.96 -37.85 8.64
N GLU C 77 0.71 -39.62 12.22
CA GLU C 77 2.16 -39.66 12.28
C GLU C 77 2.63 -39.26 10.91
N GLY C 78 3.13 -38.03 10.79
CA GLY C 78 3.38 -37.44 9.49
C GLY C 78 2.06 -37.34 8.76
N ASP C 79 2.02 -37.85 7.53
CA ASP C 79 0.79 -37.82 6.74
C ASP C 79 -0.02 -39.10 6.84
N LYS C 80 0.33 -39.97 7.79
CA LYS C 80 -0.38 -41.25 7.97
C LYS C 80 -1.25 -41.13 9.19
N ILE C 81 -2.54 -41.42 9.02
CA ILE C 81 -3.43 -41.65 10.16
C ILE C 81 -3.03 -42.97 10.86
N ILE C 82 -2.83 -42.90 12.16
CA ILE C 82 -2.44 -44.07 12.95
C ILE C 82 -3.38 -44.39 14.12
N GLY C 83 -4.35 -43.51 14.37
CA GLY C 83 -5.22 -43.67 15.51
C GLY C 83 -6.32 -42.64 15.55
N LEU C 84 -7.11 -42.69 16.61
CA LEU C 84 -8.22 -41.77 16.87
C LEU C 84 -8.28 -41.43 18.33
N LYS C 85 -8.92 -40.30 18.59
CA LYS C 85 -9.07 -39.78 19.95
C LYS C 85 -10.50 -39.21 20.11
N GLN C 86 -11.16 -39.54 21.22
CA GLN C 86 -12.45 -38.94 21.55
C GLN C 86 -12.61 -38.90 23.04
N GLY C 87 -12.58 -37.70 23.61
CA GLY C 87 -12.59 -37.56 25.07
C GLY C 87 -11.37 -38.27 25.62
N LYS C 88 -11.59 -39.14 26.58
CA LYS C 88 -10.54 -39.89 27.25
C LYS C 88 -10.38 -41.31 26.67
N GLN C 89 -11.00 -41.55 25.51
CA GLN C 89 -10.78 -42.79 24.75
C GLN C 89 -9.83 -42.56 23.57
N SER C 90 -9.10 -43.62 23.23
CA SER C 90 -8.20 -43.64 22.14
C SER C 90 -8.33 -44.96 21.36
N ILE C 91 -8.23 -44.89 20.04
CA ILE C 91 -8.06 -46.06 19.21
C ILE C 91 -6.67 -45.95 18.61
N SER C 92 -5.88 -47.03 18.74
CA SER C 92 -4.52 -47.06 18.23
C SER C 92 -4.17 -48.38 17.52
N LEU C 93 -2.97 -48.42 16.94
CA LEU C 93 -2.52 -49.63 16.20
C LEU C 93 -1.29 -50.22 16.83
N GLU C 94 -1.32 -51.53 17.00
CA GLU C 94 -0.14 -52.28 17.42
C GLU C 94 0.75 -52.55 16.20
N PRO C 95 2.00 -53.01 16.42
CA PRO C 95 2.96 -53.17 15.31
C PRO C 95 2.48 -54.00 14.13
N GLY C 96 1.61 -54.98 14.38
CA GLY C 96 1.06 -55.83 13.31
C GLY C 96 -0.30 -55.43 12.79
N GLY C 97 -0.75 -54.23 13.16
CA GLY C 97 -2.08 -53.73 12.79
C GLY C 97 -3.21 -54.16 13.70
N GLN C 98 -2.88 -54.77 14.85
CA GLN C 98 -3.90 -55.11 15.84
C GLN C 98 -4.56 -53.81 16.30
N PHE C 99 -5.87 -53.85 16.38
CA PHE C 99 -6.72 -52.65 16.46
C PHE C 99 -7.14 -52.51 17.93
N GLU C 100 -6.62 -51.45 18.57
CA GLU C 100 -6.72 -51.30 20.02
C GLU C 100 -7.65 -50.14 20.46
N LEU C 101 -8.50 -50.44 21.44
CA LEU C 101 -9.24 -49.43 22.18
C LEU C 101 -8.62 -49.29 23.55
N SER C 102 -8.27 -48.04 23.89
CA SER C 102 -8.02 -47.66 25.28
C SER C 102 -9.22 -46.85 25.75
N GLY C 103 -9.98 -47.42 26.66
CA GLY C 103 -11.17 -46.80 27.18
C GLY C 103 -10.90 -45.68 28.19
N ALA C 104 -11.98 -44.98 28.52
CA ALA C 104 -11.96 -43.92 29.51
C ALA C 104 -11.87 -44.51 30.92
N PRO C 105 -11.44 -43.68 31.90
CA PRO C 105 -11.57 -44.08 33.33
C PRO C 105 -13.04 -44.12 33.78
N LEU C 106 -13.56 -45.31 34.06
CA LEU C 106 -14.99 -45.45 34.32
C LEU C 106 -15.20 -45.91 35.74
N GLU C 107 -16.37 -45.60 36.27
CA GLU C 107 -16.72 -45.91 37.65
C GLU C 107 -17.22 -47.33 37.87
N THR C 108 -18.02 -47.84 36.92
CA THR C 108 -18.55 -49.21 37.04
C THR C 108 -18.23 -50.07 35.80
N LEU C 109 -18.35 -51.38 35.97
CA LEU C 109 -18.13 -52.35 34.94
C LEU C 109 -19.30 -52.41 33.94
N HIS C 110 -20.47 -51.91 34.34
CA HIS C 110 -21.59 -51.72 33.42
C HIS C 110 -21.21 -50.71 32.36
N GLN C 111 -20.59 -49.61 32.80
CA GLN C 111 -20.10 -48.60 31.88
C GLN C 111 -18.96 -49.16 31.03
N THR C 112 -18.08 -49.93 31.65
CA THR C 112 -16.99 -50.60 30.93
C THR C 112 -17.50 -51.45 29.76
N CYS C 113 -18.49 -52.31 30.02
CA CYS C 113 -18.99 -53.19 28.96
C CYS C 113 -19.79 -52.44 27.89
N ALA C 114 -20.50 -51.38 28.28
CA ALA C 114 -21.18 -50.51 27.32
C ALA C 114 -20.17 -49.81 26.39
N GLU C 115 -19.03 -49.43 26.96
CA GLU C 115 -17.95 -48.81 26.21
C GLU C 115 -17.35 -49.77 25.17
N VAL C 116 -17.11 -51.00 25.57
CA VAL C 116 -16.70 -52.07 24.67
C VAL C 116 -17.72 -52.25 23.56
N ASN C 117 -18.99 -52.38 23.92
CA ASN C 117 -20.03 -52.55 22.94
C ASN C 117 -20.08 -51.43 21.92
N SER C 118 -20.02 -50.22 22.41
CA SER C 118 -20.03 -49.04 21.53
C SER C 118 -18.91 -49.11 20.51
N HIS C 119 -17.74 -49.53 20.94
CA HIS C 119 -16.59 -49.65 20.04
C HIS C 119 -16.78 -50.73 19.00
N LEU C 120 -17.20 -51.91 19.46
CA LEU C 120 -17.43 -53.03 18.57
C LEU C 120 -18.47 -52.70 17.52
N TYR C 121 -19.54 -52.00 17.94
CA TYR C 121 -20.56 -51.57 17.01
C TYR C 121 -19.99 -50.62 15.92
N GLN C 122 -19.21 -49.62 16.35
CA GLN C 122 -18.65 -48.63 15.45
C GLN C 122 -17.68 -49.26 14.43
N VAL C 123 -16.82 -50.14 14.92
CA VAL C 123 -15.88 -50.83 14.08
C VAL C 123 -16.60 -51.71 13.06
N LYS C 124 -17.56 -52.52 13.52
CA LYS C 124 -18.31 -53.41 12.62
C LYS C 124 -19.19 -52.65 11.63
N ALA C 125 -19.75 -51.52 12.06
CA ALA C 125 -20.56 -50.66 11.20
C ALA C 125 -19.79 -50.19 9.96
N VAL C 126 -18.50 -49.94 10.13
CA VAL C 126 -17.64 -49.57 9.00
C VAL C 126 -17.06 -50.81 8.30
N ALA C 127 -16.53 -51.73 9.09
CA ALA C 127 -15.78 -52.89 8.58
C ALA C 127 -16.60 -53.84 7.73
N GLU C 128 -17.90 -53.97 8.01
CA GLU C 128 -18.76 -54.88 7.27
C GLU C 128 -18.84 -54.55 5.79
N GLU C 129 -18.98 -53.27 5.48
CA GLU C 129 -19.03 -52.81 4.08
C GLU C 129 -17.67 -53.06 3.40
N MSE C 130 -16.59 -53.09 4.16
CA MSE C 130 -15.25 -53.31 3.61
C MSE C 130 -14.87 -54.78 3.47
O MSE C 130 -13.76 -55.07 3.02
CB MSE C 130 -14.21 -52.65 4.50
CG MSE C 130 -14.40 -51.19 4.74
SE MSE C 130 -12.99 -50.55 5.96
CE MSE C 130 -11.30 -51.08 4.88
N GLY C 131 -15.71 -55.70 3.87
CA GLY C 131 -15.35 -57.10 3.89
C GLY C 131 -14.32 -57.45 4.96
N ILE C 132 -14.33 -56.70 6.08
CA ILE C 132 -13.37 -56.93 7.16
C ILE C 132 -14.08 -57.47 8.39
N GLY C 133 -13.46 -58.46 9.03
CA GLY C 133 -13.87 -58.95 10.35
C GLY C 133 -12.76 -58.83 11.39
N PHE C 134 -13.13 -58.95 12.66
CA PHE C 134 -12.19 -58.91 13.76
C PHE C 134 -12.26 -60.18 14.60
N LEU C 135 -11.08 -60.66 15.00
CA LEU C 135 -10.91 -61.90 15.73
C LEU C 135 -10.40 -61.63 17.14
N GLY C 136 -11.06 -62.21 18.13
CA GLY C 136 -10.70 -62.08 19.54
C GLY C 136 -9.94 -63.27 20.06
N MSE C 137 -8.62 -63.25 19.92
CA MSE C 137 -7.73 -64.32 20.36
C MSE C 137 -6.47 -63.70 20.88
O MSE C 137 -6.21 -62.55 20.58
CB MSE C 137 -7.32 -65.19 19.18
CG MSE C 137 -8.40 -66.02 18.63
SE MSE C 137 -7.65 -67.46 17.56
CE MSE C 137 -6.84 -68.60 19.02
N GLY C 138 -5.64 -64.49 21.55
CA GLY C 138 -4.39 -63.98 22.08
C GLY C 138 -3.19 -64.10 21.13
N PHE C 139 -3.25 -65.01 20.14
CA PHE C 139 -2.18 -65.17 19.15
C PHE C 139 -2.79 -65.46 17.79
N GLN C 140 -2.23 -64.84 16.76
CA GLN C 140 -2.67 -65.01 15.40
C GLN C 140 -2.55 -66.49 15.01
N PRO C 141 -3.69 -67.15 14.75
CA PRO C 141 -3.70 -68.62 14.63
C PRO C 141 -3.31 -69.23 13.28
N LYS C 142 -3.20 -68.41 12.23
CA LYS C 142 -3.07 -68.89 10.84
C LYS C 142 -1.79 -68.49 10.14
N TRP C 143 -1.39 -67.23 10.28
CA TRP C 143 -0.34 -66.65 9.44
C TRP C 143 1.02 -66.62 10.12
N ARG C 144 2.05 -66.64 9.28
CA ARG C 144 3.43 -66.52 9.72
C ARG C 144 3.77 -65.07 10.03
N ARG C 145 4.87 -64.90 10.74
CA ARG C 145 5.38 -63.59 11.13
C ARG C 145 5.59 -62.70 9.90
N GLU C 146 6.12 -63.27 8.83
CA GLU C 146 6.44 -62.49 7.65
C GLU C 146 5.20 -62.19 6.80
N ASP C 147 4.07 -62.83 7.11
CA ASP C 147 2.79 -62.54 6.47
C ASP C 147 2.09 -61.33 7.07
N ILE C 148 2.55 -60.85 8.23
CA ILE C 148 1.87 -59.80 8.96
C ILE C 148 2.30 -58.45 8.41
N PRO C 149 1.34 -57.56 8.07
CA PRO C 149 1.68 -56.18 7.67
C PRO C 149 2.30 -55.42 8.82
N THR C 150 3.27 -54.55 8.54
CA THR C 150 3.83 -53.67 9.57
C THR C 150 3.28 -52.25 9.42
N MSE C 151 3.05 -51.61 10.56
CA MSE C 151 2.47 -50.28 10.61
C MSE C 151 3.54 -49.24 10.36
O MSE C 151 4.68 -49.40 10.79
CB MSE C 151 1.82 -50.06 11.99
CG MSE C 151 0.65 -50.99 12.22
SE MSE C 151 -0.60 -50.96 10.70
CE MSE C 151 -0.13 -52.66 9.79
N PRO C 152 3.16 -48.14 9.69
CA PRO C 152 4.11 -47.05 9.39
C PRO C 152 4.35 -46.16 10.63
N LYS C 153 4.91 -46.74 11.67
CA LYS C 153 5.15 -46.06 12.94
C LYS C 153 6.62 -46.18 13.38
N GLY C 154 7.30 -45.02 13.40
CA GLY C 154 8.70 -44.92 13.70
C GLY C 154 9.13 -45.59 14.97
N ARG C 155 8.32 -45.51 16.01
CA ARG C 155 8.74 -46.12 17.30
C ARG C 155 8.81 -47.68 17.18
N TYR C 156 7.93 -48.25 16.37
CA TYR C 156 7.93 -49.69 16.10
C TYR C 156 9.10 -50.14 15.23
N ASP C 157 9.53 -49.29 14.30
CA ASP C 157 10.72 -49.57 13.50
C ASP C 157 11.98 -49.73 14.36
N ILE C 158 12.11 -48.85 15.35
CA ILE C 158 13.19 -48.89 16.34
C ILE C 158 13.10 -50.20 17.15
N MSE C 159 11.91 -50.49 17.66
CA MSE C 159 11.68 -51.73 18.44
C MSE C 159 11.95 -53.00 17.63
O MSE C 159 12.55 -53.94 18.13
CB MSE C 159 10.28 -51.76 18.98
CG MSE C 159 10.05 -50.81 20.12
SE MSE C 159 8.18 -50.91 20.81
CE MSE C 159 8.11 -52.81 21.34
N ARG C 160 11.51 -53.03 16.37
CA ARG C 160 11.67 -54.21 15.54
C ARG C 160 13.13 -54.54 15.31
N ASN C 161 13.93 -53.50 15.12
CA ASN C 161 15.35 -53.65 14.94
C ASN C 161 16.08 -54.11 16.21
N TYR C 162 15.56 -53.74 17.37
CA TYR C 162 16.14 -54.09 18.66
C TYR C 162 15.79 -55.51 19.14
N MSE C 163 14.54 -55.95 18.89
CA MSE C 163 14.03 -57.20 19.45
C MSE C 163 14.94 -58.43 19.29
O MSE C 163 15.10 -59.19 20.26
CB MSE C 163 12.63 -57.54 18.91
CG MSE C 163 11.48 -56.71 19.45
SE MSE C 163 11.36 -56.85 21.40
CE MSE C 163 9.93 -55.49 21.81
N PRO C 164 15.48 -58.67 18.08
CA PRO C 164 16.37 -59.80 17.85
C PRO C 164 17.67 -59.79 18.66
N LYS C 165 18.06 -58.64 19.21
CA LYS C 165 19.25 -58.54 20.07
C LYS C 165 18.99 -59.05 21.49
N VAL C 166 17.73 -59.14 21.88
CA VAL C 166 17.38 -59.44 23.28
C VAL C 166 16.48 -60.67 23.48
N GLY C 167 16.09 -61.31 22.40
CA GLY C 167 15.25 -62.48 22.50
C GLY C 167 14.85 -62.95 21.15
N SER C 168 14.24 -64.13 21.09
CA SER C 168 13.84 -64.70 19.80
C SER C 168 12.33 -64.58 19.50
N LEU C 169 11.52 -64.17 20.49
CA LEU C 169 10.07 -64.10 20.30
C LEU C 169 9.46 -62.70 20.41
N GLY C 170 10.30 -61.67 20.57
CA GLY C 170 9.80 -60.30 20.73
C GLY C 170 9.05 -59.76 19.52
N LEU C 171 9.49 -60.16 18.33
CA LEU C 171 8.81 -59.78 17.09
C LEU C 171 7.41 -60.41 16.99
N ASP C 172 7.26 -61.61 17.56
CA ASP C 172 5.95 -62.26 17.65
C ASP C 172 5.05 -61.58 18.64
N MSE C 173 5.62 -61.12 19.74
CA MSE C 173 4.89 -60.26 20.66
C MSE C 173 4.32 -59.04 19.90
O MSE C 173 3.12 -58.73 19.98
CB MSE C 173 5.79 -59.81 21.82
CG MSE C 173 5.10 -58.97 22.87
SE MSE C 173 5.09 -57.00 22.43
CE MSE C 173 7.01 -56.66 22.83
N MSE C 174 5.19 -58.37 19.16
CA MSE C 174 4.78 -57.15 18.48
C MSE C 174 3.76 -57.38 17.38
O MSE C 174 2.81 -56.64 17.25
CB MSE C 174 6.03 -56.48 17.90
CG MSE C 174 6.91 -55.83 18.96
SE MSE C 174 8.44 -55.02 18.09
CE MSE C 174 7.57 -53.46 17.20
N LEU C 175 3.95 -58.43 16.60
CA LEU C 175 3.22 -58.62 15.36
C LEU C 175 2.03 -59.56 15.44
N ARG C 176 2.01 -60.47 16.43
CA ARG C 176 1.08 -61.58 16.40
C ARG C 176 0.31 -61.84 17.69
N THR C 177 0.42 -60.96 18.68
CA THR C 177 -0.31 -61.13 19.96
C THR C 177 -1.41 -60.07 20.20
N CYS C 178 -2.44 -60.45 20.95
CA CYS C 178 -3.50 -59.55 21.38
C CYS C 178 -3.80 -59.78 22.87
N THR C 179 -3.93 -58.67 23.61
CA THR C 179 -4.23 -58.70 25.04
C THR C 179 -5.53 -57.96 25.39
N VAL C 180 -6.09 -58.30 26.54
CA VAL C 180 -7.03 -57.43 27.21
C VAL C 180 -6.44 -57.09 28.59
N GLN C 181 -6.36 -55.79 28.88
CA GLN C 181 -5.78 -55.33 30.13
C GLN C 181 -6.65 -54.35 30.89
N VAL C 182 -6.40 -54.22 32.19
CA VAL C 182 -7.14 -53.29 33.02
C VAL C 182 -6.15 -52.41 33.80
N ASN C 183 -6.52 -51.14 33.93
CA ASN C 183 -5.79 -50.15 34.65
C ASN C 183 -6.58 -49.77 35.91
N LEU C 184 -5.91 -49.78 37.06
CA LEU C 184 -6.54 -49.53 38.35
C LEU C 184 -5.70 -48.63 39.24
N ASP C 185 -6.38 -48.01 40.18
CA ASP C 185 -5.79 -46.95 41.00
C ASP C 185 -5.37 -47.42 42.39
N PHE C 186 -4.47 -46.65 43.00
CA PHE C 186 -4.08 -46.85 44.39
C PHE C 186 -4.23 -45.55 45.19
N SER C 187 -4.33 -45.67 46.50
CA SER C 187 -4.58 -44.53 47.38
C SER C 187 -3.37 -44.04 48.17
N SER C 188 -2.34 -44.87 48.24
CA SER C 188 -1.12 -44.58 49.01
C SER C 188 -0.04 -45.54 48.56
N GLU C 189 1.18 -45.35 49.06
CA GLU C 189 2.27 -46.27 48.79
C GLU C 189 1.98 -47.64 49.32
N ALA C 190 1.49 -47.72 50.56
CA ALA C 190 1.15 -49.01 51.18
C ALA C 190 0.10 -49.77 50.36
N ASP C 191 -0.90 -49.06 49.88
CA ASP C 191 -1.98 -49.62 49.06
C ASP C 191 -1.45 -50.10 47.72
N MSE C 192 -0.60 -49.27 47.09
CA MSE C 192 0.09 -49.65 45.87
C MSE C 192 0.90 -50.95 46.02
O MSE C 192 0.79 -51.87 45.18
CB MSE C 192 1.02 -48.52 45.45
CG MSE C 192 1.78 -48.76 44.19
SE MSE C 192 3.47 -49.83 44.36
CE MSE C 192 4.67 -48.54 45.37
N ILE C 193 1.68 -51.05 47.10
CA ILE C 193 2.51 -52.24 47.35
C ILE C 193 1.66 -53.52 47.49
N ARG C 194 0.57 -53.39 48.22
CA ARG C 194 -0.35 -54.49 48.44
C ARG C 194 -1.08 -54.92 47.13
N LYS C 195 -1.48 -53.95 46.32
CA LYS C 195 -2.10 -54.29 45.04
C LYS C 195 -1.12 -54.88 44.02
N PHE C 196 0.12 -54.38 44.03
CA PHE C 196 1.19 -54.90 43.17
C PHE C 196 1.50 -56.35 43.50
N ARG C 197 1.62 -56.66 44.78
CA ARG C 197 1.89 -58.02 45.25
C ARG C 197 0.75 -59.00 44.99
N ALA C 198 -0.48 -58.56 45.22
CA ALA C 198 -1.66 -59.37 44.88
C ALA C 198 -1.77 -59.58 43.36
N GLY C 199 -1.55 -58.50 42.58
CA GLY C 199 -1.58 -58.55 41.11
C GLY C 199 -0.57 -59.48 40.51
N LEU C 200 0.71 -59.38 40.97
CA LEU C 200 1.77 -60.27 40.49
C LEU C 200 1.51 -61.71 40.84
N ALA C 201 1.25 -62.01 42.12
CA ALA C 201 1.05 -63.38 42.56
C ALA C 201 -0.10 -64.07 41.85
N LEU C 202 -1.20 -63.35 41.61
CA LEU C 202 -2.38 -63.95 40.92
C LEU C 202 -2.35 -63.85 39.41
N GLN C 203 -1.35 -63.18 38.84
CA GLN C 203 -1.34 -63.00 37.40
C GLN C 203 -1.36 -64.30 36.59
N PRO C 204 -0.56 -65.32 37.00
CA PRO C 204 -0.68 -66.66 36.36
C PRO C 204 -2.09 -67.26 36.35
N ILE C 205 -2.88 -66.98 37.37
CA ILE C 205 -4.28 -67.42 37.44
C ILE C 205 -5.14 -66.72 36.40
N ALA C 206 -5.01 -65.39 36.27
CA ALA C 206 -5.69 -64.65 35.20
C ALA C 206 -5.25 -65.17 33.82
N THR C 207 -3.96 -65.36 33.63
CA THR C 207 -3.45 -65.94 32.40
C THR C 207 -4.11 -67.30 32.02
N ALA C 208 -4.24 -68.17 33.03
CA ALA C 208 -4.91 -69.46 32.87
C ALA C 208 -6.39 -69.31 32.51
N LEU C 209 -7.12 -68.47 33.24
CA LEU C 209 -8.56 -68.28 33.00
C LEU C 209 -8.88 -67.76 31.63
N PHE C 210 -8.00 -66.91 31.09
CA PHE C 210 -8.21 -66.25 29.80
C PHE C 210 -7.39 -66.85 28.66
N ALA C 211 -6.68 -67.95 28.92
CA ALA C 211 -5.85 -68.61 27.92
C ALA C 211 -6.61 -68.88 26.64
N ASN C 212 -6.10 -68.34 25.53
CA ASN C 212 -6.81 -68.32 24.28
C ASN C 212 -5.88 -68.24 23.08
N SER C 213 -4.77 -68.96 23.10
CA SER C 213 -3.81 -68.94 21.98
C SER C 213 -3.09 -70.29 21.78
N PRO C 214 -3.88 -71.36 21.47
CA PRO C 214 -3.36 -72.70 21.19
C PRO C 214 -2.93 -73.02 19.75
N PHE C 215 -3.10 -72.09 18.83
CA PHE C 215 -2.76 -72.33 17.43
C PHE C 215 -1.63 -71.45 16.93
N THR C 216 -0.76 -72.03 16.12
CA THR C 216 0.25 -71.28 15.36
C THR C 216 0.29 -71.84 13.96
N GLU C 217 0.21 -70.96 12.98
CA GLU C 217 0.30 -71.35 11.56
C GLU C 217 -0.57 -72.56 11.22
N GLY C 218 -1.83 -72.49 11.67
CA GLY C 218 -2.87 -73.42 11.27
C GLY C 218 -2.91 -74.74 12.03
N LYS C 219 -2.11 -74.85 13.09
CA LYS C 219 -1.93 -76.10 13.82
C LYS C 219 -1.80 -75.84 15.30
N PRO C 220 -2.15 -76.82 16.13
CA PRO C 220 -1.83 -76.67 17.56
C PRO C 220 -0.35 -76.46 17.78
N ASN C 221 -0.01 -75.49 18.64
CA ASN C 221 1.37 -75.13 18.98
C ASN C 221 1.88 -75.78 20.30
N GLY C 222 1.02 -76.57 20.94
CA GLY C 222 1.38 -77.28 22.18
C GLY C 222 1.14 -76.49 23.45
N PHE C 223 0.71 -75.24 23.30
CA PHE C 223 0.46 -74.35 24.42
C PHE C 223 -1.02 -74.06 24.51
N LEU C 224 -1.44 -73.54 25.65
CA LEU C 224 -2.76 -72.99 25.85
C LEU C 224 -2.73 -71.47 25.67
N SER C 225 -1.69 -70.82 26.23
CA SER C 225 -1.38 -69.42 25.91
C SER C 225 0.05 -69.30 25.37
N MSE C 226 0.18 -69.46 24.06
CA MSE C 226 1.40 -69.17 23.35
C MSE C 226 1.78 -67.70 23.58
O MSE C 226 2.94 -67.39 23.75
CB MSE C 226 1.22 -69.46 21.85
CG MSE C 226 2.51 -69.28 20.99
SE MSE C 226 4.19 -70.06 21.76
CE MSE C 226 4.05 -71.95 21.03
N ARG C 227 0.79 -66.81 23.62
CA ARG C 227 1.04 -65.40 23.89
C ARG C 227 1.81 -65.17 25.21
N SER C 228 1.36 -65.81 26.29
CA SER C 228 2.06 -65.73 27.57
C SER C 228 3.49 -66.30 27.52
N HIS C 229 3.67 -67.41 26.81
CA HIS C 229 4.99 -67.97 26.59
C HIS C 229 5.94 -67.01 25.83
N ILE C 230 5.41 -66.39 24.78
CA ILE C 230 6.16 -65.39 24.02
C ILE C 230 6.77 -64.30 24.93
N TRP C 231 6.01 -63.86 25.91
CA TRP C 231 6.50 -62.84 26.83
C TRP C 231 7.68 -63.29 27.71
N THR C 232 7.99 -64.60 27.74
CA THR C 232 9.16 -65.16 28.44
C THR C 232 10.44 -65.21 27.58
N ASP C 233 10.32 -64.93 26.27
CA ASP C 233 11.50 -64.78 25.40
C ASP C 233 11.40 -63.53 24.52
N THR C 234 11.04 -62.42 25.16
CA THR C 234 10.93 -61.12 24.47
C THR C 234 12.16 -60.24 24.81
N ASP C 235 12.36 -60.01 26.10
CA ASP C 235 13.43 -59.18 26.64
C ASP C 235 13.43 -59.34 28.14
N LYS C 236 14.48 -59.96 28.65
CA LYS C 236 14.60 -60.28 30.05
C LYS C 236 14.71 -59.02 30.92
N ASP C 237 15.16 -57.91 30.33
CA ASP C 237 15.34 -56.64 31.06
C ASP C 237 14.08 -55.92 31.48
N ARG C 238 12.95 -56.25 30.86
CA ARG C 238 11.73 -55.46 31.08
C ARG C 238 10.49 -56.28 31.20
N THR C 239 10.65 -57.55 31.53
CA THR C 239 9.51 -58.46 31.62
C THR C 239 9.54 -59.22 32.95
N GLY C 240 8.47 -59.98 33.20
CA GLY C 240 8.45 -61.00 34.26
C GLY C 240 7.66 -60.68 35.52
N MSE C 241 7.98 -61.43 36.57
CA MSE C 241 7.23 -61.44 37.84
C MSE C 241 7.84 -60.55 38.94
O MSE C 241 7.41 -60.59 40.07
CB MSE C 241 7.11 -62.88 38.34
CG MSE C 241 6.29 -63.75 37.40
SE MSE C 241 4.35 -63.40 37.61
CE MSE C 241 4.09 -64.29 39.44
N LEU C 242 8.83 -59.75 38.58
CA LEU C 242 9.37 -58.71 39.46
C LEU C 242 9.53 -59.13 40.92
N PRO C 243 10.40 -60.11 41.20
CA PRO C 243 10.53 -60.62 42.60
C PRO C 243 10.90 -59.54 43.65
N PHE C 244 11.57 -58.46 43.24
CA PHE C 244 11.95 -57.40 44.17
C PHE C 244 10.75 -56.64 44.74
N VAL C 245 9.61 -56.75 44.07
CA VAL C 245 8.35 -56.19 44.51
C VAL C 245 7.94 -56.81 45.86
N PHE C 246 8.33 -58.05 46.10
CA PHE C 246 8.02 -58.74 47.35
C PHE C 246 9.11 -58.54 48.44
N ASP C 247 10.19 -57.81 48.15
CA ASP C 247 11.17 -57.45 49.18
C ASP C 247 10.59 -56.42 50.13
N ASP C 248 11.01 -56.45 51.38
CA ASP C 248 10.59 -55.47 52.40
C ASP C 248 10.90 -54.05 52.01
N SER C 249 11.99 -53.88 51.27
CA SER C 249 12.44 -52.57 50.79
C SER C 249 11.52 -51.91 49.79
N PHE C 250 10.64 -52.69 49.15
CA PHE C 250 9.89 -52.20 48.00
C PHE C 250 8.93 -51.00 48.31
N GLY C 251 8.90 -50.08 47.34
CA GLY C 251 8.05 -48.89 47.35
C GLY C 251 8.30 -48.17 46.03
N PHE C 252 7.79 -46.95 45.90
CA PHE C 252 7.96 -46.16 44.66
C PHE C 252 9.44 -46.00 44.28
N GLU C 253 10.29 -45.75 45.27
CA GLU C 253 11.72 -45.53 45.07
C GLU C 253 12.39 -46.72 44.40
N GLN C 254 12.11 -47.92 44.91
CA GLN C 254 12.70 -49.15 44.37
C GLN C 254 12.21 -49.41 42.93
N TYR C 255 10.95 -49.09 42.62
CA TYR C 255 10.46 -49.23 41.24
C TYR C 255 11.15 -48.24 40.30
N VAL C 256 11.37 -47.01 40.79
CA VAL C 256 12.06 -46.00 40.03
C VAL C 256 13.48 -46.43 39.67
N ASP C 257 14.21 -47.00 40.62
CA ASP C 257 15.57 -47.48 40.33
C ASP C 257 15.60 -48.60 39.30
N TYR C 258 14.68 -49.55 39.44
CA TYR C 258 14.45 -50.57 38.42
C TYR C 258 14.22 -49.98 37.02
N ALA C 259 13.26 -49.06 36.92
CA ALA C 259 12.94 -48.39 35.65
C ALA C 259 14.09 -47.54 35.08
N LEU C 260 14.83 -46.88 35.96
CA LEU C 260 16.02 -46.11 35.53
C LEU C 260 17.08 -46.99 34.87
N ASP C 261 17.17 -48.24 35.31
CA ASP C 261 18.13 -49.20 34.79
C ASP C 261 17.63 -50.09 33.65
N VAL C 262 16.34 -50.03 33.33
CA VAL C 262 15.81 -50.71 32.16
C VAL C 262 16.24 -49.90 30.94
N PRO C 263 16.93 -50.54 29.98
CA PRO C 263 17.42 -49.75 28.84
C PRO C 263 16.30 -49.04 28.05
N MSE C 264 16.60 -47.88 27.47
CA MSE C 264 15.63 -47.12 26.70
C MSE C 264 15.34 -47.73 25.31
O MSE C 264 16.10 -48.53 24.81
CB MSE C 264 16.13 -45.68 26.58
CG MSE C 264 16.12 -44.96 27.91
SE MSE C 264 16.51 -43.01 27.75
CE MSE C 264 18.17 -43.33 27.21
N TYR C 265 14.22 -47.33 24.72
CA TYR C 265 13.97 -47.62 23.32
C TYR C 265 14.25 -46.39 22.44
N PHE C 266 13.70 -45.24 22.86
CA PHE C 266 13.69 -44.02 22.06
C PHE C 266 13.34 -42.80 22.91
N ALA C 267 13.51 -41.62 22.32
CA ALA C 267 13.04 -40.36 22.89
C ALA C 267 12.33 -39.60 21.76
N TYR C 268 11.24 -38.92 22.08
CA TYR C 268 10.46 -38.22 21.09
C TYR C 268 10.87 -36.74 21.04
N ARG C 269 11.44 -36.29 19.93
CA ARG C 269 11.82 -34.89 19.74
C ARG C 269 11.54 -34.49 18.30
N ASN C 270 11.11 -33.24 18.12
CA ASN C 270 10.94 -32.62 16.80
C ASN C 270 10.06 -33.47 15.89
N GLY C 271 9.00 -33.98 16.48
CA GLY C 271 8.04 -34.78 15.76
C GLY C 271 8.50 -36.16 15.36
N LYS C 272 9.64 -36.61 15.87
CA LYS C 272 10.09 -37.98 15.58
C LYS C 272 10.73 -38.70 16.76
N TYR C 273 10.82 -40.01 16.58
CA TYR C 273 11.42 -40.90 17.55
C TYR C 273 12.86 -41.07 17.21
N VAL C 274 13.71 -40.80 18.19
CA VAL C 274 15.12 -41.02 18.09
C VAL C 274 15.40 -42.39 18.74
N ASP C 275 16.25 -43.19 18.10
CA ASP C 275 16.70 -44.47 18.61
C ASP C 275 17.73 -44.32 19.74
N CYS C 276 17.30 -44.67 20.96
CA CYS C 276 18.13 -44.60 22.15
C CYS C 276 18.38 -45.96 22.72
N THR C 277 18.31 -47.01 21.90
CA THR C 277 18.52 -48.38 22.40
C THR C 277 19.95 -48.54 22.90
N GLY C 278 20.10 -49.32 23.98
CA GLY C 278 21.38 -49.48 24.63
C GLY C 278 21.77 -48.34 25.53
N MSE C 279 20.85 -47.41 25.78
CA MSE C 279 21.12 -46.27 26.64
C MSE C 279 20.13 -46.31 27.79
O MSE C 279 19.15 -47.02 27.73
CB MSE C 279 21.00 -44.94 25.86
CG MSE C 279 21.93 -44.84 24.63
SE MSE C 279 21.38 -43.48 23.21
CE MSE C 279 22.45 -44.25 21.68
N THR C 280 20.42 -45.57 28.87
CA THR C 280 19.57 -45.59 30.06
C THR C 280 18.97 -44.23 30.35
N PHE C 281 17.84 -44.22 31.06
CA PHE C 281 17.24 -42.95 31.50
C PHE C 281 18.16 -42.23 32.49
N ARG C 282 18.97 -42.98 33.22
CA ARG C 282 19.99 -42.37 34.08
C ARG C 282 20.91 -41.47 33.29
N GLN C 283 21.40 -41.96 32.15
CA GLN C 283 22.21 -41.11 31.26
C GLN C 283 21.42 -39.87 30.81
N PHE C 284 20.15 -40.07 30.47
CA PHE C 284 19.26 -38.98 30.08
C PHE C 284 19.18 -37.89 31.16
N LEU C 285 18.94 -38.30 32.40
CA LEU C 285 18.83 -37.36 33.54
C LEU C 285 20.04 -36.46 33.66
N ALA C 286 21.21 -37.02 33.43
CA ALA C 286 22.48 -36.29 33.52
C ALA C 286 22.82 -35.52 32.23
N GLY C 287 21.99 -35.62 31.20
CA GLY C 287 22.28 -34.94 29.93
C GLY C 287 23.31 -35.62 29.05
N LYS C 288 23.49 -36.93 29.22
CA LYS C 288 24.60 -37.66 28.60
C LYS C 288 24.12 -38.80 27.70
N LEU C 289 22.91 -38.65 27.18
CA LEU C 289 22.33 -39.55 26.21
C LEU C 289 22.97 -39.34 24.86
N PRO C 290 23.74 -40.31 24.36
CA PRO C 290 24.32 -40.18 23.03
C PRO C 290 23.30 -39.83 21.94
N CYS C 291 22.05 -40.24 22.13
CA CYS C 291 20.96 -39.90 21.24
C CYS C 291 20.40 -38.48 21.27
N LEU C 292 20.32 -37.87 22.45
CA LEU C 292 19.94 -36.46 22.55
C LEU C 292 20.91 -35.66 23.40
N PRO C 293 22.10 -35.43 22.88
CA PRO C 293 23.24 -35.08 23.71
C PRO C 293 23.03 -33.76 24.40
N GLY C 294 23.30 -33.70 25.69
CA GLY C 294 23.09 -32.43 26.39
C GLY C 294 21.62 -32.17 26.72
N GLU C 295 20.72 -32.99 26.19
CA GLU C 295 19.29 -32.79 26.46
C GLU C 295 18.86 -33.44 27.78
N LEU C 296 18.01 -32.71 28.49
CA LEU C 296 17.48 -33.10 29.78
C LEU C 296 15.98 -33.55 29.66
N PRO C 297 15.58 -34.56 30.44
CA PRO C 297 14.25 -35.13 30.29
C PRO C 297 13.12 -34.32 30.90
N THR C 298 11.94 -34.44 30.30
CA THR C 298 10.71 -33.93 30.86
C THR C 298 9.92 -35.11 31.47
N TYR C 299 8.87 -34.79 32.22
CA TYR C 299 7.95 -35.81 32.74
C TYR C 299 7.27 -36.66 31.65
N ASN C 300 7.05 -36.08 30.48
CA ASN C 300 6.58 -36.85 29.33
C ASN C 300 7.59 -37.91 28.88
N ASP C 301 8.88 -37.56 28.85
CA ASP C 301 9.95 -38.52 28.57
C ASP C 301 9.96 -39.69 29.55
N TRP C 302 9.77 -39.37 30.83
CA TRP C 302 9.67 -40.37 31.88
C TRP C 302 8.47 -41.30 31.68
N GLU C 303 7.30 -40.72 31.45
CA GLU C 303 6.11 -41.47 31.08
C GLU C 303 6.33 -42.40 29.89
N ASN C 304 6.91 -41.85 28.81
CA ASN C 304 7.18 -42.63 27.62
C ASN C 304 8.08 -43.81 27.96
N HIS C 305 9.10 -43.59 28.79
CA HIS C 305 10.03 -44.67 29.15
C HIS C 305 9.38 -45.74 30.03
N LEU C 306 8.56 -45.29 30.98
CA LEU C 306 7.75 -46.17 31.82
C LEU C 306 6.85 -47.08 31.00
N THR C 307 6.39 -46.59 29.85
CA THR C 307 5.51 -47.32 28.94
C THR C 307 6.23 -48.35 28.04
N THR C 308 7.56 -48.40 28.13
CA THR C 308 8.35 -49.39 27.42
C THR C 308 8.78 -50.54 28.35
N ILE C 309 8.26 -50.54 29.58
CA ILE C 309 8.55 -51.59 30.56
C ILE C 309 7.35 -52.53 30.55
N PHE C 310 7.57 -53.85 30.42
CA PHE C 310 6.49 -54.81 30.14
C PHE C 310 6.44 -56.00 31.08
N PRO C 311 6.37 -55.76 32.40
CA PRO C 311 6.22 -56.92 33.27
C PRO C 311 4.78 -57.40 33.35
N GLU C 312 4.56 -58.50 34.06
CA GLU C 312 3.22 -59.09 34.21
C GLU C 312 2.22 -58.13 34.83
N VAL C 313 2.70 -57.28 35.73
CA VAL C 313 1.98 -56.11 36.26
C VAL C 313 2.97 -54.97 36.15
N ARG C 314 2.48 -53.82 35.70
CA ARG C 314 3.27 -52.61 35.51
C ARG C 314 2.76 -51.46 36.38
N LEU C 315 3.70 -50.62 36.80
CA LEU C 315 3.38 -49.45 37.59
C LEU C 315 3.73 -48.15 36.85
N LYS C 316 2.74 -47.27 36.76
CA LYS C 316 2.96 -45.87 36.41
C LYS C 316 2.26 -45.01 37.47
N ARG C 317 1.41 -44.05 37.08
CA ARG C 317 0.59 -43.36 38.10
C ARG C 317 -0.69 -44.16 38.42
N TYR C 318 -0.82 -45.30 37.75
CA TYR C 318 -1.83 -46.31 38.03
C TYR C 318 -1.18 -47.68 37.83
N MSE C 319 -1.92 -48.72 38.13
CA MSE C 319 -1.43 -50.07 37.96
C MSE C 319 -2.07 -50.81 36.77
O MSE C 319 -3.25 -50.68 36.55
CB MSE C 319 -1.71 -50.83 39.24
CG MSE C 319 -0.78 -52.01 39.49
SE MSE C 319 -0.46 -52.05 41.46
CE MSE C 319 0.79 -50.64 41.50
N GLU C 320 -1.27 -51.60 36.05
CA GLU C 320 -1.74 -52.28 34.86
C GLU C 320 -1.57 -53.80 34.95
N MSE C 321 -2.69 -54.52 34.77
CA MSE C 321 -2.72 -56.00 34.76
C MSE C 321 -2.55 -56.46 33.34
O MSE C 321 -3.42 -56.24 32.51
CB MSE C 321 -4.05 -56.54 35.28
CG MSE C 321 -4.49 -55.99 36.62
SE MSE C 321 -3.36 -56.49 38.17
CE MSE C 321 -2.67 -54.73 38.62
N ARG C 322 -1.44 -57.13 33.06
CA ARG C 322 -1.02 -57.39 31.68
C ARG C 322 -1.02 -58.86 31.23
N GLY C 323 -1.48 -59.78 32.06
CA GLY C 323 -1.32 -61.21 31.77
C GLY C 323 -2.33 -61.95 30.91
N ALA C 324 -3.44 -61.32 30.52
CA ALA C 324 -4.56 -62.01 29.84
C ALA C 324 -4.59 -61.87 28.30
N ASP C 325 -4.88 -62.98 27.65
CA ASP C 325 -5.06 -63.05 26.20
C ASP C 325 -6.37 -62.36 25.80
N GLY C 326 -6.35 -61.75 24.62
CA GLY C 326 -7.54 -61.24 23.99
C GLY C 326 -8.59 -62.32 23.80
N GLY C 327 -9.84 -61.88 23.73
CA GLY C 327 -10.95 -62.81 23.69
C GLY C 327 -12.23 -62.18 23.23
N PRO C 328 -13.26 -63.00 23.09
CA PRO C 328 -14.58 -62.49 22.74
C PRO C 328 -15.14 -61.52 23.77
N TRP C 329 -16.20 -60.82 23.40
CA TRP C 329 -16.63 -59.63 24.14
C TRP C 329 -17.02 -59.88 25.62
N ARG C 330 -17.60 -61.03 25.93
CA ARG C 330 -17.95 -61.31 27.32
C ARG C 330 -16.73 -61.45 28.17
N ARG C 331 -15.64 -61.95 27.61
CA ARG C 331 -14.34 -62.00 28.31
C ARG C 331 -13.57 -60.68 28.35
N LEU C 332 -13.85 -59.77 27.42
CA LEU C 332 -13.35 -58.40 27.53
C LEU C 332 -13.94 -57.68 28.73
N CYS C 333 -15.19 -58.04 29.08
CA CYS C 333 -15.88 -57.46 30.23
C CYS C 333 -15.53 -58.20 31.53
N ALA C 334 -15.18 -59.48 31.43
CA ALA C 334 -14.82 -60.28 32.60
C ALA C 334 -13.42 -59.98 33.16
N LEU C 335 -12.50 -59.58 32.31
CA LEU C 335 -11.14 -59.33 32.77
C LEU C 335 -11.08 -58.17 33.80
N PRO C 336 -11.55 -56.96 33.42
CA PRO C 336 -11.64 -55.92 34.46
C PRO C 336 -12.41 -56.27 35.71
N ALA C 337 -13.50 -57.03 35.54
CA ALA C 337 -14.35 -57.46 36.66
C ALA C 337 -13.58 -58.28 37.66
N PHE C 338 -12.76 -59.20 37.13
CA PHE C 338 -11.93 -60.11 37.95
C PHE C 338 -11.03 -59.32 38.90
N TRP C 339 -10.32 -58.35 38.36
CA TRP C 339 -9.40 -57.54 39.14
C TRP C 339 -10.03 -56.48 40.03
N VAL C 340 -11.11 -55.87 39.56
CA VAL C 340 -11.88 -54.97 40.38
C VAL C 340 -12.39 -55.69 41.65
N GLY C 341 -12.96 -56.89 41.48
CA GLY C 341 -13.43 -57.69 42.62
C GLY C 341 -12.36 -58.02 43.62
N LEU C 342 -11.13 -58.24 43.16
CA LEU C 342 -10.02 -58.67 44.00
C LEU C 342 -9.25 -57.52 44.66
N LEU C 343 -9.09 -56.43 43.94
CA LEU C 343 -8.20 -55.32 44.34
C LEU C 343 -8.92 -54.11 44.92
N TYR C 344 -10.21 -53.92 44.57
CA TYR C 344 -10.98 -52.76 45.01
C TYR C 344 -11.84 -53.00 46.26
N ASP C 345 -11.81 -54.23 46.78
CA ASP C 345 -12.39 -54.51 48.08
C ASP C 345 -11.26 -54.81 49.06
N GLU C 346 -11.21 -54.05 50.15
CA GLU C 346 -10.09 -54.12 51.10
C GLU C 346 -9.98 -55.46 51.83
N ASP C 347 -11.12 -56.07 52.13
CA ASP C 347 -11.11 -57.36 52.81
C ASP C 347 -10.72 -58.48 51.84
N VAL C 348 -11.18 -58.38 50.58
CA VAL C 348 -10.79 -59.36 49.56
C VAL C 348 -9.29 -59.24 49.29
N LEU C 349 -8.81 -58.01 49.16
CA LEU C 349 -7.41 -57.77 48.93
C LEU C 349 -6.58 -58.43 50.04
N GLN C 350 -6.98 -58.25 51.30
CA GLN C 350 -6.30 -58.90 52.41
C GLN C 350 -6.36 -60.40 52.33
N SER C 351 -7.54 -60.95 51.99
CA SER C 351 -7.69 -62.40 51.84
C SER C 351 -6.76 -62.97 50.76
N VAL C 352 -6.57 -62.22 49.67
CA VAL C 352 -5.66 -62.61 48.60
C VAL C 352 -4.19 -62.60 49.04
N LEU C 353 -3.81 -61.56 49.78
CA LEU C 353 -2.48 -61.47 50.36
C LEU C 353 -2.22 -62.55 51.39
N ASP C 354 -3.26 -62.90 52.14
CA ASP C 354 -3.22 -64.02 53.08
C ASP C 354 -2.97 -65.33 52.34
N LEU C 355 -3.73 -65.54 51.26
CA LEU C 355 -3.67 -66.78 50.49
C LEU C 355 -2.31 -66.97 49.82
N THR C 356 -1.71 -65.88 49.34
CA THR C 356 -0.45 -65.92 48.59
C THR C 356 0.78 -65.62 49.44
N ALA C 357 0.58 -65.33 50.73
CA ALA C 357 1.65 -64.89 51.66
C ALA C 357 2.90 -65.76 51.68
N ASP C 358 2.69 -67.07 51.74
CA ASP C 358 3.82 -67.98 51.80
C ASP C 358 4.28 -68.54 50.45
N TRP C 359 3.79 -68.01 49.33
CA TRP C 359 4.29 -68.43 48.01
C TRP C 359 5.73 -67.96 47.86
N THR C 360 6.62 -68.86 47.44
CA THR C 360 8.02 -68.49 47.25
C THR C 360 8.23 -67.83 45.87
N PRO C 361 9.32 -67.05 45.72
CA PRO C 361 9.72 -66.56 44.43
C PRO C 361 9.80 -67.65 43.36
N ALA C 362 10.35 -68.80 43.74
CA ALA C 362 10.47 -69.92 42.82
C ALA C 362 9.11 -70.50 42.43
N GLU C 363 8.17 -70.56 43.38
CA GLU C 363 6.81 -70.99 43.08
C GLU C 363 6.06 -70.07 42.13
N ARG C 364 6.19 -68.77 42.36
CA ARG C 364 5.54 -67.76 41.50
C ARG C 364 6.09 -67.78 40.07
N GLU C 365 7.42 -67.92 39.98
CA GLU C 365 8.13 -68.05 38.72
C GLU C 365 7.75 -69.34 37.98
N MSE C 366 7.60 -70.43 38.72
CA MSE C 366 7.18 -71.68 38.16
C MSE C 366 5.78 -71.59 37.56
O MSE C 366 5.54 -72.02 36.44
CB MSE C 366 7.24 -72.77 39.21
CG MSE C 366 6.84 -74.14 38.72
SE MSE C 366 5.07 -74.66 39.41
CE MSE C 366 3.93 -74.23 38.06
N LEU C 367 4.84 -71.06 38.31
CA LEU C 367 3.48 -70.91 37.83
C LEU C 367 3.39 -70.04 36.57
N ARG C 368 4.17 -68.96 36.54
CA ARG C 368 4.23 -68.09 35.38
C ARG C 368 4.72 -68.83 34.14
N ASN C 369 5.72 -69.70 34.29
CA ASN C 369 6.29 -70.44 33.17
C ASN C 369 5.53 -71.67 32.73
N LYS C 370 4.84 -72.31 33.67
CA LYS C 370 4.11 -73.56 33.40
C LYS C 370 2.67 -73.32 32.97
N VAL C 371 2.01 -72.30 33.48
CA VAL C 371 0.61 -72.00 33.13
C VAL C 371 0.37 -71.90 31.61
N PRO C 372 1.27 -71.25 30.85
CA PRO C 372 1.11 -71.24 29.38
C PRO C 372 0.89 -72.61 28.70
N VAL C 373 1.39 -73.68 29.31
CA VAL C 373 1.26 -75.02 28.78
C VAL C 373 0.08 -75.75 29.42
N THR C 374 0.04 -75.75 30.76
CA THR C 374 -0.88 -76.61 31.50
C THR C 374 -2.11 -75.91 32.08
N GLY C 375 -2.15 -74.59 32.06
CA GLY C 375 -3.30 -73.82 32.55
C GLY C 375 -3.70 -74.10 33.98
N LEU C 376 -5.01 -74.36 34.19
CA LEU C 376 -5.56 -74.66 35.52
C LEU C 376 -5.23 -76.09 35.99
N LYS C 377 -4.75 -76.93 35.08
CA LYS C 377 -4.23 -78.25 35.44
C LYS C 377 -2.74 -78.24 35.83
N THR C 378 -2.15 -77.04 35.97
CA THR C 378 -0.77 -76.88 36.44
C THR C 378 -0.67 -77.37 37.88
N PRO C 379 0.19 -78.37 38.14
CA PRO C 379 0.34 -78.74 39.55
C PRO C 379 0.82 -77.59 40.42
N PHE C 380 0.23 -77.48 41.59
CA PHE C 380 0.67 -76.49 42.57
C PHE C 380 0.57 -77.09 43.96
N ARG C 381 1.71 -77.25 44.60
CA ARG C 381 1.78 -77.89 45.90
C ARG C 381 1.10 -79.27 45.83
N ASP C 382 0.07 -79.48 46.64
CA ASP C 382 -0.55 -80.79 46.74
C ASP C 382 -1.88 -80.88 45.99
N GLY C 383 -2.06 -79.97 45.03
CA GLY C 383 -3.20 -80.01 44.14
C GLY C 383 -2.89 -79.35 42.81
N LEU C 384 -3.90 -78.69 42.26
CA LEU C 384 -3.81 -78.04 40.95
C LEU C 384 -4.10 -76.57 41.13
N LEU C 385 -3.58 -75.78 40.21
CA LEU C 385 -3.85 -74.35 40.24
C LEU C 385 -5.39 -74.07 40.22
N LYS C 386 -6.16 -74.95 39.58
CA LYS C 386 -7.63 -74.90 39.60
C LYS C 386 -8.23 -74.69 41.00
N HIS C 387 -7.69 -75.37 41.98
CA HIS C 387 -8.17 -75.27 43.36
C HIS C 387 -7.94 -73.86 43.96
N VAL C 388 -6.79 -73.27 43.66
CA VAL C 388 -6.55 -71.87 44.03
C VAL C 388 -7.46 -70.90 43.26
N ALA C 389 -7.69 -71.16 41.97
CA ALA C 389 -8.60 -70.37 41.14
C ALA C 389 -10.05 -70.39 41.67
N GLU C 390 -10.50 -71.56 42.13
CA GLU C 390 -11.79 -71.73 42.83
C GLU C 390 -11.92 -70.70 43.97
N ASP C 391 -10.92 -70.65 44.83
CA ASP C 391 -10.93 -69.72 45.96
C ASP C 391 -10.86 -68.27 45.51
N VAL C 392 -10.04 -68.01 44.51
CA VAL C 392 -9.83 -66.66 43.99
C VAL C 392 -11.10 -66.14 43.33
N LEU C 393 -11.77 -67.02 42.58
CA LEU C 393 -13.01 -66.61 41.89
C LEU C 393 -14.09 -66.27 42.89
N LYS C 394 -14.24 -67.06 43.96
CA LYS C 394 -15.24 -66.76 44.96
CA LYS C 394 -15.23 -66.76 44.97
C LYS C 394 -14.98 -65.42 45.63
N LEU C 395 -13.70 -65.13 45.89
CA LEU C 395 -13.33 -63.86 46.54
C LEU C 395 -13.62 -62.68 45.60
N ALA C 396 -13.30 -62.84 44.31
CA ALA C 396 -13.59 -61.82 43.30
C ALA C 396 -15.09 -61.51 43.25
N LYS C 397 -15.91 -62.56 43.29
CA LYS C 397 -17.37 -62.37 43.33
C LYS C 397 -17.83 -61.70 44.64
N ASP C 398 -17.24 -62.03 45.79
CA ASP C 398 -17.51 -61.30 47.05
C ASP C 398 -17.24 -59.80 46.92
N GLY C 399 -16.08 -59.45 46.37
CA GLY C 399 -15.74 -58.07 46.17
C GLY C 399 -16.71 -57.31 45.26
N LEU C 400 -17.15 -57.94 44.17
CA LEU C 400 -18.11 -57.30 43.27
C LEU C 400 -19.49 -57.17 43.91
N GLU C 401 -19.92 -58.19 44.67
CA GLU C 401 -21.17 -58.11 45.42
C GLU C 401 -21.17 -56.94 46.39
N ARG C 402 -20.08 -56.81 47.15
CA ARG C 402 -19.99 -55.74 48.14
C ARG C 402 -19.86 -54.33 47.57
N ARG C 403 -19.44 -54.21 46.32
CA ARG C 403 -19.38 -52.89 45.67
C ARG C 403 -20.79 -52.26 45.58
N GLY C 404 -21.80 -53.11 45.51
CA GLY C 404 -23.17 -52.65 45.50
C GLY C 404 -23.72 -52.25 44.13
N TYR C 405 -22.95 -52.47 43.05
CA TYR C 405 -23.39 -52.06 41.71
C TYR C 405 -24.06 -53.16 40.90
N LYS C 406 -24.19 -54.35 41.49
CA LYS C 406 -24.75 -55.51 40.80
C LYS C 406 -23.87 -55.91 39.58
N GLU C 407 -22.56 -55.96 39.78
CA GLU C 407 -21.61 -56.26 38.71
C GLU C 407 -21.20 -57.75 38.64
N VAL C 408 -21.62 -58.56 39.60
CA VAL C 408 -21.07 -59.93 39.75
C VAL C 408 -21.26 -60.81 38.50
N GLY C 409 -22.30 -60.51 37.72
CA GLY C 409 -22.64 -61.21 36.49
C GLY C 409 -21.52 -61.19 35.45
N PHE C 410 -20.67 -60.17 35.51
CA PHE C 410 -19.56 -60.11 34.60
C PHE C 410 -18.52 -61.20 34.78
N LEU C 411 -18.61 -61.97 35.86
CA LEU C 411 -17.70 -63.10 36.09
C LEU C 411 -18.30 -64.45 35.66
N ASN C 412 -19.53 -64.43 35.13
CA ASN C 412 -20.15 -65.63 34.59
C ASN C 412 -19.31 -66.22 33.47
N ALA C 413 -18.68 -65.37 32.68
CA ALA C 413 -17.85 -65.83 31.55
C ALA C 413 -16.61 -66.66 31.92
N VAL C 414 -16.19 -66.64 33.19
CA VAL C 414 -15.06 -67.47 33.65
C VAL C 414 -15.42 -68.51 34.71
N THR C 415 -16.71 -68.58 35.05
CA THR C 415 -17.18 -69.46 36.10
C THR C 415 -17.07 -70.92 35.66
N GLU C 416 -17.44 -71.23 34.43
CA GLU C 416 -17.34 -72.62 33.97
C GLU C 416 -15.91 -73.03 33.72
N VAL C 417 -15.05 -72.08 33.33
CA VAL C 417 -13.62 -72.33 33.18
C VAL C 417 -13.08 -72.84 34.51
N VAL C 418 -13.34 -72.09 35.56
CA VAL C 418 -12.84 -72.41 36.89
C VAL C 418 -13.48 -73.70 37.42
N ARG C 419 -14.77 -73.87 37.14
CA ARG C 419 -15.54 -75.04 37.57
C ARG C 419 -15.00 -76.34 36.97
N THR C 420 -14.82 -76.35 35.64
CA THR C 420 -14.36 -77.53 34.92
C THR C 420 -12.81 -77.63 34.88
N GLY C 421 -12.14 -76.51 35.09
CA GLY C 421 -10.67 -76.48 34.92
C GLY C 421 -10.22 -76.49 33.47
N VAL C 422 -11.14 -76.24 32.54
CA VAL C 422 -10.91 -76.28 31.11
C VAL C 422 -10.87 -74.83 30.59
N THR C 423 -9.72 -74.41 30.09
CA THR C 423 -9.52 -73.06 29.58
C THR C 423 -10.23 -72.86 28.24
N PRO C 424 -10.49 -71.60 27.84
CA PRO C 424 -11.02 -71.36 26.50
C PRO C 424 -10.17 -71.99 25.39
N ALA C 425 -8.85 -71.97 25.53
CA ALA C 425 -7.94 -72.53 24.53
C ALA C 425 -8.17 -74.06 24.34
N GLU C 426 -8.41 -74.76 25.44
CA GLU C 426 -8.74 -76.18 25.40
C GLU C 426 -10.07 -76.48 24.70
N ASN C 427 -11.04 -75.58 24.85
CA ASN C 427 -12.32 -75.69 24.12
C ASN C 427 -12.10 -75.51 22.59
N LEU C 428 -11.23 -74.58 22.20
CA LEU C 428 -10.87 -74.42 20.77
C LEU C 428 -10.15 -75.66 20.22
N LEU C 429 -9.24 -76.22 21.00
CA LEU C 429 -8.52 -77.43 20.63
C LEU C 429 -9.50 -78.59 20.41
N GLU C 430 -10.50 -78.69 21.29
CA GLU C 430 -11.56 -79.70 21.18
C GLU C 430 -12.30 -79.59 19.87
N MSE C 431 -12.61 -78.37 19.48
CA MSE C 431 -13.27 -78.11 18.19
C MSE C 431 -12.37 -78.42 17.01
O MSE C 431 -12.81 -79.07 16.05
CB MSE C 431 -13.80 -76.68 18.12
CG MSE C 431 -14.87 -76.42 19.17
SE MSE C 431 -15.52 -74.57 19.22
CE MSE C 431 -14.71 -73.80 20.88
N TYR C 432 -11.11 -77.96 17.08
CA TYR C 432 -10.11 -78.29 16.07
C TYR C 432 -10.03 -79.80 15.81
N ASN C 433 -9.94 -80.56 16.89
CA ASN C 433 -9.80 -82.01 16.79
C ASN C 433 -11.10 -82.71 16.49
N GLY C 434 -12.21 -81.99 16.51
CA GLY C 434 -13.50 -82.60 16.23
C GLY C 434 -14.18 -81.94 15.06
N GLU C 435 -15.22 -81.17 15.37
CA GLU C 435 -16.09 -80.55 14.33
C GLU C 435 -15.36 -79.70 13.25
N TRP C 436 -14.23 -79.06 13.57
CA TRP C 436 -13.51 -78.23 12.58
C TRP C 436 -12.71 -79.04 11.57
N GLY C 437 -12.54 -80.34 11.83
CA GLY C 437 -11.79 -81.23 10.93
C GLY C 437 -10.31 -80.88 10.84
N GLN C 438 -9.75 -80.37 11.93
CA GLN C 438 -8.33 -80.03 12.00
C GLN C 438 -7.92 -78.92 11.02
N SER C 439 -8.77 -77.90 10.96
CA SER C 439 -8.46 -76.64 10.31
C SER C 439 -8.76 -75.55 11.34
N VAL C 440 -7.94 -74.49 11.36
CA VAL C 440 -8.24 -73.34 12.24
C VAL C 440 -9.21 -72.36 11.60
N ASP C 441 -9.46 -72.50 10.30
CA ASP C 441 -10.31 -71.56 9.57
C ASP C 441 -11.65 -71.27 10.26
N PRO C 442 -12.30 -72.30 10.81
CA PRO C 442 -13.55 -72.00 11.52
C PRO C 442 -13.43 -71.11 12.78
N VAL C 443 -12.21 -70.86 13.31
CA VAL C 443 -12.04 -69.96 14.45
C VAL C 443 -12.39 -68.52 14.07
N PHE C 444 -12.23 -68.19 12.79
CA PHE C 444 -12.55 -66.86 12.28
C PHE C 444 -14.06 -66.56 12.23
N GLN C 445 -14.88 -67.60 12.40
CA GLN C 445 -16.32 -67.44 12.65
C GLN C 445 -16.59 -67.61 14.16
N GLU C 446 -16.00 -68.63 14.76
CA GLU C 446 -16.18 -68.91 16.20
C GLU C 446 -15.92 -67.70 17.11
N LEU C 447 -14.80 -67.02 16.87
CA LEU C 447 -14.38 -65.88 17.68
C LEU C 447 -14.41 -64.56 16.90
N LEU C 448 -15.25 -64.50 15.89
CA LEU C 448 -15.60 -63.27 15.19
C LEU C 448 -16.32 -62.32 16.12
N TYR C 449 -15.83 -61.09 16.24
CA TYR C 449 -16.63 -60.04 16.88
C TYR C 449 -17.78 -59.74 15.95
N ALA D 12 -51.87 -16.66 35.35
CA ALA D 12 -52.00 -15.53 34.44
C ALA D 12 -52.85 -15.88 33.23
N THR D 13 -53.97 -15.19 33.08
CA THR D 13 -55.01 -15.60 32.13
C THR D 13 -54.84 -14.88 30.81
N GLU D 14 -54.31 -15.59 29.82
CA GLU D 14 -54.43 -15.19 28.42
C GLU D 14 -54.91 -16.35 27.55
N PRO D 15 -56.21 -16.38 27.28
CA PRO D 15 -56.84 -17.57 26.68
C PRO D 15 -56.32 -17.84 25.27
N LEU D 16 -56.16 -19.11 24.92
CA LEU D 16 -55.68 -19.49 23.60
C LEU D 16 -56.79 -19.40 22.56
N THR D 17 -56.42 -19.02 21.34
CA THR D 17 -57.36 -18.97 20.25
C THR D 17 -56.95 -20.03 19.23
N ARG D 18 -57.82 -20.26 18.27
CA ARG D 18 -57.51 -21.09 17.12
C ARG D 18 -56.25 -20.62 16.41
N GLU D 19 -56.10 -19.31 16.25
CA GLU D 19 -54.93 -18.70 15.60
C GLU D 19 -53.64 -19.10 16.31
N ASP D 20 -53.69 -19.15 17.64
CA ASP D 20 -52.54 -19.55 18.45
C ASP D 20 -52.20 -21.03 18.22
N LEU D 21 -53.24 -21.85 18.02
CA LEU D 21 -53.06 -23.26 17.74
C LEU D 21 -52.41 -23.50 16.37
N ILE D 22 -52.73 -22.65 15.39
CA ILE D 22 -52.13 -22.69 14.06
C ILE D 22 -50.64 -22.30 14.16
N ALA D 23 -50.39 -21.20 14.87
CA ALA D 23 -49.02 -20.71 15.08
C ALA D 23 -48.17 -21.74 15.83
N TYR D 24 -48.79 -22.52 16.72
CA TYR D 24 -48.05 -23.58 17.43
C TYR D 24 -47.43 -24.57 16.47
N LEU D 25 -48.23 -25.04 15.52
CA LEU D 25 -47.74 -25.96 14.49
C LEU D 25 -46.65 -25.31 13.63
N ALA D 26 -46.95 -24.10 13.15
CA ALA D 26 -46.04 -23.36 12.29
C ALA D 26 -44.74 -23.06 13.02
N SER D 27 -44.76 -23.01 14.35
CA SER D 27 -43.54 -22.78 15.14
C SER D 27 -42.52 -23.87 14.97
N GLY D 28 -42.91 -25.00 14.39
CA GLY D 28 -42.00 -26.11 14.07
C GLY D 28 -41.06 -25.87 12.87
N CYS D 29 -41.36 -24.84 12.08
CA CYS D 29 -40.58 -24.56 10.89
C CYS D 29 -39.14 -24.32 11.29
N LYS D 30 -38.23 -24.99 10.61
CA LYS D 30 -36.82 -24.71 10.77
C LYS D 30 -36.05 -24.88 9.45
N SER D 31 -34.97 -24.14 9.34
CA SER D 31 -34.14 -24.13 8.16
C SER D 31 -33.49 -25.47 7.96
N LYS D 32 -33.13 -25.74 6.70
CA LYS D 32 -32.65 -27.08 6.31
C LYS D 32 -31.44 -27.56 7.10
N GLU D 33 -30.53 -26.65 7.45
CA GLU D 33 -29.34 -27.02 8.19
C GLU D 33 -29.65 -27.46 9.61
N LYS D 34 -30.87 -27.20 10.09
CA LYS D 34 -31.26 -27.65 11.40
C LYS D 34 -32.24 -28.82 11.41
N TRP D 35 -32.49 -29.37 10.23
CA TRP D 35 -33.35 -30.54 10.09
C TRP D 35 -32.67 -31.72 10.72
N ARG D 36 -33.43 -32.47 11.53
CA ARG D 36 -32.92 -33.61 12.24
C ARG D 36 -33.79 -34.83 11.99
N ILE D 37 -33.34 -35.96 12.53
CA ILE D 37 -34.01 -37.24 12.34
C ILE D 37 -34.29 -37.82 13.72
N GLY D 38 -35.56 -38.04 14.02
CA GLY D 38 -35.97 -38.65 15.27
C GLY D 38 -36.59 -39.99 14.97
N THR D 39 -36.11 -41.02 15.64
CA THR D 39 -36.58 -42.38 15.41
C THR D 39 -37.18 -42.98 16.67
N GLU D 40 -38.37 -43.59 16.52
CA GLU D 40 -39.01 -44.32 17.60
C GLU D 40 -39.30 -45.75 17.14
N HIS D 41 -39.14 -46.70 18.05
CA HIS D 41 -39.56 -48.06 17.79
C HIS D 41 -40.04 -48.71 19.09
N GLU D 42 -40.91 -49.70 18.92
CA GLU D 42 -41.45 -50.49 20.01
C GLU D 42 -41.07 -51.95 19.78
N LYS D 43 -40.95 -52.72 20.87
CA LYS D 43 -40.55 -54.14 20.85
C LYS D 43 -41.40 -54.93 21.84
N PHE D 44 -41.64 -56.22 21.57
CA PHE D 44 -42.31 -57.13 22.51
C PHE D 44 -41.30 -57.81 23.40
N GLY D 45 -41.44 -57.65 24.72
CA GLY D 45 -40.65 -58.40 25.67
C GLY D 45 -41.32 -59.75 25.98
N PHE D 46 -40.50 -60.78 26.13
CA PHE D 46 -41.03 -62.13 26.42
C PHE D 46 -40.06 -62.97 27.25
N GLU D 47 -40.60 -63.94 27.97
CA GLU D 47 -39.79 -64.90 28.69
C GLU D 47 -39.21 -65.87 27.68
N VAL D 48 -37.89 -65.97 27.68
CA VAL D 48 -37.17 -66.81 26.71
C VAL D 48 -37.60 -68.28 26.79
N ASN D 49 -37.89 -68.81 27.98
CA ASN D 49 -38.18 -70.22 28.11
C ASN D 49 -39.69 -70.60 27.89
N THR D 50 -40.64 -69.73 28.22
CA THR D 50 -42.07 -70.01 28.02
C THR D 50 -42.67 -69.26 26.83
N LEU D 51 -41.95 -68.24 26.36
CA LEU D 51 -42.38 -67.32 25.31
C LEU D 51 -43.54 -66.39 25.74
N ARG D 52 -43.83 -66.41 27.03
CA ARG D 52 -44.90 -65.63 27.64
CA ARG D 52 -44.92 -65.64 27.56
C ARG D 52 -44.59 -64.14 27.59
N PRO D 53 -45.64 -63.30 27.42
CA PRO D 53 -45.39 -61.84 27.42
C PRO D 53 -44.85 -61.36 28.75
N MSE D 54 -43.90 -60.45 28.66
CA MSE D 54 -43.31 -59.81 29.80
C MSE D 54 -44.39 -59.04 30.59
O MSE D 54 -45.14 -58.26 30.01
CB MSE D 54 -42.24 -58.87 29.26
CG MSE D 54 -41.64 -58.00 30.26
SE MSE D 54 -40.20 -56.96 29.49
CE MSE D 54 -41.13 -55.71 28.18
N LYS D 55 -44.46 -59.28 31.90
CA LYS D 55 -45.42 -58.68 32.81
C LYS D 55 -44.86 -57.38 33.44
N TYR D 56 -45.74 -56.57 34.03
CA TYR D 56 -45.35 -55.28 34.57
C TYR D 56 -44.22 -55.40 35.62
N ASP D 57 -44.32 -56.39 36.49
CA ASP D 57 -43.33 -56.55 37.54
C ASP D 57 -41.93 -56.74 36.99
N GLN D 58 -41.83 -57.48 35.87
CA GLN D 58 -40.57 -57.67 35.16
C GLN D 58 -40.15 -56.40 34.43
N ILE D 59 -41.12 -55.67 33.91
CA ILE D 59 -40.85 -54.37 33.27
C ILE D 59 -40.26 -53.35 34.25
N ALA D 60 -40.86 -53.27 35.42
CA ALA D 60 -40.40 -52.36 36.48
C ALA D 60 -38.97 -52.67 36.89
N GLU D 61 -38.63 -53.96 37.02
CA GLU D 61 -37.24 -54.36 37.33
C GLU D 61 -36.28 -53.96 36.20
N LEU D 62 -36.72 -54.20 34.96
CA LEU D 62 -35.95 -53.85 33.80
C LEU D 62 -35.61 -52.36 33.76
N LEU D 63 -36.64 -51.52 33.92
CA LEU D 63 -36.49 -50.05 33.91
C LEU D 63 -35.66 -49.52 35.08
N ASN D 64 -35.90 -50.00 36.30
CA ASN D 64 -35.06 -49.65 37.45
C ASN D 64 -33.58 -50.04 37.26
N SER D 65 -33.31 -51.23 36.73
CA SER D 65 -31.92 -51.64 36.46
C SER D 65 -31.24 -50.80 35.37
N ILE D 66 -31.97 -50.51 34.28
CA ILE D 66 -31.42 -49.67 33.24
C ILE D 66 -31.06 -48.30 33.79
N ALA D 67 -31.95 -47.72 34.60
CA ALA D 67 -31.78 -46.36 35.13
C ALA D 67 -30.51 -46.25 35.97
N GLU D 68 -30.32 -47.28 36.78
CA GLU D 68 -29.26 -47.36 37.77
C GLU D 68 -27.91 -47.66 37.11
N ARG D 69 -27.87 -48.59 36.16
CA ARG D 69 -26.63 -48.96 35.46
C ARG D 69 -26.15 -47.94 34.46
N PHE D 70 -27.09 -47.36 33.73
CA PHE D 70 -26.78 -46.53 32.57
C PHE D 70 -27.21 -45.06 32.71
N GLU D 71 -27.59 -44.66 33.92
CA GLU D 71 -27.87 -43.26 34.29
C GLU D 71 -29.05 -42.64 33.50
N TRP D 72 -30.23 -43.20 33.77
CA TRP D 72 -31.46 -42.65 33.27
C TRP D 72 -32.27 -42.13 34.44
N GLU D 73 -33.01 -41.06 34.17
CA GLU D 73 -33.97 -40.52 35.11
C GLU D 73 -35.24 -41.38 35.05
N LYS D 74 -35.78 -41.72 36.21
CA LYS D 74 -37.03 -42.53 36.33
C LYS D 74 -38.30 -41.70 36.16
N VAL D 75 -39.18 -42.14 35.27
CA VAL D 75 -40.46 -41.46 35.07
C VAL D 75 -41.52 -42.30 35.78
N MSE D 76 -42.25 -41.62 36.65
CA MSE D 76 -43.19 -42.27 37.57
C MSE D 76 -44.62 -41.86 37.24
O MSE D 76 -44.86 -40.72 36.84
CB MSE D 76 -42.91 -41.86 39.04
CG MSE D 76 -41.44 -41.99 39.50
SE MSE D 76 -40.86 -43.87 39.55
CE MSE D 76 -41.82 -44.57 41.25
N GLU D 77 -45.55 -42.79 37.38
CA GLU D 77 -46.96 -42.47 37.48
C GLU D 77 -47.44 -42.97 38.82
N GLY D 78 -47.67 -42.02 39.72
CA GLY D 78 -47.84 -42.35 41.12
C GLY D 78 -46.60 -43.08 41.61
N ASP D 79 -46.81 -44.28 42.16
CA ASP D 79 -45.74 -45.10 42.70
C ASP D 79 -45.19 -46.12 41.72
N LYS D 80 -45.60 -46.03 40.48
CA LYS D 80 -45.21 -46.97 39.45
C LYS D 80 -44.24 -46.31 38.46
N ILE D 81 -43.07 -46.94 38.31
CA ILE D 81 -42.14 -46.60 37.25
C ILE D 81 -42.76 -46.99 35.90
N ILE D 82 -42.84 -46.05 34.98
CA ILE D 82 -43.46 -46.32 33.67
C ILE D 82 -42.57 -45.96 32.48
N GLY D 83 -41.41 -45.39 32.77
CA GLY D 83 -40.51 -44.96 31.73
C GLY D 83 -39.24 -44.39 32.29
N LEU D 84 -38.39 -43.97 31.37
CA LEU D 84 -37.08 -43.42 31.66
C LEU D 84 -36.80 -42.25 30.74
N LYS D 85 -35.88 -41.40 31.17
CA LYS D 85 -35.52 -40.19 30.45
C LYS D 85 -33.99 -39.95 30.59
N GLN D 86 -33.35 -39.61 29.49
CA GLN D 86 -31.93 -39.27 29.46
C GLN D 86 -31.67 -38.33 28.29
N GLY D 87 -31.38 -37.07 28.61
CA GLY D 87 -31.27 -36.03 27.58
C GLY D 87 -32.56 -35.92 26.77
N LYS D 88 -32.44 -36.02 25.46
CA LYS D 88 -33.57 -35.98 24.58
C LYS D 88 -34.10 -37.36 24.18
N GLN D 89 -33.69 -38.41 24.90
CA GLN D 89 -34.18 -39.77 24.68
C GLN D 89 -35.15 -40.13 25.78
N SER D 90 -36.10 -40.99 25.42
CA SER D 90 -37.08 -41.53 26.39
C SER D 90 -37.26 -43.00 26.12
N ILE D 91 -37.46 -43.74 27.19
CA ILE D 91 -37.97 -45.11 27.13
C ILE D 91 -39.37 -45.08 27.77
N SER D 92 -40.37 -45.61 27.05
CA SER D 92 -41.74 -45.63 27.53
C SER D 92 -42.40 -47.00 27.28
N LEU D 93 -43.60 -47.19 27.84
CA LEU D 93 -44.36 -48.42 27.70
C LEU D 93 -45.64 -48.16 26.94
N GLU D 94 -45.92 -49.01 25.94
CA GLU D 94 -47.20 -49.05 25.28
C GLU D 94 -48.23 -49.83 26.17
N PRO D 95 -49.52 -49.78 25.81
CA PRO D 95 -50.54 -50.39 26.66
C PRO D 95 -50.34 -51.86 27.02
N GLY D 96 -49.73 -52.65 26.14
CA GLY D 96 -49.50 -54.08 26.39
C GLY D 96 -48.07 -54.40 26.82
N GLY D 97 -47.33 -53.37 27.21
CA GLY D 97 -45.98 -53.55 27.73
C GLY D 97 -44.92 -53.48 26.66
N GLN D 98 -45.29 -53.18 25.44
CA GLN D 98 -44.32 -52.99 24.38
C GLN D 98 -43.33 -51.91 24.85
N PHE D 99 -42.05 -52.17 24.60
CA PHE D 99 -40.94 -51.43 25.17
C PHE D 99 -40.43 -50.47 24.10
N GLU D 100 -40.66 -49.17 24.33
CA GLU D 100 -40.43 -48.15 23.32
C GLU D 100 -39.20 -47.27 23.61
N LEU D 101 -38.39 -47.03 22.57
CA LEU D 101 -37.39 -45.96 22.61
C LEU D 101 -37.84 -44.84 21.69
N SER D 102 -37.90 -43.63 22.23
CA SER D 102 -37.93 -42.39 21.43
C SER D 102 -36.55 -41.76 21.46
N GLY D 103 -35.88 -41.78 20.33
CA GLY D 103 -34.55 -41.26 20.25
C GLY D 103 -34.51 -39.77 20.14
N ALA D 104 -33.30 -39.24 20.29
CA ALA D 104 -33.02 -37.82 20.19
C ALA D 104 -33.08 -37.35 18.73
N PRO D 105 -33.15 -36.03 18.50
CA PRO D 105 -33.06 -35.50 17.14
C PRO D 105 -31.60 -35.56 16.68
N LEU D 106 -31.34 -36.38 15.68
CA LEU D 106 -29.97 -36.64 15.23
C LEU D 106 -29.76 -36.13 13.80
N GLU D 107 -28.51 -35.78 13.52
CA GLU D 107 -28.12 -35.21 12.23
C GLU D 107 -27.96 -36.27 11.14
N THR D 108 -27.41 -37.42 11.47
CA THR D 108 -27.18 -38.48 10.46
C THR D 108 -27.73 -39.85 10.88
N LEU D 109 -27.91 -40.71 9.88
CA LEU D 109 -28.42 -42.08 10.12
C LEU D 109 -27.37 -43.00 10.77
N HIS D 110 -26.10 -42.60 10.71
CA HIS D 110 -25.05 -43.30 11.42
C HIS D 110 -25.24 -43.14 12.92
N GLN D 111 -25.59 -41.92 13.31
CA GLN D 111 -25.90 -41.60 14.69
C GLN D 111 -27.21 -42.33 15.10
N THR D 112 -28.19 -42.32 14.21
CA THR D 112 -29.45 -43.05 14.47
C THR D 112 -29.21 -44.53 14.81
N CYS D 113 -28.48 -45.21 13.95
CA CYS D 113 -28.27 -46.64 14.15
C CYS D 113 -27.37 -46.93 15.37
N ALA D 114 -26.42 -46.05 15.66
CA ALA D 114 -25.61 -46.19 16.86
C ALA D 114 -26.48 -46.03 18.11
N GLU D 115 -27.47 -45.11 18.04
CA GLU D 115 -28.45 -44.90 19.09
C GLU D 115 -29.34 -46.12 19.34
N VAL D 116 -29.81 -46.73 18.26
CA VAL D 116 -30.54 -48.02 18.33
C VAL D 116 -29.67 -49.12 18.96
N ASN D 117 -28.44 -49.26 18.50
CA ASN D 117 -27.52 -50.24 19.07
C ASN D 117 -27.26 -50.04 20.58
N SER D 118 -27.03 -48.79 20.97
CA SER D 118 -26.83 -48.49 22.38
C SER D 118 -28.02 -48.93 23.25
N HIS D 119 -29.23 -48.70 22.72
CA HIS D 119 -30.46 -49.06 23.42
C HIS D 119 -30.61 -50.58 23.54
N LEU D 120 -30.45 -51.26 22.42
CA LEU D 120 -30.54 -52.73 22.40
C LEU D 120 -29.48 -53.40 23.28
N TYR D 121 -28.26 -52.84 23.31
CA TYR D 121 -27.23 -53.33 24.22
C TYR D 121 -27.70 -53.18 25.69
N GLN D 122 -28.15 -51.98 26.07
CA GLN D 122 -28.53 -51.70 27.47
C GLN D 122 -29.73 -52.57 27.92
N VAL D 123 -30.71 -52.74 27.05
CA VAL D 123 -31.85 -53.61 27.35
C VAL D 123 -31.41 -55.08 27.52
N LYS D 124 -30.64 -55.61 26.57
CA LYS D 124 -30.17 -57.00 26.65
C LYS D 124 -29.22 -57.24 27.81
N ALA D 125 -28.42 -56.22 28.14
CA ALA D 125 -27.48 -56.28 29.28
C ALA D 125 -28.18 -56.55 30.59
N VAL D 126 -29.39 -56.03 30.74
CA VAL D 126 -30.19 -56.26 31.94
C VAL D 126 -31.13 -57.50 31.74
N ALA D 127 -31.77 -57.58 30.59
CA ALA D 127 -32.82 -58.56 30.35
C ALA D 127 -32.30 -60.00 30.31
N GLU D 128 -31.05 -60.20 29.87
CA GLU D 128 -30.47 -61.55 29.78
C GLU D 128 -30.40 -62.26 31.14
N GLU D 129 -30.01 -61.53 32.18
CA GLU D 129 -29.96 -62.07 33.53
C GLU D 129 -31.39 -62.40 34.03
N MSE D 130 -32.40 -61.70 33.49
CA MSE D 130 -33.77 -61.92 33.88
C MSE D 130 -34.53 -63.02 33.06
O MSE D 130 -35.71 -63.29 33.32
CB MSE D 130 -34.53 -60.63 33.75
CG MSE D 130 -34.05 -59.47 34.57
SE MSE D 130 -35.17 -57.91 34.12
CE MSE D 130 -36.96 -58.70 34.69
N GLY D 131 -33.85 -63.64 32.09
CA GLY D 131 -34.46 -64.59 31.18
C GLY D 131 -35.44 -63.98 30.20
N ILE D 132 -35.23 -62.71 29.86
CA ILE D 132 -36.14 -61.96 29.03
C ILE D 132 -35.49 -61.72 27.65
N GLY D 133 -36.28 -61.90 26.60
CA GLY D 133 -35.89 -61.53 25.25
C GLY D 133 -36.83 -60.48 24.65
N PHE D 134 -36.41 -59.87 23.56
CA PHE D 134 -37.25 -58.92 22.80
C PHE D 134 -37.42 -59.37 21.34
N LEU D 135 -38.65 -59.22 20.86
CA LEU D 135 -39.06 -59.63 19.51
C LEU D 135 -39.41 -58.40 18.66
N GLY D 136 -38.82 -58.36 17.48
CA GLY D 136 -39.05 -57.30 16.52
C GLY D 136 -39.99 -57.73 15.40
N MSE D 137 -41.28 -57.53 15.63
CA MSE D 137 -42.37 -57.85 14.69
C MSE D 137 -43.46 -56.80 14.83
O MSE D 137 -43.48 -56.05 15.80
CB MSE D 137 -43.06 -59.17 15.02
CG MSE D 137 -42.26 -60.33 14.74
SE MSE D 137 -43.38 -61.86 14.81
CE MSE D 137 -44.01 -61.90 12.91
N GLY D 138 -44.37 -56.79 13.88
CA GLY D 138 -45.44 -55.83 13.86
C GLY D 138 -46.64 -56.21 14.70
N PHE D 139 -46.86 -57.50 14.89
CA PHE D 139 -48.01 -58.01 15.65
C PHE D 139 -47.60 -59.23 16.44
N GLN D 140 -48.06 -59.28 17.68
CA GLN D 140 -47.73 -60.35 18.63
C GLN D 140 -48.24 -61.67 18.03
N PRO D 141 -47.31 -62.57 17.64
CA PRO D 141 -47.65 -63.75 16.81
C PRO D 141 -48.29 -64.99 17.50
N LYS D 142 -48.26 -65.01 18.84
CA LYS D 142 -48.61 -66.20 19.61
C LYS D 142 -49.83 -66.08 20.51
N TRP D 143 -49.94 -64.94 21.21
CA TRP D 143 -50.85 -64.84 22.33
C TRP D 143 -52.12 -64.06 21.97
N ARG D 144 -53.18 -64.37 22.70
CA ARG D 144 -54.45 -63.67 22.55
C ARG D 144 -54.42 -62.30 23.19
N ARG D 145 -55.44 -61.51 22.87
CA ARG D 145 -55.62 -60.19 23.45
C ARG D 145 -55.74 -60.22 24.97
N GLU D 146 -56.45 -61.21 25.51
CA GLU D 146 -56.61 -61.30 26.95
C GLU D 146 -55.42 -61.89 27.67
N ASP D 147 -54.44 -62.41 26.92
CA ASP D 147 -53.18 -62.90 27.50
C ASP D 147 -52.15 -61.77 27.72
N ILE D 148 -52.42 -60.61 27.16
CA ILE D 148 -51.45 -59.50 27.24
C ILE D 148 -51.58 -58.74 28.56
N PRO D 149 -50.46 -58.56 29.28
CA PRO D 149 -50.55 -57.75 30.49
C PRO D 149 -50.87 -56.31 30.14
N THR D 150 -51.67 -55.65 30.98
CA THR D 150 -51.95 -54.24 30.78
C THR D 150 -51.12 -53.37 31.77
N MSE D 151 -50.68 -52.22 31.29
CA MSE D 151 -49.81 -51.33 32.04
C MSE D 151 -50.58 -50.45 32.98
O MSE D 151 -51.68 -49.96 32.63
CB MSE D 151 -49.02 -50.46 31.09
CG MSE D 151 -48.13 -51.27 30.15
SE MSE D 151 -46.91 -52.47 31.13
CE MSE D 151 -47.82 -54.20 31.28
N PRO D 152 -50.02 -50.17 34.18
CA PRO D 152 -50.76 -49.36 35.15
C PRO D 152 -50.67 -47.85 34.76
N LYS D 153 -51.25 -47.50 33.62
CA LYS D 153 -51.24 -46.11 33.13
C LYS D 153 -52.67 -45.63 32.86
N GLY D 154 -53.08 -44.61 33.62
CA GLY D 154 -54.41 -44.00 33.57
C GLY D 154 -54.90 -43.60 32.21
N ARG D 155 -54.02 -43.07 31.39
CA ARG D 155 -54.41 -42.64 30.05
C ARG D 155 -54.87 -43.82 29.22
N TYR D 156 -54.20 -44.96 29.38
CA TYR D 156 -54.55 -46.19 28.69
C TYR D 156 -55.85 -46.81 29.16
N ASP D 157 -56.17 -46.66 30.44
CA ASP D 157 -57.45 -47.14 30.97
C ASP D 157 -58.64 -46.43 30.31
N ILE D 158 -58.49 -45.12 30.11
CA ILE D 158 -59.47 -44.30 29.42
C ILE D 158 -59.65 -44.76 27.97
N MSE D 159 -58.54 -44.94 27.28
CA MSE D 159 -58.53 -45.41 25.91
C MSE D 159 -59.11 -46.80 25.73
O MSE D 159 -59.90 -47.01 24.82
CB MSE D 159 -57.12 -45.37 25.39
CG MSE D 159 -56.61 -43.95 25.14
SE MSE D 159 -54.75 -44.02 24.45
CE MSE D 159 -55.12 -45.02 22.68
N ARG D 160 -58.72 -47.74 26.60
CA ARG D 160 -59.23 -49.11 26.54
C ARG D 160 -60.75 -49.15 26.68
N ASN D 161 -61.31 -48.31 27.55
CA ASN D 161 -62.77 -48.22 27.72
C ASN D 161 -63.49 -47.62 26.50
N TYR D 162 -62.80 -46.73 25.79
CA TYR D 162 -63.37 -46.03 24.63
C TYR D 162 -63.26 -46.79 23.30
N MSE D 163 -62.17 -47.54 23.12
CA MSE D 163 -61.91 -48.25 21.87
C MSE D 163 -63.08 -49.08 21.32
O MSE D 163 -63.39 -48.96 20.16
CB MSE D 163 -60.64 -49.11 21.97
CG MSE D 163 -59.34 -48.33 21.94
SE MSE D 163 -59.09 -47.26 20.29
CE MSE D 163 -57.35 -46.26 20.79
N PRO D 164 -63.73 -49.89 22.16
CA PRO D 164 -64.87 -50.72 21.70
C PRO D 164 -66.04 -49.91 21.14
N LYS D 165 -66.12 -48.63 21.52
CA LYS D 165 -67.20 -47.74 21.03
C LYS D 165 -66.98 -47.24 19.59
N VAL D 166 -65.76 -47.35 19.09
CA VAL D 166 -65.38 -46.80 17.78
C VAL D 166 -64.75 -47.79 16.81
N GLY D 167 -64.59 -49.04 17.20
CA GLY D 167 -63.96 -50.02 16.32
C GLY D 167 -63.86 -51.34 17.02
N SER D 168 -63.56 -52.39 16.27
CA SER D 168 -63.40 -53.70 16.87
C SER D 168 -61.95 -54.11 17.04
N LEU D 169 -61.01 -53.35 16.47
CA LEU D 169 -59.60 -53.74 16.50
C LEU D 169 -58.67 -52.79 17.25
N GLY D 170 -59.20 -51.71 17.80
CA GLY D 170 -58.38 -50.71 18.50
C GLY D 170 -57.68 -51.21 19.76
N LEU D 171 -58.29 -52.17 20.46
CA LEU D 171 -57.63 -52.81 21.59
C LEU D 171 -56.43 -53.65 21.13
N ASP D 172 -56.50 -54.22 19.93
CA ASP D 172 -55.35 -54.94 19.36
C ASP D 172 -54.24 -54.02 18.93
N MSE D 173 -54.59 -52.86 18.38
CA MSE D 173 -53.59 -51.83 18.15
C MSE D 173 -52.86 -51.52 19.45
O MSE D 173 -51.64 -51.52 19.50
CB MSE D 173 -54.23 -50.58 17.56
CG MSE D 173 -53.25 -49.42 17.29
SE MSE D 173 -52.77 -48.27 18.89
CE MSE D 173 -54.53 -47.48 19.29
N MSE D 174 -53.60 -51.27 20.52
CA MSE D 174 -53.02 -50.89 21.81
C MSE D 174 -52.13 -51.97 22.45
O MSE D 174 -51.01 -51.69 22.89
CB MSE D 174 -54.13 -50.50 22.79
CG MSE D 174 -54.89 -49.21 22.41
SE MSE D 174 -56.23 -48.73 23.84
CE MSE D 174 -54.91 -48.32 25.34
N LEU D 175 -52.60 -53.20 22.39
CA LEU D 175 -52.01 -54.30 23.14
C LEU D 175 -51.05 -55.23 22.38
N ARG D 176 -51.20 -55.30 21.06
CA ARG D 176 -50.57 -56.35 20.30
C ARG D 176 -49.80 -55.92 19.05
N THR D 177 -49.63 -54.61 18.83
CA THR D 177 -48.89 -54.09 17.67
C THR D 177 -47.58 -53.38 18.07
N CYS D 178 -46.60 -53.44 17.19
CA CYS D 178 -45.32 -52.71 17.33
C CYS D 178 -44.96 -52.04 16.01
N THR D 179 -44.50 -50.78 16.11
CA THR D 179 -44.13 -49.96 14.95
C THR D 179 -42.65 -49.50 15.05
N VAL D 180 -42.11 -49.11 13.89
CA VAL D 180 -40.94 -48.26 13.82
C VAL D 180 -41.33 -46.98 13.06
N GLN D 181 -41.11 -45.83 13.67
CA GLN D 181 -41.44 -44.57 12.99
C GLN D 181 -40.32 -43.58 12.97
N VAL D 182 -40.47 -42.59 12.10
CA VAL D 182 -39.50 -41.51 11.99
C VAL D 182 -40.21 -40.15 12.03
N ASN D 183 -39.54 -39.20 12.68
CA ASN D 183 -39.98 -37.85 12.81
C ASN D 183 -39.03 -36.96 12.05
N LEU D 184 -39.59 -36.09 11.23
CA LEU D 184 -38.82 -35.26 10.32
C LEU D 184 -39.35 -33.81 10.30
N ASP D 185 -38.46 -32.89 9.93
CA ASP D 185 -38.74 -31.46 10.01
C ASP D 185 -39.14 -30.87 8.66
N PHE D 186 -39.80 -29.72 8.74
CA PHE D 186 -40.16 -28.91 7.59
C PHE D 186 -39.65 -27.49 7.80
N SER D 187 -39.50 -26.74 6.70
CA SER D 187 -38.92 -25.38 6.74
C SER D 187 -39.90 -24.25 6.52
N SER D 188 -41.10 -24.59 6.01
CA SER D 188 -42.13 -23.62 5.69
C SER D 188 -43.46 -24.36 5.54
N GLU D 189 -44.56 -23.62 5.39
CA GLU D 189 -45.83 -24.25 5.14
C GLU D 189 -45.84 -24.98 3.81
N ALA D 190 -45.27 -24.36 2.77
CA ALA D 190 -45.18 -25.01 1.45
C ALA D 190 -44.41 -26.30 1.52
N ASP D 191 -43.29 -26.31 2.26
CA ASP D 191 -42.48 -27.52 2.42
C ASP D 191 -43.25 -28.59 3.17
N MSE D 192 -43.90 -28.17 4.26
CA MSE D 192 -44.73 -29.06 5.06
C MSE D 192 -45.77 -29.74 4.17
O MSE D 192 -45.92 -30.97 4.22
CB MSE D 192 -45.42 -28.24 6.17
CG MSE D 192 -46.30 -29.02 7.15
SE MSE D 192 -48.13 -29.41 6.44
CE MSE D 192 -49.03 -27.68 6.64
N ILE D 193 -46.48 -28.96 3.36
CA ILE D 193 -47.55 -29.49 2.48
C ILE D 193 -46.99 -30.55 1.50
N ARG D 194 -45.85 -30.24 0.89
CA ARG D 194 -45.19 -31.16 -0.05
C ARG D 194 -44.71 -32.48 0.60
N LYS D 195 -44.16 -32.37 1.81
CA LYS D 195 -43.71 -33.56 2.55
C LYS D 195 -44.90 -34.42 3.03
N PHE D 196 -45.98 -33.75 3.42
CA PHE D 196 -47.18 -34.42 3.89
C PHE D 196 -47.79 -35.26 2.73
N ARG D 197 -47.90 -34.62 1.57
CA ARG D 197 -48.44 -35.30 0.39
C ARG D 197 -47.54 -36.44 -0.12
N ALA D 198 -46.23 -36.22 -0.12
CA ALA D 198 -45.27 -37.30 -0.43
C ALA D 198 -45.35 -38.45 0.58
N GLY D 199 -45.39 -38.08 1.86
CA GLY D 199 -45.49 -39.04 2.96
C GLY D 199 -46.73 -39.92 2.87
N LEU D 200 -47.89 -39.28 2.73
CA LEU D 200 -49.16 -40.00 2.66
C LEU D 200 -49.22 -40.89 1.42
N ALA D 201 -48.95 -40.34 0.25
CA ALA D 201 -48.95 -41.12 -1.00
C ALA D 201 -48.05 -42.37 -0.96
N LEU D 202 -46.84 -42.20 -0.44
CA LEU D 202 -45.87 -43.30 -0.38
C LEU D 202 -46.01 -44.20 0.83
N GLN D 203 -46.89 -43.87 1.77
CA GLN D 203 -46.98 -44.64 3.00
C GLN D 203 -47.28 -46.12 2.77
N PRO D 204 -48.24 -46.46 1.89
CA PRO D 204 -48.51 -47.89 1.62
C PRO D 204 -47.27 -48.66 1.06
N ILE D 205 -46.39 -47.96 0.35
CA ILE D 205 -45.12 -48.56 -0.08
C ILE D 205 -44.20 -48.89 1.11
N ALA D 206 -44.06 -47.94 2.05
CA ALA D 206 -43.34 -48.20 3.28
C ALA D 206 -43.96 -49.40 4.04
N THR D 207 -45.28 -49.40 4.17
CA THR D 207 -45.98 -50.49 4.83
C THR D 207 -45.64 -51.84 4.17
N ALA D 208 -45.65 -51.89 2.83
CA ALA D 208 -45.30 -53.14 2.13
C ALA D 208 -43.85 -53.57 2.35
N LEU D 209 -42.90 -52.66 2.24
CA LEU D 209 -41.47 -53.01 2.41
C LEU D 209 -41.14 -53.51 3.79
N PHE D 210 -41.89 -53.05 4.79
CA PHE D 210 -41.64 -53.39 6.19
C PHE D 210 -42.67 -54.36 6.78
N ALA D 211 -43.59 -54.84 5.94
CA ALA D 211 -44.65 -55.76 6.37
C ALA D 211 -44.08 -56.96 7.08
N ASN D 212 -44.52 -57.16 8.33
CA ASN D 212 -43.88 -58.09 9.27
C ASN D 212 -44.85 -58.55 10.36
N SER D 213 -46.07 -58.88 9.97
CA SER D 213 -47.09 -59.36 10.93
C SER D 213 -48.09 -60.35 10.31
N PRO D 214 -47.61 -61.51 9.85
CA PRO D 214 -48.43 -62.52 9.20
C PRO D 214 -49.02 -63.58 10.13
N PHE D 215 -48.75 -63.50 11.44
CA PHE D 215 -49.23 -64.49 12.40
C PHE D 215 -50.18 -63.91 13.43
N THR D 216 -51.22 -64.67 13.76
CA THR D 216 -52.07 -64.38 14.93
C THR D 216 -52.34 -65.69 15.66
N GLU D 217 -52.06 -65.70 16.96
CA GLU D 217 -52.34 -66.84 17.82
C GLU D 217 -51.80 -68.15 17.27
N GLY D 218 -50.55 -68.08 16.83
CA GLY D 218 -49.78 -69.24 16.40
C GLY D 218 -49.99 -69.71 14.98
N LYS D 219 -50.74 -68.96 14.18
CA LYS D 219 -51.13 -69.41 12.84
C LYS D 219 -51.12 -68.25 11.86
N PRO D 220 -51.00 -68.53 10.55
CA PRO D 220 -51.13 -67.44 9.59
C PRO D 220 -52.49 -66.76 9.72
N ASN D 221 -52.49 -65.43 9.70
CA ASN D 221 -53.72 -64.66 9.81
C ASN D 221 -54.29 -64.22 8.44
N GLY D 222 -53.62 -64.59 7.36
CA GLY D 222 -54.09 -64.25 5.99
C GLY D 222 -53.60 -62.88 5.51
N PHE D 223 -52.84 -62.18 6.37
CA PHE D 223 -52.30 -60.87 6.05
C PHE D 223 -50.78 -60.95 6.02
N LEU D 224 -50.18 -59.93 5.43
CA LEU D 224 -48.74 -59.70 5.49
C LEU D 224 -48.44 -58.66 6.57
N SER D 225 -49.27 -57.62 6.63
CA SER D 225 -49.30 -56.69 7.78
C SER D 225 -50.69 -56.63 8.42
N MSE D 226 -50.91 -57.55 9.34
CA MSE D 226 -52.09 -57.52 10.19
C MSE D 226 -52.15 -56.20 10.97
O MSE D 226 -53.22 -55.64 11.17
CB MSE D 226 -52.07 -58.71 11.14
CG MSE D 226 -53.20 -58.71 12.17
SE MSE D 226 -55.00 -58.51 11.38
CE MSE D 226 -55.33 -60.30 10.68
N ARG D 227 -50.99 -55.74 11.41
CA ARG D 227 -50.89 -54.47 12.10
C ARG D 227 -51.47 -53.29 11.32
N SER D 228 -51.11 -53.16 10.04
CA SER D 228 -51.66 -52.12 9.20
C SER D 228 -53.18 -52.26 9.02
N HIS D 229 -53.64 -53.50 8.82
CA HIS D 229 -55.05 -53.76 8.74
C HIS D 229 -55.80 -53.33 10.01
N ILE D 230 -55.20 -53.62 11.16
CA ILE D 230 -55.75 -53.21 12.45
C ILE D 230 -56.05 -51.71 12.53
N TRP D 231 -55.16 -50.89 11.97
CA TRP D 231 -55.38 -49.46 11.94
C TRP D 231 -56.57 -49.01 11.05
N THR D 232 -57.15 -49.91 10.26
CA THR D 232 -58.36 -49.61 9.48
C THR D 232 -59.67 -49.89 10.21
N ASP D 233 -59.61 -50.52 11.40
CA ASP D 233 -60.78 -50.67 12.26
C ASP D 233 -60.43 -50.36 13.71
N THR D 234 -59.79 -49.22 13.89
CA THR D 234 -59.45 -48.73 15.23
C THR D 234 -60.40 -47.59 15.63
N ASP D 235 -60.42 -46.54 14.81
CA ASP D 235 -61.25 -45.34 15.04
C ASP D 235 -61.21 -44.49 13.78
N LYS D 236 -62.32 -44.44 13.05
CA LYS D 236 -62.37 -43.74 11.77
C LYS D 236 -62.13 -42.23 11.92
N ASP D 237 -62.39 -41.70 13.12
CA ASP D 237 -62.26 -40.27 13.38
C ASP D 237 -60.84 -39.74 13.41
N ARG D 238 -59.86 -40.62 13.59
CA ARG D 238 -58.49 -40.17 13.83
C ARG D 238 -57.42 -40.97 13.10
N THR D 239 -57.81 -41.68 12.04
CA THR D 239 -56.90 -42.56 11.29
C THR D 239 -57.00 -42.28 9.79
N GLY D 240 -56.10 -42.88 9.02
CA GLY D 240 -56.26 -42.96 7.55
C GLY D 240 -55.33 -42.08 6.70
N MSE D 241 -55.73 -41.93 5.43
CA MSE D 241 -54.92 -41.31 4.38
C MSE D 241 -55.20 -39.82 4.15
O MSE D 241 -54.72 -39.23 3.17
CB MSE D 241 -55.13 -42.06 3.05
CG MSE D 241 -54.58 -43.49 3.06
SE MSE D 241 -52.59 -43.51 3.13
CE MSE D 241 -52.32 -43.20 1.15
N LEU D 242 -56.01 -39.23 5.05
CA LEU D 242 -56.28 -37.78 5.10
C LEU D 242 -56.35 -37.13 3.73
N PRO D 243 -57.39 -37.48 2.94
CA PRO D 243 -57.56 -36.96 1.58
C PRO D 243 -57.60 -35.43 1.48
N PHE D 244 -58.02 -34.76 2.56
CA PHE D 244 -58.12 -33.28 2.57
C PHE D 244 -56.74 -32.62 2.48
N VAL D 245 -55.70 -33.38 2.80
CA VAL D 245 -54.33 -32.91 2.70
C VAL D 245 -53.97 -32.60 1.25
N PHE D 246 -54.63 -33.28 0.30
CA PHE D 246 -54.42 -33.09 -1.12
C PHE D 246 -55.33 -32.04 -1.74
N ASP D 247 -56.20 -31.45 -0.94
CA ASP D 247 -57.01 -30.30 -1.39
C ASP D 247 -56.12 -29.09 -1.54
N ASP D 248 -56.45 -28.23 -2.51
CA ASP D 248 -55.77 -26.94 -2.71
C ASP D 248 -55.76 -26.07 -1.46
N SER D 249 -56.85 -26.17 -0.70
CA SER D 249 -57.00 -25.37 0.53
C SER D 249 -56.01 -25.75 1.63
N PHE D 250 -55.39 -26.90 1.52
CA PHE D 250 -54.63 -27.43 2.64
C PHE D 250 -53.40 -26.60 3.10
N GLY D 251 -53.25 -26.54 4.43
CA GLY D 251 -52.17 -25.83 5.11
C GLY D 251 -52.34 -26.09 6.60
N PHE D 252 -51.59 -25.37 7.41
CA PHE D 252 -51.66 -25.53 8.88
C PHE D 252 -53.08 -25.32 9.40
N GLU D 253 -53.77 -24.30 8.87
CA GLU D 253 -55.12 -23.98 9.32
C GLU D 253 -56.11 -25.14 9.12
N GLN D 254 -56.10 -25.77 7.95
CA GLN D 254 -57.01 -26.88 7.68
C GLN D 254 -56.69 -28.09 8.59
N TYR D 255 -55.42 -28.30 8.90
CA TYR D 255 -55.04 -29.39 9.81
C TYR D 255 -55.52 -29.12 11.24
N VAL D 256 -55.42 -27.86 11.68
CA VAL D 256 -55.94 -27.45 13.00
C VAL D 256 -57.46 -27.66 13.11
N ASP D 257 -58.23 -27.33 12.07
CA ASP D 257 -59.68 -27.55 12.10
C ASP D 257 -60.00 -29.04 12.20
N TYR D 258 -59.32 -29.86 11.40
CA TYR D 258 -59.42 -31.31 11.51
C TYR D 258 -59.19 -31.74 12.95
N ALA D 259 -58.06 -31.35 13.50
CA ALA D 259 -57.68 -31.76 14.84
C ALA D 259 -58.62 -31.26 15.93
N LEU D 260 -59.13 -30.04 15.77
CA LEU D 260 -60.14 -29.48 16.70
C LEU D 260 -61.41 -30.30 16.76
N ASP D 261 -61.79 -30.93 15.65
CA ASP D 261 -63.02 -31.72 15.61
C ASP D 261 -62.79 -33.22 15.85
N VAL D 262 -61.54 -33.65 15.97
CA VAL D 262 -61.24 -35.03 16.40
C VAL D 262 -61.60 -35.10 17.89
N PRO D 263 -62.42 -36.08 18.29
CA PRO D 263 -62.79 -36.14 19.70
C PRO D 263 -61.60 -36.39 20.64
N MSE D 264 -61.69 -35.83 21.85
CA MSE D 264 -60.61 -35.99 22.81
C MSE D 264 -60.62 -37.33 23.51
O MSE D 264 -61.64 -38.06 23.53
CB MSE D 264 -60.70 -34.93 23.86
CG MSE D 264 -60.52 -33.57 23.28
SE MSE D 264 -60.45 -32.32 24.73
CE MSE D 264 -62.11 -32.22 25.16
N TYR D 265 -59.48 -37.64 24.12
CA TYR D 265 -59.43 -38.77 25.04
C TYR D 265 -59.50 -38.30 26.49
N PHE D 266 -58.66 -37.35 26.83
CA PHE D 266 -58.46 -36.94 28.22
C PHE D 266 -57.77 -35.59 28.31
N ALA D 267 -57.73 -35.05 29.51
CA ALA D 267 -57.02 -33.82 29.84
C ALA D 267 -56.30 -34.07 31.13
N TYR D 268 -55.04 -33.65 31.20
CA TYR D 268 -54.27 -33.88 32.41
C TYR D 268 -54.38 -32.73 33.38
N ARG D 269 -54.92 -33.02 34.55
CA ARG D 269 -55.04 -32.00 35.59
C ARG D 269 -54.79 -32.63 36.95
N ASN D 270 -54.11 -31.91 37.83
CA ASN D 270 -54.23 -32.17 39.26
C ASN D 270 -53.92 -33.61 39.61
N GLY D 271 -52.82 -34.11 39.07
CA GLY D 271 -52.44 -35.48 39.35
C GLY D 271 -53.03 -36.52 38.43
N LYS D 272 -54.15 -36.22 37.80
CA LYS D 272 -54.95 -37.24 37.11
C LYS D 272 -55.29 -36.96 35.65
N TYR D 273 -55.37 -38.04 34.89
CA TYR D 273 -56.04 -38.01 33.60
C TYR D 273 -57.52 -37.98 33.74
N VAL D 274 -58.13 -36.96 33.17
CA VAL D 274 -59.57 -36.83 33.26
C VAL D 274 -60.13 -37.34 31.92
N ASP D 275 -61.13 -38.22 31.99
CA ASP D 275 -61.80 -38.79 30.82
C ASP D 275 -62.63 -37.72 30.12
N CYS D 276 -62.22 -37.31 28.93
CA CYS D 276 -62.94 -36.35 28.12
C CYS D 276 -63.40 -36.94 26.79
N THR D 277 -63.67 -38.24 26.78
CA THR D 277 -64.12 -38.92 25.58
C THR D 277 -65.51 -38.41 25.15
N GLY D 278 -65.70 -38.29 23.84
CA GLY D 278 -66.92 -37.75 23.29
C GLY D 278 -67.00 -36.24 23.30
N MSE D 279 -65.90 -35.57 23.65
CA MSE D 279 -65.87 -34.12 23.69
C MSE D 279 -64.78 -33.65 22.73
O MSE D 279 -63.91 -34.44 22.36
CB MSE D 279 -65.60 -33.63 25.11
CG MSE D 279 -66.71 -34.04 26.07
SE MSE D 279 -66.07 -34.25 27.91
CE MSE D 279 -67.43 -35.55 28.61
N THR D 280 -64.82 -32.41 22.31
CA THR D 280 -63.82 -31.93 21.35
C THR D 280 -62.95 -30.88 21.98
N PHE D 281 -61.80 -30.66 21.35
CA PHE D 281 -60.87 -29.61 21.75
C PHE D 281 -61.42 -28.19 21.48
N ARG D 282 -62.35 -28.07 20.54
CA ARG D 282 -63.13 -26.83 20.33
C ARG D 282 -63.93 -26.44 21.55
N GLN D 283 -64.61 -27.42 22.17
CA GLN D 283 -65.34 -27.23 23.43
C GLN D 283 -64.41 -26.76 24.53
N PHE D 284 -63.25 -27.42 24.63
CA PHE D 284 -62.18 -27.06 25.58
C PHE D 284 -61.74 -25.60 25.43
N LEU D 285 -61.50 -25.15 24.20
CA LEU D 285 -61.08 -23.77 23.89
C LEU D 285 -62.05 -22.70 24.40
N ALA D 286 -63.35 -23.02 24.36
CA ALA D 286 -64.40 -22.14 24.86
C ALA D 286 -64.79 -22.39 26.34
N GLY D 287 -64.04 -23.25 27.05
CA GLY D 287 -64.24 -23.48 28.47
C GLY D 287 -65.49 -24.30 28.77
N LYS D 288 -65.87 -25.10 27.78
CA LYS D 288 -67.14 -25.79 27.80
C LYS D 288 -66.99 -27.30 27.83
N LEU D 289 -65.88 -27.82 28.33
CA LEU D 289 -65.74 -29.27 28.49
C LEU D 289 -66.52 -29.72 29.70
N PRO D 290 -67.46 -30.67 29.54
CA PRO D 290 -68.04 -31.22 30.76
C PRO D 290 -67.09 -31.96 31.71
N CYS D 291 -65.97 -32.48 31.23
CA CYS D 291 -65.04 -33.11 32.14
C CYS D 291 -64.28 -32.04 32.98
N LEU D 292 -64.08 -30.83 32.42
CA LEU D 292 -63.32 -29.77 33.07
C LEU D 292 -64.07 -28.43 32.88
N PRO D 293 -65.27 -28.30 33.49
CA PRO D 293 -66.06 -27.13 33.12
C PRO D 293 -65.50 -25.75 33.57
N GLY D 294 -65.44 -24.86 32.59
CA GLY D 294 -64.84 -23.53 32.74
C GLY D 294 -63.34 -23.47 32.50
N GLU D 295 -62.67 -24.61 32.39
CA GLU D 295 -61.23 -24.69 32.18
C GLU D 295 -60.82 -24.39 30.78
N LEU D 296 -59.76 -23.59 30.62
CA LEU D 296 -59.24 -23.24 29.33
C LEU D 296 -57.92 -23.99 29.10
N PRO D 297 -57.69 -24.39 27.84
CA PRO D 297 -56.48 -25.17 27.53
C PRO D 297 -55.17 -24.37 27.47
N THR D 298 -54.07 -25.10 27.70
CA THR D 298 -52.69 -24.68 27.51
C THR D 298 -52.13 -25.31 26.23
N TYR D 299 -50.97 -24.83 25.80
CA TYR D 299 -50.24 -25.43 24.68
C TYR D 299 -49.94 -26.91 24.89
N ASN D 300 -49.68 -27.27 26.14
CA ASN D 300 -49.43 -28.66 26.52
C ASN D 300 -50.67 -29.57 26.33
N ASP D 301 -51.86 -29.01 26.61
CA ASP D 301 -53.12 -29.69 26.31
C ASP D 301 -53.26 -29.93 24.80
N TRP D 302 -52.91 -28.92 24.01
CA TRP D 302 -52.97 -29.01 22.56
C TRP D 302 -52.00 -30.07 22.03
N GLU D 303 -50.75 -30.01 22.50
CA GLU D 303 -49.78 -31.03 22.21
C GLU D 303 -50.29 -32.46 22.56
N ASN D 304 -50.80 -32.64 23.77
CA ASN D 304 -51.34 -33.93 24.18
C ASN D 304 -52.43 -34.38 23.22
N HIS D 305 -53.35 -33.47 22.86
CA HIS D 305 -54.45 -33.79 21.94
C HIS D 305 -53.95 -34.20 20.56
N LEU D 306 -52.98 -33.44 20.05
CA LEU D 306 -52.35 -33.73 18.77
C LEU D 306 -51.71 -35.14 18.72
N THR D 307 -51.29 -35.61 19.89
CA THR D 307 -50.66 -36.92 20.07
C THR D 307 -51.68 -38.07 20.18
N THR D 308 -52.98 -37.76 20.15
CA THR D 308 -54.05 -38.75 20.17
C THR D 308 -54.67 -38.92 18.80
N ILE D 309 -54.09 -38.29 17.78
CA ILE D 309 -54.55 -38.43 16.40
C ILE D 309 -53.58 -39.36 15.69
N PHE D 310 -54.12 -40.35 14.95
CA PHE D 310 -53.30 -41.47 14.46
C PHE D 310 -53.38 -41.78 12.97
N PRO D 311 -53.22 -40.76 12.10
CA PRO D 311 -53.29 -41.10 10.66
C PRO D 311 -51.98 -41.70 10.18
N GLU D 312 -51.92 -42.04 8.89
CA GLU D 312 -50.78 -42.72 8.31
C GLU D 312 -49.49 -41.85 8.34
N VAL D 313 -49.71 -40.54 8.24
CA VAL D 313 -48.72 -39.51 8.49
C VAL D 313 -49.41 -38.50 9.41
N ARG D 314 -48.69 -38.05 10.44
CA ARG D 314 -49.22 -37.13 11.44
C ARG D 314 -48.42 -35.84 11.46
N LEU D 315 -49.11 -34.74 11.73
CA LEU D 315 -48.49 -33.43 11.87
C LEU D 315 -48.62 -32.89 13.28
N LYS D 316 -47.46 -32.54 13.83
CA LYS D 316 -47.34 -31.68 15.00
C LYS D 316 -46.40 -30.52 14.62
N ARG D 317 -45.41 -30.21 15.46
CA ARG D 317 -44.35 -29.23 15.07
C ARG D 317 -43.23 -29.91 14.24
N TYR D 318 -43.41 -31.20 14.02
CA TYR D 318 -42.62 -31.99 13.06
C TYR D 318 -43.61 -33.02 12.44
N MSE D 319 -43.13 -33.77 11.46
CA MSE D 319 -43.93 -34.74 10.77
C MSE D 319 -43.54 -36.15 11.14
O MSE D 319 -42.37 -36.43 11.30
CB MSE D 319 -43.70 -34.54 9.30
CG MSE D 319 -44.84 -34.99 8.47
SE MSE D 319 -44.75 -33.85 6.92
CE MSE D 319 -45.68 -32.32 7.66
N GLU D 320 -44.53 -37.05 11.22
CA GLU D 320 -44.33 -38.44 11.66
C GLU D 320 -44.85 -39.44 10.67
N MSE D 321 -43.96 -40.32 10.23
CA MSE D 321 -44.29 -41.42 9.31
C MSE D 321 -44.64 -42.62 10.14
O MSE D 321 -43.81 -43.13 10.87
CB MSE D 321 -43.09 -41.78 8.44
CG MSE D 321 -42.35 -40.63 7.82
SE MSE D 321 -43.40 -39.82 6.37
CE MSE D 321 -43.63 -38.00 7.15
N ARG D 322 -45.88 -43.10 10.03
CA ARG D 322 -46.44 -44.06 10.97
C ARG D 322 -46.78 -45.43 10.39
N GLY D 323 -46.48 -45.68 9.13
CA GLY D 323 -46.98 -46.87 8.44
C GLY D 323 -46.23 -48.21 8.55
N ALA D 324 -45.04 -48.23 9.17
CA ALA D 324 -44.15 -49.40 9.16
C ALA D 324 -44.21 -50.27 10.42
N ASP D 325 -44.24 -51.61 10.20
CA ASP D 325 -44.23 -52.62 11.27
C ASP D 325 -42.86 -52.64 11.92
N GLY D 326 -42.83 -52.89 13.23
CA GLY D 326 -41.56 -53.14 13.92
C GLY D 326 -40.81 -54.33 13.33
N GLY D 327 -39.51 -54.34 13.53
CA GLY D 327 -38.67 -55.33 12.88
C GLY D 327 -37.27 -55.37 13.47
N PRO D 328 -36.43 -56.28 12.92
CA PRO D 328 -35.08 -56.47 13.45
C PRO D 328 -34.25 -55.23 13.20
N TRP D 329 -33.08 -55.19 13.82
CA TRP D 329 -32.32 -53.94 13.95
C TRP D 329 -31.92 -53.28 12.63
N ARG D 330 -31.59 -54.07 11.63
CA ARG D 330 -31.21 -53.46 10.35
C ARG D 330 -32.38 -52.73 9.73
N ARG D 331 -33.60 -53.21 9.94
CA ARG D 331 -34.77 -52.51 9.46
C ARG D 331 -35.21 -51.35 10.33
N LEU D 332 -34.80 -51.33 11.61
CA LEU D 332 -34.98 -50.13 12.43
C LEU D 332 -34.16 -48.95 11.93
N CYS D 333 -33.01 -49.25 11.33
CA CYS D 333 -32.11 -48.26 10.74
C CYS D 333 -32.53 -47.93 9.29
N ALA D 334 -33.15 -48.89 8.60
CA ALA D 334 -33.62 -48.67 7.23
C ALA D 334 -34.87 -47.78 7.12
N LEU D 335 -35.77 -47.85 8.11
CA LEU D 335 -37.01 -47.07 8.04
C LEU D 335 -36.72 -45.52 7.97
N PRO D 336 -36.00 -44.96 8.97
CA PRO D 336 -35.61 -43.56 8.86
C PRO D 336 -34.84 -43.18 7.59
N ALA D 337 -33.97 -44.09 7.12
CA ALA D 337 -33.15 -43.91 5.93
C ALA D 337 -34.01 -43.75 4.67
N PHE D 338 -35.04 -44.56 4.60
CA PHE D 338 -36.02 -44.54 3.52
C PHE D 338 -36.66 -43.17 3.36
N TRP D 339 -37.19 -42.63 4.46
CA TRP D 339 -37.84 -41.30 4.41
C TRP D 339 -36.86 -40.12 4.32
N VAL D 340 -35.71 -40.21 4.97
CA VAL D 340 -34.69 -39.16 4.83
C VAL D 340 -34.28 -39.04 3.34
N GLY D 341 -33.98 -40.16 2.70
CA GLY D 341 -33.68 -40.15 1.26
C GLY D 341 -34.73 -39.47 0.41
N LEU D 342 -35.99 -39.66 0.74
CA LEU D 342 -37.12 -39.20 -0.09
C LEU D 342 -37.56 -37.76 0.17
N LEU D 343 -37.50 -37.35 1.43
CA LEU D 343 -38.06 -36.07 1.86
C LEU D 343 -37.03 -34.97 2.13
N TYR D 344 -35.78 -35.33 2.39
CA TYR D 344 -34.74 -34.37 2.76
C TYR D 344 -33.86 -33.95 1.59
N ASP D 345 -34.12 -34.48 0.40
CA ASP D 345 -33.51 -34.00 -0.83
C ASP D 345 -34.61 -33.36 -1.69
N GLU D 346 -34.42 -32.09 -2.06
CA GLU D 346 -35.45 -31.31 -2.74
C GLU D 346 -35.80 -31.81 -4.15
N ASP D 347 -34.81 -32.34 -4.86
CA ASP D 347 -35.05 -32.90 -6.19
C ASP D 347 -35.74 -34.25 -6.11
N VAL D 348 -35.40 -35.04 -5.10
CA VAL D 348 -36.08 -36.33 -4.89
C VAL D 348 -37.53 -36.08 -4.50
N LEU D 349 -37.75 -35.13 -3.58
CA LEU D 349 -39.08 -34.77 -3.15
C LEU D 349 -39.95 -34.37 -4.34
N GLN D 350 -39.38 -33.56 -5.22
CA GLN D 350 -40.10 -33.17 -6.45
C GLN D 350 -40.38 -34.37 -7.35
N SER D 351 -39.40 -35.26 -7.49
CA SER D 351 -39.56 -36.48 -8.26
C SER D 351 -40.70 -37.37 -7.69
N VAL D 352 -40.79 -37.47 -6.37
CA VAL D 352 -41.87 -38.23 -5.72
C VAL D 352 -43.24 -37.62 -5.98
N LEU D 353 -43.34 -36.30 -5.84
CA LEU D 353 -44.56 -35.57 -6.09
C LEU D 353 -45.02 -35.67 -7.55
N ASP D 354 -44.04 -35.69 -8.47
CA ASP D 354 -44.30 -35.88 -9.89
C ASP D 354 -44.84 -37.30 -10.14
N LEU D 355 -44.20 -38.29 -9.53
CA LEU D 355 -44.57 -39.69 -9.65
C LEU D 355 -46.01 -39.97 -9.19
N THR D 356 -46.39 -39.32 -8.08
CA THR D 356 -47.67 -39.55 -7.40
C THR D 356 -48.74 -38.50 -7.73
N ALA D 357 -48.37 -37.49 -8.54
CA ALA D 357 -49.25 -36.36 -8.90
C ALA D 357 -50.64 -36.75 -9.34
N ASP D 358 -50.75 -37.75 -10.23
CA ASP D 358 -52.07 -38.12 -10.77
C ASP D 358 -52.73 -39.31 -10.05
N TRP D 359 -52.23 -39.69 -8.89
CA TRP D 359 -52.89 -40.72 -8.08
C TRP D 359 -54.18 -40.13 -7.55
N THR D 360 -55.29 -40.85 -7.69
CA THR D 360 -56.59 -40.39 -7.22
C THR D 360 -56.73 -40.74 -5.75
N PRO D 361 -57.60 -40.01 -5.01
CA PRO D 361 -57.89 -40.38 -3.63
C PRO D 361 -58.35 -41.83 -3.49
N ALA D 362 -59.10 -42.33 -4.48
CA ALA D 362 -59.59 -43.71 -4.47
C ALA D 362 -58.45 -44.72 -4.66
N GLU D 363 -57.49 -44.36 -5.51
CA GLU D 363 -56.27 -45.18 -5.72
C GLU D 363 -55.41 -45.25 -4.46
N ARG D 364 -55.20 -44.11 -3.81
CA ARG D 364 -54.38 -44.08 -2.55
C ARG D 364 -55.05 -44.89 -1.45
N GLU D 365 -56.37 -44.74 -1.32
CA GLU D 365 -57.17 -45.48 -0.37
C GLU D 365 -57.13 -46.99 -0.63
N MSE D 366 -57.23 -47.36 -1.90
CA MSE D 366 -57.20 -48.75 -2.31
C MSE D 366 -55.87 -49.40 -1.93
O MSE D 366 -55.84 -50.50 -1.40
CB MSE D 366 -57.45 -48.84 -3.79
CG MSE D 366 -57.36 -50.24 -4.41
SE MSE D 366 -55.63 -50.52 -5.44
CE MSE D 366 -54.58 -51.50 -4.15
N LEU D 367 -54.76 -48.70 -2.21
CA LEU D 367 -53.42 -49.22 -1.86
C LEU D 367 -53.26 -49.40 -0.37
N ARG D 368 -53.74 -48.43 0.40
CA ARG D 368 -53.69 -48.49 1.85
C ARG D 368 -54.43 -49.72 2.37
N ASN D 369 -55.58 -50.04 1.79
CA ASN D 369 -56.37 -51.17 2.25
C ASN D 369 -55.92 -52.51 1.72
N LYS D 370 -55.35 -52.54 0.52
CA LYS D 370 -54.96 -53.81 -0.10
C LYS D 370 -53.53 -54.25 0.22
N VAL D 371 -52.63 -53.30 0.43
CA VAL D 371 -51.23 -53.62 0.78
C VAL D 371 -51.09 -54.58 1.99
N PRO D 372 -51.87 -54.37 3.07
CA PRO D 372 -51.81 -55.32 4.19
C PRO D 372 -51.98 -56.81 3.80
N VAL D 373 -52.71 -57.07 2.72
CA VAL D 373 -52.94 -58.44 2.27
C VAL D 373 -51.90 -58.87 1.20
N THR D 374 -51.70 -58.03 0.19
CA THR D 374 -50.91 -58.42 -0.97
C THR D 374 -49.51 -57.80 -1.05
N GLY D 375 -49.24 -56.79 -0.23
CA GLY D 375 -47.89 -56.14 -0.21
C GLY D 375 -47.46 -55.56 -1.56
N LEU D 376 -46.25 -55.93 -2.00
CA LEU D 376 -45.70 -55.46 -3.27
C LEU D 376 -46.30 -56.13 -4.53
N LYS D 377 -47.01 -57.22 -4.32
CA LYS D 377 -47.79 -57.87 -5.35
C LYS D 377 -49.19 -57.27 -5.50
N THR D 378 -49.48 -56.17 -4.81
CA THR D 378 -50.75 -55.47 -4.94
C THR D 378 -50.83 -54.87 -6.34
N PRO D 379 -51.87 -55.23 -7.11
CA PRO D 379 -52.06 -54.60 -8.41
C PRO D 379 -52.19 -53.08 -8.31
N PHE D 380 -51.50 -52.39 -9.21
CA PHE D 380 -51.65 -50.95 -9.32
C PHE D 380 -51.57 -50.57 -10.78
N ARG D 381 -52.68 -50.03 -11.28
CA ARG D 381 -52.80 -49.68 -12.68
C ARG D 381 -52.42 -50.88 -13.55
N ASP D 382 -51.43 -50.75 -14.42
CA ASP D 382 -51.15 -51.82 -15.37
C ASP D 382 -49.95 -52.66 -14.97
N GLY D 383 -49.60 -52.62 -13.68
CA GLY D 383 -48.56 -53.48 -13.11
C GLY D 383 -48.81 -53.72 -11.63
N LEU D 384 -47.72 -53.81 -10.87
CA LEU D 384 -47.74 -54.16 -9.46
C LEU D 384 -47.10 -53.01 -8.71
N LEU D 385 -47.48 -52.87 -7.43
CA LEU D 385 -46.89 -51.88 -6.56
C LEU D 385 -45.35 -52.02 -6.55
N LYS D 386 -44.88 -53.26 -6.67
CA LYS D 386 -43.43 -53.58 -6.77
C LYS D 386 -42.67 -52.68 -7.75
N HIS D 387 -43.29 -52.40 -8.90
CA HIS D 387 -42.68 -51.56 -9.93
C HIS D 387 -42.56 -50.09 -9.50
N VAL D 388 -43.54 -49.60 -8.73
CA VAL D 388 -43.47 -48.26 -8.14
C VAL D 388 -42.40 -48.22 -7.06
N ALA D 389 -42.34 -49.27 -6.24
CA ALA D 389 -41.35 -49.39 -5.19
C ALA D 389 -39.91 -49.43 -5.73
N GLU D 390 -39.71 -50.07 -6.88
CA GLU D 390 -38.41 -50.01 -7.60
C GLU D 390 -38.01 -48.56 -7.84
N ASP D 391 -38.92 -47.77 -8.40
CA ASP D 391 -38.62 -46.37 -8.71
C ASP D 391 -38.39 -45.55 -7.44
N VAL D 392 -39.20 -45.80 -6.42
CA VAL D 392 -39.12 -45.10 -5.13
C VAL D 392 -37.81 -45.43 -4.36
N LEU D 393 -37.41 -46.68 -4.41
CA LEU D 393 -36.19 -47.07 -3.74
C LEU D 393 -34.96 -46.43 -4.40
N LYS D 394 -34.91 -46.37 -5.74
CA LYS D 394 -33.78 -45.77 -6.43
CA LYS D 394 -33.80 -45.75 -6.44
C LYS D 394 -33.70 -44.26 -6.13
N LEU D 395 -34.86 -43.62 -6.03
CA LEU D 395 -34.93 -42.20 -5.64
C LEU D 395 -34.43 -41.96 -4.21
N ALA D 396 -34.84 -42.84 -3.28
CA ALA D 396 -34.40 -42.78 -1.88
C ALA D 396 -32.90 -42.89 -1.76
N LYS D 397 -32.32 -43.82 -2.52
CA LYS D 397 -30.87 -43.99 -2.62
C LYS D 397 -30.17 -42.76 -3.19
N ASP D 398 -30.74 -42.14 -4.24
CA ASP D 398 -30.22 -40.87 -4.78
C ASP D 398 -30.15 -39.79 -3.71
N GLY D 399 -31.21 -39.63 -2.95
CA GLY D 399 -31.25 -38.65 -1.87
C GLY D 399 -30.23 -38.87 -0.78
N LEU D 400 -29.99 -40.13 -0.43
CA LEU D 400 -28.95 -40.45 0.56
C LEU D 400 -27.54 -40.24 0.03
N GLU D 401 -27.30 -40.58 -1.23
CA GLU D 401 -26.02 -40.33 -1.85
C GLU D 401 -25.73 -38.84 -1.86
N ARG D 402 -26.70 -38.05 -2.27
CA ARG D 402 -26.53 -36.59 -2.34
C ARG D 402 -26.38 -35.89 -0.98
N ARG D 403 -26.83 -36.52 0.10
CA ARG D 403 -26.61 -35.94 1.45
C ARG D 403 -25.11 -35.85 1.79
N GLY D 404 -24.34 -36.77 1.21
CA GLY D 404 -22.90 -36.74 1.34
C GLY D 404 -22.36 -37.35 2.62
N TYR D 405 -23.20 -38.04 3.39
CA TYR D 405 -22.77 -38.65 4.64
C TYR D 405 -22.50 -40.13 4.53
N LYS D 406 -22.59 -40.69 3.31
CA LYS D 406 -22.37 -42.14 3.07
C LYS D 406 -23.37 -43.03 3.82
N GLU D 407 -24.65 -42.64 3.78
CA GLU D 407 -25.71 -43.33 4.47
C GLU D 407 -26.48 -44.35 3.62
N VAL D 408 -26.17 -44.43 2.34
CA VAL D 408 -26.98 -45.21 1.40
C VAL D 408 -27.07 -46.72 1.76
N GLY D 409 -26.05 -47.23 2.44
CA GLY D 409 -26.01 -48.64 2.82
C GLY D 409 -27.12 -49.04 3.78
N PHE D 410 -27.71 -48.06 4.48
CA PHE D 410 -28.82 -48.31 5.37
C PHE D 410 -30.09 -48.79 4.65
N LEU D 411 -30.11 -48.68 3.33
CA LEU D 411 -31.20 -49.19 2.52
C LEU D 411 -30.96 -50.60 1.96
N ASN D 412 -29.80 -51.17 2.27
CA ASN D 412 -29.51 -52.54 1.87
C ASN D 412 -30.53 -53.52 2.41
N ALA D 413 -31.03 -53.23 3.61
CA ALA D 413 -31.96 -54.12 4.27
C ALA D 413 -33.32 -54.24 3.58
N VAL D 414 -33.66 -53.31 2.68
CA VAL D 414 -34.94 -53.41 1.91
C VAL D 414 -34.73 -53.59 0.40
N THR D 415 -33.48 -53.71 -0.03
CA THR D 415 -33.16 -53.81 -1.45
C THR D 415 -33.65 -55.12 -2.03
N GLU D 416 -33.45 -56.19 -1.30
CA GLU D 416 -33.89 -57.50 -1.76
C GLU D 416 -35.41 -57.65 -1.76
N VAL D 417 -36.06 -57.02 -0.78
CA VAL D 417 -37.51 -56.99 -0.72
C VAL D 417 -38.04 -56.41 -2.02
N VAL D 418 -37.51 -55.26 -2.40
CA VAL D 418 -37.96 -54.55 -3.59
C VAL D 418 -37.58 -55.32 -4.84
N ARG D 419 -36.40 -55.90 -4.85
CA ARG D 419 -35.90 -56.67 -6.01
C ARG D 419 -36.77 -57.90 -6.31
N THR D 420 -37.04 -58.68 -5.27
CA THR D 420 -37.81 -59.91 -5.39
C THR D 420 -39.34 -59.68 -5.34
N GLY D 421 -39.74 -58.54 -4.77
CA GLY D 421 -41.14 -58.27 -4.46
C GLY D 421 -41.70 -59.12 -3.31
N VAL D 422 -40.81 -59.71 -2.49
CA VAL D 422 -41.19 -60.57 -1.38
C VAL D 422 -40.93 -59.83 -0.06
N THR D 423 -42.00 -59.61 0.72
CA THR D 423 -41.94 -58.89 2.00
C THR D 423 -41.32 -59.74 3.08
N PRO D 424 -40.76 -59.11 4.13
CA PRO D 424 -40.28 -59.91 5.28
C PRO D 424 -41.34 -60.89 5.82
N ALA D 425 -42.62 -60.48 5.82
CA ALA D 425 -43.70 -61.32 6.32
C ALA D 425 -43.87 -62.61 5.48
N GLU D 426 -43.70 -62.51 4.17
CA GLU D 426 -43.69 -63.66 3.28
C GLU D 426 -42.52 -64.62 3.52
N ASN D 427 -41.36 -64.08 3.90
CA ASN D 427 -40.21 -64.91 4.23
C ASN D 427 -40.49 -65.70 5.54
N LEU D 428 -41.15 -65.09 6.51
CA LEU D 428 -41.56 -65.78 7.75
C LEU D 428 -42.60 -66.87 7.51
N LEU D 429 -43.53 -66.57 6.60
CA LEU D 429 -44.51 -67.54 6.12
C LEU D 429 -43.88 -68.77 5.44
N GLU D 430 -42.85 -68.54 4.64
CA GLU D 430 -42.11 -69.64 4.00
C GLU D 430 -41.44 -70.53 5.05
N MSE D 431 -40.86 -69.92 6.08
CA MSE D 431 -40.26 -70.66 7.16
C MSE D 431 -41.28 -71.44 7.97
O MSE D 431 -41.08 -72.62 8.26
CB MSE D 431 -39.51 -69.68 8.04
CG MSE D 431 -38.41 -69.03 7.28
SE MSE D 431 -37.25 -67.98 8.42
CE MSE D 431 -37.50 -66.13 7.72
N TYR D 432 -42.39 -70.77 8.32
CA TYR D 432 -43.52 -71.40 9.01
C TYR D 432 -43.97 -72.66 8.27
N ASN D 433 -44.14 -72.53 6.96
CA ASN D 433 -44.61 -73.61 6.12
C ASN D 433 -43.55 -74.61 5.75
N GLY D 434 -42.29 -74.32 6.08
CA GLY D 434 -41.20 -75.26 5.86
C GLY D 434 -40.49 -75.62 7.15
N GLU D 435 -39.27 -75.11 7.30
CA GLU D 435 -38.36 -75.50 8.38
C GLU D 435 -38.96 -75.47 9.79
N TRP D 436 -39.89 -74.54 10.06
CA TRP D 436 -40.49 -74.35 11.38
C TRP D 436 -41.52 -75.41 11.73
N GLY D 437 -41.96 -76.17 10.74
CA GLY D 437 -42.95 -77.22 10.96
C GLY D 437 -44.31 -76.71 11.42
N GLN D 438 -44.67 -75.52 10.92
CA GLN D 438 -45.98 -74.90 11.18
CA GLN D 438 -45.96 -74.89 11.19
C GLN D 438 -46.18 -74.58 12.68
N SER D 439 -45.12 -74.08 13.30
CA SER D 439 -45.16 -73.51 14.64
C SER D 439 -44.56 -72.10 14.48
N VAL D 440 -45.08 -71.12 15.22
CA VAL D 440 -44.49 -69.77 15.25
C VAL D 440 -43.34 -69.67 16.24
N ASP D 441 -43.22 -70.63 17.14
CA ASP D 441 -42.24 -70.58 18.21
C ASP D 441 -40.85 -70.22 17.75
N PRO D 442 -40.40 -70.80 16.61
CA PRO D 442 -39.08 -70.41 16.15
C PRO D 442 -38.91 -68.92 15.76
N VAL D 443 -39.99 -68.15 15.62
CA VAL D 443 -39.85 -66.71 15.34
C VAL D 443 -39.23 -65.94 16.50
N PHE D 444 -39.38 -66.48 17.71
CA PHE D 444 -38.79 -65.88 18.91
C PHE D 444 -37.27 -66.05 19.00
N GLN D 445 -36.71 -66.90 18.13
CA GLN D 445 -35.26 -66.98 17.92
C GLN D 445 -34.90 -66.21 16.64
N GLU D 446 -35.66 -66.43 15.58
CA GLU D 446 -35.45 -65.74 14.32
C GLU D 446 -35.39 -64.21 14.41
N LEU D 447 -36.37 -63.60 15.07
CA LEU D 447 -36.43 -62.13 15.21
C LEU D 447 -36.12 -61.66 16.66
N LEU D 448 -35.38 -62.48 17.40
CA LEU D 448 -34.82 -62.05 18.68
C LEU D 448 -33.84 -60.92 18.47
N TYR D 449 -34.01 -59.82 19.21
CA TYR D 449 -32.97 -58.80 19.30
C TYR D 449 -31.85 -59.42 20.12
N GLU E 14 -23.19 -31.49 -21.81
CA GLU E 14 -24.07 -30.59 -21.01
C GLU E 14 -23.94 -29.15 -21.57
N PRO E 15 -25.02 -28.62 -22.17
CA PRO E 15 -25.03 -27.25 -22.70
C PRO E 15 -24.35 -26.23 -21.76
N LEU E 16 -23.72 -25.21 -22.32
CA LEU E 16 -23.21 -24.13 -21.47
C LEU E 16 -24.36 -23.38 -20.82
N THR E 17 -24.11 -22.94 -19.60
CA THR E 17 -25.02 -22.02 -18.91
C THR E 17 -24.27 -20.71 -18.70
N ARG E 18 -25.01 -19.73 -18.21
CA ARG E 18 -24.46 -18.44 -17.76
C ARG E 18 -23.36 -18.56 -16.69
N GLU E 19 -23.53 -19.51 -15.77
CA GLU E 19 -22.55 -19.85 -14.73
C GLU E 19 -21.23 -20.33 -15.36
N ASP E 20 -21.31 -21.09 -16.45
CA ASP E 20 -20.13 -21.51 -17.19
C ASP E 20 -19.42 -20.33 -17.86
N LEU E 21 -20.19 -19.39 -18.37
CA LEU E 21 -19.64 -18.17 -19.02
C LEU E 21 -18.89 -17.29 -18.03
N ILE E 22 -19.40 -17.20 -16.80
CA ILE E 22 -18.75 -16.49 -15.69
C ILE E 22 -17.44 -17.17 -15.28
N ALA E 23 -17.48 -18.50 -15.17
CA ALA E 23 -16.31 -19.30 -14.86
C ALA E 23 -15.26 -19.23 -15.97
N TYR E 24 -15.68 -19.11 -17.22
CA TYR E 24 -14.74 -18.94 -18.33
C TYR E 24 -13.84 -17.70 -18.09
N LEU E 25 -14.47 -16.56 -17.75
CA LEU E 25 -13.74 -15.33 -17.47
C LEU E 25 -12.82 -15.48 -16.25
N ALA E 26 -13.39 -16.03 -15.18
CA ALA E 26 -12.68 -16.27 -13.94
C ALA E 26 -11.52 -17.25 -14.11
N SER E 27 -11.57 -18.12 -15.13
CA SER E 27 -10.46 -19.04 -15.43
C SER E 27 -9.16 -18.32 -15.85
N GLY E 28 -9.26 -17.03 -16.17
CA GLY E 28 -8.09 -16.21 -16.46
C GLY E 28 -7.23 -15.84 -15.28
N CYS E 29 -7.76 -16.02 -14.08
CA CYS E 29 -7.04 -15.69 -12.87
C CYS E 29 -5.72 -16.45 -12.81
N LYS E 30 -4.63 -15.72 -12.59
CA LYS E 30 -3.33 -16.35 -12.36
C LYS E 30 -2.49 -15.58 -11.33
N SER E 31 -1.64 -16.32 -10.64
CA SER E 31 -0.82 -15.77 -9.56
C SER E 31 0.20 -14.83 -10.17
N LYS E 32 0.68 -13.87 -9.39
CA LYS E 32 1.47 -12.76 -9.85
C LYS E 32 2.71 -13.21 -10.63
N GLU E 33 3.33 -14.31 -10.19
CA GLU E 33 4.55 -14.80 -10.88
C GLU E 33 4.27 -15.26 -12.32
N LYS E 34 3.00 -15.54 -12.60
CA LYS E 34 2.59 -15.98 -13.94
CA LYS E 34 2.53 -15.98 -13.93
C LYS E 34 2.04 -14.83 -14.80
N TRP E 35 2.05 -13.60 -14.30
CA TRP E 35 1.53 -12.48 -15.05
C TRP E 35 2.47 -12.18 -16.21
N ARG E 36 1.87 -11.89 -17.35
CA ARG E 36 2.60 -11.56 -18.56
C ARG E 36 2.10 -10.26 -19.18
N ILE E 37 2.81 -9.83 -20.22
CA ILE E 37 2.53 -8.62 -20.94
C ILE E 37 2.35 -8.98 -22.41
N GLY E 38 1.18 -8.75 -22.95
CA GLY E 38 0.92 -8.95 -24.33
C GLY E 38 0.69 -7.63 -25.01
N THR E 39 1.37 -7.39 -26.12
CA THR E 39 1.28 -6.11 -26.84
C THR E 39 0.76 -6.35 -28.24
N GLU E 40 -0.20 -5.55 -28.68
CA GLU E 40 -0.67 -5.54 -30.07
C GLU E 40 -0.56 -4.15 -30.62
N HIS E 41 -0.26 -4.03 -31.91
CA HIS E 41 -0.29 -2.75 -32.57
C HIS E 41 -0.61 -2.98 -34.04
N GLU E 42 -1.16 -1.93 -34.66
CA GLU E 42 -1.53 -1.88 -36.07
C GLU E 42 -0.79 -0.72 -36.75
N LYS E 43 -0.44 -0.89 -38.03
CA LYS E 43 0.27 0.09 -38.84
C LYS E 43 -0.39 0.23 -40.23
N PHE E 44 -0.32 1.43 -40.79
CA PHE E 44 -0.79 1.67 -42.15
C PHE E 44 0.35 1.40 -43.12
N GLY E 45 0.12 0.51 -44.09
CA GLY E 45 1.07 0.30 -45.16
C GLY E 45 0.73 1.20 -46.32
N PHE E 46 1.76 1.69 -47.02
CA PHE E 46 1.55 2.61 -48.13
C PHE E 46 2.67 2.47 -49.19
N GLU E 47 2.35 2.82 -50.43
CA GLU E 47 3.36 2.92 -51.47
C GLU E 47 4.20 4.17 -51.22
N VAL E 48 5.51 4.00 -51.12
CA VAL E 48 6.43 5.09 -50.80
C VAL E 48 6.38 6.26 -51.79
N ASN E 49 6.17 5.97 -53.07
CA ASN E 49 6.22 7.02 -54.08
C ASN E 49 4.88 7.73 -54.32
N THR E 50 3.77 7.01 -54.23
CA THR E 50 2.45 7.61 -54.45
C THR E 50 1.71 7.93 -53.14
N LEU E 51 2.19 7.34 -52.03
CA LEU E 51 1.58 7.46 -50.71
C LEU E 51 0.26 6.70 -50.63
N ARG E 52 -0.08 5.98 -51.70
CA ARG E 52 -1.33 5.23 -51.82
C ARG E 52 -1.39 4.11 -50.82
N PRO E 53 -2.60 3.83 -50.27
CA PRO E 53 -2.72 2.75 -49.30
C PRO E 53 -2.43 1.41 -49.93
N MSE E 54 -1.71 0.58 -49.21
CA MSE E 54 -1.35 -0.75 -49.64
C MSE E 54 -2.62 -1.58 -49.94
O MSE E 54 -3.54 -1.62 -49.13
CB MSE E 54 -0.54 -1.37 -48.50
CG MSE E 54 -0.10 -2.76 -48.72
SE MSE E 54 1.09 -3.27 -47.21
CE MSE E 54 -0.17 -3.29 -45.62
N LYS E 55 -2.64 -2.22 -51.10
CA LYS E 55 -3.77 -3.06 -51.53
C LYS E 55 -3.60 -4.52 -51.10
N TYR E 56 -4.66 -5.30 -51.23
CA TYR E 56 -4.64 -6.68 -50.78
C TYR E 56 -3.61 -7.52 -51.52
N ASP E 57 -3.47 -7.32 -52.83
CA ASP E 57 -2.49 -8.09 -53.61
C ASP E 57 -1.04 -7.85 -53.13
N GLN E 58 -0.73 -6.64 -52.70
CA GLN E 58 0.57 -6.34 -52.11
C GLN E 58 0.70 -6.94 -50.71
N ILE E 59 -0.39 -6.90 -49.94
CA ILE E 59 -0.41 -7.49 -48.60
C ILE E 59 -0.13 -9.00 -48.70
N ALA E 60 -0.77 -9.66 -49.68
CA ALA E 60 -0.61 -11.10 -49.83
C ALA E 60 0.86 -11.50 -50.16
N GLU E 61 1.48 -10.73 -51.06
CA GLU E 61 2.90 -10.88 -51.37
C GLU E 61 3.78 -10.65 -50.13
N LEU E 62 3.49 -9.60 -49.37
CA LEU E 62 4.21 -9.29 -48.15
C LEU E 62 4.13 -10.46 -47.12
N LEU E 63 2.90 -10.92 -46.83
CA LEU E 63 2.69 -12.06 -45.91
C LEU E 63 3.36 -13.36 -46.39
N ASN E 64 3.20 -13.69 -47.66
CA ASN E 64 3.86 -14.89 -48.22
C ASN E 64 5.38 -14.85 -48.11
N SER E 65 5.97 -13.69 -48.38
CA SER E 65 7.43 -13.50 -48.25
C SER E 65 7.88 -13.59 -46.79
N ILE E 66 7.16 -12.95 -45.88
CA ILE E 66 7.49 -13.04 -44.46
C ILE E 66 7.48 -14.50 -44.01
N ALA E 67 6.46 -15.25 -44.43
CA ALA E 67 6.29 -16.65 -44.00
C ALA E 67 7.45 -17.52 -44.44
N GLU E 68 7.87 -17.30 -45.67
CA GLU E 68 8.91 -18.05 -46.32
C GLU E 68 10.32 -17.73 -45.77
N ARG E 69 10.61 -16.44 -45.66
CA ARG E 69 11.90 -15.98 -45.14
C ARG E 69 12.13 -16.22 -43.68
N PHE E 70 11.09 -16.01 -42.87
CA PHE E 70 11.21 -15.95 -41.43
C PHE E 70 10.41 -17.01 -40.70
N GLU E 71 9.92 -18.00 -41.45
CA GLU E 71 9.30 -19.19 -40.87
C GLU E 71 8.03 -18.91 -40.04
N TRP E 72 7.01 -18.43 -40.72
CA TRP E 72 5.69 -18.26 -40.14
C TRP E 72 4.74 -19.22 -40.86
N GLU E 73 3.78 -19.72 -40.09
CA GLU E 73 2.68 -20.53 -40.62
C GLU E 73 1.62 -19.57 -41.22
N LYS E 74 1.18 -19.88 -42.44
CA LYS E 74 0.19 -19.08 -43.16
C LYS E 74 -1.23 -19.31 -42.68
N VAL E 75 -1.95 -18.22 -42.45
CA VAL E 75 -3.34 -18.28 -42.02
C VAL E 75 -4.20 -17.87 -43.21
N MSE E 76 -5.13 -18.75 -43.55
CA MSE E 76 -5.93 -18.65 -44.77
C MSE E 76 -7.40 -18.40 -44.46
O MSE E 76 -7.91 -18.89 -43.45
CB MSE E 76 -5.86 -19.96 -45.55
CG MSE E 76 -4.44 -20.49 -45.83
SE MSE E 76 -3.26 -19.26 -46.82
CE MSE E 76 -4.13 -19.37 -48.70
N GLU E 77 -8.07 -17.61 -45.30
CA GLU E 77 -9.53 -17.61 -45.34
C GLU E 77 -9.89 -18.01 -46.75
N GLY E 78 -10.37 -19.24 -46.91
CA GLY E 78 -10.52 -19.84 -48.22
C GLY E 78 -9.15 -19.94 -48.86
N ASP E 79 -9.05 -19.38 -50.07
CA ASP E 79 -7.81 -19.39 -50.84
C ASP E 79 -7.01 -18.11 -50.67
N LYS E 80 -7.42 -17.26 -49.73
CA LYS E 80 -6.74 -15.97 -49.47
C LYS E 80 -5.93 -16.08 -48.18
N ILE E 81 -4.64 -15.79 -48.27
CA ILE E 81 -3.81 -15.59 -47.09
C ILE E 81 -4.21 -14.27 -46.43
N ILE E 82 -4.51 -14.31 -45.13
CA ILE E 82 -4.97 -13.12 -44.39
C ILE E 82 -4.12 -12.84 -43.16
N GLY E 83 -3.16 -13.71 -42.89
CA GLY E 83 -2.35 -13.56 -41.69
C GLY E 83 -1.28 -14.62 -41.57
N LEU E 84 -0.55 -14.56 -40.47
CA LEU E 84 0.56 -15.47 -40.17
C LEU E 84 0.57 -15.79 -38.69
N LYS E 85 1.17 -16.93 -38.36
CA LYS E 85 1.24 -17.45 -37.00
C LYS E 85 2.67 -17.97 -36.77
N GLN E 86 3.24 -17.68 -35.62
CA GLN E 86 4.53 -18.24 -35.21
C GLN E 86 4.58 -18.30 -33.70
N GLY E 87 4.50 -19.50 -33.13
CA GLY E 87 4.42 -19.66 -31.68
C GLY E 87 3.18 -18.96 -31.14
N LYS E 88 3.36 -18.08 -30.16
CA LYS E 88 2.26 -17.31 -29.59
C LYS E 88 2.13 -15.92 -30.21
N GLN E 89 2.77 -15.69 -31.36
CA GLN E 89 2.65 -14.44 -32.10
C GLN E 89 1.77 -14.65 -33.31
N SER E 90 1.08 -13.58 -33.70
CA SER E 90 0.24 -13.56 -34.89
C SER E 90 0.41 -12.26 -35.63
N ILE E 91 0.32 -12.33 -36.94
CA ILE E 91 0.20 -11.16 -37.79
C ILE E 91 -1.17 -11.28 -38.48
N SER E 92 -1.96 -10.21 -38.38
CA SER E 92 -3.31 -10.19 -38.96
C SER E 92 -3.59 -8.87 -39.70
N LEU E 93 -4.74 -8.83 -40.35
CA LEU E 93 -5.14 -7.64 -41.09
C LEU E 93 -6.44 -7.08 -40.55
N GLU E 94 -6.46 -5.75 -40.41
CA GLU E 94 -7.66 -5.03 -40.06
C GLU E 94 -8.47 -4.80 -41.33
N PRO E 95 -9.71 -4.30 -41.17
CA PRO E 95 -10.58 -4.15 -42.34
C PRO E 95 -10.03 -3.32 -43.51
N GLY E 96 -9.21 -2.31 -43.22
CA GLY E 96 -8.61 -1.48 -44.27
C GLY E 96 -7.18 -1.86 -44.65
N GLY E 97 -6.75 -3.04 -44.24
CA GLY E 97 -5.40 -3.51 -44.54
C GLY E 97 -4.37 -3.10 -43.52
N GLN E 98 -4.79 -2.51 -42.41
CA GLN E 98 -3.84 -2.16 -41.35
C GLN E 98 -3.18 -3.47 -40.88
N PHE E 99 -1.86 -3.39 -40.72
CA PHE E 99 -1.00 -4.56 -40.60
C PHE E 99 -0.68 -4.70 -39.12
N GLU E 100 -1.19 -5.77 -38.52
CA GLU E 100 -1.20 -5.94 -37.08
C GLU E 100 -0.27 -7.05 -36.59
N LEU E 101 0.47 -6.76 -35.52
CA LEU E 101 1.16 -7.79 -34.77
C LEU E 101 0.47 -7.93 -33.42
N SER E 102 0.07 -9.16 -33.09
CA SER E 102 -0.23 -9.56 -31.71
C SER E 102 0.93 -10.38 -31.22
N GLY E 103 1.63 -9.85 -30.22
CA GLY E 103 2.80 -10.50 -29.70
C GLY E 103 2.48 -11.56 -28.68
N ALA E 104 3.53 -12.25 -28.25
CA ALA E 104 3.46 -13.29 -27.29
C ALA E 104 3.34 -12.70 -25.88
N PRO E 105 2.91 -13.54 -24.92
CA PRO E 105 2.92 -13.14 -23.52
C PRO E 105 4.37 -13.11 -23.03
N LEU E 106 4.82 -11.94 -22.66
CA LEU E 106 6.21 -11.74 -22.30
C LEU E 106 6.32 -11.29 -20.82
N GLU E 107 7.46 -11.57 -20.24
CA GLU E 107 7.73 -11.28 -18.84
C GLU E 107 8.21 -9.82 -18.61
N THR E 108 9.04 -9.31 -19.52
CA THR E 108 9.57 -7.96 -19.39
C THR E 108 9.36 -7.08 -20.62
N LEU E 109 9.42 -5.78 -20.39
CA LEU E 109 9.28 -4.81 -21.46
C LEU E 109 10.50 -4.73 -22.38
N HIS E 110 11.66 -5.18 -21.90
CA HIS E 110 12.81 -5.36 -22.77
C HIS E 110 12.49 -6.43 -23.82
N GLN E 111 11.84 -7.52 -23.40
CA GLN E 111 11.37 -8.52 -24.33
C GLN E 111 10.36 -7.95 -25.31
N THR E 112 9.39 -7.21 -24.79
CA THR E 112 8.36 -6.58 -25.60
C THR E 112 8.97 -5.73 -26.73
N CYS E 113 9.90 -4.85 -26.38
CA CYS E 113 10.44 -3.94 -27.37
C CYS E 113 11.36 -4.65 -28.38
N ALA E 114 12.00 -5.74 -27.95
CA ALA E 114 12.77 -6.58 -28.84
C ALA E 114 11.83 -7.31 -29.83
N GLU E 115 10.66 -7.71 -29.35
CA GLU E 115 9.64 -8.34 -30.18
C GLU E 115 9.13 -7.37 -31.24
N VAL E 116 8.84 -6.15 -30.81
CA VAL E 116 8.48 -5.05 -31.74
C VAL E 116 9.56 -4.84 -32.81
N ASN E 117 10.81 -4.67 -32.37
CA ASN E 117 11.94 -4.54 -33.29
C ASN E 117 12.08 -5.68 -34.30
N SER E 118 11.97 -6.93 -33.84
CA SER E 118 12.05 -8.07 -34.72
C SER E 118 10.99 -7.97 -35.82
N HIS E 119 9.77 -7.61 -35.44
CA HIS E 119 8.68 -7.49 -36.39
C HIS E 119 8.92 -6.42 -37.44
N LEU E 120 9.31 -5.25 -36.96
CA LEU E 120 9.57 -4.13 -37.82
C LEU E 120 10.70 -4.44 -38.80
N TYR E 121 11.74 -5.14 -38.31
CA TYR E 121 12.83 -5.55 -39.18
C TYR E 121 12.32 -6.51 -40.28
N GLN E 122 11.56 -7.53 -39.90
CA GLN E 122 11.06 -8.51 -40.90
C GLN E 122 10.17 -7.85 -41.95
N VAL E 123 9.26 -7.01 -41.51
CA VAL E 123 8.33 -6.33 -42.41
C VAL E 123 9.10 -5.45 -43.40
N LYS E 124 10.01 -4.64 -42.87
CA LYS E 124 10.80 -3.71 -43.69
C LYS E 124 11.78 -4.44 -44.62
N ALA E 125 12.32 -5.56 -44.14
CA ALA E 125 13.18 -6.43 -44.96
C ALA E 125 12.49 -6.91 -46.25
N VAL E 126 11.19 -7.14 -46.20
CA VAL E 126 10.43 -7.54 -47.39
C VAL E 126 9.85 -6.30 -48.09
N ALA E 127 9.29 -5.38 -47.32
CA ALA E 127 8.55 -4.24 -47.87
C ALA E 127 9.40 -3.23 -48.66
N GLU E 128 10.68 -3.11 -48.31
CA GLU E 128 11.62 -2.23 -49.00
C GLU E 128 11.80 -2.57 -50.46
N GLU E 129 11.92 -3.86 -50.75
CA GLU E 129 12.02 -4.34 -52.13
C GLU E 129 10.72 -4.10 -52.92
N MSE E 130 9.58 -4.04 -52.25
CA MSE E 130 8.31 -3.80 -52.92
C MSE E 130 7.91 -2.33 -53.05
O MSE E 130 6.81 -2.04 -53.53
CB MSE E 130 7.17 -4.51 -52.20
CG MSE E 130 7.41 -5.96 -51.94
SE MSE E 130 5.98 -6.60 -50.76
CE MSE E 130 4.36 -6.07 -51.93
N GLY E 131 8.75 -1.40 -52.58
CA GLY E 131 8.39 0.01 -52.55
C GLY E 131 7.28 0.36 -51.55
N ILE E 132 7.22 -0.39 -50.43
CA ILE E 132 6.17 -0.21 -49.42
C ILE E 132 6.77 0.31 -48.12
N GLY E 133 6.11 1.30 -47.51
CA GLY E 133 6.46 1.77 -46.19
C GLY E 133 5.31 1.59 -45.21
N PHE E 134 5.61 1.73 -43.93
CA PHE E 134 4.58 1.71 -42.89
C PHE E 134 4.58 2.99 -42.04
N LEU E 135 3.36 3.45 -41.73
CA LEU E 135 3.10 4.70 -41.02
C LEU E 135 2.52 4.37 -39.65
N GLY E 136 3.09 5.01 -38.62
CA GLY E 136 2.63 4.87 -37.26
C GLY E 136 1.85 6.09 -36.78
N MSE E 137 0.53 6.06 -37.00
CA MSE E 137 -0.39 7.11 -36.59
C MSE E 137 -1.71 6.50 -36.17
O MSE E 137 -1.99 5.34 -36.47
CB MSE E 137 -0.73 8.04 -37.76
CG MSE E 137 0.28 9.02 -38.02
SE MSE E 137 -0.31 10.31 -39.35
CE MSE E 137 -1.12 11.52 -37.97
N GLY E 138 -2.58 7.30 -35.57
CA GLY E 138 -3.85 6.83 -35.11
C GLY E 138 -4.94 6.85 -36.15
N PHE E 139 -4.80 7.73 -37.13
CA PHE E 139 -5.80 7.90 -38.16
C PHE E 139 -5.11 8.21 -39.45
N GLN E 140 -5.60 7.58 -40.53
CA GLN E 140 -5.08 7.75 -41.88
C GLN E 140 -5.21 9.23 -42.30
N PRO E 141 -4.05 9.92 -42.46
CA PRO E 141 -4.06 11.39 -42.57
C PRO E 141 -4.40 12.00 -43.94
N LYS E 142 -4.41 11.19 -45.00
CA LYS E 142 -4.45 11.67 -46.37
C LYS E 142 -5.69 11.24 -47.16
N TRP E 143 -6.08 9.98 -47.03
CA TRP E 143 -7.04 9.38 -47.93
C TRP E 143 -8.43 9.31 -47.35
N ARG E 144 -9.42 9.34 -48.24
CA ARG E 144 -10.82 9.23 -47.88
C ARG E 144 -11.19 7.79 -47.60
N ARG E 145 -12.35 7.62 -46.98
CA ARG E 145 -12.87 6.30 -46.65
C ARG E 145 -13.00 5.41 -47.88
N GLU E 146 -13.47 5.98 -48.99
CA GLU E 146 -13.65 5.19 -50.21
C GLU E 146 -12.34 4.89 -50.94
N ASP E 147 -11.24 5.50 -50.52
CA ASP E 147 -9.93 5.22 -51.09
C ASP E 147 -9.25 4.04 -50.44
N ILE E 148 -9.81 3.55 -49.34
CA ILE E 148 -9.15 2.49 -48.56
C ILE E 148 -9.56 1.16 -49.16
N PRO E 149 -8.57 0.29 -49.46
CA PRO E 149 -8.89 -1.07 -49.92
C PRO E 149 -9.50 -1.87 -48.81
N THR E 150 -10.45 -2.74 -49.13
CA THR E 150 -11.08 -3.61 -48.12
C THR E 150 -10.53 -5.05 -48.24
N MSE E 151 -10.39 -5.70 -47.08
CA MSE E 151 -9.81 -7.03 -47.00
C MSE E 151 -10.84 -8.08 -47.32
O MSE E 151 -12.01 -7.92 -46.96
CB MSE E 151 -9.23 -7.26 -45.60
CG MSE E 151 -8.07 -6.30 -45.29
SE MSE E 151 -6.69 -6.30 -46.73
CE MSE E 151 -7.00 -4.54 -47.75
N PRO E 152 -10.41 -9.18 -47.99
CA PRO E 152 -11.34 -10.25 -48.34
C PRO E 152 -11.66 -11.15 -47.15
N LYS E 153 -12.30 -10.57 -46.13
CA LYS E 153 -12.60 -11.25 -44.88
C LYS E 153 -14.10 -11.12 -44.57
N GLY E 154 -14.77 -12.28 -44.56
CA GLY E 154 -16.20 -12.39 -44.34
C GLY E 154 -16.71 -11.75 -43.08
N ARG E 155 -15.95 -11.80 -42.00
CA ARG E 155 -16.44 -11.19 -40.75
C ARG E 155 -16.54 -9.66 -40.89
N TYR E 156 -15.62 -9.08 -41.65
CA TYR E 156 -15.61 -7.63 -41.89
C TYR E 156 -16.71 -7.19 -42.84
N ASP E 157 -17.10 -8.06 -43.78
CA ASP E 157 -18.23 -7.78 -44.65
C ASP E 157 -19.53 -7.64 -43.86
N ILE E 158 -19.71 -8.52 -42.87
CA ILE E 158 -20.86 -8.47 -41.96
C ILE E 158 -20.84 -7.16 -41.16
N MSE E 159 -19.69 -6.86 -40.57
CA MSE E 159 -19.50 -5.64 -39.78
C MSE E 159 -19.72 -4.36 -40.58
O MSE E 159 -20.44 -3.46 -40.12
CB MSE E 159 -18.10 -5.63 -39.19
CG MSE E 159 -17.98 -6.54 -38.01
SE MSE E 159 -16.19 -6.50 -37.21
CE MSE E 159 -16.12 -4.54 -36.71
N ARG E 160 -19.15 -4.31 -41.78
CA ARG E 160 -19.30 -3.13 -42.64
C ARG E 160 -20.78 -2.85 -42.94
N ASN E 161 -21.55 -3.89 -43.18
CA ASN E 161 -22.97 -3.74 -43.46
C ASN E 161 -23.78 -3.26 -42.23
N TYR E 162 -23.31 -3.62 -41.03
CA TYR E 162 -23.99 -3.27 -39.79
C TYR E 162 -23.67 -1.87 -39.30
N MSE E 163 -22.42 -1.46 -39.46
CA MSE E 163 -21.94 -0.19 -38.88
C MSE E 163 -22.86 1.01 -39.12
O MSE E 163 -23.13 1.72 -38.17
CB MSE E 163 -20.54 0.16 -39.38
CG MSE E 163 -19.48 -0.57 -38.72
SE MSE E 163 -19.53 -0.41 -36.78
CE MSE E 163 -18.01 -1.85 -36.33
N PRO E 164 -23.28 1.25 -40.36
CA PRO E 164 -24.21 2.37 -40.66
C PRO E 164 -25.54 2.38 -39.90
N LYS E 165 -25.97 1.22 -39.40
CA LYS E 165 -27.20 1.11 -38.62
C LYS E 165 -27.04 1.60 -37.17
N VAL E 166 -25.80 1.73 -36.68
CA VAL E 166 -25.55 2.04 -35.26
C VAL E 166 -24.65 3.27 -34.98
N GLY E 167 -24.20 3.91 -36.04
CA GLY E 167 -23.33 5.07 -35.88
C GLY E 167 -22.88 5.57 -37.22
N SER E 168 -22.28 6.74 -37.25
CA SER E 168 -21.85 7.32 -38.52
C SER E 168 -20.36 7.21 -38.72
N LEU E 169 -19.60 6.82 -37.69
CA LEU E 169 -18.14 6.78 -37.78
C LEU E 169 -17.51 5.38 -37.63
N GLY E 170 -18.32 4.34 -37.48
CA GLY E 170 -17.82 2.98 -37.31
C GLY E 170 -17.02 2.43 -38.48
N LEU E 171 -17.41 2.82 -39.69
CA LEU E 171 -16.64 2.43 -40.88
C LEU E 171 -15.24 3.07 -40.88
N ASP E 172 -15.13 4.29 -40.35
CA ASP E 172 -13.83 4.94 -40.18
C ASP E 172 -12.98 4.26 -39.12
N MSE E 173 -13.60 3.82 -38.03
CA MSE E 173 -12.92 2.96 -37.07
C MSE E 173 -12.31 1.77 -37.77
O MSE E 173 -11.12 1.51 -37.62
CB MSE E 173 -13.88 2.55 -35.95
CG MSE E 173 -13.25 1.72 -34.82
SE MSE E 173 -13.13 -0.22 -35.37
CE MSE E 173 -15.10 -0.68 -35.24
N MSE E 174 -13.12 1.07 -38.57
CA MSE E 174 -12.67 -0.15 -39.25
C MSE E 174 -11.54 0.08 -40.28
O MSE E 174 -10.54 -0.67 -40.32
CB MSE E 174 -13.86 -0.81 -39.93
CG MSE E 174 -14.85 -1.45 -38.98
SE MSE E 174 -16.35 -2.22 -39.98
CE MSE E 174 -15.29 -3.84 -40.70
N LEU E 175 -11.67 1.12 -41.09
CA LEU E 175 -10.88 1.31 -42.26
C LEU E 175 -9.72 2.29 -42.09
N ARG E 176 -9.82 3.18 -41.11
CA ARG E 176 -8.88 4.32 -41.05
C ARG E 176 -8.19 4.58 -39.71
N THR E 177 -8.33 3.67 -38.75
CA THR E 177 -7.69 3.85 -37.45
C THR E 177 -6.62 2.79 -37.13
N CYS E 178 -5.61 3.18 -36.35
CA CYS E 178 -4.62 2.27 -35.82
C CYS E 178 -4.40 2.51 -34.33
N THR E 179 -4.28 1.42 -33.58
CA THR E 179 -4.09 1.45 -32.14
C THR E 179 -2.79 0.75 -31.72
N VAL E 180 -2.32 1.07 -30.51
CA VAL E 180 -1.41 0.21 -29.78
C VAL E 180 -2.08 -0.15 -28.45
N GLN E 181 -2.19 -1.44 -28.19
CA GLN E 181 -2.84 -1.90 -26.99
C GLN E 181 -1.97 -2.88 -26.22
N VAL E 182 -2.28 -3.03 -24.94
CA VAL E 182 -1.62 -3.98 -24.05
C VAL E 182 -2.65 -4.87 -23.34
N ASN E 183 -2.31 -6.14 -23.22
CA ASN E 183 -3.10 -7.14 -22.53
C ASN E 183 -2.37 -7.49 -21.23
N LEU E 184 -3.12 -7.52 -20.13
CA LEU E 184 -2.54 -7.79 -18.80
C LEU E 184 -3.43 -8.70 -17.97
N ASP E 185 -2.82 -9.31 -16.97
CA ASP E 185 -3.48 -10.38 -16.20
C ASP E 185 -3.94 -9.90 -14.85
N PHE E 186 -4.88 -10.66 -14.29
CA PHE E 186 -5.41 -10.47 -12.96
C PHE E 186 -5.32 -11.79 -12.17
N SER E 187 -5.28 -11.70 -10.84
CA SER E 187 -5.06 -12.85 -9.96
C SER E 187 -6.31 -13.33 -9.22
N SER E 188 -7.33 -12.49 -9.18
CA SER E 188 -8.57 -12.77 -8.48
C SER E 188 -9.64 -11.83 -8.99
N GLU E 189 -10.88 -12.03 -8.55
CA GLU E 189 -11.96 -11.14 -8.91
C GLU E 189 -11.75 -9.75 -8.34
N ALA E 190 -11.31 -9.68 -7.08
CA ALA E 190 -11.02 -8.39 -6.45
C ALA E 190 -9.91 -7.64 -7.20
N ASP E 191 -8.86 -8.35 -7.62
CA ASP E 191 -7.78 -7.74 -8.36
C ASP E 191 -8.21 -7.26 -9.76
N MSE E 192 -9.02 -8.08 -10.42
CA MSE E 192 -9.63 -7.71 -11.70
C MSE E 192 -10.47 -6.43 -11.57
O MSE E 192 -10.35 -5.52 -12.39
CB MSE E 192 -10.51 -8.85 -12.22
CG MSE E 192 -11.17 -8.60 -13.55
SE MSE E 192 -12.92 -7.60 -13.49
CE MSE E 192 -13.96 -8.82 -12.39
N ILE E 193 -11.31 -6.34 -10.54
CA ILE E 193 -12.18 -5.18 -10.32
C ILE E 193 -11.34 -3.90 -10.15
N ARG E 194 -10.29 -3.99 -9.35
CA ARG E 194 -9.39 -2.87 -9.08
C ARG E 194 -8.61 -2.42 -10.32
N LYS E 195 -8.13 -3.39 -11.11
CA LYS E 195 -7.44 -3.09 -12.37
C LYS E 195 -8.37 -2.50 -13.44
N PHE E 196 -9.58 -3.02 -13.53
CA PHE E 196 -10.60 -2.49 -14.43
C PHE E 196 -10.90 -1.02 -14.11
N ARG E 197 -11.13 -0.72 -12.84
CA ARG E 197 -11.44 0.65 -12.40
C ARG E 197 -10.29 1.64 -12.61
N ALA E 198 -9.09 1.18 -12.31
CA ALA E 198 -7.89 1.98 -12.58
C ALA E 198 -7.70 2.20 -14.07
N GLY E 199 -7.86 1.13 -14.84
CA GLY E 199 -7.76 1.17 -16.30
C GLY E 199 -8.75 2.14 -16.92
N LEU E 200 -10.03 2.01 -16.60
CA LEU E 200 -11.05 2.89 -17.15
C LEU E 200 -10.84 4.35 -16.75
N ALA E 201 -10.65 4.62 -15.46
CA ALA E 201 -10.44 5.99 -14.99
C ALA E 201 -9.25 6.69 -15.66
N LEU E 202 -8.15 5.96 -15.82
CA LEU E 202 -6.94 6.56 -16.38
C LEU E 202 -6.88 6.47 -17.91
N GLN E 203 -7.87 5.83 -18.54
CA GLN E 203 -7.79 5.66 -20.00
C GLN E 203 -7.70 6.97 -20.80
N PRO E 204 -8.51 8.01 -20.47
CA PRO E 204 -8.37 9.31 -21.11
C PRO E 204 -6.99 9.95 -21.00
N ILE E 205 -6.27 9.67 -19.92
CA ILE E 205 -4.88 10.13 -19.76
C ILE E 205 -3.96 9.42 -20.75
N ALA E 206 -4.07 8.11 -20.89
CA ALA E 206 -3.35 7.36 -21.93
C ALA E 206 -3.67 7.88 -23.33
N THR E 207 -4.96 8.09 -23.60
CA THR E 207 -5.38 8.67 -24.88
C THR E 207 -4.70 10.02 -25.18
N ALA E 208 -4.64 10.89 -24.18
CA ALA E 208 -3.98 12.21 -24.34
C ALA E 208 -2.46 12.04 -24.56
N LEU E 209 -1.80 11.20 -23.76
CA LEU E 209 -0.34 11.01 -23.90
C LEU E 209 0.08 10.45 -25.28
N PHE E 210 -0.80 9.65 -25.85
CA PHE E 210 -0.49 8.96 -27.12
C PHE E 210 -1.21 9.54 -28.32
N ALA E 211 -1.96 10.63 -28.11
CA ALA E 211 -2.74 11.31 -29.14
C ALA E 211 -1.90 11.63 -30.33
N ASN E 212 -2.34 11.12 -31.50
CA ASN E 212 -1.53 11.07 -32.71
C ASN E 212 -2.40 10.95 -33.97
N SER E 213 -3.50 11.69 -34.02
CA SER E 213 -4.40 11.65 -35.21
C SER E 213 -5.14 13.00 -35.46
N PRO E 214 -4.36 14.06 -35.74
CA PRO E 214 -4.84 15.39 -36.00
C PRO E 214 -5.17 15.73 -37.48
N PHE E 215 -4.93 14.79 -38.39
CA PHE E 215 -5.18 15.04 -39.82
C PHE E 215 -6.30 14.14 -40.39
N THR E 216 -7.12 14.75 -41.24
CA THR E 216 -8.07 14.05 -42.07
C THR E 216 -8.02 14.60 -43.50
N GLU E 217 -7.87 13.70 -44.47
CA GLU E 217 -7.88 14.07 -45.88
C GLU E 217 -6.99 15.28 -46.17
N GLY E 218 -5.76 15.22 -45.65
CA GLY E 218 -4.75 16.20 -45.96
C GLY E 218 -4.77 17.51 -45.19
N LYS E 219 -5.63 17.63 -44.19
CA LYS E 219 -5.83 18.87 -43.45
C LYS E 219 -6.03 18.55 -41.98
N PRO E 220 -5.78 19.54 -41.10
CA PRO E 220 -6.19 19.38 -39.70
C PRO E 220 -7.69 19.18 -39.57
N ASN E 221 -8.07 18.19 -38.77
CA ASN E 221 -9.47 17.82 -38.51
C ASN E 221 -10.05 18.45 -37.22
N GLY E 222 -9.23 19.23 -36.52
CA GLY E 222 -9.66 19.96 -35.34
C GLY E 222 -9.50 19.17 -34.06
N PHE E 223 -9.04 17.92 -34.19
CA PHE E 223 -8.83 17.04 -33.06
C PHE E 223 -7.36 16.77 -32.86
N LEU E 224 -7.03 16.24 -31.69
CA LEU E 224 -5.71 15.68 -31.38
C LEU E 224 -5.73 14.18 -31.58
N SER E 225 -6.78 13.52 -31.09
CA SER E 225 -7.08 12.13 -31.43
C SER E 225 -8.47 12.00 -32.07
N MSE E 226 -8.50 12.17 -33.38
CA MSE E 226 -9.67 11.86 -34.16
C MSE E 226 -10.06 10.39 -33.94
O MSE E 226 -11.23 10.05 -33.88
CB MSE E 226 -9.35 12.11 -35.64
CG MSE E 226 -10.49 11.84 -36.60
SE MSE E 226 -12.19 12.79 -36.09
CE MSE E 226 -11.96 14.53 -36.84
N ARG E 227 -9.05 9.52 -33.85
CA ARG E 227 -9.28 8.12 -33.59
C ARG E 227 -10.16 7.89 -32.35
N SER E 228 -9.82 8.54 -31.24
CA SER E 228 -10.60 8.40 -30.00
C SER E 228 -12.01 8.92 -30.17
N HIS E 229 -12.13 10.05 -30.86
CA HIS E 229 -13.46 10.63 -31.14
C HIS E 229 -14.33 9.67 -31.94
N ILE E 230 -13.74 9.02 -32.93
CA ILE E 230 -14.41 8.04 -33.78
C ILE E 230 -15.05 6.91 -32.97
N TRP E 231 -14.38 6.49 -31.91
CA TRP E 231 -14.97 5.47 -31.01
C TRP E 231 -16.21 5.95 -30.22
N THR E 232 -16.50 7.26 -30.23
CA THR E 232 -17.70 7.81 -29.59
C THR E 232 -18.91 7.82 -30.54
N ASP E 233 -18.72 7.50 -31.81
CA ASP E 233 -19.82 7.37 -32.76
C ASP E 233 -19.66 6.12 -33.66
N THR E 234 -19.38 5.01 -33.01
CA THR E 234 -19.22 3.74 -33.69
C THR E 234 -20.44 2.86 -33.41
N ASP E 235 -20.68 2.60 -32.12
CA ASP E 235 -21.79 1.78 -31.68
C ASP E 235 -21.89 1.92 -30.16
N LYS E 236 -22.96 2.56 -29.69
CA LYS E 236 -23.13 2.86 -28.28
C LYS E 236 -23.31 1.57 -27.45
N ASP E 237 -23.79 0.49 -28.08
CA ASP E 237 -24.00 -0.80 -27.42
C ASP E 237 -22.77 -1.50 -26.88
N ARG E 238 -21.62 -1.20 -27.46
CA ARG E 238 -20.39 -1.97 -27.17
C ARG E 238 -19.14 -1.12 -26.93
N THR E 239 -19.33 0.15 -26.60
CA THR E 239 -18.18 1.05 -26.40
C THR E 239 -18.30 1.81 -25.08
N GLY E 240 -17.26 2.56 -24.75
CA GLY E 240 -17.33 3.56 -23.72
C GLY E 240 -16.63 3.23 -22.40
N MSE E 241 -17.03 3.99 -21.40
CA MSE E 241 -16.36 4.04 -20.11
C MSE E 241 -16.98 3.15 -19.06
O MSE E 241 -16.57 3.21 -17.91
CB MSE E 241 -16.31 5.48 -19.62
CG MSE E 241 -15.42 6.37 -20.47
SE MSE E 241 -13.48 6.00 -20.17
CE MSE E 241 -13.39 6.68 -18.27
N LEU E 242 -17.96 2.32 -19.46
CA LEU E 242 -18.55 1.29 -18.63
C LEU E 242 -18.77 1.71 -17.16
N PRO E 243 -19.71 2.64 -16.93
CA PRO E 243 -19.93 3.16 -15.56
C PRO E 243 -20.36 2.10 -14.50
N PHE E 244 -21.02 1.03 -14.95
CA PHE E 244 -21.44 -0.07 -14.08
C PHE E 244 -20.24 -0.80 -13.44
N VAL E 245 -19.06 -0.68 -14.05
CA VAL E 245 -17.84 -1.25 -13.50
C VAL E 245 -17.50 -0.63 -12.13
N PHE E 246 -17.92 0.61 -11.93
CA PHE E 246 -17.67 1.32 -10.68
C PHE E 246 -18.78 1.10 -9.65
N ASP E 247 -19.87 0.38 -9.99
CA ASP E 247 -20.91 0.01 -9.02
C ASP E 247 -20.41 -1.05 -8.05
N ASP E 248 -20.93 -1.02 -6.83
CA ASP E 248 -20.59 -2.00 -5.77
C ASP E 248 -20.81 -3.45 -6.23
N SER E 249 -21.86 -3.65 -7.00
CA SER E 249 -22.28 -4.94 -7.51
C SER E 249 -21.28 -5.58 -8.45
N PHE E 250 -20.38 -4.77 -9.02
CA PHE E 250 -19.56 -5.26 -10.11
C PHE E 250 -18.60 -6.44 -9.80
N GLY E 251 -18.54 -7.38 -10.75
CA GLY E 251 -17.69 -8.56 -10.68
C GLY E 251 -17.83 -9.27 -12.02
N PHE E 252 -17.31 -10.49 -12.13
CA PHE E 252 -17.39 -11.29 -13.37
C PHE E 252 -18.85 -11.46 -13.84
N GLU E 253 -19.74 -11.70 -12.89
CA GLU E 253 -21.16 -11.91 -13.19
C GLU E 253 -21.81 -10.71 -13.88
N GLN E 254 -21.58 -9.51 -13.34
CA GLN E 254 -22.16 -8.29 -13.93
C GLN E 254 -21.59 -8.03 -15.35
N TYR E 255 -20.32 -8.34 -15.59
CA TYR E 255 -19.74 -8.19 -16.93
C TYR E 255 -20.31 -9.18 -17.92
N VAL E 256 -20.51 -10.41 -17.48
CA VAL E 256 -21.18 -11.42 -18.31
C VAL E 256 -22.58 -10.97 -18.74
N ASP E 257 -23.37 -10.42 -17.81
CA ASP E 257 -24.73 -9.96 -18.16
C ASP E 257 -24.68 -8.83 -19.18
N TYR E 258 -23.74 -7.91 -18.99
CA TYR E 258 -23.46 -6.85 -19.95
C TYR E 258 -23.16 -7.44 -21.33
N ALA E 259 -22.22 -8.37 -21.39
CA ALA E 259 -21.82 -9.02 -22.63
C ALA E 259 -22.96 -9.80 -23.30
N LEU E 260 -23.72 -10.55 -22.50
CA LEU E 260 -24.89 -11.29 -22.99
C LEU E 260 -25.94 -10.45 -23.69
N ASP E 261 -26.05 -9.20 -23.27
CA ASP E 261 -27.00 -8.29 -23.88
C ASP E 261 -26.41 -7.36 -24.95
N VAL E 262 -25.09 -7.41 -25.17
CA VAL E 262 -24.48 -6.73 -26.32
C VAL E 262 -24.82 -7.55 -27.57
N PRO E 263 -25.46 -6.95 -28.59
CA PRO E 263 -25.85 -7.73 -29.76
C PRO E 263 -24.68 -8.44 -30.46
N MSE E 264 -24.94 -9.57 -31.09
CA MSE E 264 -23.89 -10.30 -31.78
C MSE E 264 -23.55 -9.67 -33.14
O MSE E 264 -24.32 -8.90 -33.68
CB MSE E 264 -24.33 -11.75 -32.00
CG MSE E 264 -24.45 -12.50 -30.70
SE MSE E 264 -24.89 -14.35 -30.97
CE MSE E 264 -26.54 -14.06 -31.50
N TYR E 265 -22.39 -10.07 -33.66
CA TYR E 265 -22.04 -9.79 -35.05
C TYR E 265 -22.27 -11.03 -35.93
N PHE E 266 -21.72 -12.16 -35.49
CA PHE E 266 -21.65 -13.37 -36.28
C PHE E 266 -21.39 -14.59 -35.43
N ALA E 267 -21.46 -15.77 -36.04
CA ALA E 267 -21.06 -17.02 -35.43
C ALA E 267 -20.30 -17.77 -36.51
N TYR E 268 -19.23 -18.44 -36.12
CA TYR E 268 -18.38 -19.14 -37.08
C TYR E 268 -18.78 -20.61 -37.15
N ARG E 269 -19.25 -21.06 -38.32
CA ARG E 269 -19.58 -22.49 -38.52
C ARG E 269 -19.24 -22.90 -39.95
N ASN E 270 -18.76 -24.13 -40.10
CA ASN E 270 -18.49 -24.73 -41.42
C ASN E 270 -17.58 -23.87 -42.26
N GLY E 271 -16.55 -23.35 -41.62
CA GLY E 271 -15.56 -22.56 -42.29
C GLY E 271 -16.02 -21.17 -42.70
N LYS E 272 -17.19 -20.72 -42.24
CA LYS E 272 -17.64 -19.35 -42.54
C LYS E 272 -18.36 -18.66 -41.40
N TYR E 273 -18.45 -17.33 -41.56
CA TYR E 273 -19.15 -16.46 -40.63
C TYR E 273 -20.56 -16.30 -41.05
N VAL E 274 -21.46 -16.57 -40.12
CA VAL E 274 -22.86 -16.38 -40.33
C VAL E 274 -23.19 -15.03 -39.69
N ASP E 275 -23.97 -14.22 -40.40
CA ASP E 275 -24.44 -12.93 -39.91
C ASP E 275 -25.52 -13.12 -38.83
N CYS E 276 -25.16 -12.75 -37.61
CA CYS E 276 -26.08 -12.81 -36.46
C CYS E 276 -26.39 -11.43 -35.88
N THR E 277 -26.29 -10.39 -36.71
CA THR E 277 -26.54 -9.02 -36.26
C THR E 277 -28.01 -8.84 -35.86
N GLY E 278 -28.25 -8.07 -34.79
CA GLY E 278 -29.59 -7.94 -34.22
C GLY E 278 -30.03 -9.10 -33.31
N MSE E 279 -29.10 -10.01 -32.99
CA MSE E 279 -29.42 -11.16 -32.16
C MSE E 279 -28.50 -11.12 -30.95
O MSE E 279 -27.53 -10.39 -30.98
CB MSE E 279 -29.26 -12.46 -32.94
CG MSE E 279 -30.07 -12.52 -34.25
SE MSE E 279 -29.39 -13.90 -35.56
CE MSE E 279 -30.44 -13.34 -37.16
N THR E 280 -28.84 -11.87 -29.91
CA THR E 280 -28.09 -11.86 -28.67
C THR E 280 -27.51 -13.22 -28.33
N PHE E 281 -26.41 -13.23 -27.58
CA PHE E 281 -25.83 -14.49 -27.12
C PHE E 281 -26.80 -15.23 -26.21
N ARG E 282 -27.67 -14.48 -25.53
CA ARG E 282 -28.72 -15.08 -24.71
C ARG E 282 -29.62 -16.00 -25.53
N GLN E 283 -30.02 -15.52 -26.70
CA GLN E 283 -30.75 -16.37 -27.64
C GLN E 283 -29.93 -17.60 -28.03
N PHE E 284 -28.65 -17.38 -28.30
CA PHE E 284 -27.72 -18.45 -28.66
C PHE E 284 -27.70 -19.52 -27.58
N LEU E 285 -27.55 -19.11 -26.31
CA LEU E 285 -27.49 -20.05 -25.18
C LEU E 285 -28.70 -20.99 -25.11
N ALA E 286 -29.86 -20.44 -25.45
CA ALA E 286 -31.12 -21.19 -25.45
C ALA E 286 -31.40 -21.96 -26.74
N GLY E 287 -30.50 -21.88 -27.70
CA GLY E 287 -30.72 -22.58 -28.98
C GLY E 287 -31.73 -21.89 -29.89
N LYS E 288 -31.88 -20.57 -29.74
CA LYS E 288 -32.94 -19.82 -30.40
C LYS E 288 -32.41 -18.71 -31.30
N LEU E 289 -31.15 -18.84 -31.74
CA LEU E 289 -30.55 -17.92 -32.69
C LEU E 289 -31.11 -18.12 -34.08
N PRO E 290 -31.87 -17.14 -34.58
CA PRO E 290 -32.36 -17.27 -35.96
C PRO E 290 -31.26 -17.62 -37.00
N CYS E 291 -30.05 -17.08 -36.84
CA CYS E 291 -28.92 -17.35 -37.76
C CYS E 291 -28.37 -18.80 -37.68
N LEU E 292 -28.53 -19.45 -36.52
CA LEU E 292 -28.13 -20.85 -36.32
C LEU E 292 -29.16 -21.62 -35.48
N PRO E 293 -30.33 -21.91 -36.07
CA PRO E 293 -31.46 -22.34 -35.26
C PRO E 293 -31.19 -23.69 -34.58
N GLY E 294 -31.46 -23.77 -33.28
CA GLY E 294 -31.28 -25.01 -32.55
C GLY E 294 -29.85 -25.25 -32.12
N GLU E 295 -28.89 -24.47 -32.62
CA GLU E 295 -27.47 -24.69 -32.26
C GLU E 295 -27.15 -24.07 -30.89
N LEU E 296 -26.34 -24.79 -30.13
CA LEU E 296 -25.88 -24.33 -28.82
C LEU E 296 -24.40 -23.90 -28.86
N PRO E 297 -24.05 -22.86 -28.09
CA PRO E 297 -22.72 -22.26 -28.19
C PRO E 297 -21.63 -23.05 -27.46
N THR E 298 -20.41 -22.95 -27.98
CA THR E 298 -19.19 -23.45 -27.32
C THR E 298 -18.47 -22.29 -26.62
N TYR E 299 -17.43 -22.61 -25.86
CA TYR E 299 -16.56 -21.57 -25.28
C TYR E 299 -15.90 -20.70 -26.34
N ASN E 300 -15.58 -21.26 -27.50
CA ASN E 300 -14.99 -20.48 -28.58
C ASN E 300 -16.01 -19.44 -29.12
N ASP E 301 -17.28 -19.83 -29.22
CA ASP E 301 -18.35 -18.89 -29.58
C ASP E 301 -18.43 -17.73 -28.60
N TRP E 302 -18.33 -18.05 -27.31
CA TRP E 302 -18.30 -17.03 -26.26
C TRP E 302 -17.06 -16.10 -26.38
N GLU E 303 -15.87 -16.67 -26.56
CA GLU E 303 -14.65 -15.90 -26.83
C GLU E 303 -14.83 -14.99 -28.06
N ASN E 304 -15.35 -15.54 -29.15
CA ASN E 304 -15.59 -14.77 -30.37
C ASN E 304 -16.50 -13.58 -30.10
N HIS E 305 -17.56 -13.81 -29.33
CA HIS E 305 -18.49 -12.73 -28.95
C HIS E 305 -17.89 -11.66 -28.04
N LEU E 306 -17.13 -12.11 -27.04
CA LEU E 306 -16.41 -11.21 -26.15
C LEU E 306 -15.42 -10.29 -26.91
N THR E 307 -14.89 -10.78 -28.03
CA THR E 307 -13.97 -10.05 -28.93
C THR E 307 -14.66 -9.05 -29.88
N THR E 308 -15.99 -9.00 -29.86
CA THR E 308 -16.73 -7.96 -30.61
C THR E 308 -17.23 -6.82 -29.70
N ILE E 309 -16.79 -6.82 -28.44
CA ILE E 309 -17.17 -5.78 -27.49
C ILE E 309 -15.96 -4.84 -27.44
N PHE E 310 -16.19 -3.53 -27.57
CA PHE E 310 -15.09 -2.55 -27.80
C PHE E 310 -15.06 -1.35 -26.84
N PRO E 311 -15.09 -1.58 -25.53
CA PRO E 311 -15.06 -0.44 -24.62
C PRO E 311 -13.60 0.02 -24.40
N GLU E 312 -13.42 1.10 -23.65
CA GLU E 312 -12.10 1.68 -23.45
C GLU E 312 -11.13 0.74 -22.77
N VAL E 313 -11.66 -0.11 -21.90
CA VAL E 313 -10.97 -1.26 -21.35
C VAL E 313 -11.92 -2.41 -21.56
N ARG E 314 -11.37 -3.55 -21.94
CA ARG E 314 -12.14 -4.78 -22.20
C ARG E 314 -11.72 -5.94 -21.31
N LEU E 315 -12.67 -6.77 -20.95
CA LEU E 315 -12.41 -7.96 -20.13
C LEU E 315 -12.69 -9.24 -20.91
N LYS E 316 -11.68 -10.10 -20.96
CA LYS E 316 -11.86 -11.50 -21.32
C LYS E 316 -11.26 -12.34 -20.20
N ARG E 317 -10.37 -13.29 -20.51
CA ARG E 317 -9.60 -13.99 -19.48
C ARG E 317 -8.35 -13.18 -19.08
N TYR E 318 -8.18 -12.06 -19.75
CA TYR E 318 -7.17 -11.03 -19.39
C TYR E 318 -7.84 -9.67 -19.63
N MSE E 319 -7.14 -8.61 -19.29
CA MSE E 319 -7.65 -7.26 -19.49
C MSE E 319 -6.93 -6.55 -20.62
O MSE E 319 -5.70 -6.69 -20.75
CB MSE E 319 -7.41 -6.42 -18.26
CG MSE E 319 -8.43 -5.32 -18.07
SE MSE E 319 -8.96 -5.39 -16.15
CE MSE E 319 -9.32 -7.22 -15.98
N GLU E 320 -7.66 -5.73 -21.37
CA GLU E 320 -7.13 -5.04 -22.54
C GLU E 320 -7.30 -3.53 -22.48
N MSE E 321 -6.19 -2.81 -22.56
CA MSE E 321 -6.18 -1.33 -22.56
C MSE E 321 -6.29 -0.86 -23.98
O MSE E 321 -5.38 -1.12 -24.77
CB MSE E 321 -4.85 -0.78 -22.00
CG MSE E 321 -4.44 -1.31 -20.67
SE MSE E 321 -5.63 -0.76 -19.20
CE MSE E 321 -6.34 -2.56 -18.78
N ARG E 322 -7.40 -0.20 -24.33
CA ARG E 322 -7.71 0.07 -25.75
C ARG E 322 -7.67 1.54 -26.22
N GLY E 323 -7.25 2.48 -25.35
CA GLY E 323 -7.40 3.91 -25.63
C GLY E 323 -6.35 4.67 -26.44
N ALA E 324 -5.20 4.04 -26.74
CA ALA E 324 -4.08 4.76 -27.34
C ALA E 324 -3.96 4.60 -28.84
N ASP E 325 -3.62 5.73 -29.49
CA ASP E 325 -3.31 5.81 -30.92
C ASP E 325 -1.99 5.08 -31.29
N GLY E 326 -1.98 4.48 -32.46
CA GLY E 326 -0.75 3.94 -33.03
C GLY E 326 0.28 5.05 -33.16
N GLY E 327 1.54 4.67 -33.15
CA GLY E 327 2.63 5.61 -33.15
C GLY E 327 3.96 4.97 -33.45
N PRO E 328 5.02 5.79 -33.52
CA PRO E 328 6.37 5.30 -33.80
C PRO E 328 6.87 4.35 -32.72
N TRP E 329 7.97 3.66 -33.04
CA TRP E 329 8.36 2.47 -32.28
C TRP E 329 8.66 2.72 -30.80
N ARG E 330 9.17 3.88 -30.45
CA ARG E 330 9.44 4.15 -29.05
C ARG E 330 8.14 4.31 -28.27
N ARG E 331 7.09 4.76 -28.93
CA ARG E 331 5.76 4.78 -28.32
C ARG E 331 5.03 3.46 -28.29
N LEU E 332 5.34 2.56 -29.23
CA LEU E 332 4.86 1.20 -29.11
C LEU E 332 5.38 0.45 -27.87
N CYS E 333 6.58 0.82 -27.40
CA CYS E 333 7.20 0.23 -26.22
C CYS E 333 6.79 0.98 -24.93
N ALA E 334 6.43 2.24 -25.08
CA ALA E 334 6.00 3.07 -23.99
C ALA E 334 4.59 2.73 -23.50
N LEU E 335 3.71 2.33 -24.41
CA LEU E 335 2.33 2.07 -24.03
C LEU E 335 2.21 0.92 -23.00
N PRO E 336 2.78 -0.26 -23.34
CA PRO E 336 2.76 -1.31 -22.33
C PRO E 336 3.46 -0.95 -21.04
N ALA E 337 4.55 -0.19 -21.12
CA ALA E 337 5.32 0.23 -19.93
C ALA E 337 4.49 1.07 -18.97
N PHE E 338 3.70 1.96 -19.55
CA PHE E 338 2.81 2.84 -18.81
C PHE E 338 1.87 2.02 -17.92
N TRP E 339 1.18 1.06 -18.52
CA TRP E 339 0.20 0.24 -17.78
C TRP E 339 0.84 -0.76 -16.84
N VAL E 340 1.97 -1.33 -17.21
CA VAL E 340 2.69 -2.30 -16.36
C VAL E 340 3.14 -1.58 -15.08
N GLY E 341 3.68 -0.37 -15.23
CA GLY E 341 4.05 0.42 -14.08
C GLY E 341 2.92 0.74 -13.12
N LEU E 342 1.71 0.96 -13.67
CA LEU E 342 0.54 1.36 -12.89
C LEU E 342 -0.26 0.21 -12.28
N LEU E 343 -0.38 -0.90 -13.00
CA LEU E 343 -1.28 -1.99 -12.63
C LEU E 343 -0.59 -3.22 -12.05
N TYR E 344 0.71 -3.38 -12.32
CA TYR E 344 1.45 -4.57 -11.84
C TYR E 344 2.24 -4.32 -10.54
N ASP E 345 2.18 -3.09 -10.02
CA ASP E 345 2.69 -2.78 -8.70
C ASP E 345 1.50 -2.46 -7.77
N GLU E 346 1.35 -3.23 -6.68
CA GLU E 346 0.17 -3.18 -5.81
C GLU E 346 0.01 -1.85 -5.09
N ASP E 347 1.11 -1.23 -4.70
CA ASP E 347 1.06 0.09 -4.04
C ASP E 347 0.75 1.20 -5.05
N VAL E 348 1.24 1.06 -6.27
CA VAL E 348 0.92 2.05 -7.30
C VAL E 348 -0.55 1.93 -7.67
N LEU E 349 -1.02 0.70 -7.79
CA LEU E 349 -2.42 0.45 -8.13
C LEU E 349 -3.31 1.08 -7.07
N GLN E 350 -2.99 0.87 -5.79
CA GLN E 350 -3.75 1.51 -4.73
C GLN E 350 -3.68 3.04 -4.81
N SER E 351 -2.50 3.58 -5.06
CA SER E 351 -2.32 5.04 -5.23
C SER E 351 -3.18 5.61 -6.35
N VAL E 352 -3.29 4.87 -7.43
CA VAL E 352 -4.14 5.24 -8.58
C VAL E 352 -5.62 5.23 -8.24
N LEU E 353 -6.05 4.19 -7.51
CA LEU E 353 -7.41 4.06 -7.01
C LEU E 353 -7.78 5.15 -6.02
N ASP E 354 -6.82 5.53 -5.17
CA ASP E 354 -6.97 6.63 -4.24
C ASP E 354 -7.10 7.96 -4.98
N LEU E 355 -6.26 8.18 -5.98
CA LEU E 355 -6.27 9.42 -6.78
C LEU E 355 -7.59 9.60 -7.52
N THR E 356 -8.16 8.50 -8.00
CA THR E 356 -9.36 8.51 -8.82
C THR E 356 -10.66 8.20 -8.06
N ALA E 357 -10.54 7.89 -6.77
CA ALA E 357 -11.66 7.44 -5.95
C ALA E 357 -12.91 8.32 -6.02
N ASP E 358 -12.74 9.64 -5.97
CA ASP E 358 -13.91 10.54 -5.95
C ASP E 358 -14.29 11.13 -7.31
N TRP E 359 -13.75 10.58 -8.40
CA TRP E 359 -14.17 10.99 -9.73
C TRP E 359 -15.59 10.52 -10.00
N THR E 360 -16.43 11.40 -10.52
CA THR E 360 -17.81 11.01 -10.76
C THR E 360 -17.91 10.37 -12.13
N PRO E 361 -18.99 9.59 -12.33
CA PRO E 361 -19.31 9.08 -13.66
C PRO E 361 -19.35 10.18 -14.73
N ALA E 362 -19.91 11.33 -14.38
CA ALA E 362 -20.00 12.45 -15.31
C ALA E 362 -18.62 13.04 -15.62
N GLU E 363 -17.74 13.11 -14.62
CA GLU E 363 -16.35 13.57 -14.83
C GLU E 363 -15.55 12.64 -15.76
N ARG E 364 -15.65 11.35 -15.52
CA ARG E 364 -14.90 10.37 -16.33
C ARG E 364 -15.40 10.42 -17.77
N GLU E 365 -16.71 10.56 -17.93
CA GLU E 365 -17.33 10.65 -19.25
C GLU E 365 -16.94 11.94 -19.96
N MSE E 366 -16.89 13.04 -19.22
CA MSE E 366 -16.46 14.30 -19.79
C MSE E 366 -15.00 14.22 -20.31
O MSE E 366 -14.71 14.64 -21.43
CB MSE E 366 -16.67 15.45 -18.78
CG MSE E 366 -16.18 16.81 -19.27
SE MSE E 366 -14.40 17.28 -18.54
CE MSE E 366 -13.24 16.90 -19.93
N LEU E 367 -14.09 13.68 -19.50
CA LEU E 367 -12.68 13.59 -19.89
C LEU E 367 -12.54 12.71 -21.14
N ARG E 368 -13.30 11.60 -21.18
CA ARG E 368 -13.28 10.73 -22.34
C ARG E 368 -13.70 11.48 -23.61
N ASN E 369 -14.72 12.33 -23.52
CA ASN E 369 -15.20 13.06 -24.70
C ASN E 369 -14.40 14.31 -25.06
N LYS E 370 -13.80 14.96 -24.07
CA LYS E 370 -13.06 16.19 -24.31
C LYS E 370 -11.60 15.96 -24.66
N VAL E 371 -10.98 14.93 -24.09
CA VAL E 371 -9.56 14.69 -24.36
C VAL E 371 -9.19 14.60 -25.85
N PRO E 372 -10.02 13.94 -26.70
CA PRO E 372 -9.75 13.94 -28.16
C PRO E 372 -9.52 15.33 -28.77
N VAL E 373 -10.12 16.39 -28.18
CA VAL E 373 -9.94 17.73 -28.69
C VAL E 373 -8.82 18.47 -27.97
N THR E 374 -8.84 18.46 -26.64
CA THR E 374 -7.99 19.32 -25.84
C THR E 374 -6.80 18.62 -25.17
N GLY E 375 -6.75 17.30 -25.18
CA GLY E 375 -5.61 16.54 -24.67
C GLY E 375 -5.29 16.77 -23.19
N LEU E 376 -4.01 17.04 -22.90
CA LEU E 376 -3.61 17.35 -21.53
C LEU E 376 -4.01 18.76 -21.05
N LYS E 377 -4.41 19.62 -21.99
CA LYS E 377 -4.93 20.95 -21.61
C LYS E 377 -6.44 20.93 -21.34
N THR E 378 -7.02 19.74 -21.28
CA THR E 378 -8.42 19.56 -20.93
C THR E 378 -8.64 20.02 -19.49
N PRO E 379 -9.54 21.01 -19.27
CA PRO E 379 -9.79 21.38 -17.88
C PRO E 379 -10.35 20.24 -17.02
N PHE E 380 -9.83 20.12 -15.81
CA PHE E 380 -10.33 19.15 -14.86
C PHE E 380 -10.33 19.77 -13.48
N ARG E 381 -11.52 19.91 -12.95
CA ARG E 381 -11.76 20.61 -11.68
C ARG E 381 -11.01 21.93 -11.71
N ASP E 382 -10.03 22.17 -10.84
CA ASP E 382 -9.44 23.50 -10.76
C ASP E 382 -8.05 23.60 -11.39
N GLY E 383 -7.75 22.65 -12.27
CA GLY E 383 -6.54 22.68 -13.09
C GLY E 383 -6.80 21.98 -14.39
N LEU E 384 -5.76 21.32 -14.90
CA LEU E 384 -5.75 20.69 -16.20
C LEU E 384 -5.52 19.21 -16.00
N LEU E 385 -5.90 18.43 -16.98
CA LEU E 385 -5.59 17.00 -16.95
C LEU E 385 -4.07 16.75 -16.86
N LYS E 386 -3.26 17.60 -17.48
CA LYS E 386 -1.79 17.57 -17.35
C LYS E 386 -1.30 17.33 -15.92
N HIS E 387 -1.95 18.00 -14.97
CA HIS E 387 -1.55 17.93 -13.55
C HIS E 387 -1.78 16.55 -12.95
N VAL E 388 -2.85 15.90 -13.40
CA VAL E 388 -3.10 14.52 -13.03
C VAL E 388 -2.12 13.59 -13.73
N ALA E 389 -1.81 13.85 -15.01
CA ALA E 389 -0.85 13.06 -15.75
C ALA E 389 0.55 13.12 -15.13
N GLU E 390 0.96 14.29 -14.63
CA GLU E 390 2.22 14.43 -13.87
C GLU E 390 2.28 13.42 -12.69
N ASP E 391 1.21 13.36 -11.91
CA ASP E 391 1.14 12.42 -10.78
C ASP E 391 1.12 10.98 -11.23
N VAL E 392 0.35 10.70 -12.29
CA VAL E 392 0.23 9.35 -12.83
C VAL E 392 1.55 8.83 -13.41
N LEU E 393 2.27 9.69 -14.14
CA LEU E 393 3.53 9.33 -14.74
C LEU E 393 4.52 8.97 -13.65
N LYS E 394 4.61 9.79 -12.60
CA LYS E 394 5.57 9.52 -11.53
CA LYS E 394 5.55 9.52 -11.52
C LYS E 394 5.26 8.18 -10.84
N LEU E 395 3.98 7.88 -10.71
CA LEU E 395 3.57 6.62 -10.11
C LEU E 395 3.92 5.45 -11.01
N ALA E 396 3.70 5.58 -12.32
CA ALA E 396 4.08 4.56 -13.29
C ALA E 396 5.57 4.27 -13.28
N LYS E 397 6.38 5.31 -13.22
CA LYS E 397 7.84 5.15 -13.08
C LYS E 397 8.24 4.47 -11.75
N ASP E 398 7.56 4.77 -10.65
CA ASP E 398 7.74 4.04 -9.37
C ASP E 398 7.52 2.52 -9.53
N GLY E 399 6.41 2.17 -10.16
CA GLY E 399 6.08 0.78 -10.46
C GLY E 399 7.18 0.06 -11.23
N LEU E 400 7.70 0.71 -12.27
CA LEU E 400 8.73 0.11 -13.10
C LEU E 400 10.08 0.00 -12.40
N GLU E 401 10.41 1.01 -11.61
CA GLU E 401 11.61 0.96 -10.79
C GLU E 401 11.55 -0.20 -9.81
N ARG E 402 10.41 -0.37 -9.13
CA ARG E 402 10.27 -1.46 -8.14
C ARG E 402 10.29 -2.87 -8.77
N ARG E 403 9.88 -2.98 -10.04
CA ARG E 403 9.85 -4.29 -10.72
C ARG E 403 11.23 -4.88 -10.76
N GLY E 404 12.23 -4.01 -10.77
CA GLY E 404 13.63 -4.42 -10.66
C GLY E 404 14.32 -4.73 -11.99
N TYR E 405 13.59 -4.61 -13.10
CA TYR E 405 14.13 -5.06 -14.39
C TYR E 405 14.76 -3.93 -15.19
N LYS E 406 14.84 -2.75 -14.59
CA LYS E 406 15.43 -1.56 -15.24
C LYS E 406 14.65 -1.12 -16.51
N GLU E 407 13.32 -1.14 -16.40
CA GLU E 407 12.45 -0.82 -17.52
C GLU E 407 11.99 0.64 -17.59
N VAL E 408 12.37 1.44 -16.61
CA VAL E 408 11.80 2.79 -16.48
C VAL E 408 12.06 3.70 -17.69
N GLY E 409 13.15 3.42 -18.40
CA GLY E 409 13.51 4.16 -19.59
C GLY E 409 12.48 4.09 -20.71
N PHE E 410 11.64 3.06 -20.70
CA PHE E 410 10.60 2.97 -21.71
C PHE E 410 9.56 4.07 -21.60
N LEU E 411 9.58 4.82 -20.50
CA LEU E 411 8.66 5.92 -20.33
C LEU E 411 9.26 7.28 -20.70
N ASN E 412 10.51 7.28 -21.15
CA ASN E 412 11.15 8.51 -21.62
C ASN E 412 10.37 9.08 -22.79
N ALA E 413 9.80 8.22 -23.61
CA ALA E 413 9.07 8.68 -24.79
C ALA E 413 7.79 9.48 -24.47
N VAL E 414 7.29 9.43 -23.24
CA VAL E 414 6.10 10.25 -22.88
C VAL E 414 6.39 11.30 -21.80
N THR E 415 7.65 11.36 -21.38
CA THR E 415 8.02 12.23 -20.29
C THR E 415 7.93 13.70 -20.70
N GLU E 416 8.34 14.00 -21.94
CA GLU E 416 8.26 15.35 -22.44
C GLU E 416 6.84 15.78 -22.74
N VAL E 417 6.02 14.84 -23.17
CA VAL E 417 4.62 15.12 -23.42
C VAL E 417 4.00 15.62 -22.13
N VAL E 418 4.22 14.88 -21.05
CA VAL E 418 3.64 15.21 -19.75
C VAL E 418 4.25 16.50 -19.21
N ARG E 419 5.55 16.68 -19.42
CA ARG E 419 6.26 17.87 -18.91
C ARG E 419 5.68 19.14 -19.55
N THR E 420 5.61 19.14 -20.88
CA THR E 420 5.24 20.31 -21.65
C THR E 420 3.75 20.43 -21.82
N GLY E 421 3.05 19.31 -21.61
CA GLY E 421 1.61 19.27 -21.86
C GLY E 421 1.25 19.29 -23.32
N VAL E 422 2.21 19.04 -24.19
CA VAL E 422 2.02 19.05 -25.65
C VAL E 422 2.07 17.61 -26.18
N THR E 423 0.95 17.19 -26.78
CA THR E 423 0.81 15.83 -27.29
C THR E 423 1.57 15.61 -28.60
N PRO E 424 1.88 14.35 -28.94
CA PRO E 424 2.49 14.09 -30.24
C PRO E 424 1.73 14.72 -31.43
N ALA E 425 0.39 14.72 -31.36
CA ALA E 425 -0.45 15.27 -32.41
C ALA E 425 -0.20 16.77 -32.59
N GLU E 426 -0.04 17.47 -31.47
CA GLU E 426 0.24 18.91 -31.47
C GLU E 426 1.62 19.19 -32.09
N ASN E 427 2.56 18.30 -31.90
CA ASN E 427 3.86 18.45 -32.56
C ASN E 427 3.75 18.33 -34.07
N LEU E 428 2.93 17.39 -34.54
CA LEU E 428 2.68 17.22 -35.99
C LEU E 428 2.01 18.46 -36.57
N LEU E 429 1.03 18.98 -35.84
CA LEU E 429 0.33 20.21 -36.21
C LEU E 429 1.27 21.39 -36.38
N GLU E 430 2.24 21.50 -35.48
CA GLU E 430 3.28 22.53 -35.53
C GLU E 430 4.09 22.40 -36.81
N MSE E 431 4.48 21.18 -37.15
CA MSE E 431 5.21 20.93 -38.38
C MSE E 431 4.36 21.22 -39.62
O MSE E 431 4.84 21.85 -40.55
CB MSE E 431 5.70 19.49 -38.42
CG MSE E 431 6.79 19.21 -37.40
SE MSE E 431 7.40 17.30 -37.44
CE MSE E 431 6.79 16.62 -35.64
N TYR E 432 3.11 20.76 -39.62
CA TYR E 432 2.17 21.05 -40.68
C TYR E 432 2.08 22.56 -40.96
N ASN E 433 1.92 23.33 -39.87
CA ASN E 433 1.77 24.77 -39.98
C ASN E 433 3.07 25.53 -40.21
N GLY E 434 4.20 24.83 -40.17
CA GLY E 434 5.50 25.43 -40.39
C GLY E 434 6.23 24.70 -41.48
N GLU E 435 7.27 23.96 -41.09
CA GLU E 435 8.21 23.36 -42.06
C GLU E 435 7.57 22.52 -43.18
N TRP E 436 6.44 21.86 -42.93
CA TRP E 436 5.78 21.03 -43.98
C TRP E 436 5.05 21.86 -45.04
N GLY E 437 4.87 23.15 -44.80
CA GLY E 437 4.20 24.02 -45.76
C GLY E 437 2.74 23.64 -45.97
N GLN E 438 2.09 23.16 -44.91
CA GLN E 438 0.68 22.83 -44.97
C GLN E 438 0.33 21.69 -45.90
N SER E 439 1.18 20.69 -45.91
CA SER E 439 0.88 19.44 -46.55
C SER E 439 1.14 18.36 -45.50
N VAL E 440 0.36 17.27 -45.55
CA VAL E 440 0.60 16.11 -44.69
C VAL E 440 1.62 15.16 -45.27
N ASP E 441 1.97 15.33 -46.54
CA ASP E 441 2.84 14.36 -47.22
C ASP E 441 4.14 14.08 -46.49
N PRO E 442 4.79 15.12 -45.90
CA PRO E 442 5.97 14.83 -45.08
C PRO E 442 5.77 13.95 -43.84
N VAL E 443 4.53 13.71 -43.41
CA VAL E 443 4.31 12.80 -42.24
C VAL E 443 4.66 11.34 -42.59
N PHE E 444 4.56 11.00 -43.88
CA PHE E 444 4.91 9.66 -44.38
C PHE E 444 6.43 9.42 -44.34
N GLN E 445 7.24 10.46 -44.13
CA GLN E 445 8.67 10.33 -43.80
C GLN E 445 8.86 10.48 -42.29
N GLU E 446 8.25 11.50 -41.70
CA GLU E 446 8.34 11.76 -40.26
C GLU E 446 8.04 10.52 -39.42
N LEU E 447 6.91 9.86 -39.70
CA LEU E 447 6.43 8.71 -38.91
C LEU E 447 6.57 7.39 -39.64
N LEU E 448 7.46 7.36 -40.60
CA LEU E 448 7.85 6.14 -41.28
C LEU E 448 8.55 5.17 -40.32
N TYR E 449 8.03 3.94 -40.22
CA TYR E 449 8.77 2.87 -39.57
C TYR E 449 10.00 2.55 -40.42
N VAL F 11 40.59 -40.56 -15.98
CA VAL F 11 41.02 -39.94 -17.28
C VAL F 11 42.13 -40.75 -17.97
N ALA F 12 41.77 -41.47 -19.03
CA ALA F 12 42.70 -42.38 -19.70
C ALA F 12 43.78 -41.59 -20.44
N THR F 13 44.95 -42.19 -20.57
CA THR F 13 45.98 -41.68 -21.47
C THR F 13 45.90 -42.35 -22.84
N GLU F 14 45.56 -41.56 -23.86
CA GLU F 14 45.82 -41.95 -25.24
C GLU F 14 46.34 -40.77 -26.06
N PRO F 15 47.63 -40.79 -26.37
CA PRO F 15 48.29 -39.65 -27.01
C PRO F 15 47.70 -39.36 -28.39
N LEU F 16 47.45 -38.08 -28.67
CA LEU F 16 47.18 -37.65 -30.01
C LEU F 16 48.43 -37.78 -30.88
N THR F 17 48.18 -38.15 -32.12
CA THR F 17 49.20 -38.22 -33.14
C THR F 17 48.87 -37.18 -34.18
N ARG F 18 49.80 -36.95 -35.11
CA ARG F 18 49.57 -36.13 -36.30
C ARG F 18 48.36 -36.59 -37.11
N GLU F 19 48.21 -37.92 -37.24
CA GLU F 19 47.10 -38.49 -37.97
C GLU F 19 45.76 -38.09 -37.34
N ASP F 20 45.72 -38.01 -36.01
CA ASP F 20 44.52 -37.56 -35.31
C ASP F 20 44.21 -36.10 -35.60
N LEU F 21 45.26 -35.29 -35.70
CA LEU F 21 45.11 -33.85 -36.01
C LEU F 21 44.56 -33.65 -37.43
N ILE F 22 44.99 -34.50 -38.35
CA ILE F 22 44.48 -34.48 -39.73
C ILE F 22 42.98 -34.87 -39.75
N ALA F 23 42.65 -35.94 -39.02
CA ALA F 23 41.27 -36.41 -38.93
C ALA F 23 40.37 -35.40 -38.23
N TYR F 24 40.94 -34.61 -37.30
CA TYR F 24 40.16 -33.54 -36.66
C TYR F 24 39.62 -32.54 -37.69
N LEU F 25 40.49 -32.07 -38.59
CA LEU F 25 40.07 -31.12 -39.62
C LEU F 25 39.06 -31.78 -40.54
N ALA F 26 39.38 -33.00 -40.99
CA ALA F 26 38.53 -33.74 -41.94
C ALA F 26 37.16 -34.03 -41.35
N SER F 27 37.07 -34.06 -40.01
CA SER F 27 35.81 -34.32 -39.34
C SER F 27 34.79 -33.18 -39.54
N GLY F 28 35.25 -32.04 -40.05
CA GLY F 28 34.38 -30.95 -40.42
C GLY F 28 33.57 -31.16 -41.69
N CYS F 29 33.85 -32.20 -42.45
CA CYS F 29 33.15 -32.47 -43.71
C CYS F 29 31.69 -32.68 -43.43
N LYS F 30 30.86 -32.04 -44.23
CA LYS F 30 29.43 -32.33 -44.17
C LYS F 30 28.74 -32.14 -45.51
N SER F 31 27.67 -32.89 -45.68
CA SER F 31 26.95 -32.89 -46.93
C SER F 31 26.34 -31.52 -47.18
N LYS F 32 26.10 -31.24 -48.46
CA LYS F 32 25.66 -29.93 -48.89
C LYS F 32 24.41 -29.43 -48.16
N GLU F 33 23.46 -30.32 -47.88
CA GLU F 33 22.23 -29.89 -47.20
C GLU F 33 22.49 -29.45 -45.76
N LYS F 34 23.64 -29.80 -45.21
CA LYS F 34 24.02 -29.37 -43.84
C LYS F 34 24.94 -28.17 -43.81
N TRP F 35 25.26 -27.62 -44.98
CA TRP F 35 26.14 -26.46 -45.05
C TRP F 35 25.41 -25.28 -44.45
N ARG F 36 26.11 -24.53 -43.62
CA ARG F 36 25.60 -23.35 -43.00
C ARG F 36 26.50 -22.14 -43.24
N ILE F 37 26.01 -20.99 -42.78
CA ILE F 37 26.69 -19.73 -42.89
C ILE F 37 26.87 -19.14 -41.47
N GLY F 38 28.11 -18.94 -41.05
CA GLY F 38 28.44 -18.31 -39.77
C GLY F 38 29.08 -16.96 -40.01
N THR F 39 28.56 -15.90 -39.39
CA THR F 39 29.05 -14.55 -39.62
C THR F 39 29.59 -13.95 -38.34
N GLU F 40 30.79 -13.38 -38.39
CA GLU F 40 31.40 -12.67 -37.26
C GLU F 40 31.74 -11.25 -37.69
N HIS F 41 31.52 -10.29 -36.82
CA HIS F 41 31.96 -8.92 -37.09
C HIS F 41 32.32 -8.26 -35.78
N GLU F 42 33.21 -7.28 -35.87
CA GLU F 42 33.71 -6.49 -34.72
C GLU F 42 33.39 -5.00 -34.96
N LYS F 43 33.13 -4.26 -33.88
CA LYS F 43 32.74 -2.83 -33.93
C LYS F 43 33.51 -2.06 -32.88
N PHE F 44 33.82 -0.80 -33.18
CA PHE F 44 34.44 0.12 -32.25
C PHE F 44 33.36 0.83 -31.41
N GLY F 45 33.42 0.68 -30.10
CA GLY F 45 32.57 1.45 -29.20
C GLY F 45 33.22 2.80 -28.84
N PHE F 46 32.40 3.84 -28.74
CA PHE F 46 32.93 5.16 -28.39
C PHE F 46 31.92 6.00 -27.61
N GLU F 47 32.46 6.96 -26.81
CA GLU F 47 31.60 7.95 -26.14
C GLU F 47 31.13 8.94 -27.20
N VAL F 48 29.81 9.12 -27.30
CA VAL F 48 29.20 9.96 -28.35
C VAL F 48 29.65 11.44 -28.27
N ASN F 49 29.90 11.92 -27.07
CA ASN F 49 30.24 13.33 -26.92
C ASN F 49 31.73 13.68 -27.05
N THR F 50 32.61 12.78 -26.61
CA THR F 50 34.04 13.01 -26.68
C THR F 50 34.71 12.24 -27.84
N LEU F 51 33.99 11.27 -28.39
CA LEU F 51 34.48 10.33 -29.40
C LEU F 51 35.55 9.41 -28.86
N ARG F 52 35.76 9.42 -27.54
CA ARG F 52 36.78 8.59 -26.91
C ARG F 52 36.42 7.10 -27.00
N PRO F 53 37.45 6.25 -27.11
CA PRO F 53 37.19 4.82 -27.15
C PRO F 53 36.59 4.33 -25.83
N MSE F 54 35.62 3.44 -25.96
CA MSE F 54 34.95 2.81 -24.85
C MSE F 54 35.96 2.03 -23.95
O MSE F 54 36.75 1.22 -24.44
CB MSE F 54 33.91 1.90 -25.45
CG MSE F 54 32.99 1.28 -24.50
SE MSE F 54 31.76 0.08 -25.45
CE MSE F 54 32.98 -1.03 -26.61
N LYS F 55 35.94 2.31 -22.65
CA LYS F 55 36.85 1.65 -21.72
C LYS F 55 36.25 0.33 -21.23
N TYR F 56 37.04 -0.48 -20.55
CA TYR F 56 36.57 -1.77 -20.02
C TYR F 56 35.40 -1.62 -19.04
N ASP F 57 35.46 -0.63 -18.14
CA ASP F 57 34.41 -0.42 -17.18
C ASP F 57 33.02 -0.23 -17.85
N GLN F 58 33.01 0.50 -18.96
CA GLN F 58 31.79 0.71 -19.74
C GLN F 58 31.39 -0.56 -20.50
N ILE F 59 32.40 -1.28 -20.98
CA ILE F 59 32.16 -2.55 -21.66
C ILE F 59 31.53 -3.59 -20.73
N ALA F 60 32.02 -3.67 -19.51
CA ALA F 60 31.47 -4.56 -18.54
C ALA F 60 29.99 -4.25 -18.19
N GLU F 61 29.67 -2.95 -18.01
CA GLU F 61 28.29 -2.51 -17.79
C GLU F 61 27.43 -2.92 -18.99
N LEU F 62 27.94 -2.66 -20.19
CA LEU F 62 27.22 -2.99 -21.42
C LEU F 62 26.91 -4.50 -21.49
N LEU F 63 27.93 -5.32 -21.25
CA LEU F 63 27.78 -6.78 -21.23
C LEU F 63 26.81 -7.29 -20.19
N ASN F 64 26.95 -6.83 -18.95
CA ASN F 64 26.03 -7.18 -17.87
C ASN F 64 24.57 -6.78 -18.20
N SER F 65 24.36 -5.59 -18.74
CA SER F 65 23.02 -5.13 -19.11
C SER F 65 22.40 -5.96 -20.22
N ILE F 66 23.21 -6.28 -21.23
CA ILE F 66 22.74 -7.13 -22.32
C ILE F 66 22.31 -8.52 -21.83
N ALA F 67 23.12 -9.08 -20.92
CA ALA F 67 22.87 -10.41 -20.36
C ALA F 67 21.56 -10.48 -19.57
N GLU F 68 21.31 -9.44 -18.79
CA GLU F 68 20.15 -9.35 -17.91
C GLU F 68 18.87 -9.08 -18.71
N ARG F 69 18.93 -8.13 -19.65
CA ARG F 69 17.76 -7.75 -20.48
C ARG F 69 17.39 -8.79 -21.53
N PHE F 70 18.41 -9.40 -22.12
CA PHE F 70 18.21 -10.22 -23.30
C PHE F 70 18.59 -11.67 -23.12
N GLU F 71 18.85 -12.05 -21.86
CA GLU F 71 19.05 -13.45 -21.49
C GLU F 71 20.26 -14.10 -22.20
N TRP F 72 21.43 -13.58 -21.87
CA TRP F 72 22.69 -14.17 -22.28
C TRP F 72 23.40 -14.66 -21.02
N GLU F 73 24.11 -15.77 -21.19
CA GLU F 73 24.98 -16.32 -20.17
C GLU F 73 26.29 -15.52 -20.16
N LYS F 74 26.77 -15.15 -18.98
CA LYS F 74 28.00 -14.35 -18.82
C LYS F 74 29.23 -15.25 -18.93
N VAL F 75 30.19 -14.80 -19.72
CA VAL F 75 31.48 -15.47 -19.88
C VAL F 75 32.53 -14.65 -19.12
N MSE F 76 33.21 -15.31 -18.18
CA MSE F 76 34.08 -14.68 -17.20
C MSE F 76 35.51 -15.08 -17.44
O MSE F 76 35.76 -16.21 -17.86
CB MSE F 76 33.68 -15.17 -15.83
CG MSE F 76 32.22 -14.97 -15.51
SE MSE F 76 31.82 -13.06 -15.50
CE MSE F 76 32.89 -12.51 -13.87
N GLU F 77 36.44 -14.17 -17.19
CA GLU F 77 37.84 -14.55 -17.00
C GLU F 77 38.24 -14.04 -15.62
N GLY F 78 38.33 -14.95 -14.66
CA GLY F 78 38.42 -14.58 -13.24
C GLY F 78 37.14 -13.85 -12.84
N ASP F 79 37.30 -12.68 -12.24
CA ASP F 79 36.18 -11.88 -11.79
C ASP F 79 35.74 -10.85 -12.84
N LYS F 80 36.32 -10.96 -14.03
CA LYS F 80 36.05 -9.99 -15.09
C LYS F 80 35.14 -10.60 -16.15
N ILE F 81 33.97 -10.00 -16.37
CA ILE F 81 33.11 -10.40 -17.49
C ILE F 81 33.84 -9.97 -18.79
N ILE F 82 34.01 -10.90 -19.71
CA ILE F 82 34.69 -10.63 -21.01
C ILE F 82 33.84 -10.97 -22.25
N GLY F 83 32.66 -11.53 -22.03
CA GLY F 83 31.84 -11.91 -23.14
C GLY F 83 30.53 -12.48 -22.68
N LEU F 84 29.72 -12.89 -23.66
CA LEU F 84 28.39 -13.46 -23.47
C LEU F 84 28.13 -14.63 -24.40
N LYS F 85 27.24 -15.51 -23.98
CA LYS F 85 26.91 -16.71 -24.73
C LYS F 85 25.38 -16.89 -24.71
N GLN F 86 24.83 -17.24 -25.87
CA GLN F 86 23.40 -17.56 -26.00
C GLN F 86 23.19 -18.52 -27.15
N GLY F 87 22.87 -19.76 -26.84
CA GLY F 87 22.81 -20.82 -27.85
C GLY F 87 24.15 -20.94 -28.56
N LYS F 88 24.14 -20.84 -29.89
CA LYS F 88 25.35 -20.92 -30.70
C LYS F 88 25.92 -19.53 -31.06
N GLN F 89 25.44 -18.48 -30.40
CA GLN F 89 25.98 -17.13 -30.56
C GLN F 89 26.86 -16.75 -29.39
N SER F 90 27.85 -15.92 -29.66
CA SER F 90 28.75 -15.38 -28.63
C SER F 90 29.00 -13.91 -28.88
N ILE F 91 29.17 -13.16 -27.81
CA ILE F 91 29.67 -11.82 -27.88
C ILE F 91 31.02 -11.89 -27.15
N SER F 92 32.07 -11.35 -27.78
CA SER F 92 33.39 -11.32 -27.20
C SER F 92 34.09 -10.00 -27.45
N LEU F 93 35.25 -9.83 -26.79
CA LEU F 93 36.05 -8.60 -26.89
C LEU F 93 37.38 -8.85 -27.57
N GLU F 94 37.75 -7.97 -28.47
CA GLU F 94 39.08 -7.97 -29.08
C GLU F 94 40.02 -7.21 -28.14
N PRO F 95 41.35 -7.27 -28.41
CA PRO F 95 42.30 -6.67 -27.46
C PRO F 95 42.09 -5.18 -27.15
N GLY F 96 41.55 -4.42 -28.10
CA GLY F 96 41.29 -3.00 -27.87
C GLY F 96 39.87 -2.61 -27.50
N GLY F 97 39.05 -3.62 -27.14
CA GLY F 97 37.69 -3.42 -26.73
C GLY F 97 36.71 -3.52 -27.88
N GLN F 98 37.19 -3.90 -29.05
CA GLN F 98 36.28 -4.06 -30.18
C GLN F 98 35.26 -5.14 -29.85
N PHE F 99 34.00 -4.81 -30.13
CA PHE F 99 32.82 -5.51 -29.64
C PHE F 99 32.36 -6.49 -30.72
N GLU F 100 32.53 -7.79 -30.48
CA GLU F 100 32.38 -8.78 -31.55
C GLU F 100 31.17 -9.70 -31.35
N LEU F 101 30.39 -9.91 -32.42
CA LEU F 101 29.37 -10.97 -32.44
C LEU F 101 29.90 -12.11 -33.32
N SER F 102 29.92 -13.32 -32.75
CA SER F 102 30.03 -14.54 -33.56
C SER F 102 28.64 -15.16 -33.60
N GLY F 103 28.04 -15.15 -34.76
CA GLY F 103 26.70 -15.64 -34.94
C GLY F 103 26.61 -17.14 -35.07
N ALA F 104 25.38 -17.64 -35.03
CA ALA F 104 25.07 -19.07 -35.14
C ALA F 104 25.28 -19.54 -36.59
N PRO F 105 25.48 -20.86 -36.79
CA PRO F 105 25.38 -21.44 -38.15
C PRO F 105 23.99 -21.36 -38.70
N LEU F 106 23.78 -20.55 -39.73
CA LEU F 106 22.45 -20.30 -40.24
C LEU F 106 22.34 -20.80 -41.71
N GLU F 107 21.12 -21.07 -42.12
CA GLU F 107 20.84 -21.65 -43.43
C GLU F 107 20.76 -20.62 -44.51
N THR F 108 20.16 -19.46 -44.24
CA THR F 108 20.03 -18.41 -45.24
C THR F 108 20.54 -17.08 -44.77
N LEU F 109 20.81 -16.22 -45.73
CA LEU F 109 21.30 -14.88 -45.52
C LEU F 109 20.24 -13.93 -44.98
N HIS F 110 18.96 -14.29 -45.19
CA HIS F 110 17.86 -13.58 -44.56
C HIS F 110 17.94 -13.75 -43.04
N GLN F 111 18.26 -14.95 -42.57
CA GLN F 111 18.47 -15.24 -41.16
C GLN F 111 19.74 -14.52 -40.66
N THR F 112 20.80 -14.54 -41.46
CA THR F 112 22.05 -13.84 -41.11
C THR F 112 21.81 -12.35 -40.81
N CYS F 113 21.12 -11.68 -41.71
CA CYS F 113 20.89 -10.27 -41.56
C CYS F 113 19.92 -9.93 -40.39
N ALA F 114 18.95 -10.81 -40.11
CA ALA F 114 18.09 -10.65 -38.95
C ALA F 114 18.87 -10.85 -37.66
N GLU F 115 19.83 -11.77 -37.67
CA GLU F 115 20.75 -11.98 -36.56
C GLU F 115 21.61 -10.74 -36.23
N VAL F 116 22.12 -10.12 -37.29
CA VAL F 116 22.86 -8.85 -37.19
C VAL F 116 21.99 -7.75 -36.60
N ASN F 117 20.81 -7.56 -37.19
CA ASN F 117 19.85 -6.58 -36.69
C ASN F 117 19.46 -6.79 -35.20
N SER F 118 19.20 -8.03 -34.82
CA SER F 118 18.88 -8.33 -33.45
C SER F 118 20.02 -7.86 -32.50
N HIS F 119 21.26 -8.13 -32.92
CA HIS F 119 22.43 -7.75 -32.15
C HIS F 119 22.59 -6.24 -32.03
N LEU F 120 22.47 -5.57 -33.17
CA LEU F 120 22.60 -4.13 -33.21
C LEU F 120 21.52 -3.46 -32.38
N TYR F 121 20.30 -4.03 -32.41
CA TYR F 121 19.21 -3.51 -31.58
C TYR F 121 19.56 -3.65 -30.10
N GLN F 122 20.00 -4.83 -29.67
CA GLN F 122 20.25 -5.08 -28.26
C GLN F 122 21.38 -4.20 -27.72
N VAL F 123 22.43 -4.08 -28.50
CA VAL F 123 23.58 -3.26 -28.14
C VAL F 123 23.17 -1.78 -27.97
N LYS F 124 22.45 -1.25 -28.96
CA LYS F 124 22.03 0.15 -28.95
C LYS F 124 20.96 0.44 -27.88
N ALA F 125 20.13 -0.56 -27.58
CA ALA F 125 19.13 -0.47 -26.53
C ALA F 125 19.75 -0.19 -25.16
N VAL F 126 20.92 -0.76 -24.92
CA VAL F 126 21.68 -0.53 -23.67
C VAL F 126 22.61 0.69 -23.80
N ALA F 127 23.35 0.75 -24.91
CA ALA F 127 24.39 1.75 -25.13
C ALA F 127 23.89 3.19 -25.22
N GLU F 128 22.68 3.38 -25.74
CA GLU F 128 22.12 4.72 -25.85
C GLU F 128 21.94 5.44 -24.51
N GLU F 129 21.47 4.73 -23.50
CA GLU F 129 21.36 5.27 -22.13
C GLU F 129 22.74 5.57 -21.53
N MSE F 130 23.78 4.87 -22.00
CA MSE F 130 25.14 5.06 -21.52
C MSE F 130 25.95 6.12 -22.28
O MSE F 130 27.10 6.35 -21.92
CB MSE F 130 25.91 3.77 -21.63
CG MSE F 130 25.24 2.58 -21.01
SE MSE F 130 26.39 0.99 -21.25
CE MSE F 130 28.18 1.79 -20.64
N GLY F 131 25.37 6.75 -23.30
CA GLY F 131 26.09 7.72 -24.12
C GLY F 131 27.17 7.08 -24.99
N ILE F 132 26.91 5.84 -25.39
CA ILE F 132 27.85 5.06 -26.19
C ILE F 132 27.32 4.83 -27.59
N GLY F 133 28.19 5.01 -28.58
CA GLY F 133 27.91 4.63 -29.94
C GLY F 133 28.89 3.61 -30.45
N PHE F 134 28.55 3.01 -31.58
CA PHE F 134 29.39 2.07 -32.27
C PHE F 134 29.69 2.48 -33.71
N LEU F 135 30.94 2.27 -34.11
CA LEU F 135 31.47 2.67 -35.40
C LEU F 135 31.85 1.45 -36.24
N GLY F 136 31.38 1.42 -37.48
CA GLY F 136 31.65 0.33 -38.41
C GLY F 136 32.68 0.74 -39.43
N MSE F 137 33.95 0.50 -39.12
CA MSE F 137 35.07 0.81 -40.00
C MSE F 137 36.12 -0.24 -39.79
O MSE F 137 36.05 -0.99 -38.84
CB MSE F 137 35.72 2.15 -39.63
CG MSE F 137 34.97 3.35 -39.97
SE MSE F 137 36.17 4.91 -39.83
CE MSE F 137 37.21 4.61 -41.52
N GLY F 138 37.13 -0.28 -40.66
CA GLY F 138 38.18 -1.27 -40.54
C GLY F 138 39.35 -0.89 -39.65
N PHE F 139 39.54 0.41 -39.46
CA PHE F 139 40.65 0.91 -38.65
C PHE F 139 40.15 2.13 -37.92
N GLN F 140 40.51 2.20 -36.63
CA GLN F 140 40.18 3.29 -35.75
C GLN F 140 40.74 4.62 -36.34
N PRO F 141 39.86 5.56 -36.76
CA PRO F 141 40.30 6.71 -37.56
C PRO F 141 40.89 7.89 -36.83
N LYS F 142 40.79 7.93 -35.49
CA LYS F 142 41.05 9.13 -34.71
C LYS F 142 42.15 9.00 -33.68
N TRP F 143 42.19 7.88 -32.97
CA TRP F 143 43.03 7.73 -31.79
C TRP F 143 44.29 6.94 -32.08
N ARG F 144 45.33 7.27 -31.33
CA ARG F 144 46.61 6.61 -31.39
C ARG F 144 46.56 5.28 -30.66
N ARG F 145 47.56 4.46 -30.90
CA ARG F 145 47.68 3.14 -30.28
C ARG F 145 47.64 3.19 -28.77
N GLU F 146 48.34 4.17 -28.21
CA GLU F 146 48.47 4.32 -26.78
C GLU F 146 47.23 4.96 -26.12
N ASP F 147 46.27 5.41 -26.94
CA ASP F 147 44.97 5.90 -26.47
C ASP F 147 43.92 4.79 -26.34
N ILE F 148 44.23 3.59 -26.84
CA ILE F 148 43.23 2.51 -26.86
C ILE F 148 43.31 1.77 -25.53
N PRO F 149 42.16 1.60 -24.81
CA PRO F 149 42.13 0.73 -23.64
C PRO F 149 42.47 -0.70 -23.97
N THR F 150 43.14 -1.39 -23.06
CA THR F 150 43.34 -2.84 -23.24
C THR F 150 42.47 -3.68 -22.30
N MSE F 151 42.06 -4.84 -22.80
CA MSE F 151 41.15 -5.74 -22.13
C MSE F 151 41.86 -6.61 -21.13
O MSE F 151 43.00 -7.01 -21.36
CB MSE F 151 40.48 -6.64 -23.16
CG MSE F 151 39.66 -5.86 -24.17
SE MSE F 151 38.38 -4.66 -23.30
CE MSE F 151 39.19 -2.87 -23.33
N PRO F 152 41.21 -6.92 -20.00
CA PRO F 152 41.88 -7.71 -18.98
C PRO F 152 41.85 -9.20 -19.34
N LYS F 153 42.50 -9.54 -20.44
CA LYS F 153 42.51 -10.93 -20.94
C LYS F 153 43.94 -11.42 -21.07
N GLY F 154 44.26 -12.45 -20.29
CA GLY F 154 45.58 -13.07 -20.23
C GLY F 154 46.14 -13.49 -21.58
N ARG F 155 45.31 -13.98 -22.48
CA ARG F 155 45.83 -14.41 -23.77
C ARG F 155 46.36 -13.22 -24.57
N TYR F 156 45.68 -12.08 -24.48
CA TYR F 156 46.10 -10.87 -25.15
C TYR F 156 47.34 -10.25 -24.55
N ASP F 157 47.55 -10.44 -23.25
CA ASP F 157 48.77 -9.98 -22.61
C ASP F 157 50.00 -10.68 -23.17
N ILE F 158 49.86 -11.99 -23.38
CA ILE F 158 50.89 -12.81 -23.99
C ILE F 158 51.18 -12.35 -25.43
N MSE F 159 50.11 -12.14 -26.18
CA MSE F 159 50.22 -11.69 -27.56
C MSE F 159 50.82 -10.31 -27.72
O MSE F 159 51.65 -10.11 -28.59
CB MSE F 159 48.85 -11.69 -28.22
CG MSE F 159 48.40 -13.05 -28.53
SE MSE F 159 46.61 -13.00 -29.32
CE MSE F 159 47.03 -11.96 -31.01
N ARG F 160 50.42 -9.38 -26.86
CA ARG F 160 50.95 -8.02 -26.92
C ARG F 160 52.46 -8.02 -26.70
N ASN F 161 52.93 -8.87 -25.80
CA ASN F 161 54.35 -8.98 -25.49
C ASN F 161 55.15 -9.62 -26.64
N TYR F 162 54.50 -10.48 -27.41
CA TYR F 162 55.15 -11.17 -28.51
C TYR F 162 55.15 -10.37 -29.83
N MSE F 163 54.10 -9.61 -30.10
CA MSE F 163 53.96 -8.91 -31.38
C MSE F 163 55.19 -8.10 -31.82
O MSE F 163 55.62 -8.19 -32.98
CB MSE F 163 52.72 -8.01 -31.36
CG MSE F 163 51.43 -8.76 -31.54
SE MSE F 163 51.27 -9.88 -33.17
CE MSE F 163 49.55 -10.80 -32.70
N PRO F 164 55.76 -7.27 -30.93
CA PRO F 164 56.96 -6.49 -31.31
C PRO F 164 58.17 -7.32 -31.74
N LYS F 165 58.19 -8.60 -31.39
CA LYS F 165 59.26 -9.51 -31.80
C LYS F 165 59.16 -9.97 -33.27
N VAL F 166 57.96 -9.90 -33.86
CA VAL F 166 57.68 -10.47 -35.18
C VAL F 166 57.14 -9.50 -36.22
N GLY F 167 56.99 -8.23 -35.88
CA GLY F 167 56.53 -7.24 -36.82
C GLY F 167 56.33 -5.93 -36.10
N SER F 168 56.06 -4.86 -36.87
CA SER F 168 55.88 -3.55 -36.30
C SER F 168 54.42 -3.10 -36.25
N LEU F 169 53.51 -3.85 -36.87
CA LEU F 169 52.12 -3.44 -36.94
C LEU F 169 51.13 -4.39 -36.21
N GLY F 170 51.60 -5.48 -35.63
CA GLY F 170 50.70 -6.45 -35.02
C GLY F 170 49.89 -5.91 -33.84
N LEU F 171 50.48 -4.98 -33.08
CA LEU F 171 49.76 -4.30 -31.99
C LEU F 171 48.61 -3.43 -32.54
N ASP F 172 48.78 -2.87 -33.73
CA ASP F 172 47.69 -2.12 -34.40
C ASP F 172 46.61 -3.05 -34.93
N MSE F 173 46.99 -4.23 -35.41
CA MSE F 173 46.02 -5.28 -35.68
C MSE F 173 45.16 -5.55 -34.46
O MSE F 173 43.92 -5.53 -34.53
CB MSE F 173 46.72 -6.57 -36.16
CG MSE F 173 45.78 -7.69 -36.53
SE MSE F 173 45.18 -8.85 -34.98
CE MSE F 173 46.88 -9.94 -34.60
N MSE F 174 45.81 -5.78 -33.33
CA MSE F 174 45.13 -6.16 -32.09
C MSE F 174 44.22 -5.07 -31.51
O MSE F 174 43.09 -5.34 -31.11
CB MSE F 174 46.19 -6.53 -31.06
CG MSE F 174 46.85 -7.88 -31.30
SE MSE F 174 48.19 -8.23 -29.89
CE MSE F 174 46.92 -8.84 -28.35
N LEU F 175 44.70 -3.84 -31.53
CA LEU F 175 44.06 -2.70 -30.84
C LEU F 175 43.16 -1.82 -31.69
N ARG F 176 43.43 -1.74 -32.99
CA ARG F 176 42.84 -0.69 -33.81
C ARG F 176 42.12 -1.17 -35.11
N THR F 177 41.94 -2.48 -35.30
CA THR F 177 41.28 -3.00 -36.51
C THR F 177 39.98 -3.69 -36.20
N CYS F 178 39.04 -3.62 -37.16
CA CYS F 178 37.79 -4.38 -37.13
C CYS F 178 37.52 -5.06 -38.48
N THR F 179 37.02 -6.28 -38.41
CA THR F 179 36.71 -7.11 -39.56
C THR F 179 35.24 -7.56 -39.58
N VAL F 180 34.76 -7.92 -40.78
CA VAL F 180 33.59 -8.76 -40.94
C VAL F 180 34.05 -10.03 -41.66
N GLN F 181 33.79 -11.18 -41.04
CA GLN F 181 34.17 -12.47 -41.66
C GLN F 181 33.01 -13.42 -41.79
N VAL F 182 33.20 -14.44 -42.63
CA VAL F 182 32.22 -15.51 -42.79
C VAL F 182 32.91 -16.87 -42.69
N ASN F 183 32.20 -17.79 -42.05
CA ASN F 183 32.60 -19.16 -41.89
C ASN F 183 31.70 -20.03 -42.77
N LEU F 184 32.33 -20.91 -43.55
CA LEU F 184 31.62 -21.76 -44.51
C LEU F 184 32.12 -23.21 -44.42
N ASP F 185 31.29 -24.13 -44.92
CA ASP F 185 31.53 -25.55 -44.80
C ASP F 185 31.99 -26.19 -46.13
N PHE F 186 32.63 -27.35 -45.98
CA PHE F 186 33.09 -28.19 -47.10
C PHE F 186 32.57 -29.61 -46.91
N SER F 187 32.44 -30.34 -48.01
CA SER F 187 31.84 -31.69 -48.00
C SER F 187 32.85 -32.81 -48.11
N SER F 188 34.07 -32.50 -48.54
CA SER F 188 35.13 -33.46 -48.82
C SER F 188 36.47 -32.72 -48.86
N GLU F 189 37.58 -33.47 -48.90
CA GLU F 189 38.89 -32.85 -49.07
C GLU F 189 39.01 -32.15 -50.43
N ALA F 190 38.49 -32.77 -51.51
CA ALA F 190 38.50 -32.16 -52.85
C ALA F 190 37.73 -30.84 -52.88
N ASP F 191 36.58 -30.82 -52.19
CA ASP F 191 35.75 -29.62 -52.07
C ASP F 191 36.45 -28.55 -51.25
N MSE F 192 37.02 -28.95 -50.12
CA MSE F 192 37.81 -28.06 -49.30
C MSE F 192 38.96 -27.38 -50.08
O MSE F 192 39.11 -26.17 -50.08
CB MSE F 192 38.33 -28.83 -48.08
CG MSE F 192 39.13 -28.04 -47.11
SE MSE F 192 41.01 -27.79 -47.67
CE MSE F 192 41.71 -29.67 -47.44
N ILE F 193 39.75 -28.18 -50.78
CA ILE F 193 40.84 -27.67 -51.62
C ILE F 193 40.37 -26.62 -52.62
N ARG F 194 39.28 -26.91 -53.34
CA ARG F 194 38.70 -25.99 -54.34
C ARG F 194 38.21 -24.69 -53.72
N LYS F 195 37.52 -24.80 -52.60
CA LYS F 195 37.02 -23.63 -51.86
C LYS F 195 38.17 -22.77 -51.30
N PHE F 196 39.20 -23.44 -50.79
CA PHE F 196 40.39 -22.75 -50.25
C PHE F 196 41.10 -21.93 -51.37
N ARG F 197 41.28 -22.55 -52.53
CA ARG F 197 41.90 -21.91 -53.67
C ARG F 197 41.09 -20.74 -54.22
N ALA F 198 39.78 -20.95 -54.40
CA ALA F 198 38.84 -19.87 -54.75
C ALA F 198 38.86 -18.72 -53.74
N GLY F 199 38.78 -19.07 -52.46
CA GLY F 199 38.81 -18.09 -51.38
C GLY F 199 40.09 -17.27 -51.34
N LEU F 200 41.24 -17.93 -51.44
CA LEU F 200 42.53 -17.22 -51.43
C LEU F 200 42.69 -16.31 -52.66
N ALA F 201 42.52 -16.87 -53.85
CA ALA F 201 42.62 -16.10 -55.09
C ALA F 201 41.72 -14.85 -55.12
N LEU F 202 40.49 -14.99 -54.65
CA LEU F 202 39.51 -13.89 -54.66
C LEU F 202 39.55 -12.95 -53.44
N GLN F 203 40.37 -13.29 -52.44
CA GLN F 203 40.39 -12.53 -51.21
C GLN F 203 40.72 -11.05 -51.40
N PRO F 204 41.75 -10.72 -52.20
CA PRO F 204 42.05 -9.33 -52.51
C PRO F 204 40.89 -8.55 -53.12
N ILE F 205 40.03 -9.24 -53.88
CA ILE F 205 38.82 -8.64 -54.46
C ILE F 205 37.82 -8.29 -53.36
N ALA F 206 37.60 -9.21 -52.42
CA ALA F 206 36.79 -8.91 -51.23
C ALA F 206 37.35 -7.69 -50.50
N THR F 207 38.67 -7.71 -50.26
CA THR F 207 39.33 -6.62 -49.54
C THR F 207 39.07 -5.26 -50.21
N ALA F 208 39.17 -5.23 -51.54
CA ALA F 208 38.93 -4.02 -52.30
C ALA F 208 37.48 -3.53 -52.24
N LEU F 209 36.52 -4.45 -52.36
CA LEU F 209 35.11 -4.12 -52.29
C LEU F 209 34.69 -3.55 -50.94
N PHE F 210 35.31 -4.03 -49.87
CA PHE F 210 34.96 -3.68 -48.50
C PHE F 210 35.96 -2.70 -47.87
N ALA F 211 36.94 -2.25 -48.65
CA ALA F 211 37.97 -1.33 -48.15
C ALA F 211 37.33 -0.11 -47.47
N ASN F 212 37.65 0.07 -46.19
CA ASN F 212 36.97 1.02 -45.31
C ASN F 212 37.93 1.51 -44.18
N SER F 213 39.18 1.76 -44.48
CA SER F 213 40.11 2.21 -43.45
C SER F 213 41.16 3.21 -43.96
N PRO F 214 40.71 4.38 -44.44
CA PRO F 214 41.59 5.39 -45.02
C PRO F 214 42.17 6.43 -44.06
N PHE F 215 41.77 6.39 -42.77
CA PHE F 215 42.18 7.38 -41.79
C PHE F 215 43.07 6.78 -40.71
N THR F 216 44.05 7.55 -40.29
CA THR F 216 44.85 7.24 -39.13
C THR F 216 45.08 8.54 -38.39
N GLU F 217 44.75 8.55 -37.10
CA GLU F 217 45.00 9.72 -36.25
C GLU F 217 44.48 11.03 -36.86
N GLY F 218 43.25 10.98 -37.36
CA GLY F 218 42.53 12.17 -37.81
C GLY F 218 42.84 12.66 -39.20
N LYS F 219 43.59 11.85 -39.95
CA LYS F 219 44.10 12.25 -41.25
C LYS F 219 44.14 11.09 -42.23
N PRO F 220 44.12 11.38 -43.54
CA PRO F 220 44.31 10.30 -44.48
C PRO F 220 45.67 9.60 -44.27
N ASN F 221 45.68 8.27 -44.27
CA ASN F 221 46.90 7.47 -44.11
C ASN F 221 47.58 7.04 -45.43
N GLY F 222 46.97 7.38 -46.57
CA GLY F 222 47.51 7.01 -47.89
C GLY F 222 47.04 5.64 -48.37
N PHE F 223 46.22 4.98 -47.56
CA PHE F 223 45.68 3.66 -47.88
C PHE F 223 44.16 3.76 -48.05
N LEU F 224 43.59 2.76 -48.70
CA LEU F 224 42.15 2.54 -48.74
C LEU F 224 41.76 1.52 -47.65
N SER F 225 42.57 0.46 -47.51
CA SER F 225 42.49 -0.46 -46.37
C SER F 225 43.82 -0.54 -45.62
N MSE F 226 44.03 0.42 -44.72
CA MSE F 226 45.14 0.35 -43.76
C MSE F 226 45.11 -0.97 -42.97
O MSE F 226 46.13 -1.55 -42.66
CB MSE F 226 45.10 1.53 -42.80
CG MSE F 226 46.19 1.52 -41.72
SE MSE F 226 48.05 1.35 -42.46
CE MSE F 226 48.38 3.19 -42.87
N ARG F 227 43.91 -1.42 -42.64
CA ARG F 227 43.70 -2.68 -41.96
C ARG F 227 44.38 -3.85 -42.68
N SER F 228 44.12 -3.97 -43.98
CA SER F 228 44.72 -5.05 -44.77
C SER F 228 46.23 -4.90 -44.86
N HIS F 229 46.72 -3.67 -45.01
CA HIS F 229 48.15 -3.43 -44.96
C HIS F 229 48.76 -3.89 -43.64
N ILE F 230 48.08 -3.58 -42.54
CA ILE F 230 48.53 -3.99 -41.19
C ILE F 230 48.82 -5.49 -41.09
N TRP F 231 48.00 -6.29 -41.75
CA TRP F 231 48.17 -7.73 -41.76
C TRP F 231 49.40 -8.24 -42.54
N THR F 232 50.05 -7.35 -43.30
CA THR F 232 51.32 -7.70 -43.98
C THR F 232 52.58 -7.38 -43.14
N ASP F 233 52.42 -6.76 -41.98
CA ASP F 233 53.53 -6.54 -41.05
C ASP F 233 53.12 -6.85 -39.62
N THR F 234 52.46 -7.99 -39.47
CA THR F 234 51.99 -8.51 -38.18
C THR F 234 52.89 -9.67 -37.72
N ASP F 235 52.94 -10.72 -38.52
CA ASP F 235 53.71 -11.91 -38.21
C ASP F 235 53.77 -12.78 -39.47
N LYS F 236 54.95 -12.85 -40.10
CA LYS F 236 55.10 -13.57 -41.39
C LYS F 236 54.85 -15.09 -41.25
N ASP F 237 55.01 -15.61 -40.02
CA ASP F 237 54.79 -17.03 -39.73
C ASP F 237 53.36 -17.50 -39.82
N ARG F 238 52.41 -16.57 -39.72
CA ARG F 238 51.02 -17.00 -39.57
C ARG F 238 50.01 -16.20 -40.38
N THR F 239 50.47 -15.54 -41.42
CA THR F 239 49.63 -14.67 -42.24
C THR F 239 49.83 -14.95 -43.69
N GLY F 240 49.00 -14.34 -44.53
CA GLY F 240 49.29 -14.27 -45.98
C GLY F 240 48.44 -15.16 -46.87
N MSE F 241 48.92 -15.32 -48.12
CA MSE F 241 48.18 -15.94 -49.22
C MSE F 241 48.46 -17.44 -49.40
O MSE F 241 48.06 -18.04 -50.40
CB MSE F 241 48.53 -15.21 -50.52
CG MSE F 241 48.02 -13.77 -50.55
SE MSE F 241 46.08 -13.81 -50.71
CE MSE F 241 45.92 -14.18 -52.65
N LEU F 242 49.18 -18.04 -48.47
CA LEU F 242 49.42 -19.48 -48.42
C LEU F 242 49.62 -20.15 -49.78
N PRO F 243 50.72 -19.83 -50.45
CA PRO F 243 50.98 -20.32 -51.82
C PRO F 243 50.99 -21.85 -51.93
N PHE F 244 51.32 -22.55 -50.83
CA PHE F 244 51.38 -24.02 -50.85
C PHE F 244 50.01 -24.66 -51.02
N VAL F 245 48.97 -23.87 -50.79
CA VAL F 245 47.58 -24.30 -50.97
C VAL F 245 47.37 -24.62 -52.44
N PHE F 246 48.08 -23.94 -53.31
CA PHE F 246 47.95 -24.13 -54.74
C PHE F 246 48.86 -25.24 -55.29
N ASP F 247 49.70 -25.84 -54.45
CA ASP F 247 50.52 -26.98 -54.87
C ASP F 247 49.64 -28.21 -55.06
N ASP F 248 50.04 -29.09 -55.98
CA ASP F 248 49.32 -30.35 -56.24
C ASP F 248 49.25 -31.22 -54.99
N SER F 249 50.26 -31.13 -54.13
CA SER F 249 50.32 -31.92 -52.91
C SER F 249 49.27 -31.54 -51.86
N PHE F 250 48.66 -30.37 -51.99
CA PHE F 250 47.83 -29.84 -50.96
C PHE F 250 46.59 -30.66 -50.57
N GLY F 251 46.34 -30.71 -49.27
CA GLY F 251 45.23 -31.43 -48.66
C GLY F 251 45.28 -31.17 -47.16
N PHE F 252 44.43 -31.83 -46.39
CA PHE F 252 44.39 -31.65 -44.94
C PHE F 252 45.74 -31.88 -44.31
N GLU F 253 46.48 -32.89 -44.81
CA GLU F 253 47.78 -33.24 -44.25
C GLU F 253 48.77 -32.08 -44.37
N GLN F 254 48.86 -31.48 -45.55
CA GLN F 254 49.78 -30.38 -45.77
C GLN F 254 49.43 -29.18 -44.87
N TYR F 255 48.15 -28.90 -44.69
CA TYR F 255 47.75 -27.80 -43.78
C TYR F 255 48.12 -28.08 -42.32
N VAL F 256 47.99 -29.34 -41.90
CA VAL F 256 48.39 -29.76 -40.56
C VAL F 256 49.87 -29.56 -40.28
N ASP F 257 50.72 -29.88 -41.27
CA ASP F 257 52.17 -29.71 -41.13
C ASP F 257 52.53 -28.23 -41.05
N TYR F 258 51.91 -27.42 -41.90
CA TYR F 258 51.98 -25.97 -41.81
C TYR F 258 51.71 -25.51 -40.38
N ALA F 259 50.52 -25.87 -39.89
CA ALA F 259 50.05 -25.45 -38.56
C ALA F 259 50.92 -25.96 -37.41
N LEU F 260 51.41 -27.20 -37.51
CA LEU F 260 52.31 -27.76 -36.50
C LEU F 260 53.59 -26.95 -36.36
N ASP F 261 54.05 -26.31 -37.43
CA ASP F 261 55.27 -25.51 -37.41
C ASP F 261 55.08 -24.02 -37.21
N VAL F 262 53.83 -23.54 -37.20
CA VAL F 262 53.56 -22.16 -36.78
C VAL F 262 53.78 -22.11 -35.27
N PRO F 263 54.60 -21.16 -34.77
CA PRO F 263 54.83 -21.14 -33.34
C PRO F 263 53.56 -20.89 -32.49
N MSE F 264 53.55 -21.44 -31.29
CA MSE F 264 52.39 -21.24 -30.42
C MSE F 264 52.36 -19.87 -29.72
O MSE F 264 53.35 -19.16 -29.62
CB MSE F 264 52.33 -22.30 -29.35
CG MSE F 264 52.21 -23.72 -29.85
SE MSE F 264 52.18 -24.96 -28.33
CE MSE F 264 53.88 -24.46 -27.66
N TYR F 265 51.20 -19.53 -29.22
CA TYR F 265 51.08 -18.37 -28.35
C TYR F 265 51.01 -18.81 -26.89
N PHE F 266 50.12 -19.74 -26.60
CA PHE F 266 49.81 -20.16 -25.22
C PHE F 266 49.19 -21.53 -25.22
N ALA F 267 49.05 -22.07 -24.02
CA ALA F 267 48.29 -23.26 -23.73
C ALA F 267 47.45 -22.94 -22.50
N TYR F 268 46.20 -23.37 -22.51
CA TYR F 268 45.30 -23.09 -21.39
C TYR F 268 45.27 -24.26 -20.39
N ARG F 269 45.73 -24.01 -19.18
CA ARG F 269 45.76 -25.01 -18.12
C ARG F 269 45.46 -24.38 -16.77
N ASN F 270 44.62 -25.05 -15.99
CA ASN F 270 44.29 -24.64 -14.62
C ASN F 270 43.73 -23.23 -14.58
N GLY F 271 42.81 -22.92 -15.49
CA GLY F 271 42.15 -21.64 -15.45
C GLY F 271 43.01 -20.47 -15.89
N LYS F 272 44.19 -20.75 -16.44
CA LYS F 272 45.03 -19.68 -17.04
C LYS F 272 45.81 -20.05 -18.28
N TYR F 273 46.25 -19.00 -18.97
CA TYR F 273 46.98 -19.08 -20.21
C TYR F 273 48.45 -19.09 -19.84
N VAL F 274 49.15 -20.11 -20.31
CA VAL F 274 50.57 -20.24 -20.10
C VAL F 274 51.27 -19.77 -21.39
N ASP F 275 52.27 -18.92 -21.24
CA ASP F 275 53.03 -18.37 -22.36
C ASP F 275 53.90 -19.45 -22.99
N CYS F 276 53.55 -19.84 -24.22
CA CYS F 276 54.34 -20.83 -24.97
C CYS F 276 54.90 -20.25 -26.28
N THR F 277 55.15 -18.94 -26.31
CA THR F 277 55.72 -18.31 -27.49
C THR F 277 57.15 -18.84 -27.76
N GLY F 278 57.49 -18.95 -29.05
CA GLY F 278 58.75 -19.55 -29.44
C GLY F 278 58.75 -21.08 -29.46
N MSE F 279 57.60 -21.69 -29.20
CA MSE F 279 57.52 -23.15 -29.14
C MSE F 279 56.51 -23.61 -30.16
O MSE F 279 55.68 -22.83 -30.59
CB MSE F 279 57.13 -23.59 -27.73
CG MSE F 279 58.17 -23.15 -26.70
SE MSE F 279 57.47 -23.01 -24.87
CE MSE F 279 59.12 -22.29 -24.05
N THR F 280 56.60 -24.86 -30.57
CA THR F 280 55.67 -25.37 -31.61
C THR F 280 54.74 -26.42 -31.04
N PHE F 281 53.65 -26.62 -31.76
CA PHE F 281 52.70 -27.65 -31.40
C PHE F 281 53.25 -29.06 -31.62
N ARG F 282 54.23 -29.18 -32.52
CA ARG F 282 55.01 -30.40 -32.69
C ARG F 282 55.74 -30.78 -31.38
N GLN F 283 56.38 -29.82 -30.73
CA GLN F 283 57.00 -30.05 -29.41
C GLN F 283 55.97 -30.47 -28.38
N PHE F 284 54.81 -29.82 -28.38
CA PHE F 284 53.65 -30.16 -27.53
C PHE F 284 53.20 -31.61 -27.67
N LEU F 285 53.03 -32.07 -28.92
CA LEU F 285 52.65 -33.45 -29.23
C LEU F 285 53.58 -34.47 -28.59
N ALA F 286 54.87 -34.18 -28.56
CA ALA F 286 55.89 -35.05 -28.01
C ALA F 286 56.14 -34.80 -26.51
N GLY F 287 55.35 -33.94 -25.87
CA GLY F 287 55.45 -33.69 -24.44
C GLY F 287 56.67 -32.89 -24.05
N LYS F 288 57.17 -32.10 -24.99
CA LYS F 288 58.42 -31.42 -24.89
C LYS F 288 58.31 -29.91 -24.83
N LEU F 289 57.13 -29.40 -24.46
CA LEU F 289 56.95 -27.99 -24.19
C LEU F 289 57.63 -27.58 -22.89
N PRO F 290 58.51 -26.59 -22.96
CA PRO F 290 59.18 -26.06 -21.77
C PRO F 290 58.23 -25.26 -20.89
N CYS F 291 57.12 -24.81 -21.46
CA CYS F 291 56.09 -24.12 -20.70
C CYS F 291 55.20 -25.10 -19.93
N LEU F 292 55.04 -26.29 -20.50
CA LEU F 292 54.24 -27.35 -19.86
C LEU F 292 54.95 -28.69 -20.02
N PRO F 293 56.10 -28.88 -19.36
CA PRO F 293 56.91 -30.05 -19.68
C PRO F 293 56.26 -31.38 -19.29
N GLY F 294 56.29 -32.31 -20.25
CA GLY F 294 55.69 -33.61 -20.11
C GLY F 294 54.21 -33.67 -20.42
N GLU F 295 53.57 -32.52 -20.63
CA GLU F 295 52.14 -32.46 -20.93
C GLU F 295 51.88 -32.76 -22.40
N LEU F 296 50.84 -33.56 -22.65
CA LEU F 296 50.41 -33.90 -23.98
C LEU F 296 49.11 -33.16 -24.31
N PRO F 297 48.93 -32.76 -25.58
CA PRO F 297 47.78 -31.94 -25.96
C PRO F 297 46.46 -32.72 -26.14
N THR F 298 45.37 -31.99 -25.97
CA THR F 298 44.01 -32.42 -26.26
C THR F 298 43.58 -31.81 -27.60
N TYR F 299 42.43 -32.24 -28.12
CA TYR F 299 41.83 -31.62 -29.31
C TYR F 299 41.51 -30.14 -29.10
N ASN F 300 41.16 -29.77 -27.88
CA ASN F 300 40.91 -28.39 -27.55
C ASN F 300 42.20 -27.50 -27.65
N ASP F 301 43.33 -28.07 -27.23
CA ASP F 301 44.63 -27.42 -27.43
C ASP F 301 44.86 -27.19 -28.92
N TRP F 302 44.55 -28.20 -29.75
CA TRP F 302 44.73 -28.12 -31.21
C TRP F 302 43.84 -27.04 -31.83
N GLU F 303 42.57 -27.04 -31.44
CA GLU F 303 41.60 -26.00 -31.82
C GLU F 303 42.09 -24.58 -31.42
N ASN F 304 42.54 -24.44 -30.18
CA ASN F 304 43.12 -23.17 -29.74
C ASN F 304 44.27 -22.73 -30.61
N HIS F 305 45.17 -23.67 -30.94
CA HIS F 305 46.32 -23.37 -31.73
C HIS F 305 45.95 -22.96 -33.15
N LEU F 306 45.00 -23.67 -33.73
CA LEU F 306 44.50 -23.37 -35.09
C LEU F 306 43.90 -21.98 -35.18
N THR F 307 43.37 -21.51 -34.06
CA THR F 307 42.76 -20.19 -33.93
C THR F 307 43.78 -19.05 -33.71
N THR F 308 45.06 -19.39 -33.64
CA THR F 308 46.12 -18.39 -33.56
C THR F 308 46.83 -18.24 -34.90
N ILE F 309 46.32 -18.89 -35.96
CA ILE F 309 46.88 -18.75 -37.30
C ILE F 309 45.98 -17.79 -38.04
N PHE F 310 46.56 -16.81 -38.76
CA PHE F 310 45.82 -15.67 -39.32
C PHE F 310 46.02 -15.39 -40.80
N PRO F 311 45.84 -16.40 -41.65
CA PRO F 311 46.03 -16.14 -43.08
C PRO F 311 44.79 -15.49 -43.71
N GLU F 312 44.88 -15.10 -44.98
CA GLU F 312 43.77 -14.41 -45.63
C GLU F 312 42.51 -15.29 -45.67
N VAL F 313 42.70 -16.61 -45.77
CA VAL F 313 41.68 -17.63 -45.56
C VAL F 313 42.29 -18.63 -44.58
N ARG F 314 41.48 -19.05 -43.63
CA ARG F 314 41.92 -19.98 -42.61
C ARG F 314 41.07 -21.27 -42.63
N LEU F 315 41.72 -22.39 -42.31
CA LEU F 315 41.08 -23.68 -42.20
C LEU F 315 41.08 -24.21 -40.77
N LYS F 316 39.88 -24.56 -40.31
CA LYS F 316 39.72 -25.47 -39.16
C LYS F 316 38.78 -26.60 -39.58
N ARG F 317 37.72 -26.87 -38.84
CA ARG F 317 36.69 -27.80 -39.28
C ARG F 317 35.68 -27.14 -40.21
N TYR F 318 35.91 -25.86 -40.46
CA TYR F 318 35.22 -25.09 -41.48
C TYR F 318 36.20 -24.06 -42.04
N MSE F 319 35.80 -23.31 -43.05
CA MSE F 319 36.68 -22.34 -43.66
C MSE F 319 36.28 -20.93 -43.30
O MSE F 319 35.11 -20.60 -43.16
CB MSE F 319 36.59 -22.51 -45.14
CG MSE F 319 37.73 -21.89 -45.85
SE MSE F 319 38.13 -22.93 -47.44
CE MSE F 319 38.58 -24.61 -46.51
N GLU F 320 37.28 -20.06 -43.16
CA GLU F 320 37.04 -18.67 -42.75
C GLU F 320 37.63 -17.70 -43.75
N MSE F 321 36.79 -16.81 -44.28
CA MSE F 321 37.20 -15.71 -45.14
C MSE F 321 37.49 -14.49 -44.28
O MSE F 321 36.59 -13.99 -43.61
CB MSE F 321 36.09 -15.33 -46.12
CG MSE F 321 35.42 -16.46 -46.82
SE MSE F 321 36.54 -17.25 -48.12
CE MSE F 321 36.81 -18.98 -47.32
N ARG F 322 38.73 -14.02 -44.30
CA ARG F 322 39.23 -13.14 -43.25
C ARG F 322 39.65 -11.79 -43.83
N GLY F 323 39.07 -11.43 -44.97
CA GLY F 323 39.68 -10.49 -45.88
C GLY F 323 39.29 -9.05 -45.58
N ALA F 324 38.14 -8.89 -44.94
CA ALA F 324 37.26 -7.76 -45.21
C ALA F 324 37.20 -6.81 -44.01
N ASP F 325 37.19 -5.51 -44.30
CA ASP F 325 37.08 -4.50 -43.26
C ASP F 325 35.68 -4.48 -42.70
N GLY F 326 35.56 -4.19 -41.41
CA GLY F 326 34.26 -3.91 -40.83
C GLY F 326 33.60 -2.73 -41.52
N GLY F 327 32.28 -2.66 -41.40
CA GLY F 327 31.53 -1.60 -42.05
C GLY F 327 30.09 -1.52 -41.56
N PRO F 328 29.30 -0.62 -42.16
CA PRO F 328 27.90 -0.49 -41.76
C PRO F 328 27.09 -1.75 -42.05
N TRP F 329 25.88 -1.79 -41.52
CA TRP F 329 25.09 -3.01 -41.44
C TRP F 329 24.76 -3.66 -42.77
N ARG F 330 24.51 -2.86 -43.80
CA ARG F 330 24.20 -3.43 -45.09
C ARG F 330 25.42 -4.16 -45.69
N ARG F 331 26.63 -3.73 -45.30
CA ARG F 331 27.84 -4.43 -45.68
C ARG F 331 28.19 -5.62 -44.82
N LEU F 332 27.71 -5.61 -43.58
CA LEU F 332 27.83 -6.77 -42.71
C LEU F 332 27.02 -7.95 -43.27
N CYS F 333 25.90 -7.63 -43.92
CA CYS F 333 25.04 -8.66 -44.50
C CYS F 333 25.54 -9.05 -45.89
N ALA F 334 26.33 -8.17 -46.51
CA ALA F 334 26.75 -8.35 -47.89
C ALA F 334 27.97 -9.26 -47.98
N LEU F 335 28.85 -9.16 -46.99
CA LEU F 335 30.07 -9.95 -46.98
C LEU F 335 29.78 -11.47 -47.05
N PRO F 336 28.96 -12.01 -46.14
CA PRO F 336 28.58 -13.43 -46.27
C PRO F 336 27.89 -13.77 -47.59
N ALA F 337 27.10 -12.87 -48.14
CA ALA F 337 26.37 -13.11 -49.39
C ALA F 337 27.33 -13.30 -50.56
N PHE F 338 28.38 -12.49 -50.56
CA PHE F 338 29.41 -12.49 -51.55
C PHE F 338 30.05 -13.88 -51.66
N TRP F 339 30.49 -14.42 -50.54
CA TRP F 339 31.12 -15.73 -50.51
C TRP F 339 30.17 -16.91 -50.67
N VAL F 340 28.96 -16.81 -50.15
CA VAL F 340 27.94 -17.85 -50.33
C VAL F 340 27.64 -17.99 -51.83
N GLY F 341 27.44 -16.87 -52.49
CA GLY F 341 27.22 -16.86 -53.94
C GLY F 341 28.30 -17.54 -54.76
N LEU F 342 29.55 -17.37 -54.34
CA LEU F 342 30.70 -17.85 -55.06
C LEU F 342 31.10 -19.29 -54.75
N LEU F 343 30.92 -19.71 -53.49
CA LEU F 343 31.47 -20.98 -53.02
C LEU F 343 30.42 -22.10 -52.86
N TYR F 344 29.16 -21.72 -52.67
CA TYR F 344 28.08 -22.66 -52.36
C TYR F 344 27.27 -23.05 -53.58
N ASP F 345 27.65 -22.54 -54.75
CA ASP F 345 27.13 -23.08 -56.01
C ASP F 345 28.29 -23.75 -56.72
N GLU F 346 28.07 -24.99 -57.14
CA GLU F 346 29.15 -25.79 -57.71
C GLU F 346 29.63 -25.27 -59.07
N ASP F 347 28.71 -24.76 -59.88
CA ASP F 347 29.03 -24.23 -61.18
C ASP F 347 29.71 -22.89 -61.07
N VAL F 348 29.29 -22.05 -60.13
CA VAL F 348 29.97 -20.77 -59.88
C VAL F 348 31.38 -21.04 -59.38
N LEU F 349 31.53 -21.98 -58.46
CA LEU F 349 32.82 -22.34 -57.92
C LEU F 349 33.78 -22.77 -59.00
N GLN F 350 33.31 -23.61 -59.92
CA GLN F 350 34.12 -23.99 -61.08
C GLN F 350 34.45 -22.79 -61.99
N SER F 351 33.50 -21.90 -62.21
CA SER F 351 33.76 -20.69 -62.99
C SER F 351 34.84 -19.80 -62.37
N VAL F 352 34.83 -19.70 -61.06
CA VAL F 352 35.82 -18.94 -60.30
C VAL F 352 37.20 -19.57 -60.43
N LEU F 353 37.27 -20.89 -60.29
CA LEU F 353 38.50 -21.65 -60.45
C LEU F 353 39.04 -21.54 -61.87
N ASP F 354 38.14 -21.53 -62.85
CA ASP F 354 38.49 -21.33 -64.25
C ASP F 354 39.07 -19.93 -64.48
N LEU F 355 38.42 -18.92 -63.89
CA LEU F 355 38.85 -17.53 -64.02
C LEU F 355 40.24 -17.30 -63.41
N THR F 356 40.52 -17.95 -62.29
CA THR F 356 41.72 -17.72 -61.49
C THR F 356 42.80 -18.78 -61.71
N ALA F 357 42.51 -19.79 -62.54
CA ALA F 357 43.42 -20.91 -62.82
C ALA F 357 44.85 -20.54 -63.20
N ASP F 358 45.03 -19.56 -64.09
CA ASP F 358 46.38 -19.23 -64.56
C ASP F 358 47.02 -18.05 -63.83
N TRP F 359 46.44 -17.63 -62.71
CA TRP F 359 47.06 -16.58 -61.87
C TRP F 359 48.27 -17.17 -61.18
N THR F 360 49.40 -16.48 -61.29
CA THR F 360 50.64 -16.93 -60.70
C THR F 360 50.67 -16.59 -59.21
N PRO F 361 51.52 -17.31 -58.45
CA PRO F 361 51.78 -16.93 -57.08
C PRO F 361 52.20 -15.47 -56.95
N ALA F 362 53.03 -15.00 -57.87
CA ALA F 362 53.52 -13.62 -57.87
C ALA F 362 52.37 -12.62 -58.12
N GLU F 363 51.45 -12.97 -59.02
CA GLU F 363 50.25 -12.14 -59.30
C GLU F 363 49.31 -12.06 -58.11
N ARG F 364 49.05 -13.20 -57.49
CA ARG F 364 48.20 -13.24 -56.27
C ARG F 364 48.78 -12.43 -55.12
N GLU F 365 50.09 -12.59 -54.91
CA GLU F 365 50.82 -11.85 -53.88
C GLU F 365 50.84 -10.34 -54.17
N MSE F 366 51.01 -9.97 -55.43
CA MSE F 366 51.00 -8.56 -55.82
C MSE F 366 49.67 -7.93 -55.50
O MSE F 366 49.61 -6.84 -54.89
CB MSE F 366 51.31 -8.45 -57.33
CG MSE F 366 51.20 -7.04 -57.94
SE MSE F 366 49.42 -6.72 -58.91
CE MSE F 366 48.50 -5.71 -57.65
N LEU F 367 48.58 -8.60 -55.87
CA LEU F 367 47.22 -8.10 -55.62
C LEU F 367 46.99 -7.90 -54.14
N ARG F 368 47.43 -8.86 -53.35
CA ARG F 368 47.27 -8.77 -51.90
C ARG F 368 48.00 -7.54 -51.33
N ASN F 369 49.19 -7.24 -51.88
CA ASN F 369 49.97 -6.12 -51.39
C ASN F 369 49.56 -4.75 -51.94
N LYS F 370 49.03 -4.72 -53.16
CA LYS F 370 48.69 -3.44 -53.81
C LYS F 370 47.27 -3.00 -53.56
N VAL F 371 46.34 -3.96 -53.41
CA VAL F 371 44.93 -3.64 -53.16
C VAL F 371 44.68 -2.66 -51.99
N PRO F 372 45.41 -2.83 -50.86
CA PRO F 372 45.25 -1.92 -49.74
C PRO F 372 45.50 -0.42 -50.10
N VAL F 373 46.29 -0.16 -51.14
CA VAL F 373 46.55 1.19 -51.60
C VAL F 373 45.61 1.63 -52.72
N THR F 374 45.48 0.80 -53.76
CA THR F 374 44.79 1.19 -54.98
C THR F 374 43.40 0.58 -55.17
N GLY F 375 43.01 -0.38 -54.32
CA GLY F 375 41.67 -1.00 -54.40
C GLY F 375 41.31 -1.59 -55.77
N LEU F 376 40.15 -1.20 -56.32
CA LEU F 376 39.69 -1.71 -57.65
C LEU F 376 40.37 -1.03 -58.84
N LYS F 377 41.11 0.05 -58.58
CA LYS F 377 41.98 0.69 -59.55
C LYS F 377 43.41 0.07 -59.59
N THR F 378 43.60 -1.03 -58.92
CA THR F 378 44.86 -1.78 -58.91
C THR F 378 45.04 -2.37 -60.30
N PRO F 379 46.18 -2.09 -60.95
CA PRO F 379 46.44 -2.69 -62.25
C PRO F 379 46.51 -4.19 -62.15
N PHE F 380 45.86 -4.88 -63.08
CA PHE F 380 45.95 -6.34 -63.14
C PHE F 380 46.03 -6.82 -64.58
N ARG F 381 47.09 -7.55 -64.89
CA ARG F 381 47.49 -7.76 -66.29
C ARG F 381 47.32 -6.49 -67.10
N ASP F 382 46.27 -6.46 -67.93
CA ASP F 382 46.09 -5.38 -68.90
C ASP F 382 44.69 -4.80 -68.85
N GLY F 383 44.08 -4.82 -67.68
CA GLY F 383 43.31 -3.68 -67.21
C GLY F 383 43.39 -3.51 -65.70
N LEU F 384 42.23 -3.40 -65.06
CA LEU F 384 42.17 -3.08 -63.63
C LEU F 384 41.43 -4.18 -62.89
N LEU F 385 41.74 -4.32 -61.60
CA LEU F 385 41.08 -5.29 -60.76
C LEU F 385 39.54 -5.15 -60.81
N LYS F 386 39.07 -3.93 -61.01
CA LYS F 386 37.65 -3.63 -61.24
C LYS F 386 36.96 -4.51 -62.30
N HIS F 387 37.65 -4.79 -63.39
CA HIS F 387 37.12 -5.63 -64.46
C HIS F 387 36.95 -7.10 -64.01
N VAL F 388 37.89 -7.60 -63.20
CA VAL F 388 37.75 -8.92 -62.57
C VAL F 388 36.58 -8.92 -61.59
N ALA F 389 36.47 -7.87 -60.80
CA ALA F 389 35.41 -7.75 -59.79
C ALA F 389 34.02 -7.69 -60.42
N GLU F 390 33.91 -7.05 -61.58
CA GLU F 390 32.68 -7.13 -62.39
C GLU F 390 32.28 -8.57 -62.74
N ASP F 391 33.23 -9.38 -63.21
CA ASP F 391 32.97 -10.79 -63.51
C ASP F 391 32.60 -11.58 -62.26
N VAL F 392 33.33 -11.32 -61.18
CA VAL F 392 33.14 -12.03 -59.91
C VAL F 392 31.81 -11.68 -59.29
N LEU F 393 31.42 -10.41 -59.36
CA LEU F 393 30.15 -10.02 -58.79
C LEU F 393 28.98 -10.67 -59.53
N LYS F 394 29.03 -10.71 -60.87
CA LYS F 394 27.94 -11.32 -61.62
CA LYS F 394 27.96 -11.33 -61.64
C LYS F 394 27.82 -12.80 -61.31
N LEU F 395 28.96 -13.47 -61.10
CA LEU F 395 28.98 -14.88 -60.73
C LEU F 395 28.38 -15.10 -59.36
N ALA F 396 28.74 -14.24 -58.39
CA ALA F 396 28.19 -14.31 -57.04
C ALA F 396 26.65 -14.16 -57.04
N LYS F 397 26.16 -13.23 -57.87
CA LYS F 397 24.73 -13.04 -58.08
C LYS F 397 24.05 -14.27 -58.70
N ASP F 398 24.69 -14.88 -59.69
CA ASP F 398 24.23 -16.17 -60.24
C ASP F 398 24.07 -17.24 -59.15
N GLY F 399 25.10 -17.41 -58.32
CA GLY F 399 25.05 -18.38 -57.22
C GLY F 399 23.89 -18.15 -56.26
N LEU F 400 23.63 -16.88 -55.93
CA LEU F 400 22.53 -16.56 -55.01
C LEU F 400 21.16 -16.75 -55.66
N GLU F 401 21.04 -16.41 -56.94
CA GLU F 401 19.81 -16.68 -57.68
C GLU F 401 19.47 -18.17 -57.66
N ARG F 402 20.47 -18.98 -57.95
CA ARG F 402 20.30 -20.43 -58.01
C ARG F 402 20.06 -21.13 -56.69
N ARG F 403 20.41 -20.49 -55.60
CA ARG F 403 20.11 -21.06 -54.30
C ARG F 403 18.60 -21.09 -54.05
N GLY F 404 17.87 -20.15 -54.65
CA GLY F 404 16.42 -20.18 -54.62
C GLY F 404 15.78 -19.53 -53.42
N TYR F 405 16.57 -18.84 -52.57
CA TYR F 405 16.04 -18.23 -51.37
C TYR F 405 15.82 -16.72 -51.54
N LYS F 406 15.98 -16.21 -52.75
CA LYS F 406 15.81 -14.78 -53.04
C LYS F 406 16.78 -13.90 -52.20
N GLU F 407 18.06 -14.29 -52.15
CA GLU F 407 19.07 -13.60 -51.35
C GLU F 407 19.90 -12.59 -52.13
N VAL F 408 19.67 -12.49 -53.45
CA VAL F 408 20.55 -11.72 -54.33
C VAL F 408 20.65 -10.24 -53.97
N GLY F 409 19.60 -9.68 -53.40
CA GLY F 409 19.55 -8.27 -53.01
C GLY F 409 20.56 -7.90 -51.92
N PHE F 410 21.08 -8.88 -51.19
CA PHE F 410 22.15 -8.63 -50.23
C PHE F 410 23.45 -8.15 -50.88
N LEU F 411 23.57 -8.27 -52.21
CA LEU F 411 24.74 -7.78 -52.94
C LEU F 411 24.55 -6.38 -53.50
N ASN F 412 23.38 -5.78 -53.30
CA ASN F 412 23.17 -4.42 -53.73
C ASN F 412 24.19 -3.47 -53.10
N ALA F 413 24.57 -3.75 -51.87
CA ALA F 413 25.51 -2.89 -51.13
C ALA F 413 26.90 -2.79 -51.72
N VAL F 414 27.28 -3.69 -52.63
CA VAL F 414 28.58 -3.61 -53.30
C VAL F 414 28.46 -3.45 -54.81
N THR F 415 27.23 -3.39 -55.32
CA THR F 415 27.04 -3.29 -56.78
C THR F 415 27.54 -1.96 -57.31
N GLU F 416 27.33 -0.90 -56.55
CA GLU F 416 27.81 0.44 -56.94
C GLU F 416 29.31 0.62 -56.83
N VAL F 417 29.91 -0.05 -55.86
CA VAL F 417 31.36 -0.08 -55.71
C VAL F 417 31.98 -0.65 -56.98
N VAL F 418 31.51 -1.82 -57.38
CA VAL F 418 32.01 -2.54 -58.53
C VAL F 418 31.75 -1.73 -59.79
N ARG F 419 30.57 -1.14 -59.86
CA ARG F 419 30.10 -0.39 -61.01
C ARG F 419 30.98 0.83 -61.29
N THR F 420 31.21 1.60 -60.23
CA THR F 420 32.01 2.83 -60.29
C THR F 420 33.50 2.59 -60.09
N GLY F 421 33.86 1.44 -59.53
CA GLY F 421 35.25 1.18 -59.15
C GLY F 421 35.75 2.03 -57.98
N VAL F 422 34.83 2.65 -57.25
CA VAL F 422 35.15 3.52 -56.12
C VAL F 422 34.77 2.83 -54.78
N THR F 423 35.77 2.59 -53.96
CA THR F 423 35.63 1.86 -52.70
C THR F 423 34.90 2.68 -51.63
N PRO F 424 34.33 2.00 -50.64
CA PRO F 424 33.77 2.75 -49.50
C PRO F 424 34.75 3.77 -48.88
N ALA F 425 36.01 3.37 -48.82
CA ALA F 425 37.09 4.19 -48.28
C ALA F 425 37.30 5.48 -49.09
N GLU F 426 37.24 5.37 -50.43
CA GLU F 426 37.34 6.55 -51.31
C GLU F 426 36.12 7.48 -51.15
N ASN F 427 34.94 6.95 -50.87
CA ASN F 427 33.79 7.81 -50.59
C ASN F 427 33.99 8.61 -49.30
N LEU F 428 34.59 8.00 -48.28
CA LEU F 428 34.90 8.70 -47.03
C LEU F 428 35.94 9.81 -47.22
N LEU F 429 36.94 9.49 -48.03
CA LEU F 429 38.00 10.42 -48.40
C LEU F 429 37.45 11.64 -49.10
N GLU F 430 36.46 11.42 -49.99
CA GLU F 430 35.77 12.51 -50.70
C GLU F 430 35.03 13.44 -49.72
N MSE F 431 34.37 12.85 -48.73
CA MSE F 431 33.67 13.60 -47.71
C MSE F 431 34.63 14.35 -46.78
O MSE F 431 34.36 15.49 -46.43
CB MSE F 431 32.82 12.67 -46.90
CG MSE F 431 31.68 12.10 -47.70
SE MSE F 431 30.62 10.97 -46.57
CE MSE F 431 31.01 9.18 -47.22
N TYR F 432 35.71 13.69 -46.39
CA TYR F 432 36.78 14.33 -45.63
C TYR F 432 37.32 15.58 -46.33
N ASN F 433 37.57 15.45 -47.63
CA ASN F 433 38.14 16.53 -48.42
C ASN F 433 37.11 17.55 -48.87
N GLY F 434 35.83 17.28 -48.62
CA GLY F 434 34.75 18.20 -48.94
C GLY F 434 33.97 18.54 -47.69
N GLU F 435 32.76 18.03 -47.61
CA GLU F 435 31.79 18.43 -46.59
C GLU F 435 32.24 18.34 -45.12
N TRP F 436 33.14 17.42 -44.80
CA TRP F 436 33.62 17.30 -43.41
C TRP F 436 34.65 18.34 -43.02
N GLY F 437 35.17 19.08 -44.00
CA GLY F 437 36.14 20.13 -43.73
C GLY F 437 37.46 19.59 -43.19
N GLN F 438 37.85 18.42 -43.67
CA GLN F 438 39.12 17.79 -43.30
C GLN F 438 39.22 17.51 -41.79
N SER F 439 38.12 17.01 -41.23
CA SER F 439 38.07 16.43 -39.89
C SER F 439 37.49 15.04 -40.10
N VAL F 440 37.94 14.07 -39.30
CA VAL F 440 37.33 12.73 -39.27
C VAL F 440 36.11 12.65 -38.36
N ASP F 441 35.91 13.64 -37.50
CA ASP F 441 34.87 13.56 -36.47
C ASP F 441 33.49 13.25 -37.03
N PRO F 442 33.12 13.83 -38.20
CA PRO F 442 31.84 13.43 -38.81
C PRO F 442 31.71 11.95 -39.22
N VAL F 443 32.80 11.19 -39.30
CA VAL F 443 32.67 9.73 -39.57
C VAL F 443 31.94 8.98 -38.42
N PHE F 444 32.02 9.53 -37.21
CA PHE F 444 31.37 8.94 -36.04
C PHE F 444 29.86 9.14 -36.03
N GLN F 445 29.33 9.93 -36.97
CA GLN F 445 27.89 10.00 -37.28
C GLN F 445 27.60 9.24 -38.58
N GLU F 446 28.44 9.45 -39.60
CA GLU F 446 28.30 8.79 -40.90
C GLU F 446 28.20 7.28 -40.77
N LEU F 447 29.15 6.68 -40.04
CA LEU F 447 29.21 5.21 -39.91
C LEU F 447 28.79 4.71 -38.50
N LEU F 448 27.99 5.53 -37.84
CA LEU F 448 27.31 5.14 -36.63
C LEU F 448 26.33 4.01 -36.90
N TYR F 449 26.42 2.92 -36.12
CA TYR F 449 25.35 1.94 -36.07
C TYR F 449 24.22 2.60 -35.31
N ALA G 12 46.47 42.52 -18.94
CA ALA G 12 47.35 41.71 -18.04
C ALA G 12 46.56 40.60 -17.41
N THR G 13 47.04 39.36 -17.54
CA THR G 13 46.38 38.22 -16.91
C THR G 13 46.98 38.02 -15.52
N GLU G 14 46.16 38.18 -14.50
CA GLU G 14 46.52 37.82 -13.16
C GLU G 14 45.30 37.08 -12.67
N PRO G 15 45.45 35.78 -12.36
CA PRO G 15 44.28 35.08 -11.94
C PRO G 15 43.68 35.41 -10.56
N LEU G 16 42.36 35.47 -10.52
CA LEU G 16 41.64 35.55 -9.28
C LEU G 16 41.71 34.23 -8.51
N THR G 17 41.81 34.37 -7.19
CA THR G 17 41.80 33.27 -6.26
C THR G 17 40.54 33.39 -5.43
N ARG G 18 40.27 32.35 -4.66
CA ARG G 18 39.18 32.36 -3.66
C ARG G 18 39.34 33.48 -2.64
N GLU G 19 40.57 33.75 -2.21
CA GLU G 19 40.89 34.84 -1.28
C GLU G 19 40.47 36.19 -1.86
N ASP G 20 40.66 36.37 -3.16
CA ASP G 20 40.22 37.59 -3.85
C ASP G 20 38.69 37.72 -3.86
N LEU G 21 38.01 36.58 -4.02
CA LEU G 21 36.55 36.57 -4.00
C LEU G 21 36.00 36.94 -2.62
N ILE G 22 36.69 36.48 -1.56
CA ILE G 22 36.34 36.83 -0.18
C ILE G 22 36.53 38.33 0.06
N ALA G 23 37.67 38.85 -0.35
CA ALA G 23 38.02 40.26 -0.26
C ALA G 23 37.03 41.13 -1.04
N TYR G 24 36.55 40.62 -2.18
CA TYR G 24 35.56 41.34 -2.95
C TYR G 24 34.29 41.67 -2.13
N LEU G 25 33.77 40.67 -1.44
CA LEU G 25 32.61 40.86 -0.55
C LEU G 25 32.96 41.80 0.61
N ALA G 26 34.11 41.57 1.23
CA ALA G 26 34.58 42.40 2.34
C ALA G 26 34.77 43.85 1.92
N SER G 27 35.08 44.07 0.64
CA SER G 27 35.26 45.45 0.13
C SER G 27 34.00 46.31 0.24
N GLY G 28 32.84 45.69 0.47
CA GLY G 28 31.61 46.42 0.73
C GLY G 28 31.51 47.12 2.08
N CYS G 29 32.41 46.81 3.01
CA CYS G 29 32.34 47.40 4.34
C CYS G 29 32.41 48.90 4.22
N LYS G 30 31.48 49.58 4.88
CA LYS G 30 31.57 51.02 5.02
C LYS G 30 31.08 51.50 6.39
N SER G 31 31.66 52.61 6.82
CA SER G 31 31.37 53.22 8.10
C SER G 31 29.93 53.65 8.13
N LYS G 32 29.39 53.76 9.35
CA LYS G 32 27.98 54.03 9.54
C LYS G 32 27.48 55.27 8.85
N GLU G 33 28.30 56.32 8.84
CA GLU G 33 27.90 57.57 8.19
C GLU G 33 27.74 57.43 6.68
N LYS G 34 28.33 56.37 6.08
CA LYS G 34 28.20 56.16 4.64
C LYS G 34 27.13 55.09 4.27
N TRP G 35 26.43 54.59 5.28
CA TRP G 35 25.42 53.58 5.04
C TRP G 35 24.29 54.26 4.32
N ARG G 36 23.76 53.56 3.31
CA ARG G 36 22.72 54.07 2.44
C ARG G 36 21.61 53.05 2.32
N ILE G 37 20.53 53.46 1.68
CA ILE G 37 19.33 52.66 1.48
C ILE G 37 19.06 52.57 -0.01
N GLY G 38 19.05 51.36 -0.56
CA GLY G 38 18.75 51.13 -1.96
C GLY G 38 17.49 50.31 -2.02
N THR G 39 16.51 50.75 -2.82
CA THR G 39 15.20 50.15 -2.90
C THR G 39 14.91 49.73 -4.35
N GLU G 40 14.46 48.48 -4.54
CA GLU G 40 14.04 47.95 -5.85
C GLU G 40 12.62 47.44 -5.74
N HIS G 41 11.84 47.61 -6.80
CA HIS G 41 10.50 47.01 -6.87
C HIS G 41 10.18 46.70 -8.32
N GLU G 42 9.31 45.70 -8.50
CA GLU G 42 8.81 45.28 -9.80
C GLU G 42 7.29 45.46 -9.81
N LYS G 43 6.72 45.72 -10.99
CA LYS G 43 5.27 45.97 -11.19
C LYS G 43 4.79 45.24 -12.44
N PHE G 44 3.52 44.81 -12.44
CA PHE G 44 2.89 44.18 -13.61
C PHE G 44 2.21 45.23 -14.47
N GLY G 45 2.63 45.33 -15.74
CA GLY G 45 1.95 46.20 -16.69
C GLY G 45 0.80 45.47 -17.32
N PHE G 46 -0.31 46.16 -17.55
CA PHE G 46 -1.48 45.58 -18.19
C PHE G 46 -2.25 46.62 -19.03
N GLU G 47 -2.98 46.12 -20.05
CA GLU G 47 -3.90 46.94 -20.81
C GLU G 47 -5.15 47.20 -19.94
N VAL G 48 -5.45 48.47 -19.72
CA VAL G 48 -6.52 48.86 -18.84
C VAL G 48 -7.89 48.33 -19.30
N ASN G 49 -8.11 48.20 -20.60
CA ASN G 49 -9.42 47.77 -21.11
C ASN G 49 -9.63 46.25 -21.27
N THR G 50 -8.56 45.49 -21.48
CA THR G 50 -8.63 44.03 -21.58
C THR G 50 -8.05 43.31 -20.35
N LEU G 51 -7.25 44.03 -19.54
CA LEU G 51 -6.47 43.51 -18.41
C LEU G 51 -5.35 42.57 -18.83
N ARG G 52 -5.10 42.52 -20.14
CA ARG G 52 -4.10 41.66 -20.71
C ARG G 52 -2.71 42.12 -20.30
N PRO G 53 -1.76 41.20 -20.16
CA PRO G 53 -0.40 41.59 -19.78
C PRO G 53 0.25 42.40 -20.90
N MSE G 54 0.99 43.41 -20.50
CA MSE G 54 1.73 44.26 -21.40
C MSE G 54 2.82 43.46 -22.19
O MSE G 54 3.59 42.70 -21.59
CB MSE G 54 2.35 45.36 -20.55
CG MSE G 54 3.22 46.28 -21.27
SE MSE G 54 4.00 47.57 -20.04
CE MSE G 54 5.10 46.52 -18.74
N LYS G 55 2.82 43.62 -23.52
CA LYS G 55 3.70 42.89 -24.41
C LYS G 55 4.99 43.64 -24.61
N TYR G 56 6.00 42.98 -25.17
CA TYR G 56 7.33 43.60 -25.38
C TYR G 56 7.25 44.87 -26.26
N ASP G 57 6.45 44.83 -27.32
CA ASP G 57 6.35 45.98 -28.20
C ASP G 57 5.85 47.25 -27.47
N GLN G 58 4.93 47.06 -26.53
CA GLN G 58 4.43 48.13 -25.69
C GLN G 58 5.47 48.58 -24.68
N ILE G 59 6.23 47.61 -24.16
CA ILE G 59 7.29 47.90 -23.21
C ILE G 59 8.37 48.76 -23.88
N ALA G 60 8.74 48.40 -25.10
CA ALA G 60 9.73 49.13 -25.89
C ALA G 60 9.30 50.60 -26.12
N GLU G 61 8.04 50.80 -26.48
CA GLU G 61 7.49 52.18 -26.62
C GLU G 61 7.54 52.96 -25.31
N LEU G 62 7.13 52.28 -24.23
CA LEU G 62 7.18 52.85 -22.90
C LEU G 62 8.60 53.29 -22.50
N LEU G 63 9.58 52.40 -22.66
CA LEU G 63 10.98 52.72 -22.34
C LEU G 63 11.57 53.85 -23.22
N ASN G 64 11.34 53.80 -24.54
CA ASN G 64 11.77 54.85 -25.44
C ASN G 64 11.17 56.23 -25.09
N SER G 65 9.89 56.25 -24.73
CA SER G 65 9.19 57.48 -24.36
C SER G 65 9.71 58.08 -23.06
N ILE G 66 9.94 57.22 -22.08
CA ILE G 66 10.53 57.64 -20.82
C ILE G 66 11.92 58.22 -21.01
N ALA G 67 12.75 57.57 -21.83
CA ALA G 67 14.13 58.03 -22.03
C ALA G 67 14.14 59.43 -22.62
N GLU G 68 13.30 59.61 -23.62
CA GLU G 68 13.22 60.84 -24.41
C GLU G 68 12.62 62.02 -23.59
N ARG G 69 11.52 61.78 -22.87
CA ARG G 69 10.88 62.81 -22.05
C ARG G 69 11.64 63.19 -20.80
N PHE G 70 12.22 62.17 -20.14
CA PHE G 70 12.77 62.35 -18.80
C PHE G 70 14.27 62.12 -18.73
N GLU G 71 14.94 62.04 -19.88
CA GLU G 71 16.41 61.99 -19.98
C GLU G 71 17.04 60.78 -19.28
N TRP G 72 16.72 59.61 -19.81
CA TRP G 72 17.35 58.38 -19.38
C TRP G 72 18.17 57.86 -20.58
N GLU G 73 19.28 57.22 -20.25
CA GLU G 73 20.11 56.51 -21.21
C GLU G 73 19.45 55.15 -21.52
N LYS G 74 19.38 54.78 -22.78
CA LYS G 74 18.78 53.50 -23.20
C LYS G 74 19.75 52.32 -23.07
N VAL G 75 19.30 51.25 -22.46
CA VAL G 75 20.11 50.03 -22.32
C VAL G 75 19.59 49.01 -23.34
N MSE G 76 20.48 48.54 -24.19
CA MSE G 76 20.14 47.72 -25.34
C MSE G 76 20.68 46.32 -25.12
O MSE G 76 21.73 46.15 -24.50
CB MSE G 76 20.78 48.27 -26.63
CG MSE G 76 20.57 49.77 -26.92
SE MSE G 76 18.69 50.30 -27.17
CE MSE G 76 18.38 49.64 -29.08
N GLU G 77 19.95 45.31 -25.62
CA GLU G 77 20.53 44.00 -25.85
C GLU G 77 20.32 43.71 -27.32
N GLY G 78 21.42 43.74 -28.06
CA GLY G 78 21.35 43.75 -29.53
C GLY G 78 20.64 45.00 -30.01
N ASP G 79 19.63 44.83 -30.83
CA ASP G 79 18.83 45.95 -31.32
C ASP G 79 17.55 46.15 -30.51
N LYS G 80 17.45 45.53 -29.34
CA LYS G 80 16.25 45.61 -28.49
C LYS G 80 16.55 46.44 -27.26
N ILE G 81 15.75 47.48 -27.04
CA ILE G 81 15.80 48.21 -25.77
C ILE G 81 15.24 47.31 -24.66
N ILE G 82 15.98 47.15 -23.58
CA ILE G 82 15.55 46.30 -22.45
C ILE G 82 15.56 47.02 -21.11
N GLY G 83 16.03 48.25 -21.11
CA GLY G 83 16.12 48.99 -19.86
C GLY G 83 16.55 50.41 -20.06
N LEU G 84 16.67 51.12 -18.94
CA LEU G 84 17.14 52.51 -18.91
C LEU G 84 18.05 52.75 -17.71
N LYS G 85 18.85 53.79 -17.83
CA LYS G 85 19.86 54.14 -16.83
C LYS G 85 19.91 55.69 -16.67
N GLN G 86 19.90 56.16 -15.44
CA GLN G 86 20.02 57.56 -15.12
C GLN G 86 20.74 57.71 -13.79
N GLY G 87 21.97 58.20 -13.82
CA GLY G 87 22.78 58.26 -12.60
C GLY G 87 22.96 56.88 -12.04
N LYS G 88 22.64 56.72 -10.74
CA LYS G 88 22.67 55.42 -10.07
C LYS G 88 21.30 54.70 -10.05
N GLN G 89 20.35 55.14 -10.86
CA GLN G 89 19.05 54.46 -10.99
C GLN G 89 19.03 53.68 -12.31
N SER G 90 18.31 52.55 -12.29
CA SER G 90 18.08 51.72 -13.45
C SER G 90 16.61 51.32 -13.54
N ILE G 91 16.10 51.22 -14.76
CA ILE G 91 14.83 50.60 -15.05
C ILE G 91 15.17 49.37 -15.90
N SER G 92 14.67 48.22 -15.48
CA SER G 92 14.90 46.96 -16.20
C SER G 92 13.61 46.11 -16.29
N LEU G 93 13.72 45.00 -17.02
CA LEU G 93 12.61 44.07 -17.24
C LEU G 93 12.91 42.71 -16.66
N GLU G 94 11.93 42.16 -15.96
CA GLU G 94 11.98 40.79 -15.47
C GLU G 94 11.52 39.90 -16.60
N PRO G 95 11.72 38.59 -16.49
CA PRO G 95 11.40 37.68 -17.57
C PRO G 95 9.99 37.78 -18.18
N GLY G 96 8.98 38.09 -17.37
CA GLY G 96 7.60 38.23 -17.86
C GLY G 96 7.18 39.66 -18.21
N GLY G 97 8.14 40.57 -18.26
CA GLY G 97 7.88 41.96 -18.56
C GLY G 97 7.57 42.79 -17.35
N GLN G 98 7.74 42.23 -16.16
CA GLN G 98 7.59 43.02 -14.94
C GLN G 98 8.56 44.21 -15.04
N PHE G 99 8.06 45.38 -14.60
CA PHE G 99 8.72 46.67 -14.86
C PHE G 99 9.41 47.13 -13.56
N GLU G 100 10.74 47.07 -13.56
CA GLU G 100 11.52 47.20 -12.32
C GLU G 100 12.28 48.53 -12.23
N LEU G 101 12.20 49.17 -11.07
CA LEU G 101 13.11 50.27 -10.72
C LEU G 101 14.10 49.75 -9.68
N SER G 102 15.40 49.91 -9.97
CA SER G 102 16.45 49.83 -8.94
C SER G 102 16.90 51.23 -8.66
N GLY G 103 16.59 51.73 -7.46
CA GLY G 103 16.87 53.11 -7.12
C GLY G 103 18.32 53.34 -6.73
N ALA G 104 18.65 54.59 -6.48
CA ALA G 104 19.99 54.99 -6.08
C ALA G 104 20.21 54.68 -4.59
N PRO G 105 21.47 54.68 -4.13
CA PRO G 105 21.73 54.60 -2.70
C PRO G 105 21.40 55.93 -2.02
N LEU G 106 20.40 55.94 -1.17
CA LEU G 106 19.88 57.17 -0.60
C LEU G 106 20.08 57.15 0.89
N GLU G 107 20.15 58.35 1.46
CA GLU G 107 20.44 58.54 2.84
C GLU G 107 19.20 58.38 3.71
N THR G 108 18.05 58.88 3.26
CA THR G 108 16.82 58.79 4.09
C THR G 108 15.66 58.19 3.33
N LEU G 109 14.65 57.76 4.08
CA LEU G 109 13.43 57.16 3.51
C LEU G 109 12.50 58.21 2.90
N HIS G 110 12.69 59.47 3.27
CA HIS G 110 12.00 60.58 2.62
C HIS G 110 12.44 60.66 1.16
N GLN G 111 13.75 60.52 0.93
CA GLN G 111 14.34 60.48 -0.41
C GLN G 111 13.91 59.24 -1.17
N THR G 112 13.87 58.12 -0.45
CA THR G 112 13.38 56.85 -1.02
C THR G 112 11.98 56.97 -1.61
N CYS G 113 11.07 57.47 -0.82
CA CYS G 113 9.67 57.57 -1.24
C CYS G 113 9.49 58.59 -2.35
N ALA G 114 10.26 59.68 -2.31
CA ALA G 114 10.23 60.68 -3.38
C ALA G 114 10.75 60.08 -4.69
N GLU G 115 11.73 59.19 -4.57
CA GLU G 115 12.27 58.42 -5.70
C GLU G 115 11.24 57.50 -6.35
N VAL G 116 10.52 56.78 -5.52
CA VAL G 116 9.37 55.93 -5.94
C VAL G 116 8.30 56.77 -6.63
N ASN G 117 7.91 57.88 -6.00
CA ASN G 117 6.95 58.81 -6.58
C ASN G 117 7.36 59.30 -7.97
N SER G 118 8.61 59.74 -8.11
CA SER G 118 9.09 60.24 -9.37
C SER G 118 8.98 59.19 -10.44
N HIS G 119 9.33 57.95 -10.11
CA HIS G 119 9.26 56.86 -11.08
C HIS G 119 7.82 56.53 -11.46
N LEU G 120 6.93 56.44 -10.48
CA LEU G 120 5.50 56.16 -10.77
C LEU G 120 4.86 57.27 -11.61
N TYR G 121 5.24 58.53 -11.33
CA TYR G 121 4.75 59.66 -12.13
C TYR G 121 5.22 59.51 -13.61
N GLN G 122 6.51 59.26 -13.83
CA GLN G 122 7.08 59.15 -15.18
C GLN G 122 6.47 58.01 -15.98
N VAL G 123 6.33 56.88 -15.32
CA VAL G 123 5.71 55.73 -15.96
C VAL G 123 4.26 56.01 -16.37
N LYS G 124 3.47 56.54 -15.44
CA LYS G 124 2.03 56.83 -15.67
C LYS G 124 1.82 57.94 -16.71
N ALA G 125 2.76 58.89 -16.74
CA ALA G 125 2.75 60.00 -17.70
C ALA G 125 2.82 59.50 -19.15
N VAL G 126 3.59 58.44 -19.36
CA VAL G 126 3.70 57.82 -20.67
C VAL G 126 2.58 56.77 -20.88
N ALA G 127 2.40 55.91 -19.89
CA ALA G 127 1.52 54.76 -19.99
C ALA G 127 0.03 55.09 -20.16
N GLU G 128 -0.43 56.20 -19.60
CA GLU G 128 -1.83 56.57 -19.72
C GLU G 128 -2.26 56.79 -21.15
N GLU G 129 -1.43 57.47 -21.92
CA GLU G 129 -1.73 57.71 -23.33
C GLU G 129 -1.79 56.38 -24.07
N MSE G 130 -1.04 55.39 -23.60
CA MSE G 130 -0.98 54.08 -24.24
C MSE G 130 -2.05 53.08 -23.78
O MSE G 130 -2.08 51.97 -24.26
CB MSE G 130 0.36 53.44 -23.96
CG MSE G 130 1.54 54.26 -24.39
SE MSE G 130 3.12 53.27 -23.85
CE MSE G 130 2.75 51.55 -24.84
N GLY G 131 -2.93 53.48 -22.86
CA GLY G 131 -3.95 52.61 -22.29
C GLY G 131 -3.41 51.53 -21.37
N ILE G 132 -2.27 51.82 -20.74
CA ILE G 132 -1.55 50.84 -19.95
C ILE G 132 -1.64 51.26 -18.46
N GLY G 133 -1.88 50.28 -17.60
CA GLY G 133 -1.80 50.47 -16.15
C GLY G 133 -0.77 49.57 -15.53
N PHE G 134 -0.43 49.83 -14.27
CA PHE G 134 0.48 48.99 -13.50
C PHE G 134 -0.18 48.52 -12.21
N LEU G 135 0.04 47.24 -11.90
CA LEU G 135 -0.55 46.55 -10.73
C LEU G 135 0.55 46.21 -9.70
N GLY G 136 0.30 46.57 -8.44
CA GLY G 136 1.19 46.27 -7.34
C GLY G 136 0.70 45.07 -6.54
N MSE G 137 1.13 43.88 -6.95
CA MSE G 137 0.83 42.62 -6.29
C MSE G 137 2.03 41.71 -6.34
O MSE G 137 2.89 41.92 -7.15
CB MSE G 137 -0.28 41.87 -7.02
CG MSE G 137 -1.62 42.43 -6.84
SE MSE G 137 -2.89 41.15 -7.38
CE MSE G 137 -3.10 40.26 -5.58
N GLY G 138 2.00 40.64 -5.55
CA GLY G 138 3.11 39.69 -5.50
C GLY G 138 3.06 38.63 -6.58
N PHE G 139 1.86 38.33 -7.07
CA PHE G 139 1.67 37.29 -8.06
C PHE G 139 0.57 37.68 -9.01
N GLN G 140 0.81 37.48 -10.30
CA GLN G 140 -0.11 37.83 -11.36
C GLN G 140 -1.45 37.06 -11.15
N PRO G 141 -2.54 37.81 -10.84
CA PRO G 141 -3.79 37.24 -10.31
C PRO G 141 -4.76 36.58 -11.30
N LYS G 142 -4.56 36.80 -12.61
CA LYS G 142 -5.54 36.48 -13.64
C LYS G 142 -5.06 35.50 -14.73
N TRP G 143 -3.83 35.68 -15.19
CA TRP G 143 -3.38 34.97 -16.39
C TRP G 143 -2.52 33.74 -16.07
N ARG G 144 -2.54 32.80 -17.00
CA ARG G 144 -1.71 31.62 -16.95
C ARG G 144 -0.26 31.92 -17.25
N ARG G 145 0.59 30.96 -16.93
CA ARG G 145 2.02 31.02 -17.25
C ARG G 145 2.28 31.19 -18.74
N GLU G 146 1.53 30.47 -19.59
CA GLU G 146 1.72 30.58 -21.03
C GLU G 146 1.10 31.86 -21.65
N ASP G 147 0.34 32.61 -20.87
CA ASP G 147 -0.23 33.89 -21.34
C ASP G 147 0.76 35.06 -21.16
N ILE G 148 1.82 34.80 -20.43
CA ILE G 148 2.78 35.85 -20.11
C ILE G 148 3.77 36.04 -21.27
N PRO G 149 3.90 37.29 -21.78
CA PRO G 149 4.92 37.53 -22.81
C PRO G 149 6.32 37.35 -22.24
N THR G 150 7.22 36.79 -23.04
CA THR G 150 8.61 36.62 -22.61
C THR G 150 9.53 37.70 -23.25
N MSE G 151 10.48 38.18 -22.45
CA MSE G 151 11.35 39.27 -22.89
C MSE G 151 12.48 38.75 -23.78
O MSE G 151 13.02 37.65 -23.54
CB MSE G 151 11.98 40.00 -21.69
CG MSE G 151 10.96 40.75 -20.83
SE MSE G 151 9.73 41.95 -21.84
CE MSE G 151 8.19 40.77 -22.33
N PRO G 152 12.88 39.54 -24.79
CA PRO G 152 13.95 39.07 -25.67
C PRO G 152 15.29 39.24 -25.00
N LYS G 153 15.53 38.49 -23.91
CA LYS G 153 16.78 38.57 -23.14
C LYS G 153 17.42 37.17 -22.99
N GLY G 154 18.62 37.03 -23.59
CA GLY G 154 19.38 35.78 -23.62
C GLY G 154 19.58 35.12 -22.27
N ARG G 155 19.84 35.90 -21.25
CA ARG G 155 20.07 35.31 -19.93
C ARG G 155 18.80 34.60 -19.42
N TYR G 156 17.63 35.18 -19.69
CA TYR G 156 16.36 34.57 -19.31
C TYR G 156 16.03 33.32 -20.11
N ASP G 157 16.45 33.27 -21.37
CA ASP G 157 16.28 32.09 -22.21
C ASP G 157 17.01 30.87 -21.62
N ILE G 158 18.23 31.11 -21.13
CA ILE G 158 19.04 30.07 -20.49
C ILE G 158 18.37 29.60 -19.20
N MSE G 159 17.91 30.56 -18.39
CA MSE G 159 17.23 30.25 -17.13
C MSE G 159 15.90 29.53 -17.32
O MSE G 159 15.63 28.61 -16.56
CB MSE G 159 16.99 31.52 -16.34
CG MSE G 159 18.25 32.11 -15.78
SE MSE G 159 17.86 33.81 -14.84
CE MSE G 159 16.51 33.14 -13.47
N ARG G 160 15.12 29.92 -18.32
CA ARG G 160 13.84 29.26 -18.58
C ARG G 160 14.05 27.78 -18.93
N ASN G 161 15.09 27.50 -19.72
CA ASN G 161 15.42 26.13 -20.09
C ASN G 161 15.87 25.28 -18.91
N TYR G 162 16.52 25.91 -17.94
CA TYR G 162 17.07 25.20 -16.76
C TYR G 162 16.06 25.00 -15.63
N MSE G 163 15.15 25.96 -15.44
CA MSE G 163 14.22 25.88 -14.32
C MSE G 163 13.50 24.55 -14.13
O MSE G 163 13.45 24.08 -13.00
CB MSE G 163 13.20 27.05 -14.32
CG MSE G 163 13.81 28.37 -14.04
SE MSE G 163 14.54 28.54 -12.22
CE MSE G 163 15.27 30.46 -12.30
N PRO G 164 12.91 23.98 -15.20
CA PRO G 164 12.23 22.66 -15.11
C PRO G 164 13.10 21.53 -14.57
N LYS G 165 14.43 21.66 -14.71
CA LYS G 165 15.37 20.65 -14.23
C LYS G 165 15.51 20.66 -12.71
N VAL G 166 15.12 21.76 -12.07
CA VAL G 166 15.40 21.97 -10.63
C VAL G 166 14.19 22.29 -9.74
N GLY G 167 13.01 22.41 -10.35
CA GLY G 167 11.81 22.73 -9.60
C GLY G 167 10.64 22.79 -10.52
N SER G 168 9.44 22.82 -9.95
CA SER G 168 8.23 22.92 -10.77
C SER G 168 7.64 24.33 -10.78
N LEU G 169 8.14 25.23 -9.94
CA LEU G 169 7.57 26.59 -9.83
C LEU G 169 8.54 27.73 -10.21
N GLY G 170 9.74 27.39 -10.67
CA GLY G 170 10.74 28.40 -11.03
C GLY G 170 10.36 29.28 -12.20
N LEU G 171 9.63 28.73 -13.16
CA LEU G 171 9.14 29.54 -14.28
C LEU G 171 8.06 30.54 -13.82
N ASP G 172 7.29 30.17 -12.81
CA ASP G 172 6.32 31.12 -12.21
C ASP G 172 7.00 32.26 -11.48
N MSE G 173 8.07 31.93 -10.76
CA MSE G 173 8.94 32.93 -10.16
C MSE G 173 9.36 33.94 -11.22
O MSE G 173 9.19 35.15 -11.05
CB MSE G 173 10.15 32.25 -9.56
CG MSE G 173 11.09 33.14 -8.82
SE MSE G 173 12.36 34.15 -9.97
CE MSE G 173 13.70 32.68 -10.35
N MSE G 174 9.88 33.45 -12.32
CA MSE G 174 10.38 34.27 -13.40
C MSE G 174 9.30 35.15 -14.04
O MSE G 174 9.50 36.35 -14.21
CB MSE G 174 11.03 33.39 -14.46
CG MSE G 174 12.36 32.78 -14.03
SE MSE G 174 13.31 31.80 -15.45
CE MSE G 174 13.79 33.38 -16.58
N LEU G 175 8.16 34.54 -14.35
CA LEU G 175 7.15 35.15 -15.22
C LEU G 175 6.01 35.85 -14.50
N ARG G 176 5.73 35.46 -13.27
CA ARG G 176 4.47 35.83 -12.63
C ARG G 176 4.57 36.38 -11.21
N THR G 177 5.78 36.67 -10.72
CA THR G 177 5.95 37.24 -9.39
C THR G 177 6.53 38.68 -9.44
N CYS G 178 6.17 39.47 -8.43
CA CYS G 178 6.74 40.80 -8.21
C CYS G 178 7.11 41.00 -6.74
N THR G 179 8.28 41.61 -6.50
CA THR G 179 8.86 41.83 -5.17
C THR G 179 9.16 43.31 -4.95
N VAL G 180 9.20 43.69 -3.67
CA VAL G 180 9.83 44.92 -3.23
C VAL G 180 10.97 44.52 -2.31
N GLN G 181 12.17 44.98 -2.65
CA GLN G 181 13.32 44.66 -1.83
C GLN G 181 14.14 45.88 -1.42
N VAL G 182 14.97 45.69 -0.39
CA VAL G 182 15.87 46.76 0.11
C VAL G 182 17.28 46.23 0.22
N ASN G 183 18.22 47.10 -0.16
CA ASN G 183 19.63 46.85 -0.07
C ASN G 183 20.21 47.72 1.02
N LEU G 184 21.01 47.10 1.90
CA LEU G 184 21.59 47.80 3.03
C LEU G 184 23.06 47.47 3.21
N ASP G 185 23.74 48.33 3.96
CA ASP G 185 25.17 48.26 4.13
C ASP G 185 25.59 47.69 5.49
N PHE G 186 26.83 47.18 5.55
CA PHE G 186 27.46 46.70 6.77
C PHE G 186 28.83 47.37 6.90
N SER G 187 29.34 47.43 8.13
CA SER G 187 30.58 48.14 8.45
C SER G 187 31.79 47.22 8.73
N SER G 188 31.52 45.95 8.99
CA SER G 188 32.56 44.97 9.33
C SER G 188 32.00 43.57 9.12
N GLU G 189 32.86 42.56 9.20
CA GLU G 189 32.37 41.18 9.13
C GLU G 189 31.41 40.87 10.27
N ALA G 190 31.75 41.31 11.48
CA ALA G 190 30.89 41.12 12.69
C ALA G 190 29.49 41.74 12.51
N ASP G 191 29.47 42.94 11.97
CA ASP G 191 28.22 43.65 11.70
C ASP G 191 27.41 42.93 10.60
N MSE G 192 28.09 42.51 9.54
CA MSE G 192 27.47 41.74 8.45
C MSE G 192 26.80 40.49 9.02
O MSE G 192 25.62 40.22 8.74
CB MSE G 192 28.53 41.40 7.40
CG MSE G 192 28.03 40.59 6.20
SE MSE G 192 27.93 38.62 6.45
CE MSE G 192 29.89 38.24 6.85
N ILE G 193 27.54 39.73 9.81
CA ILE G 193 27.03 38.49 10.42
C ILE G 193 25.75 38.75 11.19
N ARG G 194 25.78 39.77 12.02
CA ARG G 194 24.63 40.13 12.87
C ARG G 194 23.41 40.55 12.05
N LYS G 195 23.63 41.37 11.03
CA LYS G 195 22.57 41.81 10.13
C LYS G 195 21.98 40.65 9.34
N PHE G 196 22.85 39.74 8.88
CA PHE G 196 22.44 38.56 8.13
C PHE G 196 21.52 37.69 8.98
N ARG G 197 21.94 37.43 10.22
CA ARG G 197 21.15 36.61 11.13
C ARG G 197 19.79 37.24 11.53
N ALA G 198 19.80 38.54 11.79
CA ALA G 198 18.58 39.29 12.04
C ALA G 198 17.65 39.28 10.83
N GLY G 199 18.23 39.54 9.65
CA GLY G 199 17.50 39.56 8.40
C GLY G 199 16.84 38.23 8.10
N LEU G 200 17.62 37.17 8.17
CA LEU G 200 17.10 35.81 7.92
C LEU G 200 15.99 35.44 8.89
N ALA G 201 16.28 35.51 10.20
CA ALA G 201 15.29 35.15 11.25
C ALA G 201 13.97 35.93 11.14
N LEU G 202 14.05 37.23 10.83
CA LEU G 202 12.82 38.03 10.71
C LEU G 202 12.19 38.04 9.32
N GLN G 203 12.81 37.42 8.33
CA GLN G 203 12.29 37.50 6.97
C GLN G 203 10.85 37.01 6.86
N PRO G 204 10.49 35.87 7.50
CA PRO G 204 9.10 35.37 7.50
C PRO G 204 8.09 36.38 8.06
N ILE G 205 8.52 37.21 8.99
CA ILE G 205 7.68 38.29 9.49
C ILE G 205 7.45 39.39 8.44
N ALA G 206 8.50 39.81 7.75
CA ALA G 206 8.35 40.71 6.59
C ALA G 206 7.40 40.11 5.54
N THR G 207 7.63 38.85 5.19
CA THR G 207 6.78 38.14 4.22
C THR G 207 5.31 38.20 4.61
N ALA G 208 5.02 37.95 5.89
CA ALA G 208 3.66 38.02 6.45
C ALA G 208 3.03 39.43 6.36
N LEU G 209 3.78 40.44 6.80
CA LEU G 209 3.27 41.82 6.80
C LEU G 209 2.99 42.36 5.39
N PHE G 210 3.73 41.84 4.41
CA PHE G 210 3.61 42.28 3.02
C PHE G 210 2.90 41.29 2.09
N ALA G 211 2.39 40.19 2.64
CA ALA G 211 1.72 39.15 1.86
C ALA G 211 0.58 39.73 1.05
N ASN G 212 0.69 39.51 -0.26
CA ASN G 212 -0.14 40.17 -1.26
C ASN G 212 -0.24 39.33 -2.55
N SER G 213 -0.45 38.03 -2.43
CA SER G 213 -0.62 37.21 -3.63
C SER G 213 -1.54 35.98 -3.42
N PRO G 214 -2.83 36.24 -3.10
CA PRO G 214 -3.80 35.20 -2.82
C PRO G 214 -4.56 34.63 -4.02
N PHE G 215 -4.30 35.16 -5.22
CA PHE G 215 -5.03 34.76 -6.42
C PHE G 215 -4.13 34.09 -7.45
N THR G 216 -4.67 33.07 -8.09
CA THR G 216 -4.08 32.50 -9.30
C THR G 216 -5.18 32.21 -10.31
N GLU G 217 -4.97 32.68 -11.54
CA GLU G 217 -5.90 32.43 -12.64
C GLU G 217 -7.36 32.71 -12.28
N GLY G 218 -7.57 33.88 -11.63
CA GLY G 218 -8.90 34.38 -11.36
C GLY G 218 -9.60 33.86 -10.13
N LYS G 219 -8.90 33.11 -9.28
CA LYS G 219 -9.47 32.43 -8.13
C LYS G 219 -8.51 32.42 -6.95
N PRO G 220 -9.03 32.26 -5.71
CA PRO G 220 -8.15 32.11 -4.57
C PRO G 220 -7.27 30.88 -4.75
N ASN G 221 -5.98 31.01 -4.48
CA ASN G 221 -5.05 29.88 -4.62
C ASN G 221 -4.78 29.12 -3.30
N GLY G 222 -5.38 29.56 -2.20
CA GLY G 222 -5.19 28.88 -0.91
C GLY G 222 -4.04 29.44 -0.08
N PHE G 223 -3.33 30.40 -0.66
CA PHE G 223 -2.20 31.02 -0.01
C PHE G 223 -2.49 32.51 0.21
N LEU G 224 -1.70 33.10 1.11
CA LEU G 224 -1.65 34.53 1.31
C LEU G 224 -0.50 35.13 0.49
N SER G 225 0.64 34.47 0.52
CA SER G 225 1.73 34.75 -0.42
C SER G 225 2.10 33.52 -1.23
N MSE G 226 1.39 33.35 -2.34
CA MSE G 226 1.78 32.36 -3.35
C MSE G 226 3.21 32.64 -3.82
O MSE G 226 3.99 31.72 -4.10
CB MSE G 226 0.82 32.41 -4.52
CG MSE G 226 1.13 31.46 -5.65
SE MSE G 226 1.43 29.56 -5.13
CE MSE G 226 -0.40 28.89 -4.96
N ARG G 227 3.57 33.91 -3.95
CA ARG G 227 4.93 34.27 -4.37
C ARG G 227 6.00 33.67 -3.44
N SER G 228 5.82 33.81 -2.14
CA SER G 228 6.74 33.23 -1.18
C SER G 228 6.79 31.70 -1.26
N HIS G 229 5.64 31.05 -1.42
CA HIS G 229 5.59 29.62 -1.66
C HIS G 229 6.38 29.20 -2.90
N ILE G 230 6.20 29.95 -3.99
CA ILE G 230 6.91 29.66 -5.25
C ILE G 230 8.42 29.55 -5.05
N TRP G 231 8.97 30.40 -4.19
CA TRP G 231 10.39 30.35 -3.89
C TRP G 231 10.83 29.08 -3.14
N THR G 232 9.88 28.29 -2.63
CA THR G 232 10.21 26.99 -2.03
C THR G 232 10.21 25.80 -3.02
N ASP G 233 9.86 26.05 -4.28
CA ASP G 233 10.00 25.03 -5.31
C ASP G 233 10.51 25.61 -6.60
N THR G 234 11.57 26.38 -6.48
CA THR G 234 12.22 27.02 -7.61
C THR G 234 13.55 26.32 -7.93
N ASP G 235 14.43 26.29 -6.93
CA ASP G 235 15.75 25.65 -7.03
C ASP G 235 16.37 25.56 -5.64
N LYS G 236 16.45 24.34 -5.11
CA LYS G 236 16.89 24.14 -3.72
C LYS G 236 18.37 24.54 -3.51
N ASP G 237 19.14 24.56 -4.61
CA ASP G 237 20.56 24.91 -4.55
C ASP G 237 20.87 26.36 -4.29
N ARG G 238 19.91 27.26 -4.52
CA ARG G 238 20.18 28.69 -4.41
C ARG G 238 19.10 29.50 -3.68
N THR G 239 18.29 28.84 -2.86
CA THR G 239 17.20 29.50 -2.16
C THR G 239 17.24 29.16 -0.68
N GLY G 240 16.39 29.82 0.07
CA GLY G 240 16.08 29.39 1.44
C GLY G 240 16.68 30.23 2.56
N MSE G 241 16.66 29.61 3.75
CA MSE G 241 16.93 30.29 5.01
C MSE G 241 18.37 30.12 5.51
O MSE G 241 18.68 30.51 6.64
CB MSE G 241 15.94 29.75 6.04
CG MSE G 241 14.53 30.26 5.80
SE MSE G 241 14.33 32.19 6.34
CE MSE G 241 14.44 31.97 8.33
N LEU G 242 19.23 29.56 4.65
CA LEU G 242 20.68 29.49 4.86
C LEU G 242 21.07 29.22 6.32
N PRO G 243 20.78 28.01 6.81
CA PRO G 243 21.06 27.69 8.22
C PRO G 243 22.55 27.83 8.62
N PHE G 244 23.45 27.67 7.65
CA PHE G 244 24.87 27.77 7.91
C PHE G 244 25.30 29.17 8.36
N VAL G 245 24.47 30.16 8.05
CA VAL G 245 24.71 31.54 8.46
C VAL G 245 24.68 31.66 9.97
N PHE G 246 23.93 30.76 10.62
CA PHE G 246 23.84 30.74 12.10
C PHE G 246 24.93 29.89 12.78
N ASP G 247 25.75 29.18 11.98
CA ASP G 247 26.90 28.45 12.51
C ASP G 247 27.98 29.40 13.02
N ASP G 248 28.64 28.99 14.09
CA ASP G 248 29.74 29.76 14.69
C ASP G 248 30.83 30.09 13.67
N SER G 249 31.02 29.19 12.70
CA SER G 249 32.02 29.34 11.64
C SER G 249 31.75 30.47 10.67
N PHE G 250 30.50 30.95 10.62
CA PHE G 250 30.09 31.82 9.53
C PHE G 250 30.83 33.18 9.47
N GLY G 251 31.13 33.57 8.24
CA GLY G 251 31.77 34.83 7.89
C GLY G 251 31.78 34.92 6.37
N PHE G 252 32.50 35.90 5.83
CA PHE G 252 32.62 36.09 4.38
C PHE G 252 33.13 34.82 3.67
N GLU G 253 34.11 34.16 4.28
CA GLU G 253 34.71 32.95 3.73
C GLU G 253 33.68 31.82 3.50
N GLN G 254 32.87 31.53 4.52
CA GLN G 254 31.86 30.47 4.42
C GLN G 254 30.79 30.81 3.35
N TYR G 255 30.43 32.09 3.24
CA TYR G 255 29.48 32.50 2.17
C TYR G 255 30.08 32.32 0.76
N VAL G 256 31.37 32.63 0.59
CA VAL G 256 32.07 32.42 -0.68
C VAL G 256 32.12 30.93 -1.05
N ASP G 257 32.36 30.03 -0.09
CA ASP G 257 32.34 28.58 -0.38
C ASP G 257 30.97 28.12 -0.83
N TYR G 258 29.92 28.57 -0.14
CA TYR G 258 28.53 28.33 -0.54
C TYR G 258 28.33 28.75 -1.99
N ALA G 259 28.64 30.00 -2.27
CA ALA G 259 28.46 30.58 -3.60
C ALA G 259 29.29 29.89 -4.69
N LEU G 260 30.52 29.52 -4.35
CA LEU G 260 31.37 28.77 -5.28
C LEU G 260 30.79 27.42 -5.71
N ASP G 261 30.00 26.79 -4.84
CA ASP G 261 29.37 25.52 -5.12
C ASP G 261 27.91 25.61 -5.62
N VAL G 262 27.33 26.80 -5.64
CA VAL G 262 26.04 27.01 -6.31
C VAL G 262 26.29 26.94 -7.83
N PRO G 263 25.56 26.06 -8.54
CA PRO G 263 25.76 25.95 -9.99
C PRO G 263 25.54 27.25 -10.77
N MSE G 264 26.27 27.45 -11.85
CA MSE G 264 26.14 28.69 -12.61
C MSE G 264 24.94 28.69 -13.55
O MSE G 264 24.35 27.63 -13.86
CB MSE G 264 27.37 28.92 -13.43
CG MSE G 264 28.57 29.23 -12.57
SE MSE G 264 30.07 29.54 -13.75
CE MSE G 264 30.27 27.90 -14.42
N TYR G 265 24.59 29.87 -14.04
CA TYR G 265 23.65 29.96 -15.16
C TYR G 265 24.39 30.22 -16.47
N PHE G 266 25.24 31.24 -16.46
CA PHE G 266 25.87 31.73 -17.67
C PHE G 266 27.13 32.51 -17.38
N ALA G 267 27.85 32.80 -18.45
CA ALA G 267 28.99 33.69 -18.42
C ALA G 267 28.79 34.65 -19.59
N TYR G 268 29.05 35.93 -19.36
CA TYR G 268 28.89 36.94 -20.41
C TYR G 268 30.22 37.13 -21.14
N ARG G 269 30.23 36.79 -22.43
CA ARG G 269 31.42 36.94 -23.26
C ARG G 269 31.03 37.36 -24.68
N ASN G 270 31.76 38.34 -25.23
CA ASN G 270 31.54 38.80 -26.62
C ASN G 270 30.11 39.22 -26.89
N GLY G 271 29.56 40.02 -25.99
CA GLY G 271 28.22 40.58 -26.18
C GLY G 271 27.09 39.59 -26.00
N LYS G 272 27.40 38.37 -25.53
CA LYS G 272 26.31 37.40 -25.24
C LYS G 272 26.54 36.49 -24.03
N TYR G 273 25.43 35.88 -23.62
CA TYR G 273 25.38 34.99 -22.49
C TYR G 273 25.62 33.59 -22.99
N VAL G 274 26.63 32.95 -22.40
CA VAL G 274 26.94 31.56 -22.69
C VAL G 274 26.27 30.70 -21.62
N ASP G 275 25.64 29.60 -22.03
CA ASP G 275 24.96 28.65 -21.13
C ASP G 275 26.01 27.81 -20.38
N CYS G 276 26.14 28.05 -19.08
CA CYS G 276 27.07 27.34 -18.22
C CYS G 276 26.32 26.58 -17.12
N THR G 277 25.08 26.16 -17.40
CA THR G 277 24.27 25.43 -16.40
C THR G 277 24.90 24.09 -16.10
N GLY G 278 24.80 23.67 -14.84
CA GLY G 278 25.43 22.41 -14.40
C GLY G 278 26.93 22.52 -14.15
N MSE G 279 27.46 23.73 -14.16
CA MSE G 279 28.89 23.93 -13.94
C MSE G 279 29.03 24.87 -12.76
O MSE G 279 28.09 25.56 -12.43
CB MSE G 279 29.56 24.45 -15.20
CG MSE G 279 29.30 23.55 -16.40
SE MSE G 279 29.51 24.44 -18.16
CE MSE G 279 28.77 22.89 -19.35
N THR G 280 30.16 24.88 -12.09
CA THR G 280 30.30 25.75 -10.90
C THR G 280 31.34 26.82 -11.16
N PHE G 281 31.30 27.84 -10.31
CA PHE G 281 32.26 28.93 -10.39
C PHE G 281 33.67 28.47 -9.99
N ARG G 282 33.75 27.42 -9.17
CA ARG G 282 35.02 26.77 -8.86
C ARG G 282 35.72 26.25 -10.11
N GLN G 283 34.95 25.60 -10.99
CA GLN G 283 35.46 25.13 -12.29
C GLN G 283 35.97 26.30 -13.10
N PHE G 284 35.20 27.38 -13.10
CA PHE G 284 35.56 28.66 -13.77
C PHE G 284 36.89 29.20 -13.28
N LEU G 285 37.07 29.29 -11.97
CA LEU G 285 38.32 29.79 -11.34
C LEU G 285 39.56 29.04 -11.82
N ALA G 286 39.43 27.73 -12.03
CA ALA G 286 40.52 26.87 -12.49
C ALA G 286 40.60 26.74 -14.03
N GLY G 287 39.80 27.51 -14.75
CA GLY G 287 39.85 27.55 -16.22
C GLY G 287 39.29 26.31 -16.86
N LYS G 288 38.40 25.65 -16.12
CA LYS G 288 37.91 24.33 -16.47
C LYS G 288 36.42 24.33 -16.78
N LEU G 289 35.85 25.46 -17.19
CA LEU G 289 34.45 25.47 -17.59
C LEU G 289 34.29 24.92 -18.98
N PRO G 290 33.53 23.84 -19.14
CA PRO G 290 33.27 23.42 -20.52
C PRO G 290 32.60 24.46 -21.44
N CYS G 291 31.82 25.40 -20.91
CA CYS G 291 31.24 26.45 -21.77
C CYS G 291 32.31 27.43 -22.25
N LEU G 292 33.35 27.68 -21.44
CA LEU G 292 34.40 28.65 -21.76
C LEU G 292 35.77 28.05 -21.42
N PRO G 293 36.17 27.00 -22.17
CA PRO G 293 37.33 26.25 -21.71
C PRO G 293 38.66 27.02 -21.78
N GLY G 294 39.37 27.01 -20.64
CA GLY G 294 40.60 27.76 -20.45
C GLY G 294 40.45 29.19 -20.02
N GLU G 295 39.21 29.70 -19.98
CA GLU G 295 38.91 31.08 -19.58
C GLU G 295 38.87 31.26 -18.08
N LEU G 296 39.47 32.33 -17.59
CA LEU G 296 39.49 32.62 -16.17
C LEU G 296 38.52 33.77 -15.90
N PRO G 297 37.86 33.74 -14.73
CA PRO G 297 36.90 34.79 -14.37
C PRO G 297 37.48 36.14 -13.92
N THR G 298 36.66 37.18 -14.13
CA THR G 298 36.87 38.55 -13.67
C THR G 298 35.95 38.79 -12.48
N TYR G 299 36.17 39.90 -11.77
CA TYR G 299 35.28 40.31 -10.70
C TYR G 299 33.84 40.49 -11.18
N ASN G 300 33.67 40.93 -12.41
CA ASN G 300 32.34 41.09 -12.99
C ASN G 300 31.62 39.73 -13.17
N ASP G 301 32.37 38.69 -13.52
CA ASP G 301 31.86 37.33 -13.57
C ASP G 301 31.39 36.90 -12.19
N TRP G 302 32.18 37.20 -11.17
CA TRP G 302 31.84 36.87 -9.78
C TRP G 302 30.57 37.58 -9.31
N GLU G 303 30.52 38.89 -9.55
CA GLU G 303 29.32 39.70 -9.35
C GLU G 303 28.08 39.13 -10.06
N ASN G 304 28.22 38.79 -11.34
CA ASN G 304 27.12 38.18 -12.08
C ASN G 304 26.65 36.89 -11.45
N HIS G 305 27.60 36.06 -11.01
CA HIS G 305 27.28 34.81 -10.38
C HIS G 305 26.55 34.98 -9.05
N LEU G 306 27.05 35.90 -8.24
CA LEU G 306 26.44 36.24 -6.95
C LEU G 306 24.98 36.72 -7.11
N THR G 307 24.68 37.32 -8.25
CA THR G 307 23.32 37.78 -8.58
C THR G 307 22.41 36.64 -9.07
N THR G 308 22.92 35.43 -9.23
CA THR G 308 22.06 34.28 -9.55
C THR G 308 21.74 33.43 -8.33
N ILE G 309 22.11 33.90 -7.14
CA ILE G 309 21.81 33.18 -5.91
C ILE G 309 20.62 33.91 -5.28
N PHE G 310 19.62 33.15 -4.84
CA PHE G 310 18.32 33.72 -4.45
C PHE G 310 17.76 33.33 -3.07
N PRO G 311 18.57 33.47 -1.99
CA PRO G 311 18.02 33.11 -0.70
C PRO G 311 17.12 34.22 -0.15
N GLU G 312 16.56 33.99 1.01
CA GLU G 312 15.64 34.95 1.62
C GLU G 312 16.32 36.26 1.96
N VAL G 313 17.61 36.16 2.29
CA VAL G 313 18.52 37.29 2.38
C VAL G 313 19.73 36.89 1.56
N ARG G 314 20.25 37.83 0.79
CA ARG G 314 21.41 37.59 -0.05
C ARG G 314 22.56 38.54 0.31
N LEU G 315 23.79 38.05 0.14
CA LEU G 315 25.00 38.83 0.38
C LEU G 315 25.82 39.03 -0.89
N LYS G 316 26.11 40.31 -1.16
CA LYS G 316 27.13 40.72 -2.10
C LYS G 316 28.04 41.70 -1.38
N ARG G 317 28.33 42.86 -1.97
CA ARG G 317 29.05 43.92 -1.24
C ARG G 317 28.10 44.77 -0.39
N TYR G 318 26.83 44.43 -0.44
CA TYR G 318 25.79 44.92 0.45
C TYR G 318 24.82 43.75 0.70
N MSE G 319 23.85 43.96 1.57
CA MSE G 319 22.89 42.94 1.91
C MSE G 319 21.51 43.23 1.34
O MSE G 319 21.08 44.37 1.32
CB MSE G 319 22.81 42.88 3.41
CG MSE G 319 22.29 41.56 3.87
SE MSE G 319 22.96 41.22 5.64
CE MSE G 319 24.82 41.41 5.38
N GLU G 320 20.81 42.19 0.92
CA GLU G 320 19.53 42.31 0.25
C GLU G 320 18.43 41.52 0.94
N MSE G 321 17.37 42.22 1.33
CA MSE G 321 16.18 41.60 1.96
C MSE G 321 15.20 41.26 0.88
O MSE G 321 14.67 42.17 0.25
CB MSE G 321 15.50 42.58 2.93
CG MSE G 321 16.43 43.28 3.85
SE MSE G 321 17.15 42.07 5.20
CE MSE G 321 19.05 42.17 4.71
N ARG G 322 14.91 39.97 0.67
CA ARG G 322 14.20 39.53 -0.54
C ARG G 322 12.81 38.89 -0.32
N GLY G 323 12.29 38.94 0.90
CA GLY G 323 11.10 38.22 1.28
C GLY G 323 9.72 38.80 0.97
N ALA G 324 9.64 40.09 0.57
CA ALA G 324 8.35 40.82 0.51
C ALA G 324 7.72 40.94 -0.89
N ASP G 325 6.40 40.72 -0.95
CA ASP G 325 5.61 40.82 -2.16
C ASP G 325 5.55 42.26 -2.59
N GLY G 326 5.52 42.51 -3.90
CA GLY G 326 5.16 43.82 -4.44
C GLY G 326 3.80 44.31 -3.96
N GLY G 327 3.61 45.62 -3.98
CA GLY G 327 2.39 46.20 -3.47
C GLY G 327 2.26 47.68 -3.78
N PRO G 328 1.16 48.31 -3.31
CA PRO G 328 0.92 49.71 -3.63
C PRO G 328 1.94 50.64 -2.97
N TRP G 329 1.94 51.90 -3.39
CA TRP G 329 3.08 52.77 -3.14
C TRP G 329 3.46 52.95 -1.70
N ARG G 330 2.46 53.02 -0.82
CA ARG G 330 2.78 53.23 0.59
C ARG G 330 3.53 52.03 1.16
N ARG G 331 3.27 50.83 0.63
CA ARG G 331 4.01 49.65 1.04
C ARG G 331 5.38 49.54 0.38
N LEU G 332 5.58 50.13 -0.80
CA LEU G 332 6.92 50.27 -1.35
C LEU G 332 7.83 51.11 -0.45
N CYS G 333 7.24 52.12 0.21
CA CYS G 333 7.99 52.99 1.13
C CYS G 333 8.11 52.35 2.50
N ALA G 334 7.15 51.48 2.87
CA ALA G 334 7.20 50.82 4.19
C ALA G 334 8.21 49.70 4.30
N LEU G 335 8.47 49.00 3.20
CA LEU G 335 9.39 47.85 3.24
C LEU G 335 10.85 48.28 3.64
N PRO G 336 11.46 49.23 2.92
CA PRO G 336 12.76 49.75 3.35
C PRO G 336 12.79 50.31 4.77
N ALA G 337 11.69 50.96 5.17
CA ALA G 337 11.54 51.57 6.49
C ALA G 337 11.64 50.54 7.59
N PHE G 338 10.97 49.41 7.35
CA PHE G 338 10.93 48.28 8.28
C PHE G 338 12.33 47.81 8.59
N TRP G 339 13.12 47.55 7.55
CA TRP G 339 14.48 47.03 7.76
C TRP G 339 15.48 48.10 8.22
N VAL G 340 15.33 49.34 7.76
CA VAL G 340 16.21 50.45 8.23
C VAL G 340 16.04 50.58 9.75
N GLY G 341 14.79 50.61 10.20
CA GLY G 341 14.48 50.67 11.65
C GLY G 341 15.08 49.55 12.46
N LEU G 342 15.15 48.35 11.88
CA LEU G 342 15.61 47.15 12.60
C LEU G 342 17.13 46.95 12.57
N LEU G 343 17.76 47.28 11.45
CA LEU G 343 19.15 46.94 11.18
C LEU G 343 20.14 48.09 11.31
N TYR G 344 19.65 49.33 11.17
CA TYR G 344 20.51 50.51 11.19
C TYR G 344 20.56 51.23 12.56
N ASP G 345 19.86 50.67 13.55
CA ASP G 345 20.03 51.07 14.96
C ASP G 345 20.69 49.93 15.69
N GLU G 346 21.80 50.20 16.35
CA GLU G 346 22.62 49.17 16.97
C GLU G 346 21.91 48.51 18.15
N ASP G 347 21.16 49.29 18.92
CA ASP G 347 20.43 48.73 20.09
C ASP G 347 19.25 47.93 19.63
N VAL G 348 18.57 48.38 18.57
CA VAL G 348 17.45 47.60 18.01
C VAL G 348 17.98 46.30 17.44
N LEU G 349 19.09 46.37 16.70
CA LEU G 349 19.67 45.16 16.11
C LEU G 349 19.99 44.13 17.18
N GLN G 350 20.57 44.58 18.29
CA GLN G 350 20.82 43.68 19.43
C GLN G 350 19.53 43.13 20.03
N SER G 351 18.51 43.98 20.16
CA SER G 351 17.20 43.55 20.65
C SER G 351 16.60 42.46 19.73
N VAL G 352 16.74 42.60 18.43
CA VAL G 352 16.26 41.60 17.46
C VAL G 352 17.02 40.30 17.58
N LEU G 353 18.34 40.37 17.73
CA LEU G 353 19.17 39.18 17.95
C LEU G 353 18.88 38.47 19.28
N ASP G 354 18.57 39.26 20.31
CA ASP G 354 18.16 38.73 21.62
C ASP G 354 16.82 38.00 21.53
N LEU G 355 15.86 38.61 20.83
CA LEU G 355 14.53 38.01 20.63
C LEU G 355 14.58 36.68 19.85
N THR G 356 15.46 36.60 18.85
CA THR G 356 15.52 35.46 17.93
C THR G 356 16.60 34.46 18.31
N ALA G 357 17.39 34.78 19.34
CA ALA G 357 18.57 33.97 19.75
C ALA G 357 18.30 32.48 19.91
N ASP G 358 17.19 32.15 20.57
CA ASP G 358 16.86 30.74 20.83
C ASP G 358 15.94 30.10 19.79
N TRP G 359 15.75 30.73 18.64
CA TRP G 359 14.96 30.10 17.59
C TRP G 359 15.83 29.02 16.95
N THR G 360 15.26 27.82 16.82
CA THR G 360 15.96 26.69 16.22
C THR G 360 15.92 26.78 14.68
N PRO G 361 16.88 26.13 14.00
CA PRO G 361 16.80 25.98 12.54
C PRO G 361 15.46 25.44 12.08
N ALA G 362 14.92 24.45 12.80
CA ALA G 362 13.64 23.87 12.42
C ALA G 362 12.50 24.87 12.58
N GLU G 363 12.55 25.71 13.63
CA GLU G 363 11.53 26.75 13.85
C GLU G 363 11.57 27.83 12.78
N ARG G 364 12.76 28.26 12.39
CA ARG G 364 12.92 29.28 11.34
C ARG G 364 12.43 28.75 9.98
N GLU G 365 12.77 27.50 9.69
CA GLU G 365 12.35 26.81 8.49
C GLU G 365 10.82 26.62 8.44
N MSE G 366 10.25 26.26 9.57
CA MSE G 366 8.82 26.08 9.68
C MSE G 366 8.07 27.38 9.41
O MSE G 366 7.10 27.38 8.67
CB MSE G 366 8.50 25.56 11.07
CG MSE G 366 7.03 25.30 11.30
SE MSE G 366 6.31 26.72 12.47
CE MSE G 366 5.39 27.85 11.32
N LEU G 367 8.53 28.48 10.01
CA LEU G 367 7.90 29.80 9.81
C LEU G 367 7.99 30.23 8.33
N ARG G 368 9.16 30.01 7.72
CA ARG G 368 9.32 30.28 6.29
C ARG G 368 8.30 29.52 5.46
N ASN G 369 8.06 28.24 5.78
CA ASN G 369 7.15 27.41 4.99
C ASN G 369 5.67 27.64 5.28
N LYS G 370 5.35 27.99 6.52
CA LYS G 370 3.94 28.13 6.94
C LYS G 370 3.38 29.54 6.76
N VAL G 371 4.23 30.55 6.86
CA VAL G 371 3.76 31.93 6.69
C VAL G 371 3.05 32.20 5.35
N PRO G 372 3.56 31.66 4.22
CA PRO G 372 2.82 31.81 2.96
C PRO G 372 1.32 31.40 3.00
N VAL G 373 0.96 30.46 3.88
CA VAL G 373 -0.42 30.01 4.00
C VAL G 373 -1.18 30.77 5.10
N THR G 374 -0.58 30.86 6.29
CA THR G 374 -1.28 31.38 7.44
C THR G 374 -0.90 32.81 7.87
N GLY G 375 0.18 33.37 7.32
CA GLY G 375 0.60 34.75 7.66
C GLY G 375 0.88 35.00 9.14
N LEU G 376 0.27 36.03 9.70
CA LEU G 376 0.46 36.39 11.11
C LEU G 376 -0.31 35.50 12.09
N LYS G 377 -1.26 34.73 11.57
CA LYS G 377 -1.97 33.74 12.34
C LYS G 377 -1.25 32.40 12.35
N THR G 378 -0.02 32.36 11.83
CA THR G 378 0.84 31.18 11.93
C THR G 378 1.16 30.90 13.42
N PRO G 379 0.80 29.72 13.90
CA PRO G 379 1.25 29.39 15.25
C PRO G 379 2.77 29.42 15.42
N PHE G 380 3.22 30.01 16.53
CA PHE G 380 4.63 30.00 16.90
C PHE G 380 4.72 29.81 18.40
N ARG G 381 5.29 28.69 18.80
CA ARG G 381 5.43 28.38 20.21
C ARG G 381 4.06 28.46 20.85
N ASP G 382 3.90 29.30 21.87
CA ASP G 382 2.68 29.30 22.65
C ASP G 382 1.75 30.46 22.29
N GLY G 383 1.97 31.05 21.11
CA GLY G 383 1.08 32.06 20.55
C GLY G 383 1.12 32.06 19.03
N LEU G 384 1.01 33.26 18.47
CA LEU G 384 0.94 33.43 17.02
C LEU G 384 2.10 34.30 16.60
N LEU G 385 2.50 34.18 15.34
CA LEU G 385 3.53 35.02 14.79
C LEU G 385 3.17 36.51 14.99
N LYS G 386 1.87 36.82 14.95
CA LYS G 386 1.38 38.18 15.24
C LYS G 386 1.97 38.83 16.49
N HIS G 387 2.12 38.04 17.55
CA HIS G 387 2.65 38.56 18.80
C HIS G 387 4.16 38.91 18.70
N VAL G 388 4.92 38.14 17.93
CA VAL G 388 6.31 38.49 17.65
C VAL G 388 6.37 39.73 16.74
N ALA G 389 5.48 39.80 15.74
CA ALA G 389 5.40 40.96 14.83
C ALA G 389 5.09 42.26 15.57
N GLU G 390 4.23 42.19 16.59
CA GLU G 390 3.96 43.31 17.50
C GLU G 390 5.25 43.86 18.16
N ASP G 391 6.08 42.97 18.68
CA ASP G 391 7.37 43.37 19.28
C ASP G 391 8.32 43.94 18.24
N VAL G 392 8.39 43.25 17.09
CA VAL G 392 9.28 43.63 15.99
C VAL G 392 8.90 45.01 15.43
N LEU G 393 7.61 45.26 15.29
CA LEU G 393 7.15 46.55 14.77
C LEU G 393 7.49 47.71 15.69
N LYS G 394 7.35 47.52 17.00
CA LYS G 394 7.67 48.57 17.96
CA LYS G 394 7.68 48.56 17.97
C LYS G 394 9.17 48.86 17.94
N LEU G 395 9.98 47.81 17.77
CA LEU G 395 11.42 47.94 17.68
C LEU G 395 11.83 48.72 16.44
N ALA G 396 11.19 48.39 15.30
CA ALA G 396 11.43 49.08 14.03
C ALA G 396 11.11 50.56 14.10
N LYS G 397 10.01 50.90 14.77
CA LYS G 397 9.65 52.29 15.08
C LYS G 397 10.64 52.98 16.01
N ASP G 398 11.12 52.30 17.06
CA ASP G 398 12.19 52.84 17.95
C ASP G 398 13.45 53.22 17.14
N GLY G 399 13.88 52.33 16.26
CA GLY G 399 15.02 52.60 15.39
C GLY G 399 14.85 53.78 14.44
N LEU G 400 13.66 53.95 13.88
CA LEU G 400 13.41 55.13 13.04
C LEU G 400 13.35 56.43 13.84
N GLU G 401 12.71 56.37 15.01
CA GLU G 401 12.66 57.52 15.90
C GLU G 401 14.06 57.99 16.27
N ARG G 402 14.92 57.04 16.61
CA ARG G 402 16.31 57.34 17.00
C ARG G 402 17.18 57.83 15.85
N ARG G 403 16.83 57.51 14.61
CA ARG G 403 17.59 58.01 13.45
C ARG G 403 17.53 59.54 13.34
N GLY G 404 16.45 60.11 13.84
CA GLY G 404 16.32 61.55 13.94
C GLY G 404 15.82 62.25 12.68
N TYR G 405 15.42 61.47 11.66
CA TYR G 405 15.01 62.03 10.38
C TYR G 405 13.50 62.12 10.21
N LYS G 406 12.74 61.81 11.27
CA LYS G 406 11.26 61.83 11.26
C LYS G 406 10.68 60.85 10.23
N GLU G 407 11.27 59.65 10.14
CA GLU G 407 10.86 58.64 9.17
C GLU G 407 9.80 57.64 9.68
N VAL G 408 9.42 57.72 10.94
CA VAL G 408 8.61 56.68 11.59
C VAL G 408 7.21 56.51 10.99
N GLY G 409 6.69 57.55 10.36
CA GLY G 409 5.42 57.49 9.65
C GLY G 409 5.37 56.54 8.46
N PHE G 410 6.53 56.20 7.88
CA PHE G 410 6.57 55.23 6.76
C PHE G 410 6.15 53.82 7.20
N LEU G 411 6.02 53.61 8.51
CA LEU G 411 5.55 52.34 9.04
C LEU G 411 4.04 52.30 9.33
N ASN G 412 3.36 53.42 9.12
CA ASN G 412 1.92 53.49 9.27
C ASN G 412 1.24 52.45 8.41
N ALA G 413 1.80 52.22 7.23
CA ALA G 413 1.21 51.33 6.25
C ALA G 413 1.18 49.85 6.65
N VAL G 414 1.91 49.46 7.70
CA VAL G 414 1.83 48.08 8.21
C VAL G 414 1.34 48.00 9.67
N THR G 415 1.02 49.13 10.27
CA THR G 415 0.63 49.20 11.67
C THR G 415 -0.72 48.48 11.90
N GLU G 416 -1.65 48.66 10.98
CA GLU G 416 -2.94 48.00 11.09
C GLU G 416 -2.88 46.49 10.79
N VAL G 417 -1.99 46.10 9.88
CA VAL G 417 -1.73 44.69 9.60
C VAL G 417 -1.30 43.99 10.89
N VAL G 418 -0.32 44.57 11.57
CA VAL G 418 0.21 43.99 12.80
C VAL G 418 -0.84 44.02 13.93
N ARG G 419 -1.59 45.12 13.99
CA ARG G 419 -2.61 45.34 15.01
C ARG G 419 -3.66 44.26 14.93
N THR G 420 -4.24 44.13 13.74
CA THR G 420 -5.35 43.22 13.48
C THR G 420 -4.91 41.78 13.24
N GLY G 421 -3.65 41.60 12.86
CA GLY G 421 -3.14 40.31 12.40
C GLY G 421 -3.68 39.88 11.04
N VAL G 422 -4.24 40.81 10.28
CA VAL G 422 -4.84 40.55 8.96
C VAL G 422 -3.93 41.15 7.88
N THR G 423 -3.43 40.27 7.01
CA THR G 423 -2.51 40.63 5.95
C THR G 423 -3.23 41.34 4.79
N PRO G 424 -2.50 42.11 3.98
CA PRO G 424 -3.12 42.71 2.81
C PRO G 424 -3.86 41.67 1.95
N ALA G 425 -3.24 40.48 1.80
CA ALA G 425 -3.82 39.40 0.98
C ALA G 425 -5.19 38.94 1.50
N GLU G 426 -5.35 38.87 2.82
CA GLU G 426 -6.66 38.59 3.43
C GLU G 426 -7.70 39.69 3.18
N ASN G 427 -7.28 40.95 3.15
CA ASN G 427 -8.17 42.05 2.80
C ASN G 427 -8.69 41.92 1.37
N LEU G 428 -7.83 41.49 0.45
CA LEU G 428 -8.23 41.25 -0.97
C LEU G 428 -9.21 40.10 -1.11
N LEU G 429 -8.96 39.04 -0.34
CA LEU G 429 -9.82 37.89 -0.27
C LEU G 429 -11.21 38.26 0.25
N GLU G 430 -11.26 39.14 1.25
CA GLU G 430 -12.53 39.62 1.79
C GLU G 430 -13.32 40.38 0.73
N MSE G 431 -12.65 41.21 -0.07
CA MSE G 431 -13.29 41.90 -1.19
C MSE G 431 -13.76 40.92 -2.26
O MSE G 431 -14.89 40.98 -2.75
CB MSE G 431 -12.33 42.88 -1.80
CG MSE G 431 -11.94 43.92 -0.80
SE MSE G 431 -10.78 45.27 -1.54
CE MSE G 431 -9.20 45.13 -0.24
N TYR G 432 -12.88 40.00 -2.62
CA TYR G 432 -13.22 38.96 -3.59
C TYR G 432 -14.50 38.21 -3.23
N ASN G 433 -14.61 37.86 -1.96
CA ASN G 433 -15.77 37.13 -1.46
C ASN G 433 -16.97 37.99 -1.14
N GLY G 434 -16.83 39.31 -1.23
CA GLY G 434 -17.92 40.24 -1.00
C GLY G 434 -18.08 41.16 -2.20
N GLU G 435 -17.73 42.42 -2.04
CA GLU G 435 -18.07 43.44 -3.04
C GLU G 435 -17.66 43.10 -4.49
N TRP G 436 -16.57 42.35 -4.68
CA TRP G 436 -16.08 42.04 -6.05
C TRP G 436 -16.88 40.97 -6.76
N GLY G 437 -17.72 40.28 -6.02
CA GLY G 437 -18.55 39.24 -6.59
C GLY G 437 -17.78 38.05 -7.13
N GLN G 438 -16.67 37.72 -6.49
CA GLN G 438 -15.84 36.56 -6.90
C GLN G 438 -15.21 36.70 -8.28
N SER G 439 -14.79 37.91 -8.59
CA SER G 439 -13.97 38.16 -9.74
C SER G 439 -12.74 38.86 -9.22
N VAL G 440 -11.59 38.60 -9.83
CA VAL G 440 -10.37 39.34 -9.50
C VAL G 440 -10.24 40.64 -10.30
N ASP G 441 -11.07 40.80 -11.33
CA ASP G 441 -10.97 41.97 -12.19
C ASP G 441 -10.92 43.30 -11.43
N PRO G 442 -11.72 43.44 -10.36
CA PRO G 442 -11.61 44.69 -9.58
C PRO G 442 -10.26 44.97 -8.90
N VAL G 443 -9.38 43.96 -8.82
CA VAL G 443 -8.03 44.17 -8.24
C VAL G 443 -7.16 45.07 -9.11
N PHE G 444 -7.46 45.11 -10.42
CA PHE G 444 -6.75 45.96 -11.39
C PHE G 444 -7.14 47.45 -11.26
N GLN G 445 -8.19 47.78 -10.52
CA GLN G 445 -8.45 49.17 -10.07
C GLN G 445 -7.99 49.35 -8.61
N GLU G 446 -8.31 48.40 -7.76
CA GLU G 446 -7.93 48.45 -6.34
C GLU G 446 -6.43 48.70 -6.09
N LEU G 447 -5.58 47.95 -6.81
CA LEU G 447 -4.12 48.05 -6.65
C LEU G 447 -3.44 48.63 -7.91
N LEU G 448 -4.20 49.42 -8.66
CA LEU G 448 -3.64 50.29 -9.68
C LEU G 448 -2.70 51.34 -9.10
N TYR G 449 -1.48 51.42 -9.63
CA TYR G 449 -0.65 52.58 -9.38
C TYR G 449 -1.23 53.78 -10.12
N GLU H 14 27.75 105.77 -12.40
CA GLU H 14 26.93 106.20 -13.58
C GLU H 14 25.41 105.94 -13.39
N PRO H 15 24.66 106.96 -12.88
CA PRO H 15 23.21 106.82 -12.71
C PRO H 15 22.49 106.10 -13.85
N LEU H 16 21.46 105.32 -13.55
CA LEU H 16 20.62 104.77 -14.62
C LEU H 16 19.81 105.88 -15.28
N THR H 17 19.61 105.74 -16.59
CA THR H 17 18.71 106.59 -17.35
C THR H 17 17.55 105.73 -17.84
N ARG H 18 16.55 106.39 -18.41
CA ARG H 18 15.45 105.73 -19.06
C ARG H 18 15.89 104.79 -20.18
N GLU H 19 16.92 105.20 -20.92
CA GLU H 19 17.51 104.38 -21.99
C GLU H 19 18.06 103.06 -21.42
N ASP H 20 18.61 103.10 -20.22
CA ASP H 20 19.10 101.89 -19.54
C ASP H 20 17.95 100.97 -19.16
N LEU H 21 16.83 101.55 -18.76
CA LEU H 21 15.64 100.81 -18.37
C LEU H 21 15.00 100.10 -19.56
N ILE H 22 15.06 100.74 -20.72
CA ILE H 22 14.60 100.14 -21.98
C ILE H 22 15.50 98.98 -22.38
N ALA H 23 16.81 99.19 -22.31
CA ALA H 23 17.78 98.12 -22.59
C ALA H 23 17.66 96.96 -21.61
N TYR H 24 17.30 97.23 -20.36
CA TYR H 24 17.10 96.12 -19.41
C TYR H 24 16.08 95.14 -19.93
N LEU H 25 14.94 95.64 -20.35
CA LEU H 25 13.86 94.78 -20.90
C LEU H 25 14.33 94.06 -22.16
N ALA H 26 14.96 94.81 -23.05
CA ALA H 26 15.48 94.29 -24.29
C ALA H 26 16.54 93.21 -24.07
N SER H 27 17.23 93.27 -22.92
CA SER H 27 18.25 92.28 -22.58
C SER H 27 17.67 90.87 -22.43
N GLY H 28 16.35 90.74 -22.31
CA GLY H 28 15.69 89.44 -22.23
C GLY H 28 15.54 88.70 -23.54
N CYS H 29 15.85 89.36 -24.65
CA CYS H 29 15.78 88.70 -25.97
C CYS H 29 16.72 87.53 -25.99
N LYS H 30 16.19 86.38 -26.42
CA LYS H 30 17.01 85.24 -26.71
C LYS H 30 16.52 84.49 -27.94
N SER H 31 17.47 83.82 -28.59
CA SER H 31 17.17 83.04 -29.79
C SER H 31 16.29 81.87 -29.42
N LYS H 32 15.58 81.37 -30.44
CA LYS H 32 14.53 80.36 -30.24
C LYS H 32 14.98 79.12 -29.52
N GLU H 33 16.21 78.68 -29.79
CA GLU H 33 16.71 77.44 -29.17
C GLU H 33 16.94 77.63 -27.65
N LYS H 34 16.99 78.88 -27.20
CA LYS H 34 17.17 79.23 -25.80
C LYS H 34 15.83 79.52 -25.07
N TRP H 35 14.70 79.45 -25.79
CA TRP H 35 13.40 79.73 -25.19
C TRP H 35 13.07 78.65 -24.20
N ARG H 36 12.56 79.08 -23.05
CA ARG H 36 12.15 78.18 -21.99
C ARG H 36 10.73 78.45 -21.54
N ILE H 37 10.27 77.59 -20.64
CA ILE H 37 8.95 77.68 -20.07
C ILE H 37 9.09 77.73 -18.56
N GLY H 38 8.55 78.78 -17.96
CA GLY H 38 8.54 78.93 -16.52
C GLY H 38 7.12 78.97 -16.02
N THR H 39 6.81 78.14 -15.05
CA THR H 39 5.45 77.96 -14.59
C THR H 39 5.39 78.27 -13.09
N GLU H 40 4.38 79.06 -12.70
CA GLU H 40 4.08 79.40 -11.32
C GLU H 40 2.63 79.06 -11.01
N HIS H 41 2.38 78.56 -9.81
CA HIS H 41 1.00 78.41 -9.35
C HIS H 41 0.94 78.62 -7.83
N GLU H 42 -0.25 78.98 -7.36
CA GLU H 42 -0.54 79.18 -5.95
C GLU H 42 -1.67 78.22 -5.56
N LYS H 43 -1.65 77.76 -4.30
CA LYS H 43 -2.64 76.82 -3.75
C LYS H 43 -3.07 77.32 -2.37
N PHE H 44 -4.30 77.03 -1.98
CA PHE H 44 -4.83 77.30 -0.64
C PHE H 44 -4.58 76.11 0.27
N GLY H 45 -3.93 76.33 1.39
CA GLY H 45 -3.77 75.31 2.42
C GLY H 45 -4.90 75.41 3.43
N PHE H 46 -5.35 74.27 3.90
CA PHE H 46 -6.40 74.20 4.88
C PHE H 46 -6.26 73.00 5.82
N GLU H 47 -6.85 73.13 7.01
CA GLU H 47 -6.97 72.02 7.94
C GLU H 47 -8.05 71.07 7.44
N VAL H 48 -7.68 69.81 7.24
CA VAL H 48 -8.60 68.82 6.64
C VAL H 48 -9.89 68.63 7.45
N ASN H 49 -9.81 68.74 8.77
CA ASN H 49 -10.97 68.48 9.64
C ASN H 49 -11.90 69.69 9.78
N THR H 50 -11.34 70.88 9.90
CA THR H 50 -12.15 72.08 10.12
C THR H 50 -12.36 72.89 8.85
N LEU H 51 -11.57 72.59 7.82
CA LEU H 51 -11.51 73.36 6.56
C LEU H 51 -10.94 74.76 6.72
N ARG H 52 -10.43 75.07 7.91
CA ARG H 52 -9.92 76.43 8.21
C ARG H 52 -8.66 76.71 7.44
N PRO H 53 -8.44 77.97 7.09
CA PRO H 53 -7.25 78.30 6.34
C PRO H 53 -6.02 78.07 7.18
N MSE H 54 -4.98 77.54 6.55
CA MSE H 54 -3.71 77.28 7.19
C MSE H 54 -3.12 78.59 7.68
O MSE H 54 -3.07 79.57 6.93
CB MSE H 54 -2.83 76.59 6.15
CG MSE H 54 -1.42 76.30 6.53
SE MSE H 54 -0.57 75.53 4.91
CE MSE H 54 -0.64 77.00 3.52
N LYS H 55 -2.69 78.61 8.95
CA LYS H 55 -2.08 79.77 9.57
C LYS H 55 -0.56 79.82 9.38
N TYR H 56 0.04 80.97 9.72
CA TYR H 56 1.50 81.15 9.54
C TYR H 56 2.33 80.12 10.35
N ASP H 57 1.92 79.81 11.57
CA ASP H 57 2.67 78.87 12.39
C ASP H 57 2.74 77.45 11.76
N GLN H 58 1.66 77.05 11.09
CA GLN H 58 1.60 75.80 10.35
C GLN H 58 2.41 75.89 9.05
N ILE H 59 2.38 77.05 8.42
CA ILE H 59 3.15 77.30 7.22
C ILE H 59 4.65 77.20 7.51
N ALA H 60 5.07 77.78 8.63
CA ALA H 60 6.47 77.77 9.05
C ALA H 60 7.00 76.34 9.27
N GLU H 61 6.21 75.53 9.95
CA GLU H 61 6.53 74.11 10.12
C GLU H 61 6.61 73.36 8.77
N LEU H 62 5.63 73.59 7.91
CA LEU H 62 5.63 73.03 6.58
C LEU H 62 6.93 73.35 5.84
N LEU H 63 7.27 74.62 5.73
CA LEU H 63 8.48 75.08 5.04
C LEU H 63 9.76 74.53 5.63
N ASN H 64 9.90 74.60 6.96
CA ASN H 64 11.06 74.03 7.64
C ASN H 64 11.22 72.54 7.38
N SER H 65 10.10 71.80 7.36
CA SER H 65 10.13 70.35 7.10
C SER H 65 10.51 70.02 5.65
N ILE H 66 9.94 70.76 4.70
CA ILE H 66 10.31 70.60 3.30
C ILE H 66 11.83 70.85 3.12
N ALA H 67 12.33 71.94 3.70
CA ALA H 67 13.74 72.32 3.55
C ALA H 67 14.68 71.23 4.03
N GLU H 68 14.32 70.65 5.18
CA GLU H 68 15.11 69.64 5.86
C GLU H 68 15.06 68.25 5.17
N ARG H 69 13.87 67.83 4.75
CA ARG H 69 13.68 66.53 4.06
C ARG H 69 14.15 66.50 2.60
N PHE H 70 13.89 67.60 1.89
CA PHE H 70 14.09 67.65 0.47
C PHE H 70 15.15 68.64 0.01
N GLU H 71 15.94 69.16 0.94
CA GLU H 71 17.12 69.97 0.64
C GLU H 71 16.84 71.31 -0.10
N TRP H 72 16.11 72.17 0.57
CA TRP H 72 15.81 73.52 0.11
C TRP H 72 16.47 74.49 1.05
N GLU H 73 16.96 75.58 0.47
CA GLU H 73 17.55 76.69 1.24
C GLU H 73 16.38 77.53 1.79
N LYS H 74 16.47 77.92 3.06
CA LYS H 74 15.44 78.72 3.74
C LYS H 74 15.55 80.21 3.37
N VAL H 75 14.41 80.82 3.04
CA VAL H 75 14.34 82.25 2.74
C VAL H 75 13.66 82.90 3.94
N MSE H 76 14.37 83.87 4.54
CA MSE H 76 13.94 84.49 5.79
C MSE H 76 13.56 85.94 5.55
O MSE H 76 14.10 86.59 4.66
CB MSE H 76 15.06 84.45 6.85
CG MSE H 76 15.72 83.08 7.05
SE MSE H 76 14.50 81.80 7.82
CE MSE H 76 14.44 82.35 9.68
N GLU H 77 12.58 86.41 6.32
CA GLU H 77 12.37 87.84 6.49
C GLU H 77 12.47 88.08 7.97
N GLY H 78 13.58 88.70 8.39
CA GLY H 78 13.91 88.79 9.79
C GLY H 78 14.13 87.39 10.33
N ASP H 79 13.43 87.08 11.42
CA ASP H 79 13.53 85.75 12.03
C ASP H 79 12.41 84.81 11.59
N LYS H 80 11.65 85.20 10.55
CA LYS H 80 10.53 84.42 10.03
C LYS H 80 10.91 83.79 8.70
N ILE H 81 10.76 82.47 8.61
CA ILE H 81 10.87 81.79 7.34
C ILE H 81 9.64 82.14 6.50
N ILE H 82 9.86 82.55 5.25
CA ILE H 82 8.78 82.95 4.36
C ILE H 82 8.79 82.20 3.02
N GLY H 83 9.82 81.40 2.81
CA GLY H 83 9.98 80.74 1.55
C GLY H 83 11.15 79.81 1.51
N LEU H 84 11.33 79.21 0.34
CA LEU H 84 12.40 78.27 0.10
C LEU H 84 12.94 78.48 -1.30
N LYS H 85 14.19 78.04 -1.48
CA LYS H 85 14.91 78.16 -2.72
C LYS H 85 15.67 76.86 -2.99
N GLN H 86 15.61 76.37 -4.23
CA GLN H 86 16.41 75.23 -4.67
C GLN H 86 16.73 75.36 -6.15
N GLY H 87 17.99 75.61 -6.49
CA GLY H 87 18.36 75.89 -7.89
C GLY H 87 17.58 77.09 -8.39
N LYS H 88 16.90 76.92 -9.53
CA LYS H 88 16.09 77.98 -10.10
C LYS H 88 14.62 77.89 -9.73
N GLN H 89 14.30 77.10 -8.69
CA GLN H 89 12.94 76.99 -8.15
C GLN H 89 12.83 77.77 -6.84
N SER H 90 11.65 78.31 -6.58
CA SER H 90 11.33 78.97 -5.32
C SER H 90 9.95 78.53 -4.86
N ILE H 91 9.80 78.44 -3.55
CA ILE H 91 8.50 78.33 -2.90
C ILE H 91 8.32 79.61 -2.08
N SER H 92 7.19 80.29 -2.26
CA SER H 92 6.90 81.53 -1.53
C SER H 92 5.47 81.57 -1.03
N LEU H 93 5.16 82.64 -0.29
CA LEU H 93 3.84 82.86 0.27
C LEU H 93 3.18 84.11 -0.27
N GLU H 94 1.90 83.98 -0.64
CA GLU H 94 1.08 85.12 -1.00
C GLU H 94 0.51 85.73 0.28
N PRO H 95 -0.09 86.94 0.21
CA PRO H 95 -0.52 87.65 1.43
C PRO H 95 -1.45 86.88 2.38
N GLY H 96 -2.29 86.00 1.84
CA GLY H 96 -3.18 85.18 2.65
C GLY H 96 -2.66 83.78 2.96
N GLY H 97 -1.38 83.53 2.70
CA GLY H 97 -0.76 82.25 2.98
C GLY H 97 -0.89 81.26 1.86
N GLN H 98 -1.35 81.73 0.69
CA GLN H 98 -1.39 80.89 -0.50
C GLN H 98 0.04 80.44 -0.82
N PHE H 99 0.17 79.14 -1.09
CA PHE H 99 1.45 78.42 -1.14
C PHE H 99 1.90 78.28 -2.62
N GLU H 100 2.96 79.02 -2.96
CA GLU H 100 3.31 79.22 -4.35
C GLU H 100 4.62 78.52 -4.74
N LEU H 101 4.62 77.83 -5.88
CA LEU H 101 5.86 77.36 -6.52
C LEU H 101 6.11 78.21 -7.75
N SER H 102 7.31 78.78 -7.85
CA SER H 102 7.82 79.30 -9.11
C SER H 102 8.87 78.32 -9.57
N GLY H 103 8.58 77.65 -10.69
CA GLY H 103 9.42 76.62 -11.22
C GLY H 103 10.61 77.17 -11.98
N ALA H 104 11.48 76.26 -12.39
CA ALA H 104 12.65 76.61 -13.16
C ALA H 104 12.30 76.83 -14.66
N PRO H 105 13.23 77.44 -15.41
CA PRO H 105 13.03 77.54 -16.86
C PRO H 105 13.25 76.18 -17.52
N LEU H 106 12.20 75.63 -18.11
CA LEU H 106 12.31 74.28 -18.60
C LEU H 106 12.13 74.28 -20.10
N GLU H 107 12.65 73.23 -20.72
CA GLU H 107 12.59 73.12 -22.16
C GLU H 107 11.30 72.52 -22.67
N THR H 108 10.76 71.50 -21.99
CA THR H 108 9.53 70.84 -22.40
C THR H 108 8.47 70.81 -21.31
N LEU H 109 7.23 70.63 -21.72
CA LEU H 109 6.10 70.55 -20.82
C LEU H 109 6.06 69.23 -20.02
N HIS H 110 6.74 68.20 -20.53
CA HIS H 110 6.93 66.95 -19.79
C HIS H 110 7.74 67.24 -18.52
N GLN H 111 8.78 68.06 -18.67
CA GLN H 111 9.60 68.53 -17.53
C GLN H 111 8.79 69.42 -16.59
N THR H 112 7.96 70.28 -17.16
CA THR H 112 7.06 71.15 -16.41
C THR H 112 6.14 70.36 -15.50
N CYS H 113 5.45 69.38 -16.05
CA CYS H 113 4.50 68.61 -15.26
C CYS H 113 5.17 67.71 -14.21
N ALA H 114 6.36 67.20 -14.50
CA ALA H 114 7.13 66.42 -13.53
C ALA H 114 7.52 67.33 -12.38
N GLU H 115 7.83 68.59 -12.69
CA GLU H 115 8.19 69.60 -11.71
C GLU H 115 7.03 69.88 -10.78
N VAL H 116 5.84 70.04 -11.36
CA VAL H 116 4.59 70.17 -10.57
C VAL H 116 4.37 68.96 -9.67
N ASN H 117 4.46 67.77 -10.27
CA ASN H 117 4.31 66.54 -9.51
C ASN H 117 5.31 66.44 -8.34
N SER H 118 6.58 66.73 -8.59
CA SER H 118 7.59 66.69 -7.52
C SER H 118 7.21 67.59 -6.35
N HIS H 119 6.73 68.80 -6.67
CA HIS H 119 6.32 69.76 -5.65
C HIS H 119 5.12 69.28 -4.84
N LEU H 120 4.09 68.83 -5.54
CA LEU H 120 2.88 68.36 -4.88
C LEU H 120 3.19 67.13 -4.00
N TYR H 121 4.09 66.25 -4.46
CA TYR H 121 4.48 65.12 -3.64
C TYR H 121 5.17 65.61 -2.34
N GLN H 122 6.12 66.54 -2.46
CA GLN H 122 6.87 67.04 -1.31
C GLN H 122 5.98 67.73 -0.27
N VAL H 123 5.09 68.56 -0.78
CA VAL H 123 4.13 69.29 0.03
C VAL H 123 3.24 68.30 0.80
N LYS H 124 2.62 67.36 0.08
CA LYS H 124 1.71 66.38 0.69
C LYS H 124 2.43 65.41 1.64
N ALA H 125 3.69 65.07 1.32
CA ALA H 125 4.49 64.19 2.17
C ALA H 125 4.69 64.77 3.56
N VAL H 126 4.77 66.09 3.66
CA VAL H 126 4.86 66.77 4.94
C VAL H 126 3.47 67.10 5.52
N ALA H 127 2.60 67.65 4.67
CA ALA H 127 1.30 68.18 5.12
C ALA H 127 0.34 67.13 5.67
N GLU H 128 0.42 65.91 5.14
CA GLU H 128 -0.46 64.83 5.59
C GLU H 128 -0.32 64.53 7.07
N GLU H 129 0.92 64.50 7.55
CA GLU H 129 1.19 64.26 8.98
C GLU H 129 0.62 65.42 9.81
N MSE H 130 0.53 66.60 9.23
CA MSE H 130 0.05 67.80 9.93
C MSE H 130 -1.46 68.01 9.87
O MSE H 130 -1.96 68.99 10.42
CB MSE H 130 0.70 69.04 9.32
CG MSE H 130 2.19 69.08 9.45
SE MSE H 130 2.82 70.74 8.59
CE MSE H 130 1.75 72.13 9.63
N GLY H 131 -2.17 67.13 9.19
CA GLY H 131 -3.59 67.29 8.97
C GLY H 131 -3.93 68.45 8.05
N ILE H 132 -3.03 68.76 7.11
CA ILE H 132 -3.23 69.86 6.16
C ILE H 132 -3.46 69.33 4.75
N GLY H 133 -4.42 69.93 4.05
CA GLY H 133 -4.63 69.72 2.62
C GLY H 133 -4.47 70.99 1.80
N PHE H 134 -4.39 70.82 0.49
CA PHE H 134 -4.31 71.93 -0.43
C PHE H 134 -5.43 71.88 -1.48
N LEU H 135 -5.99 73.06 -1.75
CA LEU H 135 -7.13 73.25 -2.61
C LEU H 135 -6.72 74.02 -3.84
N GLY H 136 -7.07 73.49 -5.02
CA GLY H 136 -6.77 74.09 -6.32
C GLY H 136 -7.99 74.75 -6.92
N MSE H 137 -8.18 76.03 -6.60
CA MSE H 137 -9.28 76.87 -7.07
C MSE H 137 -8.80 78.28 -7.24
O MSE H 137 -7.77 78.65 -6.68
CB MSE H 137 -10.37 76.95 -6.04
CG MSE H 137 -11.18 75.73 -5.92
SE MSE H 137 -12.83 76.14 -4.95
CE MSE H 137 -13.90 76.99 -6.42
N GLY H 138 -9.60 79.10 -7.93
CA GLY H 138 -9.21 80.49 -8.15
C GLY H 138 -9.54 81.48 -7.03
N PHE H 139 -10.57 81.15 -6.24
CA PHE H 139 -11.00 81.99 -5.14
C PHE H 139 -11.43 81.10 -3.98
N GLN H 140 -11.04 81.53 -2.78
CA GLN H 140 -11.35 80.85 -1.51
C GLN H 140 -12.89 80.74 -1.36
N PRO H 141 -13.46 79.51 -1.45
CA PRO H 141 -14.90 79.35 -1.55
C PRO H 141 -15.73 79.44 -0.27
N LYS H 142 -15.08 79.43 0.89
CA LYS H 142 -15.76 79.27 2.18
C LYS H 142 -15.63 80.46 3.12
N TRP H 143 -14.43 81.01 3.24
CA TRP H 143 -14.11 81.91 4.33
C TRP H 143 -14.17 83.38 3.88
N ARG H 144 -14.46 84.23 4.85
CA ARG H 144 -14.49 85.68 4.65
C ARG H 144 -13.08 86.23 4.62
N ARG H 145 -12.97 87.48 4.14
CA ARG H 145 -11.70 88.20 4.05
C ARG H 145 -11.01 88.31 5.42
N GLU H 146 -11.79 88.57 6.45
CA GLU H 146 -11.24 88.73 7.79
C GLU H 146 -10.91 87.41 8.48
N ASP H 147 -11.31 86.28 7.89
CA ASP H 147 -10.96 84.94 8.36
C ASP H 147 -9.61 84.49 7.85
N ILE H 148 -9.05 85.19 6.88
CA ILE H 148 -7.79 84.78 6.24
C ILE H 148 -6.61 85.26 7.07
N PRO H 149 -5.68 84.34 7.45
CA PRO H 149 -4.45 84.75 8.14
C PRO H 149 -3.58 85.61 7.23
N THR H 150 -2.92 86.63 7.79
CA THR H 150 -1.98 87.46 6.99
C THR H 150 -0.53 87.07 7.31
N MSE H 151 0.30 87.12 6.28
CA MSE H 151 1.69 86.70 6.38
C MSE H 151 2.52 87.81 7.01
O MSE H 151 2.26 88.99 6.78
CB MSE H 151 2.23 86.31 5.00
CG MSE H 151 1.53 85.06 4.41
SE MSE H 151 1.41 83.55 5.69
CE MSE H 151 -0.44 83.62 6.26
N PRO H 152 3.55 87.42 7.79
CA PRO H 152 4.44 88.45 8.37
C PRO H 152 5.46 88.97 7.36
N LYS H 153 4.96 89.66 6.32
CA LYS H 153 5.80 90.19 5.24
C LYS H 153 5.56 91.70 5.01
N GLY H 154 6.60 92.49 5.30
CA GLY H 154 6.55 93.93 5.24
C GLY H 154 6.02 94.51 3.96
N ARG H 155 6.35 93.91 2.82
CA ARG H 155 5.88 94.43 1.54
C ARG H 155 4.34 94.34 1.43
N TYR H 156 3.77 93.28 1.99
CA TYR H 156 2.32 93.05 1.99
C TYR H 156 1.59 93.97 2.96
N ASP H 157 2.24 94.35 4.06
CA ASP H 157 1.68 95.33 4.97
C ASP H 157 1.52 96.70 4.30
N ILE H 158 2.49 97.09 3.49
CA ILE H 158 2.43 98.32 2.68
C ILE H 158 1.27 98.25 1.69
N MSE H 159 1.19 97.14 0.96
CA MSE H 159 0.13 96.93 -0.04
C MSE H 159 -1.26 96.91 0.55
O MSE H 159 -2.18 97.50 -0.01
CB MSE H 159 0.35 95.64 -0.79
CG MSE H 159 1.48 95.76 -1.78
SE MSE H 159 1.81 94.04 -2.67
CE MSE H 159 0.08 93.95 -3.68
N ARG H 160 -1.42 96.21 1.67
CA ARG H 160 -2.73 96.11 2.30
C ARG H 160 -3.27 97.49 2.72
N ASN H 161 -2.38 98.34 3.20
CA ASN H 161 -2.74 99.69 3.57
C ASN H 161 -3.10 100.56 2.34
N TYR H 162 -2.50 100.26 1.20
CA TYR H 162 -2.72 101.03 -0.03
C TYR H 162 -3.97 100.64 -0.81
N MSE H 163 -4.29 99.34 -0.80
CA MSE H 163 -5.36 98.79 -1.61
C MSE H 163 -6.72 99.51 -1.49
O MSE H 163 -7.36 99.76 -2.51
CB MSE H 163 -5.56 97.28 -1.35
CG MSE H 163 -4.52 96.39 -1.96
SE MSE H 163 -4.33 96.58 -3.91
CE MSE H 163 -2.98 95.24 -4.21
N PRO H 164 -7.18 99.82 -0.25
CA PRO H 164 -8.45 100.52 -0.10
C PRO H 164 -8.50 101.92 -0.73
N LYS H 165 -7.35 102.54 -0.98
CA LYS H 165 -7.29 103.86 -1.63
C LYS H 165 -7.51 103.76 -3.15
N VAL H 166 -7.37 102.57 -3.75
CA VAL H 166 -7.42 102.44 -5.21
C VAL H 166 -8.47 101.48 -5.77
N GLY H 167 -9.22 100.83 -4.89
CA GLY H 167 -10.24 99.89 -5.31
C GLY H 167 -10.86 99.23 -4.12
N SER H 168 -11.92 98.48 -4.34
CA SER H 168 -12.62 97.83 -3.25
C SER H 168 -12.35 96.30 -3.19
N LEU H 169 -11.71 95.75 -4.22
CA LEU H 169 -11.46 94.30 -4.25
C LEU H 169 -10.00 93.87 -4.18
N GLY H 170 -9.08 94.83 -4.09
CA GLY H 170 -7.63 94.50 -4.07
C GLY H 170 -7.17 93.66 -2.88
N LEU H 171 -7.82 93.83 -1.74
CA LEU H 171 -7.53 92.98 -0.56
C LEU H 171 -7.96 91.53 -0.79
N ASP H 172 -9.05 91.34 -1.55
CA ASP H 172 -9.49 90.00 -1.93
C ASP H 172 -8.53 89.36 -2.93
N MSE H 173 -8.02 90.15 -3.86
CA MSE H 173 -6.95 89.70 -4.72
C MSE H 173 -5.80 89.16 -3.88
O MSE H 173 -5.31 88.06 -4.11
CB MSE H 173 -6.48 90.82 -5.68
CG MSE H 173 -5.38 90.40 -6.64
SE MSE H 173 -3.52 90.49 -5.82
CE MSE H 173 -3.35 92.51 -5.96
N MSE H 174 -5.37 89.96 -2.90
CA MSE H 174 -4.23 89.59 -2.05
C MSE H 174 -4.45 88.34 -1.21
O MSE H 174 -3.58 87.47 -1.14
CB MSE H 174 -3.91 90.77 -1.14
CG MSE H 174 -3.34 91.94 -1.93
SE MSE H 174 -2.74 93.36 -0.78
CE MSE H 174 -1.12 92.45 -0.01
N LEU H 175 -5.60 88.27 -0.59
CA LEU H 175 -5.88 87.31 0.46
C LEU H 175 -6.61 86.06 0.05
N ARG H 176 -7.33 86.12 -1.09
CA ARG H 176 -8.30 85.10 -1.41
C ARG H 176 -8.29 84.56 -2.82
N THR H 177 -7.31 84.94 -3.64
CA THR H 177 -7.20 84.39 -5.00
C THR H 177 -5.95 83.47 -5.23
N CYS H 178 -6.09 82.53 -6.16
CA CYS H 178 -4.97 81.69 -6.60
C CYS H 178 -4.97 81.64 -8.12
N THR H 179 -3.76 81.74 -8.68
CA THR H 179 -3.52 81.73 -10.12
C THR H 179 -2.59 80.59 -10.52
N VAL H 180 -2.65 80.20 -11.79
CA VAL H 180 -1.58 79.47 -12.45
C VAL H 180 -1.12 80.34 -13.63
N GLN H 181 0.18 80.63 -13.67
CA GLN H 181 0.71 81.45 -14.72
C GLN H 181 1.93 80.84 -15.40
N VAL H 182 2.22 81.34 -16.60
CA VAL H 182 3.36 80.87 -17.43
C VAL H 182 4.19 82.07 -17.90
N ASN H 183 5.51 81.87 -17.86
CA ASN H 183 6.49 82.82 -18.30
C ASN H 183 7.14 82.29 -19.56
N LEU H 184 7.23 83.13 -20.57
CA LEU H 184 7.73 82.75 -21.89
C LEU H 184 8.64 83.83 -22.46
N ASP H 185 9.49 83.41 -23.39
CA ASP H 185 10.56 84.24 -23.94
C ASP H 185 10.24 84.84 -25.31
N PHE H 186 10.96 85.90 -25.62
CA PHE H 186 10.89 86.55 -26.94
C PHE H 186 12.33 86.69 -27.49
N SER H 187 12.44 86.78 -28.82
CA SER H 187 13.71 86.80 -29.51
C SER H 187 14.15 88.18 -30.00
N SER H 188 13.18 89.09 -30.09
CA SER H 188 13.41 90.41 -30.62
C SER H 188 12.26 91.32 -30.17
N GLU H 189 12.38 92.61 -30.43
CA GLU H 189 11.28 93.55 -30.14
C GLU H 189 10.04 93.23 -30.96
N ALA H 190 10.21 92.95 -32.24
CA ALA H 190 9.08 92.56 -33.11
C ALA H 190 8.38 91.30 -32.61
N ASP H 191 9.15 90.32 -32.17
CA ASP H 191 8.60 89.08 -31.63
C ASP H 191 7.85 89.34 -30.33
N MSE H 192 8.46 90.13 -29.47
CA MSE H 192 7.84 90.59 -28.21
C MSE H 192 6.49 91.24 -28.46
O MSE H 192 5.50 90.89 -27.80
CB MSE H 192 8.78 91.58 -27.50
CG MSE H 192 8.37 92.07 -26.14
SE MSE H 192 7.04 93.57 -26.20
CE MSE H 192 8.13 95.06 -26.80
N ILE H 193 6.46 92.18 -29.39
CA ILE H 193 5.24 92.91 -29.72
C ILE H 193 4.13 91.96 -30.17
N ARG H 194 4.47 91.06 -31.08
CA ARG H 194 3.56 90.05 -31.61
C ARG H 194 3.02 89.09 -30.54
N LYS H 195 3.88 88.64 -29.65
CA LYS H 195 3.48 87.77 -28.54
C LYS H 195 2.61 88.48 -27.50
N PHE H 196 2.93 89.74 -27.22
CA PHE H 196 2.17 90.58 -26.28
C PHE H 196 0.74 90.78 -26.81
N ARG H 197 0.61 91.07 -28.11
CA ARG H 197 -0.73 91.29 -28.71
C ARG H 197 -1.57 90.02 -28.78
N ALA H 198 -0.92 88.91 -29.12
CA ALA H 198 -1.58 87.61 -29.15
C ALA H 198 -1.99 87.20 -27.74
N GLY H 199 -1.09 87.40 -26.77
CA GLY H 199 -1.36 87.10 -25.35
C GLY H 199 -2.51 87.90 -24.77
N LEU H 200 -2.52 89.23 -25.01
CA LEU H 200 -3.60 90.09 -24.50
C LEU H 200 -4.93 89.75 -25.14
N ALA H 201 -4.97 89.68 -26.47
CA ALA H 201 -6.21 89.38 -27.19
C ALA H 201 -6.84 88.07 -26.75
N LEU H 202 -6.02 87.03 -26.58
CA LEU H 202 -6.51 85.71 -26.22
C LEU H 202 -6.67 85.46 -24.71
N GLN H 203 -6.26 86.41 -23.89
CA GLN H 203 -6.29 86.21 -22.43
C GLN H 203 -7.67 85.88 -21.88
N PRO H 204 -8.73 86.63 -22.29
CA PRO H 204 -10.11 86.25 -21.94
C PRO H 204 -10.53 84.81 -22.26
N ILE H 205 -9.98 84.24 -23.33
CA ILE H 205 -10.21 82.83 -23.65
C ILE H 205 -9.55 81.91 -22.64
N ALA H 206 -8.29 82.17 -22.28
CA ALA H 206 -7.62 81.43 -21.22
C ALA H 206 -8.42 81.55 -19.90
N THR H 207 -8.83 82.76 -19.56
CA THR H 207 -9.65 82.96 -18.37
C THR H 207 -10.91 82.09 -18.37
N ALA H 208 -11.61 82.04 -19.50
CA ALA H 208 -12.82 81.21 -19.65
C ALA H 208 -12.54 79.73 -19.51
N LEU H 209 -11.50 79.22 -20.19
CA LEU H 209 -11.17 77.77 -20.14
C LEU H 209 -10.79 77.31 -18.76
N PHE H 210 -10.19 78.18 -17.96
CA PHE H 210 -9.66 77.83 -16.64
C PHE H 210 -10.52 78.38 -15.47
N ALA H 211 -11.64 79.00 -15.81
CA ALA H 211 -12.57 79.56 -14.83
C ALA H 211 -12.92 78.53 -13.77
N ASN H 212 -12.64 78.91 -12.52
CA ASN H 212 -12.67 78.00 -11.40
C ASN H 212 -12.87 78.73 -10.08
N SER H 213 -13.76 79.70 -10.03
CA SER H 213 -14.05 80.44 -8.78
C SER H 213 -15.50 80.96 -8.70
N PRO H 214 -16.49 80.03 -8.68
CA PRO H 214 -17.89 80.36 -8.60
C PRO H 214 -18.48 80.51 -7.20
N PHE H 215 -17.68 80.31 -6.16
CA PHE H 215 -18.14 80.34 -4.77
C PHE H 215 -17.52 81.46 -3.96
N THR H 216 -18.36 82.09 -3.13
CA THR H 216 -17.91 83.03 -2.12
C THR H 216 -18.68 82.80 -0.81
N GLU H 217 -17.94 82.61 0.27
CA GLU H 217 -18.55 82.41 1.60
C GLU H 217 -19.64 81.35 1.59
N GLY H 218 -19.33 80.22 0.96
CA GLY H 218 -20.18 79.03 1.02
C GLY H 218 -21.35 78.99 0.04
N LYS H 219 -21.41 79.97 -0.86
CA LYS H 219 -22.54 80.10 -1.77
C LYS H 219 -22.08 80.52 -3.15
N PRO H 220 -22.87 80.23 -4.20
CA PRO H 220 -22.56 80.81 -5.52
C PRO H 220 -22.50 82.34 -5.46
N ASN H 221 -21.46 82.91 -6.08
CA ASN H 221 -21.26 84.36 -6.15
C ASN H 221 -21.79 85.00 -7.45
N GLY H 222 -22.34 84.19 -8.35
CA GLY H 222 -22.91 84.68 -9.61
C GLY H 222 -21.89 84.76 -10.76
N PHE H 223 -20.63 84.43 -10.45
CA PHE H 223 -19.55 84.49 -11.39
C PHE H 223 -19.07 83.06 -11.67
N LEU H 224 -18.36 82.91 -12.78
CA LEU H 224 -17.61 81.69 -13.08
C LEU H 224 -16.15 81.88 -12.65
N SER H 225 -15.56 83.05 -12.93
CA SER H 225 -14.27 83.48 -12.37
C SER H 225 -14.44 84.79 -11.58
N MSE H 226 -14.79 84.66 -10.30
CA MSE H 226 -14.77 85.75 -9.36
C MSE H 226 -13.37 86.37 -9.27
O MSE H 226 -13.21 87.58 -9.12
CB MSE H 226 -15.24 85.27 -7.96
CG MSE H 226 -15.37 86.34 -6.89
SE MSE H 226 -16.24 88.02 -7.48
CE MSE H 226 -18.06 87.67 -6.72
N ARG H 227 -12.36 85.51 -9.35
CA ARG H 227 -10.96 85.93 -9.36
C ARG H 227 -10.67 86.95 -10.46
N SER H 228 -11.09 86.64 -11.68
CA SER H 228 -10.88 87.53 -12.81
C SER H 228 -11.63 88.86 -12.62
N HIS H 229 -12.86 88.78 -12.14
CA HIS H 229 -13.61 90.00 -11.81
C HIS H 229 -12.90 90.90 -10.77
N ILE H 230 -12.39 90.28 -9.71
CA ILE H 230 -11.64 90.97 -8.65
C ILE H 230 -10.50 91.83 -9.22
N TRP H 231 -9.84 91.32 -10.26
CA TRP H 231 -8.79 92.08 -10.90
C TRP H 231 -9.26 93.34 -11.62
N THR H 232 -10.57 93.48 -11.85
CA THR H 232 -11.15 94.70 -12.43
C THR H 232 -11.50 95.79 -11.39
N ASP H 233 -11.40 95.48 -10.10
CA ASP H 233 -11.57 96.49 -9.06
C ASP H 233 -10.46 96.38 -8.02
N THR H 234 -9.22 96.27 -8.49
CA THR H 234 -8.04 96.17 -7.62
C THR H 234 -7.29 97.51 -7.62
N ASP H 235 -6.88 97.95 -8.81
CA ASP H 235 -6.13 99.19 -9.04
C ASP H 235 -6.03 99.45 -10.53
N LYS H 236 -6.75 100.45 -10.99
CA LYS H 236 -6.86 100.80 -12.41
C LYS H 236 -5.50 101.19 -13.02
N ASP H 237 -4.60 101.70 -12.19
CA ASP H 237 -3.28 102.17 -12.64
C ASP H 237 -2.36 101.07 -13.09
N ARG H 238 -2.62 99.83 -12.70
CA ARG H 238 -1.65 98.74 -12.95
C ARG H 238 -2.27 97.43 -13.39
N THR H 239 -3.47 97.50 -13.96
CA THR H 239 -4.19 96.31 -14.38
C THR H 239 -4.71 96.48 -15.79
N GLY H 240 -5.25 95.40 -16.36
CA GLY H 240 -6.09 95.49 -17.56
C GLY H 240 -5.50 94.98 -18.86
N MSE H 241 -6.15 95.37 -19.95
CA MSE H 241 -5.86 94.86 -21.30
C MSE H 241 -4.89 95.72 -22.14
O MSE H 241 -4.72 95.47 -23.35
CB MSE H 241 -7.18 94.73 -22.04
CG MSE H 241 -8.08 93.70 -21.43
SE MSE H 241 -7.47 91.90 -21.94
CE MSE H 241 -7.90 91.96 -23.86
N LEU H 242 -4.28 96.72 -21.51
CA LEU H 242 -3.23 97.54 -22.11
C LEU H 242 -3.46 97.88 -23.58
N PRO H 243 -4.51 98.68 -23.87
CA PRO H 243 -4.81 98.99 -25.29
C PRO H 243 -3.64 99.62 -26.06
N PHE H 244 -2.75 100.34 -25.36
CA PHE H 244 -1.61 101.01 -26.01
C PHE H 244 -0.62 100.02 -26.64
N VAL H 245 -0.69 98.77 -26.20
CA VAL H 245 0.11 97.69 -26.76
C VAL H 245 -0.23 97.49 -28.23
N PHE H 246 -1.48 97.79 -28.58
CA PHE H 246 -1.96 97.60 -29.94
C PHE H 246 -1.75 98.83 -30.82
N ASP H 247 -1.22 99.93 -30.26
CA ASP H 247 -0.88 101.10 -31.07
C ASP H 247 0.39 100.83 -31.87
N ASP H 248 0.49 101.45 -33.04
CA ASP H 248 1.65 101.31 -33.95
C ASP H 248 2.97 101.72 -33.28
N SER H 249 2.88 102.65 -32.34
CA SER H 249 4.02 103.16 -31.63
C SER H 249 4.64 102.14 -30.68
N PHE H 250 3.89 101.09 -30.32
CA PHE H 250 4.32 100.20 -29.23
C PHE H 250 5.66 99.47 -29.43
N GLY H 251 6.45 99.41 -28.36
CA GLY H 251 7.73 98.71 -28.29
C GLY H 251 8.22 98.81 -26.86
N PHE H 252 9.45 98.40 -26.60
CA PHE H 252 9.99 98.43 -25.24
C PHE H 252 9.91 99.84 -24.63
N GLU H 253 10.20 100.85 -25.44
CA GLU H 253 10.17 102.25 -25.00
C GLU H 253 8.82 102.67 -24.43
N GLN H 254 7.75 102.35 -25.15
CA GLN H 254 6.41 102.70 -24.71
C GLN H 254 6.01 101.95 -23.41
N TYR H 255 6.43 100.70 -23.25
CA TYR H 255 6.13 99.96 -22.02
C TYR H 255 6.89 100.55 -20.83
N VAL H 256 8.13 100.97 -21.05
CA VAL H 256 8.91 101.63 -20.02
C VAL H 256 8.22 102.93 -19.53
N ASP H 257 7.71 103.73 -20.45
CA ASP H 257 7.03 104.98 -20.09
C ASP H 257 5.79 104.68 -19.27
N TYR H 258 5.01 103.70 -19.71
CA TYR H 258 3.88 103.18 -18.91
C TYR H 258 4.31 102.82 -17.49
N ALA H 259 5.32 101.96 -17.36
CA ALA H 259 5.79 101.48 -16.05
C ALA H 259 6.35 102.59 -15.17
N LEU H 260 7.06 103.56 -15.80
CA LEU H 260 7.57 104.74 -15.09
C LEU H 260 6.48 105.58 -14.48
N ASP H 261 5.32 105.60 -15.11
CA ASP H 261 4.17 106.34 -14.62
C ASP H 261 3.22 105.53 -13.74
N VAL H 262 3.40 104.23 -13.59
CA VAL H 262 2.62 103.45 -12.61
C VAL H 262 3.21 103.76 -11.24
N PRO H 263 2.37 104.23 -10.29
CA PRO H 263 2.88 104.56 -8.95
C PRO H 263 3.59 103.41 -8.24
N MSE H 264 4.64 103.71 -7.47
CA MSE H 264 5.38 102.68 -6.77
C MSE H 264 4.64 102.13 -5.55
O MSE H 264 3.70 102.74 -5.07
CB MSE H 264 6.73 103.25 -6.37
CG MSE H 264 7.59 103.64 -7.54
SE MSE H 264 9.41 104.18 -6.94
CE MSE H 264 8.91 105.70 -6.27
N TYR H 265 5.07 100.96 -5.08
CA TYR H 265 4.61 100.45 -3.78
C TYR H 265 5.67 100.71 -2.71
N PHE H 266 6.91 100.33 -3.02
CA PHE H 266 7.98 100.29 -2.04
C PHE H 266 9.36 100.28 -2.70
N ALA H 267 10.39 100.47 -1.88
CA ALA H 267 11.78 100.27 -2.27
C ALA H 267 12.44 99.47 -1.16
N TYR H 268 13.31 98.56 -1.53
CA TYR H 268 13.96 97.71 -0.56
C TYR H 268 15.35 98.26 -0.22
N ARG H 269 15.55 98.67 1.03
CA ARG H 269 16.83 99.16 1.52
C ARG H 269 17.06 98.67 2.96
N ASN H 270 18.31 98.34 3.25
CA ASN H 270 18.73 97.99 4.61
C ASN H 270 17.87 96.89 5.22
N GLY H 271 17.59 95.90 4.38
CA GLY H 271 16.85 94.73 4.79
C GLY H 271 15.36 94.94 5.05
N LYS H 272 14.83 96.12 4.68
CA LYS H 272 13.39 96.34 4.79
C LYS H 272 12.79 97.14 3.64
N TYR H 273 11.46 97.03 3.56
CA TYR H 273 10.67 97.70 2.54
C TYR H 273 10.24 99.03 3.09
N VAL H 274 10.53 100.06 2.31
CA VAL H 274 10.14 101.41 2.58
C VAL H 274 8.86 101.63 1.76
N ASP H 275 7.87 102.28 2.38
CA ASP H 275 6.63 102.63 1.74
C ASP H 275 6.81 103.85 0.82
N CYS H 276 6.69 103.61 -0.49
CA CYS H 276 6.82 104.65 -1.50
C CYS H 276 5.54 104.84 -2.27
N THR H 277 4.41 104.52 -1.66
CA THR H 277 3.11 104.64 -2.34
C THR H 277 2.81 106.12 -2.64
N GLY H 278 2.18 106.35 -3.79
CA GLY H 278 1.94 107.72 -4.25
C GLY H 278 3.16 108.39 -4.85
N MSE H 279 4.21 107.63 -5.10
CA MSE H 279 5.43 108.17 -5.73
C MSE H 279 5.71 107.39 -7.01
O MSE H 279 5.16 106.32 -7.20
CB MSE H 279 6.64 108.10 -4.77
CG MSE H 279 6.43 108.78 -3.42
SE MSE H 279 7.63 108.17 -1.92
CE MSE H 279 6.64 109.08 -0.35
N THR H 280 6.53 107.95 -7.89
CA THR H 280 6.79 107.33 -9.19
C THR H 280 8.25 106.93 -9.32
N PHE H 281 8.53 105.94 -10.18
CA PHE H 281 9.91 105.56 -10.45
C PHE H 281 10.65 106.68 -11.17
N ARG H 282 9.91 107.54 -11.88
CA ARG H 282 10.51 108.76 -12.48
C ARG H 282 11.16 109.65 -11.44
N GLN H 283 10.45 109.86 -10.33
CA GLN H 283 11.04 110.60 -9.21
C GLN H 283 12.30 109.89 -8.70
N PHE H 284 12.21 108.57 -8.54
CA PHE H 284 13.35 107.76 -8.10
C PHE H 284 14.58 108.01 -9.00
N LEU H 285 14.39 107.93 -10.31
CA LEU H 285 15.48 108.12 -11.28
C LEU H 285 16.23 109.43 -11.07
N ALA H 286 15.47 110.49 -10.76
CA ALA H 286 16.04 111.80 -10.51
C ALA H 286 16.55 112.00 -9.08
N GLY H 287 16.46 111.00 -8.21
CA GLY H 287 16.90 111.15 -6.83
C GLY H 287 15.93 111.93 -5.94
N LYS H 288 14.66 111.98 -6.31
CA LYS H 288 13.69 112.86 -5.67
C LYS H 288 12.54 112.08 -5.04
N LEU H 289 12.77 110.83 -4.69
CA LEU H 289 11.77 110.01 -3.97
C LEU H 289 11.71 110.43 -2.52
N PRO H 290 10.60 111.07 -2.10
CA PRO H 290 10.47 111.39 -0.69
C PRO H 290 10.82 110.22 0.26
N CYS H 291 10.45 108.99 -0.09
CA CYS H 291 10.68 107.81 0.77
C CYS H 291 12.19 107.47 0.90
N LEU H 292 12.98 107.82 -0.11
CA LEU H 292 14.43 107.57 -0.10
C LEU H 292 15.19 108.75 -0.71
N PRO H 293 15.22 109.89 0.00
CA PRO H 293 15.59 111.16 -0.61
C PRO H 293 17.06 111.12 -1.07
N GLY H 294 17.31 111.50 -2.32
CA GLY H 294 18.67 111.57 -2.82
C GLY H 294 19.18 110.24 -3.33
N GLU H 295 18.44 109.15 -3.10
CA GLU H 295 18.88 107.84 -3.57
C GLU H 295 18.53 107.61 -5.03
N LEU H 296 19.45 106.96 -5.71
CA LEU H 296 19.29 106.61 -7.12
C LEU H 296 19.04 105.10 -7.27
N PRO H 297 18.19 104.72 -8.25
CA PRO H 297 17.81 103.31 -8.40
C PRO H 297 18.87 102.41 -9.02
N THR H 298 18.83 101.14 -8.64
CA THR H 298 19.56 100.08 -9.32
C THR H 298 18.62 99.31 -10.25
N TYR H 299 19.19 98.41 -11.04
CA TYR H 299 18.43 97.48 -11.88
C TYR H 299 17.51 96.57 -11.09
N ASN H 300 17.91 96.22 -9.86
CA ASN H 300 17.05 95.45 -8.96
C ASN H 300 15.78 96.24 -8.53
N ASP H 301 15.97 97.54 -8.27
CA ASP H 301 14.85 98.43 -7.96
C ASP H 301 13.85 98.47 -9.12
N TRP H 302 14.38 98.53 -10.34
CA TRP H 302 13.57 98.54 -11.54
C TRP H 302 12.82 97.23 -11.73
N GLU H 303 13.51 96.10 -11.57
CA GLU H 303 12.86 94.79 -11.50
C GLU H 303 11.74 94.72 -10.46
N ASN H 304 12.02 95.15 -9.23
CA ASN H 304 11.03 95.12 -8.17
C ASN H 304 9.80 95.90 -8.56
N HIS H 305 10.01 97.06 -9.19
CA HIS H 305 8.92 97.94 -9.61
C HIS H 305 8.08 97.32 -10.75
N LEU H 306 8.76 96.71 -11.69
CA LEU H 306 8.11 96.01 -12.79
C LEU H 306 7.23 94.83 -12.31
N THR H 307 7.60 94.27 -11.16
CA THR H 307 6.90 93.17 -10.51
C THR H 307 5.69 93.61 -9.68
N THR H 308 5.45 94.93 -9.60
CA THR H 308 4.24 95.47 -8.95
C THR H 308 3.18 95.94 -9.94
N ILE H 309 3.40 95.63 -11.22
CA ILE H 309 2.46 95.94 -12.28
C ILE H 309 1.74 94.65 -12.63
N PHE H 310 0.42 94.69 -12.72
CA PHE H 310 -0.43 93.48 -12.77
C PHE H 310 -1.43 93.49 -13.92
N PRO H 311 -0.97 93.67 -15.17
CA PRO H 311 -1.93 93.58 -16.26
C PRO H 311 -2.21 92.12 -16.63
N GLU H 312 -3.14 91.92 -17.55
CA GLU H 312 -3.56 90.56 -17.94
C GLU H 312 -2.40 89.80 -18.59
N VAL H 313 -1.47 90.54 -19.22
CA VAL H 313 -0.18 90.03 -19.65
C VAL H 313 0.84 91.09 -19.22
N ARG H 314 1.97 90.63 -18.71
CA ARG H 314 2.98 91.51 -18.16
C ARG H 314 4.31 91.31 -18.90
N LEU H 315 5.07 92.40 -18.98
CA LEU H 315 6.38 92.40 -19.58
C LEU H 315 7.49 92.75 -18.58
N LYS H 316 8.47 91.87 -18.47
CA LYS H 316 9.76 92.20 -17.92
C LYS H 316 10.85 91.76 -18.93
N ARG H 317 11.86 90.99 -18.53
CA ARG H 317 12.79 90.40 -19.50
C ARG H 317 12.22 89.12 -20.14
N TYR H 318 11.04 88.74 -19.70
CA TYR H 318 10.22 87.68 -20.30
C TYR H 318 8.78 88.15 -20.22
N MSE H 319 7.88 87.35 -20.77
CA MSE H 319 6.47 87.66 -20.76
C MSE H 319 5.67 86.75 -19.86
O MSE H 319 5.93 85.55 -19.79
CB MSE H 319 5.96 87.54 -22.19
CG MSE H 319 4.74 88.38 -22.47
SE MSE H 319 4.80 88.73 -24.40
CE MSE H 319 6.13 90.14 -24.35
N GLU H 320 4.65 87.30 -19.22
CA GLU H 320 3.87 86.55 -18.21
C GLU H 320 2.37 86.54 -18.48
N MSE H 321 1.81 85.35 -18.66
CA MSE H 321 0.38 85.17 -18.90
C MSE H 321 -0.29 85.06 -17.55
O MSE H 321 -0.04 84.11 -16.80
CB MSE H 321 0.13 83.88 -19.69
CG MSE H 321 0.86 83.77 -20.97
SE MSE H 321 0.53 85.16 -22.38
CE MSE H 321 2.23 86.05 -22.25
N ARG H 322 -1.16 86.01 -17.24
CA ARG H 322 -1.66 86.12 -15.88
C ARG H 322 -3.15 85.86 -15.67
N GLY H 323 -3.87 85.45 -16.71
CA GLY H 323 -5.37 85.43 -16.66
C GLY H 323 -6.12 84.24 -16.04
N ALA H 324 -5.40 83.15 -15.74
CA ALA H 324 -6.01 81.84 -15.41
C ALA H 324 -6.05 81.48 -13.92
N ASP H 325 -7.22 81.02 -13.48
CA ASP H 325 -7.48 80.60 -12.11
C ASP H 325 -6.68 79.36 -11.79
N GLY H 326 -6.27 79.26 -10.54
CA GLY H 326 -5.73 78.02 -9.98
C GLY H 326 -6.65 76.83 -10.18
N GLY H 327 -6.06 75.65 -10.24
CA GLY H 327 -6.84 74.46 -10.49
C GLY H 327 -6.09 73.19 -10.19
N PRO H 328 -6.78 72.05 -10.33
CA PRO H 328 -6.15 70.75 -10.09
C PRO H 328 -4.97 70.47 -11.04
N TRP H 329 -4.19 69.45 -10.71
CA TRP H 329 -2.87 69.29 -11.31
C TRP H 329 -2.86 69.16 -12.84
N ARG H 330 -3.84 68.51 -13.43
CA ARG H 330 -3.87 68.38 -14.90
C ARG H 330 -4.04 69.74 -15.56
N ARG H 331 -4.76 70.66 -14.91
CA ARG H 331 -4.91 72.05 -15.41
C ARG H 331 -3.70 72.94 -15.09
N LEU H 332 -2.91 72.58 -14.09
CA LEU H 332 -1.60 73.23 -13.91
C LEU H 332 -0.62 72.93 -15.07
N CYS H 333 -0.73 71.74 -15.65
CA CYS H 333 0.10 71.34 -16.79
C CYS H 333 -0.51 71.84 -18.11
N ALA H 334 -1.83 71.98 -18.16
CA ALA H 334 -2.51 72.46 -19.36
C ALA H 334 -2.28 73.94 -19.66
N LEU H 335 -2.20 74.78 -18.64
CA LEU H 335 -2.07 76.22 -18.84
C LEU H 335 -0.76 76.63 -19.61
N PRO H 336 0.43 76.20 -19.15
CA PRO H 336 1.62 76.41 -19.95
C PRO H 336 1.56 75.80 -21.35
N ALA H 337 0.94 74.62 -21.48
CA ALA H 337 0.80 73.95 -22.78
C ALA H 337 0.02 74.79 -23.78
N PHE H 338 -1.06 75.40 -23.29
CA PHE H 338 -1.93 76.26 -24.10
C PHE H 338 -1.13 77.39 -24.75
N TRP H 339 -0.37 78.11 -23.92
CA TRP H 339 0.41 79.26 -24.40
C TRP H 339 1.66 78.88 -25.20
N VAL H 340 2.31 77.78 -24.82
CA VAL H 340 3.45 77.29 -25.61
C VAL H 340 3.01 76.92 -27.04
N GLY H 341 1.88 76.18 -27.15
CA GLY H 341 1.32 75.84 -28.46
C GLY H 341 1.00 77.04 -29.36
N LEU H 342 0.56 78.13 -28.75
CA LEU H 342 0.13 79.33 -29.46
C LEU H 342 1.23 80.30 -29.79
N LEU H 343 2.17 80.48 -28.88
CA LEU H 343 3.17 81.54 -28.99
C LEU H 343 4.57 81.08 -29.43
N TYR H 344 4.88 79.78 -29.29
CA TYR H 344 6.20 79.23 -29.60
C TYR H 344 6.25 78.55 -31.00
N ASP H 345 5.14 78.58 -31.74
CA ASP H 345 5.15 78.21 -33.15
C ASP H 345 4.84 79.45 -33.98
N GLU H 346 5.74 79.78 -34.90
CA GLU H 346 5.67 81.03 -35.65
C GLU H 346 4.44 81.11 -36.58
N ASP H 347 4.01 79.99 -37.12
CA ASP H 347 2.83 79.97 -37.98
C ASP H 347 1.56 80.07 -37.14
N VAL H 348 1.53 79.39 -36.01
CA VAL H 348 0.37 79.49 -35.10
C VAL H 348 0.23 80.90 -34.56
N LEU H 349 1.35 81.50 -34.17
CA LEU H 349 1.35 82.85 -33.71
C LEU H 349 0.77 83.80 -34.79
N GLN H 350 1.21 83.65 -36.03
CA GLN H 350 0.65 84.44 -37.13
C GLN H 350 -0.86 84.18 -37.31
N SER H 351 -1.27 82.92 -37.21
CA SER H 351 -2.69 82.58 -37.31
C SER H 351 -3.54 83.24 -36.23
N VAL H 352 -3.00 83.29 -35.02
CA VAL H 352 -3.64 83.96 -33.89
C VAL H 352 -3.76 85.45 -34.12
N LEU H 353 -2.70 86.09 -34.59
CA LEU H 353 -2.73 87.51 -34.92
C LEU H 353 -3.68 87.81 -36.07
N ASP H 354 -3.77 86.90 -37.05
CA ASP H 354 -4.74 86.99 -38.15
C ASP H 354 -6.17 86.93 -37.61
N LEU H 355 -6.42 85.98 -36.72
CA LEU H 355 -7.75 85.74 -36.15
C LEU H 355 -8.25 86.95 -35.35
N THR H 356 -7.33 87.59 -34.63
CA THR H 356 -7.66 88.67 -33.69
C THR H 356 -7.38 90.06 -34.26
N ALA H 357 -6.87 90.12 -35.50
CA ALA H 357 -6.44 91.37 -36.15
C ALA H 357 -7.46 92.50 -36.13
N ASP H 358 -8.73 92.19 -36.43
CA ASP H 358 -9.79 93.20 -36.49
C ASP H 358 -10.59 93.37 -35.19
N TRP H 359 -10.16 92.74 -34.11
CA TRP H 359 -10.84 92.95 -32.81
C TRP H 359 -10.59 94.38 -32.33
N THR H 360 -11.65 95.08 -31.94
CA THR H 360 -11.54 96.46 -31.48
C THR H 360 -11.12 96.50 -30.01
N PRO H 361 -10.56 97.64 -29.58
CA PRO H 361 -10.26 97.86 -28.18
C PRO H 361 -11.49 97.62 -27.31
N ALA H 362 -12.63 98.10 -27.77
CA ALA H 362 -13.88 97.96 -27.05
C ALA H 362 -14.34 96.49 -26.98
N GLU H 363 -14.12 95.72 -28.06
CA GLU H 363 -14.43 94.28 -28.06
C GLU H 363 -13.55 93.48 -27.09
N ARG H 364 -12.26 93.80 -27.07
CA ARG H 364 -11.31 93.13 -26.17
C ARG H 364 -11.60 93.44 -24.70
N GLU H 365 -11.91 94.70 -24.43
CA GLU H 365 -12.33 95.12 -23.09
C GLU H 365 -13.64 94.45 -22.67
N MSE H 366 -14.58 94.36 -23.60
CA MSE H 366 -15.85 93.74 -23.32
C MSE H 366 -15.67 92.27 -22.92
O MSE H 366 -16.21 91.84 -21.89
CB MSE H 366 -16.79 93.90 -24.52
CG MSE H 366 -18.15 93.29 -24.33
SE MSE H 366 -18.27 91.53 -25.23
CE MSE H 366 -18.06 90.33 -23.82
N LEU H 367 -14.91 91.52 -23.71
CA LEU H 367 -14.65 90.10 -23.40
C LEU H 367 -13.93 89.91 -22.08
N ARG H 368 -12.99 90.80 -21.75
CA ARG H 368 -12.33 90.74 -20.43
C ARG H 368 -13.32 90.93 -19.28
N ASN H 369 -14.27 91.84 -19.43
CA ASN H 369 -15.23 92.12 -18.38
C ASN H 369 -16.42 91.17 -18.31
N LYS H 370 -16.84 90.60 -19.44
CA LYS H 370 -18.01 89.71 -19.42
C LYS H 370 -17.65 88.24 -19.19
N VAL H 371 -16.47 87.80 -19.66
CA VAL H 371 -16.02 86.40 -19.48
C VAL H 371 -16.14 85.89 -18.04
N PRO H 372 -15.73 86.69 -17.04
CA PRO H 372 -15.88 86.28 -15.62
C PRO H 372 -17.30 85.80 -15.22
N VAL H 373 -18.32 86.30 -15.91
CA VAL H 373 -19.71 85.93 -15.64
C VAL H 373 -20.19 84.81 -16.57
N THR H 374 -19.95 84.99 -17.87
CA THR H 374 -20.55 84.13 -18.87
C THR H 374 -19.62 83.09 -19.51
N GLY H 375 -18.30 83.21 -19.30
CA GLY H 375 -17.31 82.24 -19.80
C GLY H 375 -17.33 82.08 -21.32
N LEU H 376 -17.39 80.82 -21.78
CA LEU H 376 -17.40 80.49 -23.22
C LEU H 376 -18.78 80.74 -23.87
N LYS H 377 -19.80 80.97 -23.05
CA LYS H 377 -21.11 81.36 -23.56
C LYS H 377 -21.25 82.89 -23.70
N THR H 378 -20.15 83.61 -23.51
CA THR H 378 -20.11 85.05 -23.73
C THR H 378 -20.39 85.32 -25.21
N PRO H 379 -21.44 86.10 -25.51
CA PRO H 379 -21.65 86.47 -26.92
C PRO H 379 -20.47 87.24 -27.49
N PHE H 380 -20.08 86.88 -28.69
CA PHE H 380 -19.03 87.59 -29.41
C PHE H 380 -19.42 87.66 -30.87
N ARG H 381 -19.63 88.88 -31.35
CA ARG H 381 -20.08 89.11 -32.70
C ARG H 381 -21.35 88.27 -32.94
N ASP H 382 -21.32 87.38 -33.92
CA ASP H 382 -22.53 86.68 -34.34
C ASP H 382 -22.52 85.22 -33.86
N GLY H 383 -21.72 84.97 -32.82
CA GLY H 383 -21.71 83.67 -32.13
C GLY H 383 -21.30 83.82 -30.68
N LEU H 384 -20.63 82.80 -30.19
CA LEU H 384 -20.18 82.72 -28.80
C LEU H 384 -18.65 82.66 -28.77
N LEU H 385 -18.08 83.05 -27.64
CA LEU H 385 -16.64 82.95 -27.45
C LEU H 385 -16.17 81.49 -27.65
N LYS H 386 -17.04 80.54 -27.30
CA LYS H 386 -16.79 79.10 -27.52
C LYS H 386 -16.29 78.77 -28.93
N HIS H 387 -16.87 79.44 -29.92
CA HIS H 387 -16.49 79.21 -31.31
C HIS H 387 -15.06 79.67 -31.60
N VAL H 388 -14.69 80.81 -31.04
CA VAL H 388 -13.32 81.29 -31.13
C VAL H 388 -12.38 80.32 -30.41
N ALA H 389 -12.79 79.88 -29.22
CA ALA H 389 -12.01 78.95 -28.43
C ALA H 389 -11.77 77.60 -29.15
N GLU H 390 -12.77 77.13 -29.89
CA GLU H 390 -12.60 75.96 -30.77
C GLU H 390 -11.42 76.16 -31.74
N ASP H 391 -11.39 77.30 -32.42
CA ASP H 391 -10.32 77.59 -33.37
C ASP H 391 -8.97 77.72 -32.67
N VAL H 392 -8.97 78.39 -31.54
CA VAL H 392 -7.76 78.65 -30.79
C VAL H 392 -7.20 77.32 -30.22
N LEU H 393 -8.08 76.44 -29.74
CA LEU H 393 -7.56 75.18 -29.19
C LEU H 393 -6.93 74.33 -30.28
N LYS H 394 -7.54 74.26 -31.47
CA LYS H 394 -6.95 73.48 -32.56
CA LYS H 394 -6.95 73.50 -32.57
C LYS H 394 -5.57 74.04 -32.96
N LEU H 395 -5.44 75.36 -32.97
CA LEU H 395 -4.16 76.01 -33.28
C LEU H 395 -3.10 75.71 -32.24
N ALA H 396 -3.48 75.76 -30.96
CA ALA H 396 -2.60 75.39 -29.86
C ALA H 396 -2.11 73.95 -29.95
N LYS H 397 -3.01 73.03 -30.32
CA LYS H 397 -2.65 71.64 -30.58
C LYS H 397 -1.69 71.50 -31.78
N ASP H 398 -1.92 72.24 -32.86
CA ASP H 398 -0.99 72.26 -34.02
C ASP H 398 0.42 72.64 -33.58
N GLY H 399 0.52 73.71 -32.78
CA GLY H 399 1.79 74.19 -32.26
C GLY H 399 2.55 73.16 -31.44
N LEU H 400 1.84 72.42 -30.61
CA LEU H 400 2.47 71.40 -29.80
C LEU H 400 2.87 70.19 -30.60
N GLU H 401 2.07 69.83 -31.61
CA GLU H 401 2.40 68.74 -32.53
C GLU H 401 3.71 69.06 -33.28
N ARG H 402 3.81 70.28 -33.79
CA ARG H 402 4.99 70.69 -34.54
C ARG H 402 6.25 70.88 -33.70
N ARG H 403 6.11 71.05 -32.39
CA ARG H 403 7.32 71.14 -31.53
C ARG H 403 8.08 69.81 -31.52
N GLY H 404 7.36 68.71 -31.74
CA GLY H 404 7.97 67.41 -31.93
C GLY H 404 8.29 66.70 -30.61
N TYR H 405 7.81 67.23 -29.49
CA TYR H 405 8.11 66.63 -28.19
C TYR H 405 6.98 65.75 -27.66
N LYS H 406 5.92 65.56 -28.46
CA LYS H 406 4.75 64.77 -28.07
C LYS H 406 4.03 65.35 -26.84
N GLU H 407 3.86 66.68 -26.82
CA GLU H 407 3.27 67.37 -25.69
C GLU H 407 1.76 67.64 -25.84
N VAL H 408 1.17 67.28 -26.97
CA VAL H 408 -0.23 67.66 -27.25
C VAL H 408 -1.25 67.15 -26.21
N GLY H 409 -0.92 66.04 -25.55
CA GLY H 409 -1.77 65.43 -24.54
C GLY H 409 -2.06 66.31 -23.34
N PHE H 410 -1.18 67.25 -23.06
CA PHE H 410 -1.39 68.21 -21.97
C PHE H 410 -2.59 69.14 -22.17
N LEU H 411 -3.14 69.18 -23.38
CA LEU H 411 -4.34 69.96 -23.68
C LEU H 411 -5.62 69.14 -23.57
N ASN H 412 -5.51 67.85 -23.25
CA ASN H 412 -6.67 66.99 -23.06
C ASN H 412 -7.59 67.52 -21.93
N ALA H 413 -6.97 68.13 -20.92
CA ALA H 413 -7.72 68.66 -19.76
C ALA H 413 -8.59 69.89 -20.06
N VAL H 414 -8.45 70.51 -21.24
CA VAL H 414 -9.32 71.62 -21.65
C VAL H 414 -10.17 71.30 -22.88
N THR H 415 -10.01 70.12 -23.43
CA THR H 415 -10.68 69.76 -24.68
C THR H 415 -12.19 69.63 -24.49
N GLU H 416 -12.58 69.04 -23.36
CA GLU H 416 -14.01 68.90 -23.05
C GLU H 416 -14.66 70.22 -22.70
N VAL H 417 -13.91 71.10 -22.06
CA VAL H 417 -14.39 72.44 -21.76
C VAL H 417 -14.78 73.11 -23.08
N VAL H 418 -13.85 73.09 -24.02
CA VAL H 418 -14.04 73.75 -25.31
C VAL H 418 -15.18 73.08 -26.08
N ARG H 419 -15.20 71.74 -26.04
CA ARG H 419 -16.19 70.92 -26.74
C ARG H 419 -17.62 71.24 -26.31
N THR H 420 -17.83 71.20 -25.00
CA THR H 420 -19.15 71.40 -24.43
C THR H 420 -19.45 72.89 -24.16
N GLY H 421 -18.40 73.71 -24.11
CA GLY H 421 -18.56 75.12 -23.73
C GLY H 421 -18.84 75.33 -22.24
N VAL H 422 -18.65 74.28 -21.44
CA VAL H 422 -18.94 74.30 -20.00
C VAL H 422 -17.63 74.39 -19.23
N THR H 423 -17.46 75.48 -18.48
CA THR H 423 -16.24 75.72 -17.70
C THR H 423 -16.13 74.83 -16.49
N PRO H 424 -14.89 74.65 -15.95
CA PRO H 424 -14.77 73.91 -14.71
C PRO H 424 -15.63 74.46 -13.58
N ALA H 425 -15.79 75.78 -13.56
CA ALA H 425 -16.59 76.46 -12.55
C ALA H 425 -18.04 76.03 -12.63
N GLU H 426 -18.57 75.89 -13.85
CA GLU H 426 -19.95 75.42 -14.08
C GLU H 426 -20.16 73.98 -13.61
N ASN H 427 -19.14 73.14 -13.78
CA ASN H 427 -19.21 71.76 -13.32
C ASN H 427 -19.28 71.71 -11.79
N LEU H 428 -18.55 72.59 -11.10
CA LEU H 428 -18.66 72.72 -9.63
C LEU H 428 -20.04 73.19 -9.17
N LEU H 429 -20.60 74.16 -9.90
CA LEU H 429 -21.94 74.68 -9.67
C LEU H 429 -22.99 73.58 -9.80
N GLU H 430 -22.80 72.72 -10.79
CA GLU H 430 -23.67 71.57 -11.01
C GLU H 430 -23.66 70.64 -9.80
N MSE H 431 -22.47 70.38 -9.27
CA MSE H 431 -22.33 69.54 -8.10
C MSE H 431 -22.91 70.17 -6.85
O MSE H 431 -23.62 69.51 -6.09
CB MSE H 431 -20.87 69.17 -7.89
CG MSE H 431 -20.29 68.38 -9.04
SE MSE H 431 -18.42 67.98 -8.69
CE MSE H 431 -17.47 69.02 -10.16
N TYR H 432 -22.63 71.46 -6.66
CA TYR H 432 -23.22 72.23 -5.57
C TYR H 432 -24.73 72.11 -5.56
N ASN H 433 -25.33 72.29 -6.72
CA ASN H 433 -26.79 72.26 -6.89
C ASN H 433 -27.40 70.87 -6.92
N GLY H 434 -26.55 69.85 -6.99
CA GLY H 434 -26.99 68.46 -6.99
C GLY H 434 -26.37 67.70 -5.85
N GLU H 435 -25.44 66.82 -6.16
CA GLU H 435 -24.87 65.87 -5.19
C GLU H 435 -24.33 66.48 -3.88
N TRP H 436 -23.81 67.71 -3.91
CA TRP H 436 -23.24 68.34 -2.70
C TRP H 436 -24.29 68.87 -1.72
N GLY H 437 -25.54 68.94 -2.16
CA GLY H 437 -26.64 69.41 -1.33
C GLY H 437 -26.49 70.86 -0.90
N GLN H 438 -25.95 71.69 -1.79
CA GLN H 438 -25.84 73.11 -1.56
C GLN H 438 -24.91 73.46 -0.39
N SER H 439 -23.79 72.73 -0.32
CA SER H 439 -22.69 73.06 0.56
C SER H 439 -21.46 73.09 -0.32
N VAL H 440 -20.50 73.97 -0.04
CA VAL H 440 -19.22 73.96 -0.74
C VAL H 440 -18.22 73.00 -0.10
N ASP H 441 -18.52 72.52 1.11
CA ASP H 441 -17.57 71.68 1.87
C ASP H 441 -17.00 70.54 1.05
N PRO H 442 -17.84 69.85 0.24
CA PRO H 442 -17.28 68.79 -0.61
C PRO H 442 -16.25 69.21 -1.68
N VAL H 443 -16.06 70.52 -1.92
CA VAL H 443 -15.05 70.98 -2.85
C VAL H 443 -13.62 70.76 -2.31
N PHE H 444 -13.53 70.71 -0.98
CA PHE H 444 -12.27 70.46 -0.29
C PHE H 444 -11.81 68.98 -0.42
N GLN H 445 -12.69 68.11 -0.91
CA GLN H 445 -12.31 66.76 -1.33
C GLN H 445 -12.16 66.72 -2.87
N GLU H 446 -13.15 67.28 -3.56
CA GLU H 446 -13.17 67.31 -5.04
C GLU H 446 -11.89 67.89 -5.65
N LEU H 447 -11.45 69.02 -5.14
CA LEU H 447 -10.30 69.74 -5.69
C LEU H 447 -9.08 69.72 -4.75
N LEU H 448 -9.06 68.72 -3.87
CA LEU H 448 -7.93 68.39 -3.06
C LEU H 448 -6.74 67.93 -3.94
N TYR H 449 -5.57 68.56 -3.76
CA TYR H 449 -4.34 68.00 -4.26
C TYR H 449 -4.04 66.76 -3.45
MG MG I . 23.36 -10.35 21.52
CAB BSC J . 29.29 -9.89 24.38
CAC BSC J . 29.64 -10.26 22.94
CAD BSC J . 28.92 -11.48 22.40
CAE BSC J . 27.42 -11.31 22.21
SAF BSC J . 26.85 -10.84 20.53
NAA BSC J . 27.61 -11.65 19.43
OAG BSC J . 25.40 -11.12 20.52
CAH BSC J . 27.03 -9.05 20.34
CB BSC J . 26.35 -8.47 19.15
CA BSC J . 26.84 -7.05 19.00
C BSC J . 26.49 -6.66 17.59
O BSC J . 25.93 -5.56 17.45
OXT BSC J . 26.76 -7.48 16.68
N BSC J . 26.21 -6.15 20.00
MG MG K . -20.78 -3.85 22.35
CAB BSC L . -26.75 -3.55 19.54
CAC BSC L . -26.88 -2.64 20.76
CAD BSC L . -26.58 -3.33 22.07
CAE BSC L . -25.08 -3.57 22.22
SAF BSC L . -24.09 -2.37 23.22
NAA BSC L . -24.67 -1.95 24.61
OAG BSC L . -22.77 -3.03 23.47
CAH BSC L . -23.75 -0.92 22.17
CB BSC L . -22.81 0.07 22.79
CA BSC L . -22.77 1.30 21.86
C BSC L . -22.33 2.50 22.72
O BSC L . -21.37 3.17 22.38
OXT BSC L . -23.02 2.71 23.73
N BSC L . -21.96 1.08 20.64
MG MG M . -1.53 -52.56 23.53
CAB BSC N . 4.21 -52.69 21.01
CAC BSC N . 4.63 -53.45 22.26
CAD BSC N . 4.22 -52.69 23.53
CAE BSC N . 2.72 -52.44 23.60
SAF BSC N . 1.71 -53.74 24.43
NAA BSC N . 2.36 -54.20 25.78
OAG BSC N . 0.34 -53.19 24.75
CAH BSC N . 1.54 -55.21 23.37
CB BSC N . 0.77 -56.29 24.13
CA BSC N . 0.69 -57.54 23.30
C BSC N . 0.06 -58.63 24.20
O BSC N . -0.85 -59.35 23.75
OXT BSC N . 0.51 -58.73 25.36
N BSC N . -0.06 -57.23 22.06
MG MG O . -45.25 -45.57 20.00
CAB BSC P . -51.29 -46.55 22.48
CAC BSC P . -51.69 -45.15 22.02
CAD BSC P . -51.01 -44.78 20.70
CAE BSC P . -49.50 -44.75 20.87
SAF BSC P . -48.70 -45.15 19.28
NAA BSC P . -49.42 -44.40 18.08
OAG BSC P . -47.28 -44.76 19.38
CAH BSC P . -48.87 -46.94 19.03
CB BSC P . -48.33 -47.45 17.74
CA BSC P . -48.67 -48.91 17.64
C BSC P . -48.28 -49.37 16.26
O BSC P . -47.74 -50.48 16.16
OXT BSC P . -48.52 -48.56 15.36
N BSC P . -47.92 -49.69 18.61
MG MG Q . -6.66 -4.84 -33.83
CAB BSC R . -12.51 -4.76 -36.92
CAC BSC R . -12.66 -3.83 -35.70
CAD BSC R . -12.39 -4.55 -34.37
CAE BSC R . -10.90 -4.84 -34.21
SAF BSC R . -9.98 -3.65 -33.15
NAA BSC R . -10.80 -3.27 -31.86
OAG BSC R . -8.69 -4.28 -32.70
CAH BSC R . -9.56 -2.20 -34.17
CB BSC R . -8.97 -1.06 -33.37
CA BSC R . -8.80 0.20 -34.23
C BSC R . -8.22 1.32 -33.38
O BSC R . -7.42 2.07 -33.88
OXT BSC R . -8.60 1.42 -32.22
N BSC R . -7.96 -0.05 -35.42
MG MG S . 37.51 -11.39 -34.02
CAB BSC T . 43.25 -10.67 -31.48
CAC BSC T . 43.64 -12.04 -32.02
CAD BSC T . 43.14 -12.17 -33.45
CAE BSC T . 41.62 -12.28 -33.43
SAF BSC T . 40.94 -11.83 -35.06
NAA BSC T . 41.71 -12.56 -36.17
OAG BSC T . 39.51 -12.23 -35.06
CAH BSC T . 41.13 -10.01 -35.18
CB BSC T . 40.74 -9.45 -36.51
CA BSC T . 41.09 -7.94 -36.66
C BSC T . 40.77 -7.56 -38.12
O BSC T . 40.44 -6.39 -38.34
OXT BSC T . 40.84 -8.45 -38.98
N BSC T . 40.27 -7.11 -35.75
MG MG U . 14.19 42.03 -9.71
CAB BSC V . 14.31 36.47 -12.63
CAC BSC V . 15.77 36.31 -12.22
CAD BSC V . 16.00 36.74 -10.75
CAE BSC V . 15.81 38.26 -10.59
SAF BSC V . 14.88 38.69 -9.07
NAA BSC V . 15.35 37.86 -7.78
OAG BSC V . 15.05 40.15 -8.79
CAH BSC V . 13.14 38.30 -9.35
CB BSC V . 12.37 38.31 -8.05
CA BSC V . 10.89 37.98 -8.31
C BSC V . 10.19 38.10 -6.99
O BSC V . 8.97 38.31 -6.99
OXT BSC V . 10.90 37.96 -5.96
N BSC V . 10.28 38.89 -9.32
MG MG W . 1.93 84.57 -7.40
CAB BSC X . 0.79 90.06 -3.95
CAC BSC X . 0.93 91.02 -5.15
CAD BSC X . 1.24 90.36 -6.50
CAE BSC X . 1.06 88.86 -6.34
SAF BSC X . 0.47 87.88 -7.77
NAA BSC X . 0.25 88.73 -9.13
OAG BSC X . 1.44 86.79 -8.10
CAH BSC X . -1.04 87.08 -7.16
CB BSC X . -1.99 86.56 -8.21
CA BSC X . -3.34 86.37 -7.51
C BSC X . -4.23 85.81 -8.57
O BSC X . -4.86 84.79 -8.23
OXT BSC X . -4.24 86.36 -9.68
N BSC X . -3.24 85.45 -6.37
#